data_3EOO
#
_entry.id   3EOO
#
_cell.length_a   163.807
_cell.length_b   172.404
_cell.length_c   179.277
_cell.angle_alpha   90.000
_cell.angle_beta   90.000
_cell.angle_gamma   90.000
#
_symmetry.space_group_name_H-M   'P 21 21 21'
#
_entity_poly.entity_id   1
_entity_poly.type   'polypeptide(L)'
_entity_poly.pdbx_seq_one_letter_code
;SMGNPQLISAGAKFRAAVAAEQPLQVVGAITAYAAKMAEAVGFKAVYLSGGGVAANSLGIPDLGISTMDDVLVDANRITN
ATNLPLLVDIDTGWGGAFNIARTIRSFIKAGVGAVHLEDQVGQKRCGHRPGKECVPAGEMVDRIKAAVDARTDETFVIMA
RTDAAAAEGIDAAIERAIAYVEAGADMIFPEAMKTLDDYRRFKEAVKVPILANLTEFGSTPLFTLDELKGANVDIALYCC
GAYRAMNKAALNFYETVRRDGTQKAAVPTMQTRAQLYDYLGYYAYEEKLDQLFNQGRN
;
_entity_poly.pdbx_strand_id   A,B,C,D,E,F,G,H,I,J,K,L,M,N,O,P
#
# COMPACT_ATOMS: atom_id res chain seq x y z
N LEU A 7 -18.85 -60.33 0.12
CA LEU A 7 -17.45 -60.30 -0.46
C LEU A 7 -16.32 -60.15 0.61
N ILE A 8 -15.42 -61.12 0.63
CA ILE A 8 -14.32 -61.27 1.64
C ILE A 8 -13.02 -60.55 1.22
N SER A 9 -12.29 -60.02 2.20
CA SER A 9 -11.03 -59.27 1.96
C SER A 9 -9.84 -60.13 1.48
N ALA A 10 -8.99 -59.53 0.66
CA ALA A 10 -7.84 -60.22 0.10
C ALA A 10 -6.94 -60.89 1.17
N GLY A 11 -6.70 -60.20 2.27
CA GLY A 11 -5.98 -60.76 3.41
C GLY A 11 -6.65 -62.00 4.01
N ALA A 12 -7.97 -61.92 4.24
CA ALA A 12 -8.72 -63.04 4.79
C ALA A 12 -8.67 -64.25 3.89
N LYS A 13 -8.77 -64.01 2.57
CA LYS A 13 -8.66 -65.08 1.57
C LYS A 13 -7.33 -65.79 1.68
N PHE A 14 -6.26 -65.04 1.96
CA PHE A 14 -4.93 -65.59 2.01
C PHE A 14 -4.75 -66.41 3.28
N ARG A 15 -5.22 -65.87 4.42
CA ARG A 15 -5.19 -66.61 5.70
C ARG A 15 -5.99 -67.91 5.63
N ALA A 16 -7.14 -67.86 4.98
CA ALA A 16 -8.00 -69.02 4.80
C ALA A 16 -7.30 -70.09 3.99
N ALA A 17 -6.59 -69.65 2.96
CA ALA A 17 -5.85 -70.55 2.08
C ALA A 17 -4.72 -71.26 2.80
N VAL A 18 -4.07 -70.61 3.75
CA VAL A 18 -2.99 -71.26 4.47
C VAL A 18 -3.56 -72.28 5.44
N ALA A 19 -4.71 -71.96 6.02
CA ALA A 19 -5.42 -72.86 6.92
C ALA A 19 -5.93 -74.10 6.19
N ALA A 20 -6.22 -73.94 4.90
CA ALA A 20 -6.91 -74.97 4.12
C ALA A 20 -6.01 -75.95 3.37
N GLU A 21 -4.76 -75.58 3.15
CA GLU A 21 -3.84 -76.37 2.35
C GLU A 21 -2.47 -76.31 3.00
N GLN A 22 -1.98 -77.45 3.48
CA GLN A 22 -0.72 -77.45 4.19
C GLN A 22 0.26 -78.52 3.73
N PRO A 23 1.42 -78.09 3.25
CA PRO A 23 1.76 -76.70 3.00
C PRO A 23 0.97 -76.12 1.81
N LEU A 24 0.77 -74.81 1.78
CA LEU A 24 0.09 -74.12 0.67
C LEU A 24 1.04 -73.76 -0.46
N GLN A 25 0.74 -74.25 -1.66
CA GLN A 25 1.48 -73.90 -2.84
C GLN A 25 1.05 -72.55 -3.35
N VAL A 26 2.02 -71.70 -3.59
CA VAL A 26 1.77 -70.39 -4.14
C VAL A 26 2.80 -70.09 -5.25
N VAL A 27 2.29 -69.80 -6.44
CA VAL A 27 3.09 -69.67 -7.66
C VAL A 27 3.22 -68.25 -8.16
N GLY A 28 4.39 -67.91 -8.66
CA GLY A 28 4.60 -66.60 -9.18
C GLY A 28 3.99 -66.45 -10.54
N ALA A 29 3.50 -65.26 -10.81
CA ALA A 29 3.02 -64.87 -12.14
C ALA A 29 3.57 -63.49 -12.51
N ILE A 30 4.12 -63.36 -13.73
CA ILE A 30 4.66 -62.07 -14.16
C ILE A 30 3.67 -61.23 -14.95
N THR A 31 2.54 -61.83 -15.35
CA THR A 31 1.46 -61.10 -16.05
C THR A 31 0.09 -61.47 -15.49
N ALA A 32 -0.89 -60.61 -15.77
CA ALA A 32 -2.27 -60.87 -15.43
C ALA A 32 -2.72 -62.23 -15.94
N TYR A 33 -2.47 -62.51 -17.20
CA TYR A 33 -2.90 -63.76 -17.81
C TYR A 33 -2.27 -64.97 -17.13
N ALA A 34 -0.99 -64.87 -16.80
CA ALA A 34 -0.34 -65.99 -16.12
C ALA A 34 -1.10 -66.30 -14.87
N ALA A 35 -1.53 -65.26 -14.17
CA ALA A 35 -2.25 -65.45 -12.92
C ALA A 35 -3.57 -66.17 -13.16
N LYS A 36 -4.28 -65.76 -14.20
CA LYS A 36 -5.51 -66.42 -14.61
C LYS A 36 -5.34 -67.94 -14.82
N MET A 37 -4.26 -68.31 -15.50
CA MET A 37 -3.94 -69.71 -15.73
C MET A 37 -3.65 -70.43 -14.45
N ALA A 38 -2.83 -69.83 -13.60
CA ALA A 38 -2.58 -70.40 -12.29
C ALA A 38 -3.90 -70.69 -11.54
N GLU A 39 -4.86 -69.80 -11.65
CA GLU A 39 -6.15 -69.99 -10.99
C GLU A 39 -6.92 -71.16 -11.58
N ALA A 40 -6.94 -71.23 -12.91
CA ALA A 40 -7.56 -72.31 -13.66
C ALA A 40 -7.00 -73.68 -13.31
N VAL A 41 -5.68 -73.75 -13.12
CA VAL A 41 -5.00 -75.00 -12.79
C VAL A 41 -5.32 -75.47 -11.36
N GLY A 42 -5.87 -74.57 -10.53
CA GLY A 42 -6.35 -74.93 -9.19
C GLY A 42 -5.62 -74.38 -7.97
N PHE A 43 -4.56 -73.59 -8.16
CA PHE A 43 -3.84 -72.95 -7.06
C PHE A 43 -4.75 -72.00 -6.29
N LYS A 44 -4.44 -71.82 -5.01
CA LYS A 44 -5.25 -71.00 -4.11
C LYS A 44 -4.66 -69.59 -3.88
N ALA A 45 -3.42 -69.37 -4.32
CA ALA A 45 -2.74 -68.10 -4.16
C ALA A 45 -1.61 -67.88 -5.17
N VAL A 46 -1.36 -66.61 -5.49
CA VAL A 46 -0.36 -66.24 -6.49
C VAL A 46 0.65 -65.22 -5.93
N TYR A 47 1.78 -65.05 -6.61
CA TYR A 47 2.86 -64.24 -6.07
C TYR A 47 3.42 -63.29 -7.10
N LEU A 48 3.74 -62.06 -6.68
CA LEU A 48 4.42 -61.11 -7.54
C LEU A 48 5.83 -60.95 -7.05
N SER A 49 6.78 -61.42 -7.84
CA SER A 49 8.18 -61.35 -7.51
C SER A 49 8.80 -60.00 -7.87
N GLY A 50 9.54 -59.41 -6.94
CA GLY A 50 10.19 -58.12 -7.15
C GLY A 50 11.21 -58.12 -8.28
N GLY A 51 12.12 -59.10 -8.27
CA GLY A 51 13.09 -59.26 -9.35
C GLY A 51 12.40 -59.59 -10.66
N GLY A 52 11.22 -60.23 -10.53
CA GLY A 52 10.34 -60.56 -11.65
C GLY A 52 9.81 -59.34 -12.38
N VAL A 53 9.38 -58.37 -11.60
CA VAL A 53 8.94 -57.10 -12.12
C VAL A 53 10.08 -56.39 -12.85
N ALA A 54 11.24 -56.38 -12.21
CA ALA A 54 12.37 -55.66 -12.74
C ALA A 54 12.90 -56.22 -14.06
N ALA A 55 13.10 -57.54 -14.12
CA ALA A 55 13.69 -58.16 -15.31
C ALA A 55 12.71 -58.18 -16.46
N ASN A 56 11.48 -58.60 -16.19
CA ASN A 56 10.48 -58.82 -17.22
C ASN A 56 9.74 -57.54 -17.65
N SER A 57 9.18 -56.82 -16.68
CA SER A 57 8.39 -55.63 -17.02
C SER A 57 9.27 -54.47 -17.46
N LEU A 58 10.42 -54.33 -16.80
CA LEU A 58 11.29 -53.18 -17.00
C LEU A 58 12.53 -53.44 -17.83
N GLY A 59 13.00 -54.67 -17.86
CA GLY A 59 14.19 -55.00 -18.66
C GLY A 59 15.49 -54.59 -17.99
N ILE A 60 15.49 -54.61 -16.66
CA ILE A 60 16.67 -54.23 -15.88
C ILE A 60 16.91 -55.19 -14.72
N PRO A 61 18.19 -55.43 -14.34
CA PRO A 61 18.48 -56.31 -13.21
C PRO A 61 17.85 -55.92 -11.88
N ASP A 62 17.85 -56.88 -10.98
CA ASP A 62 17.31 -56.70 -9.64
C ASP A 62 18.33 -55.95 -8.75
N LEU A 63 18.61 -54.70 -9.06
CA LEU A 63 19.58 -53.90 -8.29
C LEU A 63 18.93 -52.77 -7.49
N GLY A 64 17.70 -52.99 -7.02
CA GLY A 64 16.91 -51.96 -6.35
C GLY A 64 16.62 -50.72 -7.19
N ILE A 65 16.45 -50.89 -8.50
CA ILE A 65 16.12 -49.77 -9.35
C ILE A 65 14.59 -49.64 -9.47
N SER A 66 13.93 -50.80 -9.53
CA SER A 66 12.47 -50.96 -9.41
C SER A 66 11.89 -50.04 -8.33
N THR A 67 10.89 -49.23 -8.67
CA THR A 67 10.22 -48.38 -7.67
C THR A 67 8.87 -48.93 -7.24
N MET A 68 8.32 -48.37 -6.16
CA MET A 68 7.02 -48.77 -5.64
C MET A 68 5.92 -48.73 -6.68
N ASP A 69 6.03 -47.77 -7.58
CA ASP A 69 5.06 -47.56 -8.65
C ASP A 69 5.17 -48.62 -9.72
N ASP A 70 6.38 -49.06 -10.03
CA ASP A 70 6.57 -50.14 -10.99
C ASP A 70 5.79 -51.37 -10.52
N VAL A 71 6.05 -51.76 -9.28
CA VAL A 71 5.37 -52.89 -8.66
C VAL A 71 3.87 -52.66 -8.56
N LEU A 72 3.46 -51.44 -8.24
CA LEU A 72 2.03 -51.09 -8.18
C LEU A 72 1.23 -51.37 -9.45
N VAL A 73 1.72 -50.93 -10.61
CA VAL A 73 0.96 -51.17 -11.83
C VAL A 73 0.79 -52.67 -12.15
N ASP A 74 1.84 -53.47 -11.96
CA ASP A 74 1.74 -54.92 -12.11
C ASP A 74 0.80 -55.55 -11.11
N ALA A 75 0.88 -55.12 -9.85
CA ALA A 75 0.04 -55.65 -8.79
C ALA A 75 -1.44 -55.39 -9.06
N ASN A 76 -1.74 -54.19 -9.56
CA ASN A 76 -3.11 -53.86 -9.92
C ASN A 76 -3.64 -54.66 -11.09
N ARG A 77 -2.85 -54.83 -12.13
CA ARG A 77 -3.30 -55.56 -13.29
C ARG A 77 -3.68 -56.97 -12.88
N ILE A 78 -2.85 -57.57 -12.02
CA ILE A 78 -3.08 -58.92 -11.54
C ILE A 78 -4.31 -59.09 -10.63
N THR A 79 -4.48 -58.25 -9.63
CA THR A 79 -5.61 -58.42 -8.74
C THR A 79 -6.92 -58.13 -9.46
N ASN A 80 -6.87 -57.34 -10.53
CA ASN A 80 -8.07 -57.10 -11.36
C ASN A 80 -8.47 -58.33 -12.14
N ALA A 81 -7.50 -59.17 -12.49
CA ALA A 81 -7.69 -60.29 -13.42
C ALA A 81 -7.99 -61.65 -12.78
N THR A 82 -7.56 -61.86 -11.54
CA THR A 82 -7.89 -63.06 -10.77
C THR A 82 -8.55 -62.68 -9.45
N ASN A 83 -9.27 -63.60 -8.83
CA ASN A 83 -9.73 -63.35 -7.44
C ASN A 83 -9.06 -64.20 -6.38
N LEU A 84 -7.91 -64.77 -6.74
CA LEU A 84 -7.05 -65.45 -5.79
C LEU A 84 -6.27 -64.39 -5.06
N PRO A 85 -6.00 -64.58 -3.76
CA PRO A 85 -5.17 -63.64 -3.01
C PRO A 85 -3.73 -63.58 -3.54
N LEU A 86 -3.16 -62.37 -3.64
CA LEU A 86 -1.80 -62.18 -4.17
C LEU A 86 -0.82 -61.73 -3.10
N LEU A 87 0.37 -62.32 -3.12
CA LEU A 87 1.47 -61.93 -2.25
C LEU A 87 2.49 -61.15 -3.02
N VAL A 88 2.95 -60.04 -2.46
CA VAL A 88 3.85 -59.15 -3.18
C VAL A 88 5.17 -58.89 -2.45
N ASP A 89 6.27 -59.00 -3.18
CA ASP A 89 7.59 -58.65 -2.68
C ASP A 89 7.73 -57.14 -2.70
N ILE A 90 7.86 -56.53 -1.53
CA ILE A 90 7.98 -55.09 -1.49
C ILE A 90 9.36 -54.58 -1.04
N ASP A 91 10.37 -55.41 -1.21
CA ASP A 91 11.74 -55.09 -0.81
C ASP A 91 11.85 -54.48 0.60
N THR A 92 12.45 -53.30 0.69
CA THR A 92 12.68 -52.65 1.97
C THR A 92 11.60 -51.60 2.24
N GLY A 93 10.61 -51.53 1.37
CA GLY A 93 9.49 -50.63 1.56
C GLY A 93 9.65 -49.29 0.87
N TRP A 94 10.77 -49.12 0.16
CA TRP A 94 11.10 -47.89 -0.59
C TRP A 94 11.21 -46.62 0.25
N GLY A 95 11.93 -46.71 1.37
CA GLY A 95 12.23 -45.54 2.17
C GLY A 95 12.03 -45.67 3.67
N GLY A 96 11.99 -44.52 4.32
CA GLY A 96 11.77 -44.47 5.76
C GLY A 96 10.37 -44.86 6.20
N ALA A 97 10.06 -44.54 7.46
CA ALA A 97 8.83 -44.96 8.10
C ALA A 97 7.61 -44.39 7.41
N PHE A 98 7.72 -43.16 6.93
CA PHE A 98 6.62 -42.54 6.19
C PHE A 98 6.36 -43.23 4.86
N ASN A 99 7.42 -43.71 4.22
CA ASN A 99 7.31 -44.35 2.91
C ASN A 99 6.77 -45.77 3.00
N ILE A 100 7.27 -46.49 4.01
CA ILE A 100 6.75 -47.80 4.35
C ILE A 100 5.25 -47.70 4.60
N ALA A 101 4.84 -46.69 5.37
CA ALA A 101 3.40 -46.41 5.58
C ALA A 101 2.63 -46.25 4.25
N ARG A 102 3.11 -45.38 3.35
CA ARG A 102 2.45 -45.17 2.06
C ARG A 102 2.40 -46.48 1.30
N THR A 103 3.49 -47.23 1.36
CA THR A 103 3.57 -48.51 0.67
C THR A 103 2.46 -49.42 1.14
N ILE A 104 2.35 -49.57 2.45
CA ILE A 104 1.35 -50.45 3.03
C ILE A 104 -0.06 -50.03 2.59
N ARG A 105 -0.37 -48.74 2.71
CA ARG A 105 -1.70 -48.24 2.32
C ARG A 105 -2.00 -48.49 0.85
N SER A 106 -1.00 -48.22 0.00
CA SER A 106 -1.10 -48.37 -1.45
C SER A 106 -1.45 -49.79 -1.85
N PHE A 107 -0.72 -50.76 -1.31
CA PHE A 107 -0.93 -52.16 -1.65
C PHE A 107 -2.17 -52.78 -1.03
N ILE A 108 -2.63 -52.27 0.10
CA ILE A 108 -3.93 -52.64 0.62
C ILE A 108 -5.01 -52.22 -0.40
N LYS A 109 -5.01 -50.92 -0.75
CA LYS A 109 -5.98 -50.38 -1.70
C LYS A 109 -5.97 -51.10 -3.04
N ALA A 110 -4.78 -51.58 -3.44
CA ALA A 110 -4.58 -52.34 -4.68
C ALA A 110 -5.25 -53.71 -4.61
N GLY A 111 -5.70 -54.11 -3.42
CA GLY A 111 -6.41 -55.37 -3.27
C GLY A 111 -5.51 -56.56 -3.08
N VAL A 112 -4.30 -56.33 -2.60
CA VAL A 112 -3.38 -57.42 -2.30
C VAL A 112 -3.84 -58.07 -0.97
N GLY A 113 -3.38 -59.29 -0.68
CA GLY A 113 -3.73 -59.98 0.56
C GLY A 113 -2.57 -60.11 1.53
N ALA A 114 -1.35 -60.15 0.99
CA ALA A 114 -0.13 -60.31 1.78
C ALA A 114 1.01 -59.56 1.12
N VAL A 115 2.06 -59.31 1.89
CA VAL A 115 3.18 -58.52 1.43
C VAL A 115 4.41 -59.01 2.21
N HIS A 116 5.62 -58.83 1.67
CA HIS A 116 6.82 -59.16 2.46
C HIS A 116 7.97 -58.15 2.42
N LEU A 117 8.33 -57.64 3.62
CA LEU A 117 9.43 -56.68 3.80
C LEU A 117 10.66 -57.44 4.16
N GLU A 118 11.82 -57.10 3.60
CA GLU A 118 13.09 -57.72 4.05
C GLU A 118 14.04 -56.83 4.85
N ASP A 119 14.81 -57.46 5.73
CA ASP A 119 15.88 -56.81 6.48
C ASP A 119 17.12 -56.38 5.66
N GLN A 120 16.99 -56.20 4.36
CA GLN A 120 18.09 -55.68 3.55
C GLN A 120 18.36 -54.23 3.83
N VAL A 121 19.63 -53.85 3.71
CA VAL A 121 20.04 -52.45 3.86
C VAL A 121 19.32 -51.59 2.79
N GLY A 122 18.81 -50.44 3.22
CA GLY A 122 18.11 -49.52 2.35
C GLY A 122 19.08 -48.86 1.38
N GLN A 123 19.01 -47.53 1.27
CA GLN A 123 19.88 -46.86 0.32
C GLN A 123 21.32 -46.75 0.81
N LYS A 124 22.21 -47.36 0.03
CA LYS A 124 23.65 -47.34 0.25
C LYS A 124 24.19 -45.92 -0.12
N ARG A 125 25.51 -45.72 -0.10
CA ARG A 125 26.12 -44.57 -0.79
C ARG A 125 25.77 -44.53 -2.31
N CYS A 126 25.90 -43.37 -2.95
CA CYS A 126 25.60 -43.25 -4.38
C CYS A 126 26.35 -44.32 -5.18
N GLY A 127 27.68 -44.20 -5.24
CA GLY A 127 28.53 -45.10 -6.04
C GLY A 127 28.70 -46.55 -5.56
N HIS A 128 27.97 -46.92 -4.52
CA HIS A 128 28.10 -48.23 -3.93
C HIS A 128 27.93 -49.37 -4.94
N ARG A 129 28.60 -50.50 -4.71
CA ARG A 129 28.39 -51.74 -5.46
C ARG A 129 27.07 -52.45 -5.13
N PRO A 130 26.49 -53.19 -6.09
CA PRO A 130 25.33 -54.02 -5.73
C PRO A 130 25.71 -55.21 -4.85
N GLY A 131 24.77 -55.74 -4.08
CA GLY A 131 25.08 -56.89 -3.26
C GLY A 131 24.41 -56.87 -1.91
N LYS A 132 24.21 -58.07 -1.38
CA LYS A 132 23.44 -58.34 -0.18
C LYS A 132 24.12 -57.82 1.10
N GLU A 133 23.29 -57.46 2.10
CA GLU A 133 23.71 -57.04 3.47
C GLU A 133 22.48 -56.65 4.30
N CYS A 134 22.43 -57.13 5.54
CA CYS A 134 21.31 -56.86 6.41
C CYS A 134 21.56 -55.59 7.19
N VAL A 135 20.48 -55.01 7.71
CA VAL A 135 20.62 -53.93 8.67
C VAL A 135 20.60 -54.57 10.06
N PRO A 136 21.08 -53.83 11.10
CA PRO A 136 20.74 -54.23 12.49
C PRO A 136 19.29 -54.72 12.67
N ALA A 137 19.12 -55.74 13.51
CA ALA A 137 17.81 -56.30 13.88
C ALA A 137 16.89 -55.21 14.40
N GLY A 138 17.40 -54.41 15.30
CA GLY A 138 16.66 -53.30 15.87
C GLY A 138 16.10 -52.38 14.81
N GLU A 139 16.73 -52.35 13.63
CA GLU A 139 16.29 -51.46 12.52
C GLU A 139 15.12 -52.01 11.71
N MET A 140 15.16 -53.30 11.41
CA MET A 140 14.00 -54.00 10.87
C MET A 140 12.79 -53.96 11.80
N VAL A 141 13.01 -54.00 13.12
CA VAL A 141 11.91 -53.95 14.07
C VAL A 141 11.15 -52.66 13.84
N ASP A 142 11.92 -51.60 13.60
CA ASP A 142 11.35 -50.30 13.31
C ASP A 142 10.52 -50.36 12.06
N ARG A 143 11.06 -50.99 11.03
CA ARG A 143 10.36 -51.08 9.75
C ARG A 143 9.01 -51.78 9.91
N ILE A 144 9.01 -52.91 10.59
CA ILE A 144 7.80 -53.67 10.85
C ILE A 144 6.79 -52.84 11.63
N LYS A 145 7.26 -52.16 12.67
CA LYS A 145 6.43 -51.33 13.52
C LYS A 145 5.65 -50.31 12.70
N ALA A 146 6.34 -49.63 11.80
CA ALA A 146 5.73 -48.65 10.90
C ALA A 146 4.68 -49.29 10.02
N ALA A 147 4.96 -50.49 9.51
CA ALA A 147 4.06 -51.21 8.62
C ALA A 147 2.79 -51.67 9.34
N VAL A 148 2.96 -52.31 10.50
CA VAL A 148 1.83 -52.75 11.33
C VAL A 148 0.91 -51.59 11.69
N ASP A 149 1.51 -50.45 12.00
CA ASP A 149 0.79 -49.26 12.38
C ASP A 149 -0.04 -48.73 11.23
N ALA A 150 0.57 -48.66 10.05
CA ALA A 150 -0.09 -48.13 8.87
C ALA A 150 -1.22 -49.02 8.38
N ARG A 151 -1.17 -50.29 8.76
CA ARG A 151 -2.17 -51.26 8.34
C ARG A 151 -3.53 -50.94 8.90
N THR A 152 -4.50 -50.85 8.00
CA THR A 152 -5.86 -50.40 8.36
C THR A 152 -6.86 -51.56 8.59
N ASP A 153 -6.47 -52.76 8.18
CA ASP A 153 -7.32 -53.94 8.24
C ASP A 153 -6.45 -55.13 8.65
N GLU A 154 -6.67 -55.64 9.85
CA GLU A 154 -5.84 -56.71 10.43
C GLU A 154 -5.66 -57.98 9.61
N THR A 155 -6.64 -58.33 8.75
CA THR A 155 -6.54 -59.54 7.92
C THR A 155 -5.41 -59.47 6.89
N PHE A 156 -5.04 -58.27 6.49
CA PHE A 156 -3.86 -58.05 5.66
C PHE A 156 -2.59 -58.60 6.32
N VAL A 157 -1.89 -59.47 5.60
CA VAL A 157 -0.74 -60.18 6.15
C VAL A 157 0.60 -59.47 5.89
N ILE A 158 1.33 -59.16 6.96
CA ILE A 158 2.67 -58.61 6.83
C ILE A 158 3.69 -59.65 7.20
N MET A 159 4.52 -59.98 6.24
CA MET A 159 5.47 -61.08 6.35
C MET A 159 6.89 -60.52 6.36
N ALA A 160 7.69 -60.96 7.32
CA ALA A 160 9.08 -60.53 7.44
C ALA A 160 10.03 -61.55 6.84
N ARG A 161 10.91 -61.08 5.96
CA ARG A 161 11.88 -61.90 5.26
C ARG A 161 13.30 -61.58 5.71
N THR A 162 14.08 -62.59 6.05
CA THR A 162 15.46 -62.37 6.49
C THR A 162 16.51 -63.14 5.73
N ASP A 163 17.59 -62.46 5.41
CA ASP A 163 18.72 -63.08 4.75
C ASP A 163 19.89 -63.29 5.69
N ALA A 164 19.63 -63.19 6.98
CA ALA A 164 20.68 -63.23 7.98
C ALA A 164 21.41 -64.57 8.05
N ALA A 165 20.65 -65.66 7.90
CA ALA A 165 21.18 -67.01 7.96
C ALA A 165 22.52 -67.15 7.26
N ALA A 166 22.60 -66.68 6.02
CA ALA A 166 23.81 -66.80 5.19
C ALA A 166 25.11 -66.24 5.78
N ALA A 167 25.07 -65.09 6.43
CA ALA A 167 26.28 -64.49 6.99
C ALA A 167 26.42 -64.55 8.51
N GLU A 168 25.34 -64.79 9.25
CA GLU A 168 25.38 -64.75 10.71
C GLU A 168 25.01 -66.08 11.34
N GLY A 169 24.78 -67.09 10.52
CA GLY A 169 24.37 -68.37 11.04
C GLY A 169 22.90 -68.43 11.38
N ILE A 170 22.35 -69.64 11.34
CA ILE A 170 20.93 -69.90 11.55
C ILE A 170 20.35 -69.45 12.91
N ASP A 171 21.14 -69.52 13.97
CA ASP A 171 20.67 -69.12 15.29
C ASP A 171 20.42 -67.62 15.41
N ALA A 172 21.34 -66.82 14.89
CA ALA A 172 21.17 -65.38 14.80
C ALA A 172 19.86 -65.01 14.07
N ALA A 173 19.63 -65.68 12.93
CA ALA A 173 18.41 -65.51 12.14
C ALA A 173 17.14 -65.86 12.93
N ILE A 174 17.17 -66.96 13.68
CA ILE A 174 16.05 -67.35 14.49
C ILE A 174 15.78 -66.27 15.53
N GLU A 175 16.83 -65.69 16.10
CA GLU A 175 16.72 -64.63 17.11
C GLU A 175 16.03 -63.39 16.56
N ARG A 176 16.51 -62.92 15.41
CA ARG A 176 15.90 -61.83 14.66
C ARG A 176 14.42 -62.08 14.46
N ALA A 177 14.11 -63.25 13.91
CA ALA A 177 12.74 -63.60 13.59
C ALA A 177 11.78 -63.50 14.79
N ILE A 178 12.24 -63.90 15.98
CA ILE A 178 11.42 -63.80 17.15
C ILE A 178 11.11 -62.35 17.45
N ALA A 179 12.10 -61.48 17.21
CA ALA A 179 11.98 -60.04 17.42
C ALA A 179 11.04 -59.43 16.42
N TYR A 180 10.99 -60.04 15.23
CA TYR A 180 10.14 -59.56 14.16
C TYR A 180 8.69 -59.93 14.42
N VAL A 181 8.43 -61.13 14.96
CA VAL A 181 7.07 -61.50 15.41
C VAL A 181 6.61 -60.61 16.56
N GLU A 182 7.54 -60.24 17.45
CA GLU A 182 7.26 -59.32 18.54
C GLU A 182 6.81 -58.00 18.01
N ALA A 183 7.49 -57.50 16.99
CA ALA A 183 7.12 -56.23 16.36
C ALA A 183 5.81 -56.28 15.57
N GLY A 184 5.24 -57.45 15.36
CA GLY A 184 3.92 -57.58 14.76
C GLY A 184 3.80 -58.40 13.50
N ALA A 185 4.92 -58.84 12.96
CA ALA A 185 4.94 -59.68 11.76
C ALA A 185 4.07 -60.91 11.92
N ASP A 186 3.28 -61.22 10.90
CA ASP A 186 2.35 -62.35 10.98
C ASP A 186 2.96 -63.69 10.57
N MET A 187 3.94 -63.64 9.67
CA MET A 187 4.58 -64.81 9.13
C MET A 187 6.04 -64.49 8.81
N ILE A 188 6.87 -65.52 8.69
CA ILE A 188 8.32 -65.36 8.45
C ILE A 188 8.79 -66.09 7.19
N PHE A 189 9.66 -65.43 6.44
CA PHE A 189 10.21 -65.97 5.21
C PHE A 189 11.74 -66.02 5.37
N PRO A 190 12.27 -67.17 5.83
CA PRO A 190 13.71 -67.34 6.06
C PRO A 190 14.45 -67.76 4.79
N GLU A 191 15.30 -66.89 4.29
CA GLU A 191 15.97 -67.14 3.05
C GLU A 191 17.08 -68.15 3.20
N ALA A 192 17.30 -68.91 2.12
CA ALA A 192 18.46 -69.80 1.97
C ALA A 192 18.66 -70.77 3.15
N MET A 193 17.77 -71.75 3.27
CA MET A 193 17.93 -72.85 4.20
C MET A 193 18.48 -74.01 3.39
N LYS A 194 19.44 -74.74 3.94
CA LYS A 194 20.07 -75.81 3.19
C LYS A 194 19.45 -77.21 3.45
N THR A 195 18.96 -77.48 4.66
CA THR A 195 18.36 -78.78 4.97
C THR A 195 16.93 -78.67 5.48
N LEU A 196 16.19 -79.78 5.43
CA LEU A 196 14.85 -79.83 6.00
C LEU A 196 14.82 -79.55 7.50
N ASP A 197 15.95 -79.80 8.16
CA ASP A 197 16.09 -79.60 9.58
C ASP A 197 16.07 -78.11 9.96
N ASP A 198 16.79 -77.32 9.16
CA ASP A 198 16.83 -75.88 9.30
C ASP A 198 15.40 -75.33 9.42
N TYR A 199 14.51 -75.76 8.54
CA TYR A 199 13.12 -75.32 8.57
C TYR A 199 12.38 -75.80 9.82
N ARG A 200 12.56 -77.06 10.16
CA ARG A 200 11.95 -77.68 11.32
C ARG A 200 12.20 -76.89 12.61
N ARG A 201 13.48 -76.57 12.84
CA ARG A 201 13.92 -75.79 14.01
C ARG A 201 13.28 -74.44 14.03
N PHE A 202 13.32 -73.81 12.86
CA PHE A 202 12.82 -72.46 12.67
C PHE A 202 11.35 -72.34 13.01
N LYS A 203 10.52 -73.21 12.43
CA LYS A 203 9.10 -73.27 12.74
C LYS A 203 8.84 -73.44 14.25
N GLU A 204 9.64 -74.30 14.86
CA GLU A 204 9.61 -74.64 16.26
C GLU A 204 9.82 -73.42 17.14
N ALA A 205 10.83 -72.65 16.77
CA ALA A 205 11.23 -71.46 17.50
C ALA A 205 10.27 -70.30 17.35
N VAL A 206 9.87 -69.97 16.11
CA VAL A 206 9.08 -68.77 15.84
C VAL A 206 7.60 -68.95 16.02
N LYS A 207 7.14 -70.19 15.95
CA LYS A 207 5.76 -70.56 16.20
C LYS A 207 4.71 -69.91 15.28
N VAL A 208 5.12 -69.16 14.28
CA VAL A 208 4.15 -68.61 13.32
C VAL A 208 4.35 -69.28 11.97
N PRO A 209 3.39 -69.13 11.05
CA PRO A 209 3.57 -69.72 9.73
C PRO A 209 4.90 -69.35 9.07
N ILE A 210 5.45 -70.29 8.31
CA ILE A 210 6.79 -70.21 7.72
C ILE A 210 6.75 -70.49 6.21
N LEU A 211 7.51 -69.74 5.42
CA LEU A 211 7.56 -69.92 3.96
C LEU A 211 8.90 -70.49 3.49
N ALA A 212 8.83 -71.39 2.52
CA ALA A 212 10.01 -71.99 1.93
C ALA A 212 10.14 -71.54 0.49
N ASN A 213 11.24 -70.89 0.16
CA ASN A 213 11.43 -70.36 -1.18
C ASN A 213 12.05 -71.39 -2.07
N LEU A 214 11.24 -72.05 -2.87
CA LEU A 214 11.74 -73.09 -3.77
C LEU A 214 12.21 -72.48 -5.06
N THR A 215 13.45 -72.01 -5.07
CA THR A 215 13.99 -71.32 -6.24
C THR A 215 14.99 -72.19 -7.00
N GLU A 216 14.85 -72.20 -8.33
CA GLU A 216 15.72 -73.02 -9.16
C GLU A 216 17.03 -72.29 -9.52
N PHE A 217 18.08 -73.07 -9.75
CA PHE A 217 19.46 -72.59 -9.97
C PHE A 217 20.10 -71.88 -8.77
N GLY A 218 19.53 -72.07 -7.57
CA GLY A 218 20.04 -71.48 -6.34
C GLY A 218 20.87 -72.48 -5.55
N SER A 219 20.97 -72.25 -4.25
CA SER A 219 21.72 -73.16 -3.37
C SER A 219 20.76 -74.19 -2.76
N THR A 220 19.63 -73.67 -2.29
CA THR A 220 18.45 -74.42 -1.88
C THR A 220 18.11 -75.60 -2.82
N PRO A 221 18.11 -76.86 -2.33
CA PRO A 221 17.53 -77.96 -3.12
C PRO A 221 16.02 -77.80 -3.33
N LEU A 222 15.48 -78.41 -4.38
CA LEU A 222 14.06 -78.27 -4.69
C LEU A 222 13.20 -79.29 -3.94
N PHE A 223 12.93 -79.02 -2.67
CA PHE A 223 12.15 -79.94 -1.83
C PHE A 223 10.74 -80.21 -2.34
N THR A 224 10.26 -81.42 -2.11
CA THR A 224 8.91 -81.81 -2.47
C THR A 224 7.90 -81.36 -1.42
N LEU A 225 6.63 -81.30 -1.80
CA LEU A 225 5.54 -80.97 -0.89
C LEU A 225 5.56 -81.83 0.34
N ASP A 226 5.80 -83.13 0.17
CA ASP A 226 5.88 -84.05 1.31
C ASP A 226 7.00 -83.72 2.24
N GLU A 227 8.21 -83.59 1.68
CA GLU A 227 9.38 -83.25 2.46
C GLU A 227 9.10 -82.02 3.35
N LEU A 228 8.50 -80.99 2.74
CA LEU A 228 8.16 -79.77 3.45
C LEU A 228 7.05 -79.96 4.47
N LYS A 229 6.04 -80.78 4.17
CA LYS A 229 4.98 -81.05 5.14
C LYS A 229 5.58 -81.70 6.39
N GLY A 230 6.50 -82.63 6.18
CA GLY A 230 7.17 -83.32 7.27
C GLY A 230 8.04 -82.40 8.07
N ALA A 231 8.49 -81.31 7.46
CA ALA A 231 9.29 -80.34 8.19
C ALA A 231 8.45 -79.23 8.84
N ASN A 232 7.14 -79.32 8.68
CA ASN A 232 6.20 -78.38 9.30
C ASN A 232 6.10 -76.99 8.70
N VAL A 233 6.60 -76.85 7.48
CA VAL A 233 6.49 -75.62 6.67
C VAL A 233 5.05 -75.35 6.20
N ASP A 234 4.64 -74.08 6.20
CA ASP A 234 3.29 -73.70 5.89
C ASP A 234 3.05 -73.28 4.48
N ILE A 235 4.09 -72.79 3.80
CA ILE A 235 3.95 -72.23 2.46
C ILE A 235 5.12 -72.67 1.60
N ALA A 236 4.79 -73.22 0.44
CA ALA A 236 5.75 -73.55 -0.60
C ALA A 236 5.64 -72.52 -1.72
N LEU A 237 6.73 -71.80 -1.99
CA LEU A 237 6.70 -70.71 -2.94
C LEU A 237 7.55 -70.99 -4.16
N TYR A 238 6.88 -71.06 -5.31
CA TYR A 238 7.53 -71.25 -6.59
C TYR A 238 7.51 -69.91 -7.28
N CYS A 239 8.52 -69.11 -7.04
CA CYS A 239 8.43 -67.70 -7.37
C CYS A 239 8.81 -67.31 -8.79
N CYS A 240 9.63 -68.14 -9.43
CA CYS A 240 10.20 -67.73 -10.72
C CYS A 240 10.07 -68.71 -11.88
N GLY A 241 9.80 -69.97 -11.56
CA GLY A 241 9.73 -71.02 -12.55
C GLY A 241 8.98 -70.57 -13.78
N ALA A 242 7.73 -70.20 -13.57
CA ALA A 242 6.84 -69.76 -14.63
C ALA A 242 7.54 -68.89 -15.65
N TYR A 243 8.15 -67.82 -15.20
CA TYR A 243 8.66 -66.87 -16.15
C TYR A 243 9.99 -67.27 -16.84
N ARG A 244 10.77 -68.11 -16.17
CA ARG A 244 11.97 -68.68 -16.77
C ARG A 244 11.58 -69.59 -17.94
N ALA A 245 10.58 -70.44 -17.69
CA ALA A 245 10.00 -71.29 -18.72
C ALA A 245 9.50 -70.45 -19.89
N MET A 246 8.74 -69.40 -19.59
CA MET A 246 8.18 -68.61 -20.65
C MET A 246 9.24 -67.85 -21.44
N ASN A 247 10.26 -67.35 -20.77
CA ASN A 247 11.36 -66.69 -21.46
C ASN A 247 12.13 -67.57 -22.44
N LYS A 248 12.31 -68.84 -22.08
CA LYS A 248 13.01 -69.76 -22.96
C LYS A 248 12.22 -69.99 -24.24
N ALA A 249 10.93 -70.25 -24.05
CA ALA A 249 10.00 -70.45 -25.14
C ALA A 249 9.97 -69.25 -26.10
N ALA A 250 10.10 -68.06 -25.55
CA ALA A 250 10.13 -66.84 -26.34
C ALA A 250 11.40 -66.74 -27.16
N LEU A 251 12.53 -66.95 -26.50
CA LEU A 251 13.82 -66.90 -27.14
C LEU A 251 13.85 -67.89 -28.31
N ASN A 252 13.31 -69.07 -28.06
CA ASN A 252 13.32 -70.12 -29.06
C ASN A 252 12.51 -69.69 -30.28
N PHE A 253 11.37 -69.05 -30.04
CA PHE A 253 10.55 -68.53 -31.13
C PHE A 253 11.36 -67.56 -31.97
N TYR A 254 11.95 -66.59 -31.30
CA TYR A 254 12.72 -65.56 -31.98
C TYR A 254 13.85 -66.13 -32.83
N GLU A 255 14.56 -67.11 -32.29
CA GLU A 255 15.66 -67.73 -32.99
C GLU A 255 15.21 -68.52 -34.22
N THR A 256 14.14 -69.31 -34.09
CA THR A 256 13.67 -70.10 -35.21
C THR A 256 13.13 -69.18 -36.31
N VAL A 257 12.62 -68.01 -35.96
CA VAL A 257 12.12 -67.09 -36.98
C VAL A 257 13.28 -66.47 -37.75
N ARG A 258 14.34 -66.13 -37.01
CA ARG A 258 15.50 -65.50 -37.62
C ARG A 258 16.26 -66.50 -38.50
N ARG A 259 16.26 -67.76 -38.08
CA ARG A 259 16.97 -68.82 -38.77
C ARG A 259 16.24 -69.31 -40.03
N ASP A 260 14.97 -69.65 -39.87
CA ASP A 260 14.19 -70.33 -40.88
C ASP A 260 13.44 -69.38 -41.85
N GLY A 261 13.32 -68.10 -41.53
CA GLY A 261 12.55 -67.19 -42.37
C GLY A 261 11.06 -67.41 -42.26
N THR A 262 10.67 -68.24 -41.29
CA THR A 262 9.28 -68.52 -40.99
C THR A 262 9.21 -69.07 -39.58
N GLN A 263 8.03 -69.01 -38.96
CA GLN A 263 7.87 -69.58 -37.62
C GLN A 263 7.30 -71.00 -37.64
N LYS A 264 7.16 -71.55 -38.84
CA LYS A 264 6.51 -72.86 -39.02
C LYS A 264 6.95 -73.87 -37.97
N ALA A 265 8.27 -74.01 -37.83
CA ALA A 265 8.86 -75.00 -36.94
C ALA A 265 8.44 -74.81 -35.47
N ALA A 266 8.04 -73.61 -35.10
CA ALA A 266 7.78 -73.30 -33.69
C ALA A 266 6.31 -73.44 -33.25
N VAL A 267 5.40 -73.69 -34.18
CA VAL A 267 3.99 -73.58 -33.83
C VAL A 267 3.51 -74.64 -32.86
N PRO A 268 4.04 -75.88 -32.94
CA PRO A 268 3.73 -76.90 -31.94
C PRO A 268 4.00 -76.50 -30.47
N THR A 269 4.85 -75.51 -30.26
CA THR A 269 5.24 -74.99 -28.95
C THR A 269 4.36 -73.83 -28.52
N MET A 270 3.29 -73.57 -29.25
CA MET A 270 2.41 -72.43 -28.94
C MET A 270 1.07 -72.87 -28.38
N GLN A 271 0.42 -71.95 -27.70
CA GLN A 271 -0.91 -72.19 -27.16
C GLN A 271 -1.94 -71.77 -28.18
N THR A 272 -2.92 -72.64 -28.42
CA THR A 272 -3.86 -72.37 -29.51
C THR A 272 -4.69 -71.15 -29.14
N ARG A 273 -5.53 -70.71 -30.06
CA ARG A 273 -6.40 -69.55 -29.82
C ARG A 273 -7.60 -69.99 -29.04
N ALA A 274 -8.07 -71.19 -29.33
CA ALA A 274 -9.21 -71.77 -28.65
C ALA A 274 -8.87 -71.95 -27.17
N GLN A 275 -7.57 -72.18 -26.92
CA GLN A 275 -7.08 -72.29 -25.56
C GLN A 275 -7.03 -70.93 -24.87
N LEU A 276 -6.43 -69.97 -25.55
CA LEU A 276 -6.42 -68.61 -25.09
C LEU A 276 -7.81 -68.13 -24.69
N TYR A 277 -8.83 -68.52 -25.45
CA TYR A 277 -10.18 -68.05 -25.18
C TYR A 277 -10.80 -68.74 -23.95
N ASP A 278 -10.63 -70.06 -23.81
CA ASP A 278 -11.03 -70.77 -22.57
C ASP A 278 -10.57 -69.97 -21.36
N TYR A 279 -9.23 -69.80 -21.20
CA TYR A 279 -8.68 -69.16 -20.01
C TYR A 279 -8.97 -67.67 -19.96
N LEU A 280 -9.28 -67.07 -21.10
CA LEU A 280 -9.52 -65.65 -21.13
C LEU A 280 -10.93 -65.30 -20.73
N GLY A 281 -11.72 -66.33 -20.42
CA GLY A 281 -13.10 -66.20 -19.97
C GLY A 281 -13.94 -65.67 -21.11
N TYR A 282 -13.44 -65.83 -22.32
CA TYR A 282 -13.93 -65.09 -23.46
C TYR A 282 -15.42 -65.16 -23.76
N TYR A 283 -16.02 -66.34 -23.66
CA TYR A 283 -17.43 -66.50 -24.02
C TYR A 283 -18.39 -66.04 -22.96
N ALA A 284 -17.86 -65.86 -21.75
CA ALA A 284 -18.66 -65.34 -20.66
C ALA A 284 -19.05 -63.87 -20.96
N TYR A 285 -18.19 -63.16 -21.71
CA TYR A 285 -18.52 -61.82 -22.22
C TYR A 285 -19.70 -61.79 -23.20
N GLU A 286 -19.69 -62.70 -24.15
CA GLU A 286 -20.77 -62.79 -25.12
C GLU A 286 -22.10 -63.09 -24.42
N GLU A 287 -21.99 -63.89 -23.36
CA GLU A 287 -23.11 -64.37 -22.58
C GLU A 287 -23.61 -63.26 -21.60
N LYS A 288 -23.05 -62.06 -21.69
CA LYS A 288 -23.45 -61.00 -20.79
C LYS A 288 -24.14 -59.99 -21.65
N LEU A 289 -23.56 -59.72 -22.80
CA LEU A 289 -24.21 -58.81 -23.70
C LEU A 289 -25.59 -59.34 -24.04
N ASP A 290 -25.70 -60.64 -24.34
CA ASP A 290 -27.01 -61.25 -24.51
C ASP A 290 -27.87 -61.03 -23.26
N GLN A 291 -27.51 -61.67 -22.15
CA GLN A 291 -28.29 -61.55 -20.93
C GLN A 291 -28.62 -60.08 -20.59
N LEU A 292 -27.84 -59.12 -21.09
CA LEU A 292 -28.14 -57.72 -20.75
C LEU A 292 -28.95 -56.91 -21.75
N PHE A 293 -28.89 -57.24 -23.03
CA PHE A 293 -29.45 -56.37 -24.08
C PHE A 293 -30.31 -57.05 -25.16
N ASN A 294 -30.28 -58.38 -25.24
CA ASN A 294 -31.22 -59.12 -26.09
C ASN A 294 -32.67 -59.02 -25.63
N GLN A 295 -33.55 -58.74 -26.58
CA GLN A 295 -34.96 -58.56 -26.30
C GLN A 295 -35.78 -59.48 -27.23
N GLY A 296 -36.10 -60.68 -26.73
CA GLY A 296 -36.81 -61.74 -27.48
C GLY A 296 -37.60 -62.74 -26.61
N ILE B 8 19.08 -39.06 -32.84
CA ILE B 8 18.68 -39.87 -34.04
C ILE B 8 17.35 -40.61 -33.81
N SER B 9 16.30 -40.15 -34.49
CA SER B 9 14.92 -40.44 -34.06
C SER B 9 14.48 -41.88 -34.32
N ALA B 10 13.51 -42.31 -33.51
CA ALA B 10 12.95 -43.66 -33.61
C ALA B 10 12.33 -43.91 -34.97
N GLY B 11 11.60 -42.92 -35.47
CA GLY B 11 11.02 -42.97 -36.79
C GLY B 11 12.08 -43.25 -37.83
N ALA B 12 13.19 -42.49 -37.75
CA ALA B 12 14.31 -42.62 -38.68
C ALA B 12 14.96 -43.99 -38.59
N LYS B 13 15.12 -44.49 -37.36
CA LYS B 13 15.62 -45.86 -37.18
C LYS B 13 14.74 -46.90 -37.89
N PHE B 14 13.42 -46.71 -37.82
CA PHE B 14 12.48 -47.63 -38.46
C PHE B 14 12.56 -47.57 -39.98
N ARG B 15 12.53 -46.37 -40.56
CA ARG B 15 12.66 -46.19 -42.02
C ARG B 15 14.00 -46.77 -42.54
N ALA B 16 15.06 -46.56 -41.78
CA ALA B 16 16.38 -47.10 -42.13
C ALA B 16 16.36 -48.62 -42.16
N ALA B 17 15.68 -49.22 -41.19
CA ALA B 17 15.58 -50.67 -41.06
C ALA B 17 14.83 -51.29 -42.24
N VAL B 18 13.81 -50.61 -42.73
CA VAL B 18 13.05 -51.11 -43.88
C VAL B 18 13.90 -51.05 -45.15
N ALA B 19 14.72 -50.01 -45.29
CA ALA B 19 15.62 -49.85 -46.43
C ALA B 19 16.78 -50.84 -46.39
N ALA B 20 17.15 -51.27 -45.20
CA ALA B 20 18.33 -52.12 -45.06
C ALA B 20 18.06 -53.62 -45.09
N GLU B 21 16.80 -54.03 -44.98
CA GLU B 21 16.47 -55.45 -44.94
C GLU B 21 15.13 -55.68 -45.62
N GLN B 22 15.12 -56.49 -46.67
CA GLN B 22 13.96 -56.58 -47.55
C GLN B 22 13.64 -58.02 -47.89
N PRO B 23 12.51 -58.54 -47.40
CA PRO B 23 11.60 -57.85 -46.48
C PRO B 23 12.21 -57.78 -45.08
N LEU B 24 11.78 -56.79 -44.29
CA LEU B 24 12.23 -56.65 -42.89
C LEU B 24 11.36 -57.47 -41.94
N GLN B 25 12.00 -58.36 -41.22
CA GLN B 25 11.37 -59.13 -40.17
C GLN B 25 11.20 -58.26 -38.92
N VAL B 26 9.97 -58.22 -38.41
CA VAL B 26 9.67 -57.48 -37.19
C VAL B 26 8.77 -58.32 -36.27
N VAL B 27 9.28 -58.57 -35.06
CA VAL B 27 8.67 -59.54 -34.14
C VAL B 27 7.99 -58.89 -32.96
N GLY B 28 6.88 -59.45 -32.53
CA GLY B 28 6.13 -58.94 -31.40
C GLY B 28 6.78 -59.33 -30.08
N ALA B 29 6.71 -58.40 -29.13
CA ALA B 29 7.17 -58.59 -27.76
C ALA B 29 6.07 -58.15 -26.79
N ILE B 30 5.72 -59.01 -25.83
CA ILE B 30 4.74 -58.61 -24.80
C ILE B 30 5.32 -57.97 -23.55
N THR B 31 6.64 -58.10 -23.35
CA THR B 31 7.31 -57.48 -22.19
C THR B 31 8.61 -56.85 -22.63
N ALA B 32 9.13 -55.96 -21.80
CA ALA B 32 10.39 -55.30 -22.05
C ALA B 32 11.51 -56.31 -22.29
N TYR B 33 11.57 -57.35 -21.46
CA TYR B 33 12.63 -58.34 -21.59
C TYR B 33 12.53 -59.10 -22.89
N ALA B 34 11.32 -59.48 -23.29
CA ALA B 34 11.12 -60.13 -24.57
C ALA B 34 11.81 -59.33 -25.67
N ALA B 35 11.59 -58.02 -25.68
CA ALA B 35 12.19 -57.17 -26.68
C ALA B 35 13.71 -57.24 -26.65
N LYS B 36 14.29 -57.20 -25.45
CA LYS B 36 15.74 -57.25 -25.30
C LYS B 36 16.31 -58.50 -25.94
N MET B 37 15.62 -59.61 -25.76
CA MET B 37 15.98 -60.87 -26.39
C MET B 37 15.90 -60.81 -27.89
N ALA B 38 14.78 -60.34 -28.40
CA ALA B 38 14.63 -60.10 -29.82
C ALA B 38 15.78 -59.29 -30.38
N GLU B 39 16.24 -58.28 -29.62
CA GLU B 39 17.39 -57.49 -30.06
C GLU B 39 18.66 -58.32 -30.10
N ALA B 40 18.89 -59.08 -29.04
CA ALA B 40 20.06 -59.93 -28.92
C ALA B 40 20.15 -60.91 -30.08
N VAL B 41 19.01 -61.48 -30.46
CA VAL B 41 18.95 -62.44 -31.56
C VAL B 41 19.19 -61.78 -32.93
N GLY B 42 19.14 -60.45 -33.00
CA GLY B 42 19.58 -59.76 -34.21
C GLY B 42 18.54 -59.08 -35.06
N PHE B 43 17.27 -59.12 -34.63
CA PHE B 43 16.23 -58.37 -35.33
C PHE B 43 16.48 -56.86 -35.29
N LYS B 44 15.93 -56.16 -36.27
CA LYS B 44 16.11 -54.73 -36.42
C LYS B 44 14.90 -53.88 -35.95
N ALA B 45 13.76 -54.54 -35.70
CA ALA B 45 12.52 -53.87 -35.25
C ALA B 45 11.62 -54.78 -34.40
N VAL B 46 10.88 -54.17 -33.47
CA VAL B 46 9.95 -54.92 -32.62
C VAL B 46 8.52 -54.36 -32.67
N TYR B 47 7.55 -55.16 -32.24
CA TYR B 47 6.13 -54.80 -32.40
C TYR B 47 5.32 -54.99 -31.11
N LEU B 48 4.46 -54.03 -30.78
CA LEU B 48 3.58 -54.18 -29.65
C LEU B 48 2.18 -54.38 -30.18
N SER B 49 1.66 -55.59 -29.97
CA SER B 49 0.32 -55.94 -30.40
C SER B 49 -0.77 -55.44 -29.44
N GLY B 50 -1.83 -54.90 -30.01
CA GLY B 50 -2.98 -54.42 -29.26
C GLY B 50 -3.70 -55.52 -28.51
N GLY B 51 -4.07 -56.59 -29.21
CA GLY B 51 -4.66 -57.75 -28.59
C GLY B 51 -3.70 -58.39 -27.58
N GLY B 52 -2.40 -58.19 -27.83
CA GLY B 52 -1.32 -58.68 -26.98
C GLY B 52 -1.31 -57.99 -25.64
N VAL B 53 -1.50 -56.67 -25.67
CA VAL B 53 -1.62 -55.89 -24.43
C VAL B 53 -2.80 -56.37 -23.63
N ALA B 54 -3.94 -56.50 -24.32
CA ALA B 54 -5.21 -56.82 -23.68
C ALA B 54 -5.22 -58.21 -23.02
N ALA B 55 -4.80 -59.23 -23.76
CA ALA B 55 -4.83 -60.59 -23.23
C ALA B 55 -3.80 -60.79 -22.10
N ASN B 56 -2.55 -60.42 -22.37
CA ASN B 56 -1.44 -60.68 -21.44
C ASN B 56 -1.33 -59.73 -20.26
N SER B 57 -1.29 -58.42 -20.50
CA SER B 57 -1.09 -57.43 -19.43
C SER B 57 -2.35 -57.22 -18.64
N LEU B 58 -3.51 -57.30 -19.28
CA LEU B 58 -4.77 -56.97 -18.62
C LEU B 58 -5.65 -58.15 -18.29
N GLY B 59 -5.48 -59.25 -19.00
CA GLY B 59 -6.30 -60.45 -18.74
C GLY B 59 -7.72 -60.41 -19.28
N ILE B 60 -7.89 -59.72 -20.40
CA ILE B 60 -9.18 -59.53 -21.02
C ILE B 60 -9.11 -59.69 -22.54
N PRO B 61 -10.20 -60.14 -23.18
CA PRO B 61 -10.28 -60.31 -24.64
C PRO B 61 -10.07 -59.03 -25.39
N ASP B 62 -9.75 -59.16 -26.68
CA ASP B 62 -9.53 -58.03 -27.57
C ASP B 62 -10.85 -57.49 -28.06
N LEU B 63 -11.64 -56.90 -27.18
CA LEU B 63 -12.96 -56.36 -27.51
C LEU B 63 -13.00 -54.82 -27.43
N GLY B 64 -11.88 -54.16 -27.77
CA GLY B 64 -11.76 -52.71 -27.62
C GLY B 64 -11.95 -52.16 -26.21
N ILE B 65 -11.52 -52.94 -25.20
CA ILE B 65 -11.59 -52.51 -23.82
C ILE B 65 -10.33 -51.78 -23.43
N SER B 66 -9.20 -52.37 -23.81
CA SER B 66 -7.90 -51.72 -23.96
C SER B 66 -7.97 -50.19 -24.14
N THR B 67 -7.40 -49.38 -23.24
CA THR B 67 -7.35 -47.92 -23.44
C THR B 67 -5.98 -47.43 -23.91
N MET B 68 -5.92 -46.20 -24.41
CA MET B 68 -4.64 -45.62 -24.85
C MET B 68 -3.55 -45.70 -23.78
N ASP B 69 -3.94 -45.57 -22.52
CA ASP B 69 -2.94 -45.56 -21.45
C ASP B 69 -2.44 -46.95 -21.16
N ASP B 70 -3.32 -47.93 -21.28
CA ASP B 70 -2.90 -49.31 -21.14
C ASP B 70 -1.75 -49.60 -22.08
N VAL B 71 -1.96 -49.30 -23.36
CA VAL B 71 -0.95 -49.48 -24.37
C VAL B 71 0.30 -48.58 -24.11
N LEU B 72 0.06 -47.35 -23.64
CA LEU B 72 1.14 -46.46 -23.23
C LEU B 72 2.14 -47.02 -22.22
N VAL B 73 1.67 -47.63 -21.13
CA VAL B 73 2.62 -48.07 -20.13
C VAL B 73 3.51 -49.18 -20.67
N ASP B 74 2.96 -50.08 -21.48
CA ASP B 74 3.74 -51.12 -22.14
C ASP B 74 4.72 -50.52 -23.16
N ALA B 75 4.24 -49.59 -23.95
CA ALA B 75 5.06 -49.00 -24.98
C ALA B 75 6.23 -48.29 -24.35
N ASN B 76 6.01 -47.68 -23.19
CA ASN B 76 7.10 -47.04 -22.48
C ASN B 76 8.16 -47.97 -21.91
N ARG B 77 7.69 -49.03 -21.26
CA ARG B 77 8.57 -50.03 -20.69
C ARG B 77 9.48 -50.59 -21.77
N ILE B 78 8.89 -50.91 -22.91
CA ILE B 78 9.65 -51.43 -24.05
C ILE B 78 10.72 -50.47 -24.65
N THR B 79 10.36 -49.24 -24.97
CA THR B 79 11.36 -48.37 -25.62
C THR B 79 12.46 -47.94 -24.67
N ASN B 80 12.21 -47.98 -23.37
CA ASN B 80 13.28 -47.74 -22.39
C ASN B 80 14.25 -48.90 -22.31
N ALA B 81 13.83 -50.10 -22.72
CA ALA B 81 14.59 -51.32 -22.51
C ALA B 81 15.42 -51.76 -23.70
N THR B 82 14.98 -51.38 -24.89
CA THR B 82 15.67 -51.69 -26.13
C THR B 82 15.88 -50.42 -26.91
N ASN B 83 16.88 -50.41 -27.78
CA ASN B 83 17.04 -49.27 -28.68
C ASN B 83 16.66 -49.54 -30.14
N LEU B 84 15.97 -50.67 -30.36
CA LEU B 84 15.34 -51.00 -31.65
C LEU B 84 14.06 -50.20 -31.81
N PRO B 85 13.77 -49.75 -33.04
CA PRO B 85 12.52 -49.02 -33.29
C PRO B 85 11.33 -49.93 -33.05
N LEU B 86 10.29 -49.40 -32.39
CA LEU B 86 9.09 -50.16 -32.02
C LEU B 86 7.88 -49.70 -32.79
N LEU B 87 7.12 -50.64 -33.35
CA LEU B 87 5.85 -50.32 -34.00
C LEU B 87 4.67 -50.70 -33.10
N VAL B 88 3.67 -49.84 -33.02
CA VAL B 88 2.57 -50.05 -32.07
C VAL B 88 1.19 -49.99 -32.72
N ASP B 89 0.37 -50.97 -32.36
CA ASP B 89 -1.03 -51.10 -32.78
C ASP B 89 -1.85 -50.12 -31.97
N ILE B 90 -2.37 -49.08 -32.61
CA ILE B 90 -3.19 -48.09 -31.88
C ILE B 90 -4.68 -48.12 -32.20
N ASP B 91 -5.19 -49.27 -32.63
CA ASP B 91 -6.59 -49.44 -33.05
C ASP B 91 -7.11 -48.27 -33.91
N THR B 92 -8.18 -47.64 -33.44
CA THR B 92 -8.83 -46.58 -34.16
C THR B 92 -8.40 -45.21 -33.64
N GLY B 93 -7.46 -45.22 -32.70
CA GLY B 93 -6.94 -43.97 -32.17
C GLY B 93 -7.63 -43.52 -30.88
N TRP B 94 -8.58 -44.34 -30.40
CA TRP B 94 -9.32 -44.10 -29.15
C TRP B 94 -10.13 -42.80 -29.13
N GLY B 95 -10.85 -42.51 -30.21
CA GLY B 95 -11.76 -41.37 -30.26
C GLY B 95 -11.72 -40.54 -31.54
N GLY B 96 -12.33 -39.36 -31.47
CA GLY B 96 -12.40 -38.43 -32.61
C GLY B 96 -11.06 -37.82 -32.95
N ALA B 97 -11.11 -36.74 -33.73
CA ALA B 97 -9.92 -36.07 -34.25
C ALA B 97 -8.99 -35.53 -33.16
N PHE B 98 -9.56 -35.03 -32.08
CA PHE B 98 -8.73 -34.50 -31.00
C PHE B 98 -8.03 -35.63 -30.24
N ASN B 99 -8.66 -36.79 -30.14
CA ASN B 99 -8.09 -37.92 -29.39
C ASN B 99 -6.98 -38.61 -30.18
N ILE B 100 -7.21 -38.73 -31.48
CA ILE B 100 -6.23 -39.25 -32.40
C ILE B 100 -4.99 -38.37 -32.30
N ALA B 101 -5.20 -37.06 -32.24
CA ALA B 101 -4.11 -36.10 -32.10
C ALA B 101 -3.32 -36.38 -30.81
N ARG B 102 -4.03 -36.47 -29.68
CA ARG B 102 -3.39 -36.76 -28.41
C ARG B 102 -2.60 -38.07 -28.47
N THR B 103 -3.21 -39.07 -29.10
CA THR B 103 -2.59 -40.39 -29.31
C THR B 103 -1.27 -40.22 -30.00
N ILE B 104 -1.27 -39.56 -31.15
CA ILE B 104 -0.05 -39.45 -31.96
C ILE B 104 1.03 -38.78 -31.12
N ARG B 105 0.67 -37.69 -30.47
CA ARG B 105 1.63 -36.97 -29.67
C ARG B 105 2.20 -37.80 -28.54
N SER B 106 1.32 -38.51 -27.84
CA SER B 106 1.72 -39.37 -26.74
C SER B 106 2.71 -40.43 -27.17
N PHE B 107 2.45 -41.07 -28.29
CA PHE B 107 3.32 -42.15 -28.77
C PHE B 107 4.62 -41.67 -29.40
N ILE B 108 4.62 -40.46 -29.95
CA ILE B 108 5.90 -39.85 -30.34
C ILE B 108 6.77 -39.62 -29.10
N LYS B 109 6.21 -38.94 -28.10
CA LYS B 109 6.90 -38.68 -26.85
C LYS B 109 7.41 -39.95 -26.15
N ALA B 110 6.69 -41.06 -26.32
CA ALA B 110 7.08 -42.34 -25.72
C ALA B 110 8.28 -43.00 -26.43
N GLY B 111 8.69 -42.45 -27.57
CA GLY B 111 9.88 -42.89 -28.28
C GLY B 111 9.61 -44.01 -29.27
N VAL B 112 8.31 -44.24 -29.55
CA VAL B 112 7.78 -45.27 -30.47
C VAL B 112 8.03 -44.78 -31.86
N GLY B 113 8.48 -45.66 -32.76
CA GLY B 113 9.07 -45.24 -34.05
C GLY B 113 8.13 -45.21 -35.25
N ALA B 114 7.18 -46.15 -35.23
CA ALA B 114 6.14 -46.23 -36.23
C ALA B 114 4.85 -46.60 -35.50
N VAL B 115 3.70 -46.45 -36.14
CA VAL B 115 2.44 -46.65 -35.46
C VAL B 115 1.38 -47.03 -36.51
N HIS B 116 0.44 -47.89 -36.19
CA HIS B 116 -0.56 -48.18 -37.20
C HIS B 116 -1.98 -47.97 -36.75
N LEU B 117 -2.75 -47.26 -37.57
CA LEU B 117 -4.17 -46.91 -37.36
C LEU B 117 -5.02 -47.71 -38.30
N GLU B 118 -6.22 -48.17 -37.87
CA GLU B 118 -7.15 -48.97 -38.76
C GLU B 118 -8.55 -48.47 -39.04
N ASP B 119 -9.12 -48.95 -40.14
CA ASP B 119 -10.38 -48.38 -40.64
C ASP B 119 -11.56 -49.22 -40.20
N GLN B 120 -11.53 -49.63 -38.92
CA GLN B 120 -12.64 -50.29 -38.21
C GLN B 120 -13.54 -49.22 -37.68
N VAL B 121 -14.85 -49.52 -37.64
CA VAL B 121 -15.79 -48.69 -36.89
C VAL B 121 -15.19 -48.46 -35.50
N GLY B 122 -15.43 -47.28 -34.94
CA GLY B 122 -14.93 -46.95 -33.61
C GLY B 122 -15.95 -47.24 -32.56
N GLN B 123 -16.11 -46.33 -31.58
CA GLN B 123 -17.08 -46.45 -30.48
C GLN B 123 -18.49 -46.80 -31.04
N LYS B 124 -19.18 -47.74 -30.42
CA LYS B 124 -20.52 -48.09 -30.88
C LYS B 124 -21.55 -48.45 -29.80
N ARG B 125 -22.76 -47.91 -29.97
CA ARG B 125 -23.99 -48.42 -29.36
C ARG B 125 -23.86 -49.34 -28.14
N CYS B 126 -23.76 -48.79 -26.93
CA CYS B 126 -23.61 -49.57 -25.68
C CYS B 126 -23.71 -51.08 -25.86
N GLY B 127 -24.94 -51.60 -25.97
CA GLY B 127 -25.18 -53.03 -26.11
C GLY B 127 -24.65 -53.76 -27.34
N HIS B 128 -24.00 -53.07 -28.29
CA HIS B 128 -23.43 -53.75 -29.47
C HIS B 128 -22.73 -55.07 -29.10
N ARG B 129 -22.76 -56.04 -30.00
CA ARG B 129 -21.90 -57.22 -29.90
C ARG B 129 -20.65 -56.87 -30.74
N PRO B 130 -19.55 -57.61 -30.60
CA PRO B 130 -18.35 -57.01 -31.22
C PRO B 130 -17.96 -57.70 -32.53
N GLY B 131 -17.94 -56.94 -33.62
CA GLY B 131 -17.77 -57.51 -34.98
C GLY B 131 -16.60 -56.93 -35.77
N LYS B 132 -16.74 -56.89 -37.09
CA LYS B 132 -15.60 -56.56 -37.95
C LYS B 132 -15.86 -55.48 -39.03
N GLU B 133 -16.86 -54.61 -38.82
CA GLU B 133 -17.23 -53.51 -39.75
C GLU B 133 -16.10 -52.56 -40.14
N CYS B 134 -16.14 -52.02 -41.36
CA CYS B 134 -15.25 -50.90 -41.74
C CYS B 134 -15.93 -49.56 -41.69
N VAL B 135 -15.19 -48.50 -41.96
CA VAL B 135 -15.78 -47.14 -42.08
C VAL B 135 -15.69 -46.70 -43.52
N PRO B 136 -16.59 -45.81 -43.97
CA PRO B 136 -16.39 -45.37 -45.35
C PRO B 136 -15.00 -44.73 -45.50
N ALA B 137 -14.42 -44.86 -46.70
CA ALA B 137 -13.06 -44.40 -47.00
C ALA B 137 -12.80 -42.97 -46.60
N GLY B 138 -13.79 -42.11 -46.72
CA GLY B 138 -13.62 -40.71 -46.38
C GLY B 138 -13.58 -40.50 -44.88
N GLU B 139 -14.15 -41.45 -44.15
CA GLU B 139 -14.13 -41.44 -42.69
C GLU B 139 -12.76 -41.88 -42.16
N MET B 140 -12.14 -42.87 -42.78
CA MET B 140 -10.76 -43.18 -42.44
C MET B 140 -9.78 -42.09 -42.92
N VAL B 141 -10.09 -41.47 -44.06
CA VAL B 141 -9.23 -40.41 -44.61
C VAL B 141 -9.16 -39.27 -43.61
N ASP B 142 -10.28 -38.99 -42.93
CA ASP B 142 -10.32 -38.02 -41.86
C ASP B 142 -9.34 -38.39 -40.77
N ARG B 143 -9.40 -39.65 -40.34
CA ARG B 143 -8.55 -40.12 -39.23
C ARG B 143 -7.09 -39.88 -39.56
N ILE B 144 -6.68 -40.30 -40.74
CA ILE B 144 -5.30 -40.17 -41.14
C ILE B 144 -4.92 -38.70 -41.16
N LYS B 145 -5.80 -37.87 -41.70
CA LYS B 145 -5.53 -36.44 -41.79
C LYS B 145 -5.23 -35.84 -40.43
N ALA B 146 -6.04 -36.22 -39.44
CA ALA B 146 -5.85 -35.77 -38.05
C ALA B 146 -4.49 -36.21 -37.53
N ALA B 147 -4.15 -37.47 -37.79
CA ALA B 147 -2.89 -38.05 -37.36
C ALA B 147 -1.67 -37.35 -37.97
N VAL B 148 -1.70 -37.16 -39.29
CA VAL B 148 -0.60 -36.55 -40.03
C VAL B 148 -0.36 -35.09 -39.59
N ASP B 149 -1.44 -34.38 -39.32
CA ASP B 149 -1.27 -33.01 -38.91
C ASP B 149 -0.75 -32.92 -37.48
N ALA B 150 -1.18 -33.83 -36.62
CA ALA B 150 -0.71 -33.88 -35.23
C ALA B 150 0.77 -34.27 -35.11
N ARG B 151 1.28 -34.97 -36.13
CA ARG B 151 2.67 -35.43 -36.18
C ARG B 151 3.63 -34.26 -36.20
N THR B 152 4.55 -34.22 -35.24
CA THR B 152 5.51 -33.10 -35.09
C THR B 152 6.87 -33.36 -35.76
N ASP B 153 7.13 -34.61 -36.14
CA ASP B 153 8.41 -35.01 -36.72
C ASP B 153 8.14 -36.01 -37.84
N GLU B 154 8.38 -35.61 -39.08
CA GLU B 154 8.06 -36.42 -40.28
C GLU B 154 8.67 -37.82 -40.36
N THR B 155 9.80 -38.04 -39.72
CA THR B 155 10.38 -39.39 -39.67
C THR B 155 9.48 -40.43 -38.99
N PHE B 156 8.60 -39.98 -38.09
CA PHE B 156 7.64 -40.87 -37.44
C PHE B 156 6.65 -41.44 -38.45
N VAL B 157 6.52 -42.76 -38.45
CA VAL B 157 5.76 -43.47 -39.48
C VAL B 157 4.32 -43.70 -39.10
N ILE B 158 3.41 -43.20 -39.93
CA ILE B 158 1.99 -43.42 -39.76
C ILE B 158 1.52 -44.44 -40.78
N MET B 159 1.12 -45.61 -40.31
CA MET B 159 0.77 -46.72 -41.19
C MET B 159 -0.73 -47.02 -41.14
N ALA B 160 -1.36 -47.15 -42.29
CA ALA B 160 -2.81 -47.39 -42.36
C ALA B 160 -3.12 -48.88 -42.54
N ARG B 161 -3.98 -49.41 -41.69
CA ARG B 161 -4.37 -50.82 -41.74
C ARG B 161 -5.81 -51.01 -42.21
N THR B 162 -6.06 -51.92 -43.14
CA THR B 162 -7.40 -52.10 -43.66
C THR B 162 -7.89 -53.55 -43.66
N ASP B 163 -9.10 -53.77 -43.16
CA ASP B 163 -9.70 -55.11 -43.27
C ASP B 163 -10.83 -55.17 -44.29
N ALA B 164 -10.82 -54.24 -45.23
CA ALA B 164 -11.87 -54.16 -46.22
C ALA B 164 -11.89 -55.39 -47.09
N ALA B 165 -10.71 -55.87 -47.49
CA ALA B 165 -10.59 -57.04 -48.39
C ALA B 165 -11.59 -58.16 -48.10
N ALA B 166 -11.72 -58.54 -46.82
CA ALA B 166 -12.63 -59.64 -46.36
C ALA B 166 -14.08 -59.51 -46.82
N ALA B 167 -14.64 -58.31 -46.69
CA ALA B 167 -16.06 -58.08 -46.96
C ALA B 167 -16.38 -57.43 -48.30
N GLU B 168 -15.46 -56.65 -48.85
CA GLU B 168 -15.72 -55.86 -50.04
C GLU B 168 -14.86 -56.27 -51.24
N GLY B 169 -14.05 -57.31 -51.08
CA GLY B 169 -13.18 -57.75 -52.16
C GLY B 169 -11.92 -56.90 -52.31
N ILE B 170 -10.87 -57.53 -52.81
CA ILE B 170 -9.53 -56.94 -52.84
C ILE B 170 -9.38 -55.62 -53.63
N ASP B 171 -10.21 -55.41 -54.63
CA ASP B 171 -10.14 -54.17 -55.41
C ASP B 171 -10.63 -52.97 -54.61
N ALA B 172 -11.75 -53.14 -53.90
CA ALA B 172 -12.26 -52.10 -53.00
C ALA B 172 -11.17 -51.66 -52.02
N ALA B 173 -10.46 -52.65 -51.46
CA ALA B 173 -9.37 -52.46 -50.52
C ALA B 173 -8.23 -51.67 -51.11
N ILE B 174 -7.85 -52.02 -52.34
CA ILE B 174 -6.77 -51.30 -53.04
C ILE B 174 -7.16 -49.85 -53.25
N GLU B 175 -8.41 -49.62 -53.61
CA GLU B 175 -8.86 -48.27 -53.90
C GLU B 175 -8.90 -47.41 -52.62
N ARG B 176 -9.38 -47.96 -51.48
CA ARG B 176 -9.26 -47.29 -50.17
C ARG B 176 -7.80 -46.95 -49.86
N ALA B 177 -6.92 -47.94 -49.99
CA ALA B 177 -5.47 -47.78 -49.75
C ALA B 177 -4.82 -46.63 -50.49
N ILE B 178 -5.21 -46.41 -51.74
CA ILE B 178 -4.66 -45.28 -52.51
C ILE B 178 -5.12 -43.94 -51.92
N ALA B 179 -6.36 -43.92 -51.43
CA ALA B 179 -6.92 -42.75 -50.79
C ALA B 179 -6.22 -42.48 -49.47
N TYR B 180 -5.76 -43.54 -48.82
CA TYR B 180 -5.09 -43.42 -47.54
C TYR B 180 -3.69 -42.86 -47.70
N VAL B 181 -2.97 -43.31 -48.72
CA VAL B 181 -1.67 -42.67 -49.07
C VAL B 181 -1.87 -41.22 -49.46
N GLU B 182 -2.98 -40.95 -50.17
CA GLU B 182 -3.39 -39.59 -50.50
C GLU B 182 -3.46 -38.74 -49.25
N ALA B 183 -4.12 -39.26 -48.23
CA ALA B 183 -4.33 -38.52 -46.99
C ALA B 183 -3.06 -38.40 -46.15
N GLY B 184 -2.00 -39.10 -46.54
CA GLY B 184 -0.68 -38.91 -45.92
C GLY B 184 -0.05 -40.12 -45.25
N ALA B 185 -0.75 -41.25 -45.26
CA ALA B 185 -0.20 -42.49 -44.69
C ALA B 185 1.09 -42.93 -45.41
N ASP B 186 2.08 -43.34 -44.63
CA ASP B 186 3.40 -43.64 -45.13
C ASP B 186 3.55 -45.06 -45.64
N MET B 187 2.78 -45.99 -45.06
CA MET B 187 2.87 -47.43 -45.36
C MET B 187 1.51 -48.07 -45.18
N ILE B 188 1.30 -49.24 -45.78
CA ILE B 188 -0.03 -49.85 -45.75
C ILE B 188 0.03 -51.29 -45.24
N PHE B 189 -0.97 -51.65 -44.43
CA PHE B 189 -1.11 -52.94 -43.75
C PHE B 189 -2.43 -53.54 -44.23
N PRO B 190 -2.40 -54.35 -45.30
CA PRO B 190 -3.60 -55.03 -45.79
C PRO B 190 -3.88 -56.35 -45.07
N GLU B 191 -4.97 -56.38 -44.31
CA GLU B 191 -5.31 -57.56 -43.54
C GLU B 191 -5.79 -58.71 -44.40
N ALA B 192 -5.44 -59.93 -43.94
CA ALA B 192 -5.97 -61.20 -44.47
C ALA B 192 -5.93 -61.29 -45.99
N MET B 193 -4.73 -61.48 -46.54
CA MET B 193 -4.60 -61.81 -47.95
C MET B 193 -4.37 -63.31 -48.06
N LYS B 194 -4.97 -63.91 -49.09
CA LYS B 194 -4.97 -65.38 -49.22
C LYS B 194 -3.82 -65.94 -50.07
N THR B 195 -3.40 -65.16 -51.08
CA THR B 195 -2.37 -65.60 -52.03
C THR B 195 -1.19 -64.64 -52.09
N LEU B 196 -0.03 -65.15 -52.51
CA LEU B 196 1.12 -64.31 -52.85
C LEU B 196 0.81 -63.23 -53.90
N ASP B 197 -0.16 -63.50 -54.77
CA ASP B 197 -0.52 -62.58 -55.84
C ASP B 197 -1.25 -61.36 -55.30
N ASP B 198 -2.13 -61.60 -54.34
CA ASP B 198 -2.83 -60.51 -53.68
C ASP B 198 -1.84 -59.43 -53.24
N TYR B 199 -0.77 -59.84 -52.55
CA TYR B 199 0.28 -58.91 -52.13
C TYR B 199 0.96 -58.19 -53.29
N ARG B 200 1.33 -58.95 -54.33
CA ARG B 200 2.03 -58.41 -55.50
C ARG B 200 1.26 -57.27 -56.13
N ARG B 201 -0.03 -57.49 -56.34
CA ARG B 201 -0.92 -56.53 -56.99
C ARG B 201 -1.07 -55.32 -56.12
N PHE B 202 -1.24 -55.55 -54.83
CA PHE B 202 -1.42 -54.48 -53.86
C PHE B 202 -0.22 -53.53 -53.85
N LYS B 203 1.00 -54.10 -53.80
CA LYS B 203 2.24 -53.33 -53.78
C LYS B 203 2.37 -52.48 -55.04
N GLU B 204 2.01 -53.08 -56.17
CA GLU B 204 2.11 -52.37 -57.44
C GLU B 204 1.13 -51.19 -57.57
N ALA B 205 -0.07 -51.38 -57.01
CA ALA B 205 -1.09 -50.35 -57.03
C ALA B 205 -0.80 -49.20 -56.08
N VAL B 206 -0.40 -49.49 -54.84
CA VAL B 206 -0.26 -48.43 -53.83
C VAL B 206 1.13 -47.81 -53.76
N LYS B 207 2.11 -48.52 -54.32
CA LYS B 207 3.47 -48.00 -54.56
C LYS B 207 4.24 -47.53 -53.29
N VAL B 208 3.68 -47.75 -52.09
CA VAL B 208 4.43 -47.50 -50.84
C VAL B 208 4.75 -48.82 -50.16
N PRO B 209 5.62 -48.82 -49.15
CA PRO B 209 5.91 -50.05 -48.41
C PRO B 209 4.68 -50.77 -47.85
N ILE B 210 4.70 -52.09 -47.91
CA ILE B 210 3.56 -52.94 -47.52
C ILE B 210 3.96 -53.92 -46.43
N LEU B 211 3.02 -54.22 -45.53
CA LEU B 211 3.26 -55.18 -44.45
C LEU B 211 2.42 -56.45 -44.58
N ALA B 212 3.05 -57.59 -44.32
CA ALA B 212 2.38 -58.88 -44.35
C ALA B 212 2.25 -59.41 -42.94
N ASN B 213 1.03 -59.59 -42.47
CA ASN B 213 0.82 -60.08 -41.12
C ASN B 213 0.82 -61.60 -41.00
N LEU B 214 1.96 -62.17 -40.66
CA LEU B 214 2.11 -63.62 -40.58
C LEU B 214 1.58 -64.14 -39.24
N THR B 215 0.28 -64.40 -39.20
CA THR B 215 -0.35 -64.78 -37.97
C THR B 215 -0.68 -66.27 -37.98
N GLU B 216 -0.41 -66.94 -36.85
CA GLU B 216 -0.71 -68.37 -36.70
C GLU B 216 -2.17 -68.62 -36.29
N PHE B 217 -2.68 -69.79 -36.70
CA PHE B 217 -4.09 -70.20 -36.48
C PHE B 217 -5.12 -69.29 -37.14
N GLY B 218 -4.70 -68.51 -38.13
CA GLY B 218 -5.61 -67.65 -38.88
C GLY B 218 -6.00 -68.28 -40.19
N SER B 219 -6.39 -67.44 -41.15
CA SER B 219 -6.69 -67.85 -42.53
C SER B 219 -5.42 -67.83 -43.39
N THR B 220 -4.70 -66.71 -43.32
CA THR B 220 -3.42 -66.52 -44.02
C THR B 220 -2.43 -67.71 -43.81
N PRO B 221 -1.88 -68.26 -44.91
CA PRO B 221 -0.79 -69.24 -44.79
C PRO B 221 0.43 -68.57 -44.17
N LEU B 222 1.30 -69.35 -43.54
CA LEU B 222 2.54 -68.79 -42.99
C LEU B 222 3.65 -68.71 -44.05
N PHE B 223 3.61 -67.67 -44.89
CA PHE B 223 4.58 -67.49 -45.99
C PHE B 223 6.03 -67.30 -45.53
N THR B 224 6.96 -67.81 -46.33
CA THR B 224 8.40 -67.71 -46.02
C THR B 224 8.99 -66.35 -46.48
N LEU B 225 10.10 -65.94 -45.86
CA LEU B 225 10.76 -64.70 -46.23
C LEU B 225 10.97 -64.59 -47.75
N ASP B 226 11.35 -65.70 -48.39
CA ASP B 226 11.59 -65.70 -49.81
C ASP B 226 10.32 -65.52 -50.60
N GLU B 227 9.27 -66.28 -50.24
CA GLU B 227 7.93 -66.14 -50.84
C GLU B 227 7.60 -64.64 -50.93
N LEU B 228 7.72 -63.99 -49.77
CA LEU B 228 7.38 -62.60 -49.60
C LEU B 228 8.30 -61.69 -50.39
N LYS B 229 9.60 -61.98 -50.40
CA LYS B 229 10.52 -61.14 -51.14
C LYS B 229 10.13 -61.15 -52.61
N GLY B 230 9.74 -62.33 -53.10
CA GLY B 230 9.33 -62.52 -54.49
C GLY B 230 8.04 -61.78 -54.79
N ALA B 231 7.24 -61.58 -53.75
CA ALA B 231 5.96 -60.90 -53.88
C ALA B 231 6.09 -59.38 -53.77
N ASN B 232 7.32 -58.89 -53.56
CA ASN B 232 7.60 -57.46 -53.34
C ASN B 232 7.14 -56.81 -52.01
N VAL B 233 6.83 -57.64 -51.01
CA VAL B 233 6.48 -57.20 -49.66
C VAL B 233 7.70 -56.62 -48.90
N ASP B 234 7.46 -55.52 -48.17
CA ASP B 234 8.52 -54.80 -47.45
C ASP B 234 8.71 -55.23 -46.00
N ILE B 235 7.64 -55.70 -45.36
CA ILE B 235 7.67 -56.00 -43.94
C ILE B 235 6.98 -57.32 -43.63
N ALA B 236 7.71 -58.19 -42.97
CA ALA B 236 7.11 -59.42 -42.47
C ALA B 236 6.90 -59.27 -40.97
N LEU B 237 5.64 -59.43 -40.54
CA LEU B 237 5.25 -59.22 -39.15
C LEU B 237 4.84 -60.48 -38.42
N TYR B 238 5.63 -60.90 -37.44
CA TYR B 238 5.27 -62.03 -36.59
C TYR B 238 4.81 -61.46 -35.30
N CYS B 239 3.52 -61.18 -35.24
CA CYS B 239 2.93 -60.42 -34.13
C CYS B 239 2.67 -61.14 -32.80
N CYS B 240 2.47 -62.44 -32.85
CA CYS B 240 1.96 -63.12 -31.66
C CYS B 240 2.70 -64.38 -31.23
N GLY B 241 3.49 -64.93 -32.15
CA GLY B 241 4.16 -66.20 -31.90
C GLY B 241 4.78 -66.22 -30.52
N ALA B 242 5.67 -65.28 -30.26
CA ALA B 242 6.37 -65.20 -29.00
C ALA B 242 5.46 -65.47 -27.82
N TYR B 243 4.38 -64.70 -27.67
CA TYR B 243 3.57 -64.86 -26.45
C TYR B 243 2.76 -66.13 -26.36
N ARG B 244 2.35 -66.68 -27.49
CA ARG B 244 1.66 -67.96 -27.51
C ARG B 244 2.61 -69.05 -27.02
N ALA B 245 3.86 -69.00 -27.49
CA ALA B 245 4.90 -69.93 -27.08
C ALA B 245 5.15 -69.80 -25.59
N MET B 246 5.31 -68.56 -25.11
CA MET B 246 5.57 -68.37 -23.68
C MET B 246 4.38 -68.76 -22.79
N ASN B 247 3.17 -68.47 -23.23
CA ASN B 247 1.98 -68.88 -22.46
C ASN B 247 1.77 -70.40 -22.27
N LYS B 248 2.08 -71.19 -23.31
CA LYS B 248 2.06 -72.65 -23.23
C LYS B 248 3.09 -73.14 -22.21
N ALA B 249 4.33 -72.65 -22.35
CA ALA B 249 5.40 -72.93 -21.38
C ALA B 249 4.99 -72.65 -19.92
N ALA B 250 4.29 -71.53 -19.71
CA ALA B 250 3.87 -71.18 -18.37
C ALA B 250 2.75 -72.09 -17.85
N LEU B 251 1.74 -72.39 -18.68
CA LEU B 251 0.68 -73.34 -18.29
C LEU B 251 1.29 -74.69 -17.94
N ASN B 252 2.23 -75.15 -18.77
CA ASN B 252 2.90 -76.40 -18.50
C ASN B 252 3.53 -76.42 -17.10
N PHE B 253 4.25 -75.34 -16.75
CA PHE B 253 4.86 -75.21 -15.44
C PHE B 253 3.83 -75.36 -14.35
N TYR B 254 2.76 -74.59 -14.44
CA TYR B 254 1.71 -74.61 -13.44
C TYR B 254 1.09 -76.01 -13.30
N GLU B 255 0.80 -76.67 -14.42
CA GLU B 255 0.22 -78.02 -14.34
C GLU B 255 1.14 -79.03 -13.70
N THR B 256 2.42 -79.01 -14.05
CA THR B 256 3.35 -79.98 -13.50
C THR B 256 3.61 -79.74 -11.99
N VAL B 257 3.49 -78.49 -11.54
CA VAL B 257 3.65 -78.19 -10.13
C VAL B 257 2.44 -78.69 -9.34
N ARG B 258 1.26 -78.55 -9.91
CA ARG B 258 0.06 -78.95 -9.22
C ARG B 258 -0.08 -80.48 -9.20
N ARG B 259 0.44 -81.13 -10.24
CA ARG B 259 0.34 -82.59 -10.36
C ARG B 259 1.40 -83.28 -9.53
N ASP B 260 2.65 -82.87 -9.68
CA ASP B 260 3.81 -83.53 -9.09
C ASP B 260 4.14 -83.14 -7.64
N GLY B 261 3.64 -82.01 -7.17
CA GLY B 261 4.03 -81.50 -5.85
C GLY B 261 5.45 -80.92 -5.83
N THR B 262 6.02 -80.74 -7.01
CA THR B 262 7.33 -80.13 -7.17
C THR B 262 7.49 -79.73 -8.64
N GLN B 263 8.38 -78.80 -8.95
CA GLN B 263 8.56 -78.37 -10.31
C GLN B 263 9.73 -79.08 -10.98
N LYS B 264 10.31 -80.05 -10.29
CA LYS B 264 11.51 -80.73 -10.78
C LYS B 264 11.43 -81.09 -12.26
N ALA B 265 10.32 -81.72 -12.67
CA ALA B 265 10.14 -82.17 -14.04
C ALA B 265 10.15 -81.03 -15.09
N ALA B 266 9.90 -79.80 -14.67
CA ALA B 266 9.84 -78.72 -15.63
C ALA B 266 11.13 -77.89 -15.80
N VAL B 267 12.17 -78.14 -15.00
CA VAL B 267 13.39 -77.31 -15.03
C VAL B 267 14.18 -77.41 -16.34
N PRO B 268 14.03 -78.53 -17.09
CA PRO B 268 14.69 -78.57 -18.41
C PRO B 268 14.07 -77.62 -19.45
N THR B 269 12.88 -77.09 -19.17
CA THR B 269 12.20 -76.11 -20.03
C THR B 269 12.41 -74.65 -19.60
N MET B 270 13.33 -74.41 -18.66
CA MET B 270 13.62 -73.08 -18.13
C MET B 270 14.87 -72.39 -18.70
N GLN B 271 14.87 -71.06 -18.63
CA GLN B 271 16.08 -70.30 -18.86
C GLN B 271 16.96 -70.24 -17.57
N THR B 272 18.27 -70.31 -17.74
CA THR B 272 19.18 -70.35 -16.61
C THR B 272 19.46 -68.93 -16.13
N ARG B 273 19.89 -68.79 -14.88
CA ARG B 273 20.22 -67.47 -14.36
C ARG B 273 21.27 -66.72 -15.20
N ALA B 274 22.35 -67.40 -15.57
CA ALA B 274 23.40 -66.74 -16.35
C ALA B 274 22.91 -66.19 -17.71
N GLN B 275 21.94 -66.88 -18.31
CA GLN B 275 21.35 -66.46 -19.57
C GLN B 275 20.52 -65.21 -19.38
N LEU B 276 19.84 -65.11 -18.23
CA LEU B 276 19.11 -63.89 -17.92
C LEU B 276 20.11 -62.71 -17.79
N TYR B 277 21.12 -62.87 -16.94
CA TYR B 277 22.09 -61.79 -16.72
C TYR B 277 22.69 -61.32 -18.03
N ASP B 278 23.07 -62.27 -18.86
CA ASP B 278 23.59 -61.99 -20.17
C ASP B 278 22.62 -61.14 -21.00
N TYR B 279 21.36 -61.52 -21.03
CA TYR B 279 20.40 -60.78 -21.83
C TYR B 279 20.00 -59.45 -21.21
N LEU B 280 19.79 -59.47 -19.89
CA LEU B 280 19.62 -58.26 -19.08
C LEU B 280 20.72 -57.20 -19.21
N GLY B 281 21.83 -57.53 -19.88
CA GLY B 281 23.05 -56.72 -19.85
C GLY B 281 23.53 -56.41 -18.43
N TYR B 282 23.45 -57.38 -17.53
CA TYR B 282 23.72 -57.19 -16.11
C TYR B 282 25.16 -56.87 -15.79
N TYR B 283 26.07 -57.47 -16.53
CA TYR B 283 27.51 -57.27 -16.29
C TYR B 283 27.91 -55.82 -16.63
N ALA B 284 27.19 -55.17 -17.54
CA ALA B 284 27.42 -53.76 -17.87
C ALA B 284 27.25 -52.77 -16.70
N TYR B 285 26.44 -53.13 -15.69
CA TYR B 285 26.23 -52.24 -14.53
C TYR B 285 27.44 -52.14 -13.60
N GLU B 286 27.91 -53.30 -13.15
CA GLU B 286 29.14 -53.41 -12.40
C GLU B 286 30.26 -52.66 -13.13
N GLU B 287 30.16 -52.69 -14.47
CA GLU B 287 31.08 -52.01 -15.36
C GLU B 287 30.92 -50.50 -15.29
N LYS B 288 29.70 -50.01 -15.51
CA LYS B 288 29.43 -48.58 -15.46
C LYS B 288 29.89 -47.99 -14.11
N LEU B 289 29.71 -48.78 -13.04
CA LEU B 289 30.06 -48.35 -11.70
C LEU B 289 31.54 -48.15 -11.52
N ASP B 290 32.33 -49.07 -12.08
CA ASP B 290 33.79 -48.88 -12.22
C ASP B 290 34.17 -47.61 -13.00
N GLN B 291 33.90 -47.59 -14.31
CA GLN B 291 34.21 -46.46 -15.21
C GLN B 291 34.00 -45.04 -14.64
N LEU B 292 33.01 -44.86 -13.74
CA LEU B 292 32.71 -43.54 -13.13
C LEU B 292 33.51 -43.21 -11.86
N PHE B 293 33.84 -44.25 -11.10
CA PHE B 293 34.33 -44.07 -9.73
C PHE B 293 35.66 -44.79 -9.40
N ILE C 8 -16.59 -49.38 6.82
CA ILE C 8 -17.68 -48.62 6.14
C ILE C 8 -17.25 -48.16 4.73
N SER C 9 -17.98 -48.62 3.71
CA SER C 9 -17.66 -48.25 2.34
C SER C 9 -17.89 -46.76 2.11
N ALA C 10 -17.22 -46.19 1.10
CA ALA C 10 -17.43 -44.78 0.73
C ALA C 10 -18.81 -44.60 0.11
N GLY C 11 -19.39 -45.67 -0.41
CA GLY C 11 -20.75 -45.64 -0.86
C GLY C 11 -21.68 -45.39 0.31
N ALA C 12 -21.47 -46.17 1.37
CA ALA C 12 -22.22 -46.06 2.61
C ALA C 12 -22.03 -44.69 3.25
N LYS C 13 -20.81 -44.18 3.27
CA LYS C 13 -20.53 -42.84 3.79
C LYS C 13 -21.36 -41.77 3.05
N PHE C 14 -21.46 -41.92 1.73
CA PHE C 14 -22.19 -40.96 0.90
C PHE C 14 -23.67 -41.02 1.17
N ARG C 15 -24.25 -42.22 1.15
CA ARG C 15 -25.67 -42.40 1.49
C ARG C 15 -25.99 -41.85 2.90
N ALA C 16 -25.10 -42.09 3.86
CA ALA C 16 -25.24 -41.56 5.22
C ALA C 16 -25.30 -40.04 5.24
N ALA C 17 -24.38 -39.44 4.49
CA ALA C 17 -24.27 -38.01 4.42
C ALA C 17 -25.51 -37.35 3.81
N VAL C 18 -26.15 -38.00 2.83
CA VAL C 18 -27.40 -37.47 2.24
C VAL C 18 -28.56 -37.55 3.24
N ALA C 19 -28.60 -38.61 4.03
CA ALA C 19 -29.62 -38.80 5.04
C ALA C 19 -29.44 -37.81 6.18
N ALA C 20 -28.20 -37.39 6.44
CA ALA C 20 -27.92 -36.60 7.62
C ALA C 20 -27.95 -35.08 7.43
N GLU C 21 -27.98 -34.62 6.18
CA GLU C 21 -27.91 -33.19 5.90
C GLU C 21 -28.73 -32.89 4.66
N GLN C 22 -29.80 -32.11 4.82
CA GLN C 22 -30.74 -31.93 3.72
C GLN C 22 -31.17 -30.50 3.51
N PRO C 23 -30.85 -29.97 2.33
CA PRO C 23 -30.06 -30.68 1.31
C PRO C 23 -28.59 -30.78 1.71
N LEU C 24 -27.87 -31.75 1.13
CA LEU C 24 -26.45 -31.92 1.41
C LEU C 24 -25.60 -31.07 0.47
N GLN C 25 -24.75 -30.26 1.08
CA GLN C 25 -23.84 -29.46 0.32
C GLN C 25 -22.65 -30.32 -0.05
N VAL C 26 -22.30 -30.36 -1.35
CA VAL C 26 -21.09 -31.04 -1.84
C VAL C 26 -20.28 -30.17 -2.80
N VAL C 27 -19.01 -29.98 -2.49
CA VAL C 27 -18.19 -29.02 -3.23
C VAL C 27 -17.06 -29.66 -4.02
N GLY C 28 -16.77 -29.08 -5.17
CA GLY C 28 -15.79 -29.64 -6.05
C GLY C 28 -14.40 -29.28 -5.57
N ALA C 29 -13.47 -30.18 -5.80
CA ALA C 29 -12.05 -29.91 -5.56
C ALA C 29 -11.21 -30.39 -6.73
N ILE C 30 -10.29 -29.55 -7.20
CA ILE C 30 -9.43 -29.96 -8.30
C ILE C 30 -8.12 -30.63 -7.87
N THR C 31 -7.77 -30.50 -6.60
CA THR C 31 -6.56 -31.13 -6.08
C THR C 31 -6.87 -31.86 -4.78
N ALA C 32 -5.97 -32.75 -4.40
CA ALA C 32 -6.07 -33.43 -3.12
C ALA C 32 -6.12 -32.46 -1.94
N TYR C 33 -5.26 -31.45 -1.97
CA TYR C 33 -5.20 -30.45 -0.91
C TYR C 33 -6.51 -29.68 -0.79
N ALA C 34 -7.08 -29.29 -1.93
CA ALA C 34 -8.35 -28.58 -1.91
C ALA C 34 -9.36 -29.43 -1.14
N ALA C 35 -9.35 -30.74 -1.37
CA ALA C 35 -10.30 -31.61 -0.73
C ALA C 35 -10.08 -31.61 0.77
N LYS C 36 -8.81 -31.60 1.19
CA LYS C 36 -8.46 -31.59 2.60
C LYS C 36 -9.06 -30.35 3.28
N MET C 37 -8.92 -29.20 2.60
CA MET C 37 -9.49 -27.94 3.09
C MET C 37 -11.00 -28.05 3.20
N ALA C 38 -11.65 -28.49 2.13
CA ALA C 38 -13.08 -28.71 2.15
C ALA C 38 -13.49 -29.49 3.41
N GLU C 39 -12.73 -30.54 3.75
CA GLU C 39 -13.06 -31.37 4.91
C GLU C 39 -12.88 -30.60 6.22
N ALA C 40 -11.81 -29.83 6.31
CA ALA C 40 -11.54 -29.02 7.49
C ALA C 40 -12.65 -28.02 7.75
N VAL C 41 -13.15 -27.42 6.66
CA VAL C 41 -14.22 -26.43 6.74
C VAL C 41 -15.54 -27.06 7.20
N GLY C 42 -15.65 -28.38 7.13
CA GLY C 42 -16.80 -29.09 7.66
C GLY C 42 -17.81 -29.73 6.71
N PHE C 43 -17.54 -29.68 5.40
CA PHE C 43 -18.34 -30.41 4.41
C PHE C 43 -18.32 -31.93 4.61
N LYS C 44 -19.42 -32.59 4.23
CA LYS C 44 -19.54 -34.04 4.37
C LYS C 44 -19.24 -34.85 3.08
N ALA C 45 -19.07 -34.16 1.94
CA ALA C 45 -18.77 -34.79 0.66
C ALA C 45 -18.04 -33.85 -0.29
N VAL C 46 -17.25 -34.42 -1.19
CA VAL C 46 -16.58 -33.63 -2.23
C VAL C 46 -16.84 -34.17 -3.63
N TYR C 47 -16.51 -33.36 -4.63
CA TYR C 47 -16.82 -33.67 -6.02
C TYR C 47 -15.63 -33.52 -6.97
N LEU C 48 -15.51 -34.44 -7.90
CA LEU C 48 -14.51 -34.40 -8.92
C LEU C 48 -15.19 -34.13 -10.23
N SER C 49 -15.00 -32.91 -10.74
CA SER C 49 -15.59 -32.44 -11.98
C SER C 49 -14.84 -32.92 -13.20
N GLY C 50 -15.56 -33.45 -14.19
CA GLY C 50 -14.94 -33.94 -15.42
C GLY C 50 -14.24 -32.86 -16.21
N GLY C 51 -14.94 -31.75 -16.42
CA GLY C 51 -14.39 -30.58 -17.09
C GLY C 51 -13.27 -29.97 -16.28
N GLY C 52 -13.38 -30.14 -14.95
CA GLY C 52 -12.36 -29.72 -13.99
C GLY C 52 -11.04 -30.42 -14.19
N VAL C 53 -11.11 -31.74 -14.38
CA VAL C 53 -9.91 -32.51 -14.66
C VAL C 53 -9.29 -32.06 -15.97
N ALA C 54 -10.12 -31.84 -16.97
CA ALA C 54 -9.64 -31.53 -18.32
C ALA C 54 -8.92 -30.20 -18.37
N ALA C 55 -9.59 -29.16 -17.87
CA ALA C 55 -9.07 -27.80 -17.92
C ALA C 55 -7.81 -27.62 -17.06
N ASN C 56 -7.91 -28.02 -15.79
CA ASN C 56 -6.86 -27.81 -14.78
C ASN C 56 -5.70 -28.77 -14.85
N SER C 57 -5.99 -30.07 -14.81
CA SER C 57 -4.92 -31.07 -14.80
C SER C 57 -4.29 -31.26 -16.15
N LEU C 58 -5.07 -31.11 -17.21
CA LEU C 58 -4.60 -31.44 -18.54
C LEU C 58 -4.31 -30.23 -19.42
N GLY C 59 -4.99 -29.11 -19.18
CA GLY C 59 -4.79 -27.90 -19.98
C GLY C 59 -5.51 -27.90 -21.31
N ILE C 60 -6.68 -28.55 -21.33
CA ILE C 60 -7.44 -28.69 -22.54
C ILE C 60 -8.94 -28.62 -22.27
N PRO C 61 -9.70 -28.14 -23.28
CA PRO C 61 -11.14 -27.91 -23.18
C PRO C 61 -11.93 -29.18 -22.87
N ASP C 62 -13.13 -29.03 -22.31
CA ASP C 62 -14.01 -30.20 -22.05
C ASP C 62 -14.70 -30.65 -23.34
N LEU C 63 -13.93 -31.26 -24.24
CA LEU C 63 -14.44 -31.74 -25.53
C LEU C 63 -14.40 -33.27 -25.63
N GLY C 64 -14.60 -33.95 -24.50
CA GLY C 64 -14.43 -35.41 -24.42
C GLY C 64 -13.06 -35.95 -24.81
N ILE C 65 -11.99 -35.21 -24.51
CA ILE C 65 -10.63 -35.67 -24.79
C ILE C 65 -10.12 -36.45 -23.58
N SER C 66 -10.44 -35.93 -22.41
CA SER C 66 -10.25 -36.55 -21.13
C SER C 66 -10.52 -38.07 -21.16
N THR C 67 -9.56 -38.91 -20.75
CA THR C 67 -9.76 -40.38 -20.69
C THR C 67 -10.09 -40.86 -19.29
N MET C 68 -10.54 -42.10 -19.19
CA MET C 68 -10.83 -42.71 -17.89
C MET C 68 -9.65 -42.68 -16.93
N ASP C 69 -8.44 -42.86 -17.47
CA ASP C 69 -7.23 -42.83 -16.66
C ASP C 69 -6.89 -41.46 -16.15
N ASP C 70 -7.19 -40.44 -16.95
CA ASP C 70 -6.93 -39.09 -16.51
C ASP C 70 -7.71 -38.86 -15.24
N VAL C 71 -8.98 -39.16 -15.27
CA VAL C 71 -9.85 -39.00 -14.12
C VAL C 71 -9.46 -39.92 -12.97
N LEU C 72 -9.04 -41.14 -13.31
CA LEU C 72 -8.51 -42.10 -12.35
C LEU C 72 -7.39 -41.55 -11.45
N VAL C 73 -6.36 -40.95 -12.05
CA VAL C 73 -5.23 -40.54 -11.23
C VAL C 73 -5.64 -39.44 -10.28
N ASP C 74 -6.51 -38.54 -10.71
CA ASP C 74 -6.99 -37.48 -9.82
C ASP C 74 -7.86 -38.04 -8.72
N ALA C 75 -8.73 -38.96 -9.10
CA ALA C 75 -9.64 -39.60 -8.16
C ALA C 75 -8.89 -40.33 -7.05
N ASN C 76 -7.80 -40.99 -7.43
CA ASN C 76 -6.95 -41.71 -6.48
C ASN C 76 -6.24 -40.78 -5.49
N ARG C 77 -5.67 -39.71 -6.03
CA ARG C 77 -4.98 -38.72 -5.23
C ARG C 77 -5.90 -38.13 -4.16
N ILE C 78 -7.11 -37.75 -4.56
CA ILE C 78 -8.10 -37.25 -3.63
C ILE C 78 -8.56 -38.25 -2.59
N THR C 79 -9.00 -39.46 -2.95
CA THR C 79 -9.51 -40.38 -1.89
C THR C 79 -8.44 -40.85 -0.93
N ASN C 80 -7.17 -40.78 -1.35
CA ASN C 80 -6.05 -41.01 -0.44
C ASN C 80 -5.85 -39.93 0.59
N ALA C 81 -6.25 -38.70 0.25
CA ALA C 81 -5.92 -37.54 1.07
C ALA C 81 -7.06 -37.05 2.00
N THR C 82 -8.29 -37.41 1.69
CA THR C 82 -9.43 -37.13 2.56
C THR C 82 -10.21 -38.40 2.84
N ASN C 83 -10.96 -38.44 3.94
CA ASN C 83 -11.85 -39.58 4.19
C ASN C 83 -13.36 -39.29 3.98
N LEU C 84 -13.64 -38.16 3.33
CA LEU C 84 -14.99 -37.82 2.93
C LEU C 84 -15.30 -38.59 1.66
N PRO C 85 -16.57 -38.98 1.47
CA PRO C 85 -16.91 -39.71 0.26
C PRO C 85 -16.83 -38.77 -0.94
N LEU C 86 -16.31 -39.26 -2.04
CA LEU C 86 -16.15 -38.43 -3.25
C LEU C 86 -17.07 -38.87 -4.37
N LEU C 87 -17.66 -37.89 -5.05
CA LEU C 87 -18.50 -38.12 -6.22
C LEU C 87 -17.74 -37.74 -7.49
N VAL C 88 -17.79 -38.59 -8.51
CA VAL C 88 -17.00 -38.40 -9.73
C VAL C 88 -17.83 -38.32 -10.99
N ASP C 89 -17.58 -37.31 -11.82
CA ASP C 89 -18.15 -37.20 -13.13
C ASP C 89 -17.46 -38.19 -14.07
N ILE C 90 -18.20 -39.19 -14.56
CA ILE C 90 -17.62 -40.17 -15.48
C ILE C 90 -18.16 -40.11 -16.92
N ASP C 91 -18.71 -38.96 -17.30
CA ASP C 91 -19.23 -38.69 -18.64
C ASP C 91 -20.15 -39.80 -19.11
N THR C 92 -19.84 -40.40 -20.25
CA THR C 92 -20.65 -41.48 -20.81
C THR C 92 -20.06 -42.85 -20.52
N GLY C 93 -18.96 -42.89 -19.76
CA GLY C 93 -18.44 -44.15 -19.28
C GLY C 93 -17.27 -44.60 -20.10
N TRP C 94 -16.94 -43.82 -21.12
CA TRP C 94 -15.79 -44.07 -22.01
C TRP C 94 -15.89 -45.34 -22.84
N GLY C 95 -17.06 -45.59 -23.43
CA GLY C 95 -17.25 -46.68 -24.37
C GLY C 95 -18.50 -47.51 -24.18
N GLY C 96 -18.50 -48.70 -24.80
CA GLY C 96 -19.63 -49.62 -24.71
C GLY C 96 -19.81 -50.23 -23.35
N ALA C 97 -20.64 -51.27 -23.31
CA ALA C 97 -21.02 -51.94 -22.08
C ALA C 97 -19.82 -52.55 -21.33
N PHE C 98 -18.83 -53.07 -22.08
CA PHE C 98 -17.66 -53.62 -21.41
C PHE C 98 -16.75 -52.54 -20.83
N ASN C 99 -16.78 -51.34 -21.40
CA ASN C 99 -15.98 -50.22 -20.91
C ASN C 99 -16.59 -49.54 -19.71
N ILE C 100 -17.88 -49.34 -19.76
CA ILE C 100 -18.66 -48.91 -18.61
C ILE C 100 -18.42 -49.83 -17.44
N ALA C 101 -18.44 -51.15 -17.68
CA ALA C 101 -18.16 -52.13 -16.66
C ALA C 101 -16.76 -51.90 -16.06
N ARG C 102 -15.73 -51.84 -16.90
CA ARG C 102 -14.38 -51.61 -16.41
C ARG C 102 -14.31 -50.31 -15.60
N THR C 103 -14.96 -49.27 -16.10
CA THR C 103 -15.03 -47.99 -15.42
C THR C 103 -15.61 -48.13 -13.99
N ILE C 104 -16.77 -48.76 -13.86
CA ILE C 104 -17.40 -48.90 -12.54
C ILE C 104 -16.49 -49.64 -11.58
N ARG C 105 -15.89 -50.74 -12.05
CA ARG C 105 -14.97 -51.52 -11.24
C ARG C 105 -13.74 -50.69 -10.81
N SER C 106 -13.18 -49.94 -11.74
CA SER C 106 -12.03 -49.12 -11.46
C SER C 106 -12.30 -48.12 -10.37
N PHE C 107 -13.43 -47.42 -10.47
CA PHE C 107 -13.77 -46.33 -9.55
C PHE C 107 -14.26 -46.81 -8.21
N ILE C 108 -14.82 -48.01 -8.18
CA ILE C 108 -15.05 -48.70 -6.90
C ILE C 108 -13.70 -48.92 -6.18
N LYS C 109 -12.77 -49.60 -6.85
CA LYS C 109 -11.49 -49.94 -6.24
C LYS C 109 -10.66 -48.71 -5.87
N ALA C 110 -10.86 -47.59 -6.57
CA ALA C 110 -10.17 -46.35 -6.22
C ALA C 110 -10.72 -45.69 -4.94
N GLY C 111 -11.82 -46.23 -4.39
CA GLY C 111 -12.39 -45.76 -3.12
C GLY C 111 -13.39 -44.63 -3.26
N VAL C 112 -13.75 -44.32 -4.51
CA VAL C 112 -14.81 -43.35 -4.82
C VAL C 112 -16.14 -43.86 -4.21
N GLY C 113 -17.11 -42.95 -4.03
CA GLY C 113 -18.34 -43.30 -3.36
C GLY C 113 -19.61 -43.26 -4.18
N ALA C 114 -19.55 -42.51 -5.29
CA ALA C 114 -20.69 -42.32 -6.16
C ALA C 114 -20.14 -41.82 -7.47
N VAL C 115 -20.73 -42.34 -8.52
CA VAL C 115 -20.33 -42.01 -9.83
C VAL C 115 -21.54 -41.39 -10.53
N HIS C 116 -21.32 -40.47 -11.43
CA HIS C 116 -22.44 -40.04 -12.28
C HIS C 116 -22.24 -40.19 -13.77
N LEU C 117 -23.17 -40.93 -14.36
CA LEU C 117 -23.22 -41.24 -15.78
C LEU C 117 -24.24 -40.32 -16.38
N GLU C 118 -23.98 -39.83 -17.59
CA GLU C 118 -24.94 -38.96 -18.29
C GLU C 118 -25.36 -39.44 -19.69
N ASP C 119 -26.64 -39.22 -20.00
CA ASP C 119 -27.28 -39.63 -21.26
C ASP C 119 -26.90 -38.83 -22.53
N GLN C 120 -25.63 -38.57 -22.73
CA GLN C 120 -25.25 -37.81 -23.91
C GLN C 120 -24.73 -38.73 -24.98
N VAL C 121 -24.29 -38.11 -26.05
CA VAL C 121 -23.82 -38.80 -27.24
C VAL C 121 -22.32 -39.06 -27.15
N GLY C 122 -21.90 -40.20 -27.69
CA GLY C 122 -20.50 -40.54 -27.81
C GLY C 122 -20.44 -41.79 -28.67
N GLN C 123 -19.30 -42.00 -29.32
CA GLN C 123 -18.50 -40.90 -29.80
C GLN C 123 -19.10 -40.67 -31.21
N LYS C 124 -18.36 -40.06 -32.13
CA LYS C 124 -18.94 -39.76 -33.42
C LYS C 124 -17.89 -39.75 -34.52
N ARG C 125 -18.36 -39.73 -35.77
CA ARG C 125 -17.60 -39.32 -36.96
C ARG C 125 -16.39 -38.43 -36.63
N CYS C 126 -15.18 -38.96 -36.83
CA CYS C 126 -13.92 -38.27 -36.51
C CYS C 126 -14.01 -36.75 -36.52
N GLY C 127 -14.71 -36.19 -37.49
CA GLY C 127 -14.70 -34.73 -37.70
C GLY C 127 -15.75 -33.85 -37.02
N HIS C 128 -16.73 -34.49 -36.35
CA HIS C 128 -17.90 -33.80 -35.80
C HIS C 128 -17.60 -32.75 -34.74
N ARG C 129 -18.22 -31.58 -34.92
CA ARG C 129 -18.03 -30.38 -34.09
C ARG C 129 -18.59 -30.59 -32.68
N PRO C 130 -18.12 -29.78 -31.72
CA PRO C 130 -18.74 -29.81 -30.37
C PRO C 130 -20.18 -29.25 -30.33
N GLY C 131 -20.98 -29.76 -29.40
CA GLY C 131 -22.39 -29.40 -29.29
C GLY C 131 -23.06 -30.62 -28.68
N LYS C 132 -23.78 -30.39 -27.58
CA LYS C 132 -24.40 -31.47 -26.84
C LYS C 132 -25.71 -31.92 -27.44
N GLU C 133 -25.81 -33.24 -27.63
CA GLU C 133 -27.03 -33.90 -28.11
C GLU C 133 -27.28 -35.15 -27.22
N CYS C 134 -28.53 -35.40 -26.84
CA CYS C 134 -28.87 -36.62 -26.06
C CYS C 134 -29.01 -37.91 -26.91
N VAL C 135 -29.16 -39.06 -26.25
CA VAL C 135 -29.41 -40.31 -26.95
C VAL C 135 -30.84 -40.79 -26.68
N PRO C 136 -31.33 -41.73 -27.54
CA PRO C 136 -32.51 -42.52 -27.19
C PRO C 136 -32.49 -42.88 -25.71
N ALA C 137 -33.62 -42.68 -25.02
CA ALA C 137 -33.74 -43.10 -23.63
C ALA C 137 -33.40 -44.56 -23.51
N GLY C 138 -33.76 -45.30 -24.55
CA GLY C 138 -33.48 -46.73 -24.66
C GLY C 138 -32.01 -47.01 -24.50
N GLU C 139 -31.17 -46.13 -25.03
CA GLU C 139 -29.72 -46.30 -24.92
C GLU C 139 -29.16 -46.03 -23.52
N MET C 140 -29.59 -44.95 -22.90
CA MET C 140 -29.14 -44.68 -21.55
C MET C 140 -29.61 -45.76 -20.57
N VAL C 141 -30.71 -46.43 -20.85
CA VAL C 141 -31.12 -47.52 -19.98
C VAL C 141 -30.11 -48.67 -20.08
N ASP C 142 -29.64 -48.93 -21.30
CA ASP C 142 -28.61 -49.94 -21.49
C ASP C 142 -27.32 -49.59 -20.74
N ARG C 143 -26.89 -48.33 -20.82
CA ARG C 143 -25.71 -47.89 -20.10
C ARG C 143 -25.86 -48.17 -18.61
N ILE C 144 -26.97 -47.74 -18.02
CA ILE C 144 -27.19 -47.91 -16.60
C ILE C 144 -27.20 -49.39 -16.22
N LYS C 145 -27.87 -50.22 -17.02
CA LYS C 145 -27.93 -51.66 -16.78
C LYS C 145 -26.53 -52.26 -16.67
N ALA C 146 -25.66 -51.89 -17.61
CA ALA C 146 -24.25 -52.29 -17.64
C ALA C 146 -23.59 -51.94 -16.34
N ALA C 147 -23.80 -50.71 -15.88
CA ALA C 147 -23.17 -50.19 -14.67
C ALA C 147 -23.62 -50.94 -13.43
N VAL C 148 -24.94 -51.09 -13.30
CA VAL C 148 -25.55 -51.72 -12.14
C VAL C 148 -25.08 -53.16 -12.02
N ASP C 149 -24.97 -53.83 -13.15
CA ASP C 149 -24.50 -55.20 -13.23
C ASP C 149 -23.05 -55.33 -12.79
N ALA C 150 -22.20 -54.41 -13.24
CA ALA C 150 -20.78 -54.46 -12.93
C ALA C 150 -20.49 -54.08 -11.49
N ARG C 151 -21.44 -53.41 -10.86
CA ARG C 151 -21.30 -52.97 -9.48
C ARG C 151 -21.26 -54.14 -8.51
N THR C 152 -20.19 -54.22 -7.72
CA THR C 152 -19.95 -55.35 -6.84
C THR C 152 -20.40 -55.13 -5.41
N ASP C 153 -20.73 -53.90 -5.07
CA ASP C 153 -21.11 -53.48 -3.70
C ASP C 153 -22.27 -52.47 -3.78
N GLU C 154 -23.46 -52.91 -3.37
CA GLU C 154 -24.69 -52.12 -3.47
C GLU C 154 -24.60 -50.71 -2.95
N THR C 155 -23.83 -50.50 -1.90
CA THR C 155 -23.73 -49.18 -1.29
C THR C 155 -23.14 -48.11 -2.21
N PHE C 156 -22.36 -48.53 -3.21
CA PHE C 156 -21.86 -47.62 -4.25
C PHE C 156 -23.00 -47.00 -5.05
N VAL C 157 -23.01 -45.68 -5.13
CA VAL C 157 -24.15 -44.96 -5.69
C VAL C 157 -23.95 -44.66 -7.17
N ILE C 158 -24.87 -45.15 -8.00
CA ILE C 158 -24.86 -44.83 -9.45
C ILE C 158 -25.93 -43.78 -9.77
N MET C 159 -25.48 -42.65 -10.25
CA MET C 159 -26.34 -41.50 -10.43
C MET C 159 -26.47 -41.22 -11.91
N ALA C 160 -27.71 -41.06 -12.39
CA ALA C 160 -27.97 -40.81 -13.80
C ALA C 160 -28.20 -39.33 -14.03
N ARG C 161 -27.45 -38.74 -14.96
CA ARG C 161 -27.58 -37.31 -15.28
C ARG C 161 -28.17 -37.10 -16.67
N THR C 162 -29.11 -36.17 -16.81
CA THR C 162 -29.70 -35.92 -18.11
C THR C 162 -29.78 -34.47 -18.51
N ASP C 163 -29.47 -34.23 -19.77
CA ASP C 163 -29.54 -32.89 -20.33
C ASP C 163 -30.73 -32.75 -21.29
N ALA C 164 -31.71 -33.64 -21.16
CA ALA C 164 -32.84 -33.68 -22.08
C ALA C 164 -33.75 -32.45 -21.95
N ALA C 165 -33.95 -31.98 -20.73
CA ALA C 165 -34.85 -30.85 -20.49
C ALA C 165 -34.63 -29.71 -21.48
N ALA C 166 -33.38 -29.33 -21.73
CA ALA C 166 -33.04 -28.22 -22.64
C ALA C 166 -33.65 -28.34 -24.04
N ALA C 167 -33.63 -29.52 -24.64
CA ALA C 167 -34.09 -29.65 -26.02
C ALA C 167 -35.45 -30.33 -26.19
N GLU C 168 -35.89 -31.11 -25.19
CA GLU C 168 -37.11 -31.91 -25.31
C GLU C 168 -38.19 -31.51 -24.34
N GLY C 169 -37.93 -30.49 -23.53
CA GLY C 169 -38.88 -30.04 -22.53
C GLY C 169 -38.88 -30.89 -21.28
N ILE C 170 -39.28 -30.28 -20.17
CA ILE C 170 -39.20 -30.88 -18.82
C ILE C 170 -39.90 -32.23 -18.65
N ASP C 171 -41.03 -32.42 -19.34
CA ASP C 171 -41.83 -33.67 -19.29
C ASP C 171 -41.12 -34.91 -19.85
N ALA C 172 -40.53 -34.74 -21.04
CA ALA C 172 -39.71 -35.77 -21.65
C ALA C 172 -38.59 -36.20 -20.69
N ALA C 173 -37.91 -35.23 -20.08
CA ALA C 173 -36.84 -35.47 -19.11
C ALA C 173 -37.29 -36.27 -17.89
N ILE C 174 -38.45 -35.91 -17.34
CA ILE C 174 -39.05 -36.66 -16.22
C ILE C 174 -39.32 -38.11 -16.62
N GLU C 175 -39.80 -38.28 -17.84
CA GLU C 175 -40.13 -39.59 -18.38
C GLU C 175 -38.90 -40.49 -18.50
N ARG C 176 -37.82 -39.93 -19.07
CA ARG C 176 -36.50 -40.60 -19.13
C ARG C 176 -36.03 -41.00 -17.73
N ALA C 177 -36.03 -40.02 -16.83
CA ALA C 177 -35.65 -40.23 -15.45
C ALA C 177 -36.33 -41.42 -14.78
N ILE C 178 -37.62 -41.62 -15.02
CA ILE C 178 -38.36 -42.74 -14.39
C ILE C 178 -37.82 -44.06 -14.93
N ALA C 179 -37.46 -44.05 -16.21
CA ALA C 179 -36.92 -45.21 -16.89
C ALA C 179 -35.52 -45.51 -16.41
N TYR C 180 -34.81 -44.46 -16.01
CA TYR C 180 -33.45 -44.60 -15.50
C TYR C 180 -33.44 -45.18 -14.10
N VAL C 181 -34.36 -44.75 -13.25
CA VAL C 181 -34.56 -45.39 -11.93
C VAL C 181 -34.96 -46.85 -12.11
N GLU C 182 -35.80 -47.11 -13.11
CA GLU C 182 -36.18 -48.47 -13.46
C GLU C 182 -34.97 -49.31 -13.73
N ALA C 183 -34.03 -48.77 -14.49
CA ALA C 183 -32.82 -49.48 -14.89
C ALA C 183 -31.84 -49.70 -13.75
N GLY C 184 -32.10 -49.06 -12.62
CA GLY C 184 -31.30 -49.27 -11.41
C GLY C 184 -30.58 -48.05 -10.82
N ALA C 185 -30.65 -46.91 -11.52
CA ALA C 185 -30.06 -45.66 -11.03
C ALA C 185 -30.57 -45.32 -9.63
N ASP C 186 -29.64 -44.92 -8.76
CA ASP C 186 -29.96 -44.64 -7.37
C ASP C 186 -30.46 -43.23 -7.11
N MET C 187 -29.97 -42.27 -7.89
CA MET C 187 -30.32 -40.85 -7.76
C MET C 187 -30.17 -40.21 -9.13
N ILE C 188 -30.78 -39.04 -9.30
CA ILE C 188 -30.85 -38.39 -10.60
C ILE C 188 -30.34 -36.97 -10.54
N PHE C 189 -29.68 -36.56 -11.61
CA PHE C 189 -29.06 -35.25 -11.73
C PHE C 189 -29.66 -34.59 -12.97
N PRO C 190 -30.68 -33.75 -12.80
CA PRO C 190 -31.32 -33.12 -13.94
C PRO C 190 -30.68 -31.81 -14.29
N GLU C 191 -30.04 -31.74 -15.45
CA GLU C 191 -29.33 -30.53 -15.84
C GLU C 191 -30.22 -29.37 -16.16
N ALA C 192 -29.72 -28.17 -15.88
CA ALA C 192 -30.34 -26.88 -16.29
C ALA C 192 -31.85 -26.78 -16.02
N MET C 193 -32.19 -26.61 -14.75
CA MET C 193 -33.55 -26.26 -14.37
C MET C 193 -33.58 -24.74 -14.20
N LYS C 194 -34.67 -24.11 -14.63
CA LYS C 194 -34.83 -22.64 -14.61
C LYS C 194 -35.44 -22.14 -13.30
N THR C 195 -36.44 -22.85 -12.79
CA THR C 195 -37.13 -22.41 -11.57
C THR C 195 -37.17 -23.47 -10.48
N LEU C 196 -37.44 -23.01 -9.26
CA LEU C 196 -37.60 -23.88 -8.09
C LEU C 196 -38.67 -24.91 -8.30
N ASP C 197 -39.64 -24.59 -9.15
CA ASP C 197 -40.75 -25.50 -9.34
C ASP C 197 -40.40 -26.69 -10.20
N ASP C 198 -39.55 -26.45 -11.20
CA ASP C 198 -39.01 -27.51 -12.03
C ASP C 198 -38.43 -28.64 -11.15
N TYR C 199 -37.62 -28.29 -10.15
CA TYR C 199 -37.08 -29.23 -9.17
C TYR C 199 -38.16 -29.94 -8.37
N ARG C 200 -39.12 -29.18 -7.87
CA ARG C 200 -40.19 -29.72 -7.02
C ARG C 200 -40.99 -30.83 -7.72
N ARG C 201 -41.35 -30.59 -8.98
CA ARG C 201 -42.12 -31.55 -9.76
C ARG C 201 -41.30 -32.78 -10.06
N PHE C 202 -40.04 -32.55 -10.38
CA PHE C 202 -39.14 -33.64 -10.72
C PHE C 202 -38.97 -34.59 -9.55
N LYS C 203 -38.68 -34.08 -8.35
CA LYS C 203 -38.50 -34.95 -7.19
C LYS C 203 -39.76 -35.72 -6.87
N GLU C 204 -40.92 -35.10 -7.10
CA GLU C 204 -42.19 -35.77 -6.82
C GLU C 204 -42.51 -36.88 -7.81
N ALA C 205 -42.09 -36.68 -9.07
CA ALA C 205 -42.23 -37.67 -10.14
C ALA C 205 -41.30 -38.89 -9.96
N VAL C 206 -40.00 -38.65 -9.72
CA VAL C 206 -38.99 -39.72 -9.72
C VAL C 206 -38.79 -40.38 -8.37
N LYS C 207 -39.23 -39.72 -7.29
CA LYS C 207 -39.24 -40.29 -5.93
C LYS C 207 -37.88 -40.75 -5.37
N VAL C 208 -36.79 -40.48 -6.05
CA VAL C 208 -35.47 -40.76 -5.48
C VAL C 208 -34.74 -39.46 -5.23
N PRO C 209 -33.64 -39.50 -4.49
CA PRO C 209 -32.82 -38.30 -4.28
C PRO C 209 -32.42 -37.54 -5.57
N ILE C 210 -32.43 -36.21 -5.49
CA ILE C 210 -32.21 -35.30 -6.63
C ILE C 210 -31.05 -34.34 -6.38
N LEU C 211 -30.28 -34.04 -7.43
CA LEU C 211 -29.16 -33.12 -7.30
C LEU C 211 -29.39 -31.83 -8.06
N ALA C 212 -28.99 -30.72 -7.45
CA ALA C 212 -29.11 -29.43 -8.09
C ALA C 212 -27.71 -28.89 -8.37
N ASN C 213 -27.43 -28.65 -9.65
CA ASN C 213 -26.11 -28.18 -10.06
C ASN C 213 -26.01 -26.66 -10.00
N LEU C 214 -25.45 -26.16 -8.91
CA LEU C 214 -25.27 -24.73 -8.71
C LEU C 214 -24.02 -24.24 -9.42
N THR C 215 -24.18 -23.91 -10.69
CA THR C 215 -23.05 -23.51 -11.51
C THR C 215 -23.07 -22.00 -11.82
N GLU C 216 -21.92 -21.35 -11.64
CA GLU C 216 -21.81 -19.94 -11.89
C GLU C 216 -21.56 -19.66 -13.40
N PHE C 217 -22.01 -18.48 -13.85
CA PHE C 217 -21.92 -18.06 -15.27
C PHE C 217 -22.77 -18.89 -16.22
N GLY C 218 -23.71 -19.66 -15.69
CA GLY C 218 -24.60 -20.50 -16.49
C GLY C 218 -25.95 -19.84 -16.65
N SER C 219 -26.97 -20.65 -16.92
CA SER C 219 -28.37 -20.19 -17.06
C SER C 219 -29.06 -20.24 -15.71
N THR C 220 -28.91 -21.38 -15.02
CA THR C 220 -29.43 -21.60 -13.65
C THR C 220 -29.07 -20.42 -12.74
N PRO C 221 -30.09 -19.83 -12.06
CA PRO C 221 -29.85 -18.95 -10.91
C PRO C 221 -29.13 -19.65 -9.75
N LEU C 222 -28.37 -18.89 -8.98
CA LEU C 222 -27.63 -19.41 -7.83
C LEU C 222 -28.53 -19.55 -6.60
N PHE C 223 -29.39 -20.58 -6.59
CA PHE C 223 -30.33 -20.84 -5.49
C PHE C 223 -29.68 -21.07 -4.11
N THR C 224 -30.34 -20.59 -3.07
CA THR C 224 -29.88 -20.72 -1.68
C THR C 224 -30.24 -22.10 -1.11
N LEU C 225 -29.53 -22.53 -0.06
CA LEU C 225 -29.84 -23.77 0.63
C LEU C 225 -31.31 -23.87 1.03
N ASP C 226 -31.87 -22.78 1.54
CA ASP C 226 -33.27 -22.70 1.93
C ASP C 226 -34.21 -22.90 0.78
N GLU C 227 -34.00 -22.12 -0.29
CA GLU C 227 -34.76 -22.23 -1.52
C GLU C 227 -34.82 -23.69 -1.96
N LEU C 228 -33.67 -24.34 -1.98
CA LEU C 228 -33.59 -25.74 -2.40
C LEU C 228 -34.24 -26.70 -1.42
N LYS C 229 -34.09 -26.43 -0.11
CA LYS C 229 -34.76 -27.20 0.94
C LYS C 229 -36.27 -27.21 0.73
N GLY C 230 -36.81 -26.04 0.43
CA GLY C 230 -38.23 -25.87 0.18
C GLY C 230 -38.70 -26.54 -1.08
N ALA C 231 -37.78 -26.74 -2.01
CA ALA C 231 -38.14 -27.38 -3.27
C ALA C 231 -37.95 -28.90 -3.20
N ASN C 232 -37.54 -29.40 -2.03
CA ASN C 232 -37.35 -30.83 -1.83
C ASN C 232 -36.10 -31.49 -2.42
N VAL C 233 -35.14 -30.67 -2.86
CA VAL C 233 -33.88 -31.12 -3.40
C VAL C 233 -32.99 -31.74 -2.32
N ASP C 234 -32.28 -32.82 -2.65
CA ASP C 234 -31.46 -33.57 -1.69
C ASP C 234 -29.99 -33.17 -1.67
N ILE C 235 -29.49 -32.71 -2.81
CA ILE C 235 -28.08 -32.41 -2.96
C ILE C 235 -27.82 -31.10 -3.69
N ALA C 236 -27.05 -30.23 -3.04
CA ALA C 236 -26.62 -28.98 -3.61
C ALA C 236 -25.17 -29.10 -4.04
N LEU C 237 -24.91 -28.91 -5.33
CA LEU C 237 -23.58 -29.17 -5.92
C LEU C 237 -22.86 -27.94 -6.41
N TYR C 238 -21.79 -27.60 -5.72
CA TYR C 238 -20.98 -26.44 -6.05
C TYR C 238 -19.74 -27.00 -6.76
N CYS C 239 -19.87 -27.22 -8.05
CA CYS C 239 -18.88 -28.04 -8.76
C CYS C 239 -17.59 -27.34 -9.19
N CYS C 240 -17.61 -26.03 -9.34
CA CYS C 240 -16.51 -25.36 -10.00
C CYS C 240 -16.00 -24.11 -9.34
N GLY C 241 -16.79 -23.55 -8.43
CA GLY C 241 -16.46 -22.30 -7.75
C GLY C 241 -15.04 -22.26 -7.27
N ALA C 242 -14.70 -23.24 -6.42
CA ALA C 242 -13.34 -23.41 -5.90
C ALA C 242 -12.24 -23.14 -6.93
N TYR C 243 -12.24 -23.86 -8.05
CA TYR C 243 -11.13 -23.70 -8.96
C TYR C 243 -11.13 -22.43 -9.83
N ARG C 244 -12.31 -21.85 -10.06
CA ARG C 244 -12.38 -20.54 -10.74
C ARG C 244 -11.77 -19.47 -9.85
N ALA C 245 -12.09 -19.54 -8.56
CA ALA C 245 -11.52 -18.67 -7.55
C ALA C 245 -10.00 -18.81 -7.50
N MET C 246 -9.52 -20.06 -7.50
CA MET C 246 -8.11 -20.27 -7.38
C MET C 246 -7.36 -19.88 -8.66
N ASN C 247 -7.98 -20.13 -9.81
CA ASN C 247 -7.35 -19.73 -11.08
C ASN C 247 -7.13 -18.19 -11.25
N LYS C 248 -8.06 -17.38 -10.72
CA LYS C 248 -7.90 -15.91 -10.81
C LYS C 248 -6.77 -15.42 -9.92
N ALA C 249 -6.74 -15.95 -8.69
CA ALA C 249 -5.69 -15.64 -7.75
C ALA C 249 -4.32 -15.94 -8.35
N ALA C 250 -4.22 -17.04 -9.09
CA ALA C 250 -2.97 -17.44 -9.69
C ALA C 250 -2.59 -16.52 -10.84
N LEU C 251 -3.52 -16.20 -11.73
CA LEU C 251 -3.23 -15.27 -12.82
C LEU C 251 -2.82 -13.90 -12.27
N ASN C 252 -3.49 -13.48 -11.21
CA ASN C 252 -3.16 -12.24 -10.61
C ASN C 252 -1.70 -12.21 -10.11
N PHE C 253 -1.30 -13.32 -9.48
CA PHE C 253 0.07 -13.50 -9.02
C PHE C 253 1.07 -13.33 -10.17
N TYR C 254 0.83 -14.07 -11.24
CA TYR C 254 1.73 -14.03 -12.38
C TYR C 254 1.81 -12.64 -12.98
N GLU C 255 0.68 -11.94 -13.03
CA GLU C 255 0.65 -10.60 -13.58
C GLU C 255 1.41 -9.60 -12.70
N THR C 256 1.17 -9.65 -11.38
CA THR C 256 1.89 -8.73 -10.52
C THR C 256 3.41 -8.98 -10.55
N VAL C 257 3.84 -10.22 -10.75
CA VAL C 257 5.27 -10.55 -10.82
C VAL C 257 5.91 -10.01 -12.09
N ARG C 258 5.20 -10.13 -13.20
CA ARG C 258 5.73 -9.67 -14.49
C ARG C 258 5.73 -8.15 -14.58
N ARG C 259 4.78 -7.52 -13.89
CA ARG C 259 4.63 -6.06 -13.89
C ARG C 259 5.67 -5.39 -12.96
N ASP C 260 5.71 -5.86 -11.71
CA ASP C 260 6.41 -5.17 -10.67
C ASP C 260 7.86 -5.63 -10.52
N GLY C 261 8.21 -6.77 -11.11
CA GLY C 261 9.55 -7.33 -10.90
C GLY C 261 9.76 -7.92 -9.52
N THR C 262 8.67 -8.07 -8.77
CA THR C 262 8.67 -8.74 -7.47
C THR C 262 7.23 -9.14 -7.17
N GLN C 263 7.05 -10.12 -6.30
CA GLN C 263 5.71 -10.51 -5.86
C GLN C 263 5.23 -9.76 -4.62
N LYS C 264 5.99 -8.78 -4.16
CA LYS C 264 5.70 -8.12 -2.89
C LYS C 264 4.21 -7.78 -2.76
N ALA C 265 3.68 -7.17 -3.81
CA ALA C 265 2.31 -6.67 -3.84
C ALA C 265 1.26 -7.78 -3.66
N ALA C 266 1.65 -9.03 -3.98
CA ALA C 266 0.74 -10.18 -3.96
C ALA C 266 0.68 -10.96 -2.65
N VAL C 267 1.66 -10.82 -1.75
CA VAL C 267 1.76 -11.74 -0.60
C VAL C 267 0.58 -11.67 0.39
N PRO C 268 -0.13 -10.52 0.46
CA PRO C 268 -1.37 -10.51 1.29
C PRO C 268 -2.51 -11.35 0.70
N THR C 269 -2.36 -11.84 -0.56
CA THR C 269 -3.38 -12.73 -1.17
C THR C 269 -3.20 -14.20 -0.73
N MET C 270 -1.96 -14.51 -0.37
CA MET C 270 -1.46 -15.86 -0.09
C MET C 270 -1.87 -16.43 1.24
N GLN C 271 -2.18 -17.72 1.23
CA GLN C 271 -2.27 -18.52 2.42
C GLN C 271 -0.88 -18.73 2.96
N THR C 272 -0.68 -18.53 4.25
CA THR C 272 0.67 -18.60 4.85
C THR C 272 1.24 -20.02 4.88
N ARG C 273 2.51 -20.09 5.27
CA ARG C 273 3.21 -21.34 5.50
C ARG C 273 2.61 -22.00 6.74
N ALA C 274 2.47 -21.24 7.82
CA ALA C 274 1.95 -21.80 9.04
C ALA C 274 0.58 -22.43 8.82
N GLN C 275 -0.18 -21.88 7.87
CA GLN C 275 -1.56 -22.32 7.65
C GLN C 275 -1.58 -23.58 6.80
N LEU C 276 -0.62 -23.66 5.88
CA LEU C 276 -0.51 -24.80 5.00
C LEU C 276 -0.26 -26.05 5.85
N TYR C 277 0.60 -25.89 6.86
CA TYR C 277 1.09 -26.98 7.67
C TYR C 277 0.00 -27.55 8.54
N ASP C 278 -0.86 -26.66 9.02
CA ASP C 278 -2.03 -27.04 9.79
C ASP C 278 -2.85 -28.00 8.96
N TYR C 279 -3.47 -27.43 7.94
CA TYR C 279 -4.30 -28.13 7.00
C TYR C 279 -3.75 -29.46 6.51
N LEU C 280 -2.42 -29.54 6.40
CA LEU C 280 -1.69 -30.72 5.86
C LEU C 280 -1.40 -31.82 6.88
N GLY C 281 -1.94 -31.72 8.09
CA GLY C 281 -1.67 -32.70 9.14
C GLY C 281 -0.32 -32.53 9.85
N TYR C 282 0.66 -31.97 9.13
CA TYR C 282 2.09 -31.95 9.53
C TYR C 282 2.57 -32.49 10.89
N TYR C 283 2.49 -31.71 11.96
CA TYR C 283 2.83 -32.20 13.30
C TYR C 283 2.50 -33.72 13.46
N ALA C 284 1.31 -34.14 13.01
CA ALA C 284 0.83 -35.53 13.07
C ALA C 284 1.85 -36.58 12.62
N TYR C 285 2.71 -36.19 11.67
CA TYR C 285 3.83 -37.02 11.22
C TYR C 285 4.85 -37.19 12.33
N GLU C 286 5.22 -36.07 12.95
CA GLU C 286 6.17 -36.04 14.05
C GLU C 286 5.65 -36.84 15.25
N GLU C 287 4.36 -36.68 15.53
CA GLU C 287 3.72 -37.34 16.64
C GLU C 287 3.75 -38.85 16.51
N LYS C 288 3.75 -39.34 15.27
CA LYS C 288 3.79 -40.77 15.02
C LYS C 288 5.18 -41.32 15.19
N LEU C 289 6.16 -40.60 14.66
CA LEU C 289 7.53 -40.97 14.95
C LEU C 289 7.72 -41.10 16.48
N ASP C 290 7.12 -40.21 17.30
CA ASP C 290 7.21 -40.35 18.77
C ASP C 290 6.43 -41.59 19.22
N GLN C 291 5.19 -41.68 18.79
CA GLN C 291 4.35 -42.82 19.07
C GLN C 291 5.10 -44.12 18.82
N LEU C 292 5.85 -44.17 17.73
CA LEU C 292 6.40 -45.44 17.29
C LEU C 292 7.69 -45.74 17.95
N PHE C 293 8.53 -44.72 18.13
CA PHE C 293 9.92 -44.94 18.49
C PHE C 293 10.45 -44.22 19.77
N ASN C 294 9.54 -43.87 20.70
CA ASN C 294 9.87 -43.30 22.06
C ASN C 294 9.23 -44.02 23.26
N LEU D 7 12.28 -27.81 -34.29
CA LEU D 7 12.87 -29.03 -33.66
C LEU D 7 13.75 -28.76 -32.41
N ILE D 8 13.52 -27.62 -31.72
CA ILE D 8 14.42 -27.18 -30.63
C ILE D 8 14.08 -27.81 -29.28
N SER D 9 15.02 -28.57 -28.72
CA SER D 9 14.79 -29.34 -27.49
C SER D 9 14.48 -28.44 -26.28
N ALA D 10 13.71 -28.97 -25.33
CA ALA D 10 13.42 -28.24 -24.10
C ALA D 10 14.72 -27.63 -23.51
N GLY D 11 15.82 -28.38 -23.55
CA GLY D 11 17.09 -27.90 -22.98
C GLY D 11 17.60 -26.64 -23.63
N ALA D 12 17.65 -26.66 -24.95
CA ALA D 12 18.07 -25.52 -25.76
C ALA D 12 17.15 -24.31 -25.59
N LYS D 13 15.83 -24.52 -25.57
CA LYS D 13 14.87 -23.46 -25.23
C LYS D 13 15.17 -22.79 -23.89
N PHE D 14 15.58 -23.57 -22.90
CA PHE D 14 15.89 -23.03 -21.59
C PHE D 14 17.19 -22.22 -21.61
N ARG D 15 18.24 -22.77 -22.22
CA ARG D 15 19.52 -22.06 -22.32
C ARG D 15 19.38 -20.76 -23.10
N ALA D 16 18.56 -20.79 -24.16
CA ALA D 16 18.27 -19.61 -24.95
C ALA D 16 17.55 -18.53 -24.13
N ALA D 17 16.62 -18.96 -23.28
CA ALA D 17 15.84 -18.05 -22.44
C ALA D 17 16.69 -17.38 -21.36
N VAL D 18 17.70 -18.09 -20.88
CA VAL D 18 18.67 -17.53 -19.93
C VAL D 18 19.52 -16.42 -20.59
N ALA D 19 19.96 -16.70 -21.81
CA ALA D 19 20.74 -15.76 -22.64
C ALA D 19 19.93 -14.50 -23.02
N ALA D 20 18.62 -14.65 -23.19
CA ALA D 20 17.79 -13.59 -23.73
C ALA D 20 17.17 -12.67 -22.71
N GLU D 21 17.13 -13.08 -21.45
CA GLU D 21 16.51 -12.28 -20.40
C GLU D 21 17.34 -12.39 -19.14
N GLN D 22 17.87 -11.27 -18.68
CA GLN D 22 18.75 -11.30 -17.50
C GLN D 22 18.48 -10.24 -16.45
N PRO D 23 18.20 -10.69 -15.21
CA PRO D 23 17.99 -12.12 -14.95
C PRO D 23 16.69 -12.62 -15.55
N LEU D 24 16.59 -13.93 -15.75
CA LEU D 24 15.37 -14.59 -16.27
C LEU D 24 14.37 -14.91 -15.15
N GLN D 25 13.15 -14.40 -15.28
CA GLN D 25 12.07 -14.74 -14.34
C GLN D 25 11.45 -16.08 -14.72
N VAL D 26 11.39 -16.99 -13.74
CA VAL D 26 10.85 -18.33 -13.93
C VAL D 26 9.89 -18.65 -12.79
N VAL D 27 8.62 -18.89 -13.13
CA VAL D 27 7.53 -19.00 -12.16
C VAL D 27 7.01 -20.43 -11.95
N GLY D 28 6.68 -20.79 -10.72
CA GLY D 28 6.22 -22.13 -10.41
C GLY D 28 4.78 -22.28 -10.86
N ALA D 29 4.44 -23.47 -11.33
CA ALA D 29 3.07 -23.83 -11.68
C ALA D 29 2.70 -25.21 -11.08
N ILE D 30 1.58 -25.32 -10.36
CA ILE D 30 1.22 -26.61 -9.80
C ILE D 30 0.37 -27.47 -10.72
N THR D 31 -0.20 -26.86 -11.76
CA THR D 31 -1.05 -27.59 -12.68
C THR D 31 -0.77 -27.18 -14.11
N ALA D 32 -1.19 -28.01 -15.06
CA ALA D 32 -0.99 -27.70 -16.46
C ALA D 32 -1.56 -26.33 -16.83
N TYR D 33 -2.79 -26.06 -16.37
CA TYR D 33 -3.47 -24.82 -16.69
C TYR D 33 -2.68 -23.62 -16.18
N ALA D 34 -2.22 -23.71 -14.93
CA ALA D 34 -1.39 -22.66 -14.33
C ALA D 34 -0.26 -22.29 -15.31
N ALA D 35 0.41 -23.31 -15.83
CA ALA D 35 1.52 -23.07 -16.73
C ALA D 35 1.08 -22.34 -18.00
N LYS D 36 -0.11 -22.71 -18.52
CA LYS D 36 -0.67 -22.06 -19.72
C LYS D 36 -0.88 -20.57 -19.48
N MET D 37 -1.36 -20.23 -18.29
CA MET D 37 -1.50 -18.85 -17.86
C MET D 37 -0.15 -18.16 -17.83
N ALA D 38 0.77 -18.76 -17.10
CA ALA D 38 2.13 -18.24 -17.04
C ALA D 38 2.67 -17.87 -18.43
N GLU D 39 2.42 -18.72 -19.43
CA GLU D 39 2.90 -18.44 -20.77
C GLU D 39 2.18 -17.27 -21.42
N ALA D 40 0.86 -17.21 -21.21
CA ALA D 40 0.01 -16.17 -21.72
C ALA D 40 0.48 -14.82 -21.18
N VAL D 41 0.84 -14.79 -19.90
CA VAL D 41 1.33 -13.57 -19.27
C VAL D 41 2.71 -13.14 -19.79
N GLY D 42 3.43 -14.03 -20.46
CA GLY D 42 4.66 -13.65 -21.16
C GLY D 42 5.97 -14.16 -20.60
N PHE D 43 5.91 -15.02 -19.58
CA PHE D 43 7.12 -15.63 -19.03
C PHE D 43 7.77 -16.58 -20.03
N LYS D 44 9.09 -16.72 -19.93
CA LYS D 44 9.85 -17.58 -20.87
C LYS D 44 10.14 -18.99 -20.35
N ALA D 45 9.87 -19.23 -19.06
CA ALA D 45 10.12 -20.52 -18.43
C ALA D 45 9.24 -20.77 -17.19
N VAL D 46 9.00 -22.03 -16.90
CA VAL D 46 8.20 -22.42 -15.76
C VAL D 46 8.88 -23.44 -14.87
N TYR D 47 8.37 -23.58 -13.65
CA TYR D 47 9.01 -24.44 -12.65
C TYR D 47 8.02 -25.42 -12.01
N LEU D 48 8.44 -26.67 -11.81
CA LEU D 48 7.68 -27.63 -11.05
C LEU D 48 8.36 -27.87 -9.71
N SER D 49 7.77 -27.33 -8.65
CA SER D 49 8.32 -27.46 -7.30
C SER D 49 8.04 -28.83 -6.65
N GLY D 50 9.09 -29.42 -6.05
CA GLY D 50 8.99 -30.73 -5.37
C GLY D 50 7.99 -30.75 -4.21
N GLY D 51 8.12 -29.79 -3.30
CA GLY D 51 7.17 -29.61 -2.21
C GLY D 51 5.78 -29.24 -2.72
N GLY D 52 5.77 -28.61 -3.89
CA GLY D 52 4.55 -28.24 -4.58
C GLY D 52 3.76 -29.47 -4.96
N VAL D 53 4.44 -30.42 -5.58
CA VAL D 53 3.86 -31.71 -5.96
C VAL D 53 3.26 -32.38 -4.72
N ALA D 54 4.07 -32.42 -3.68
CA ALA D 54 3.76 -33.16 -2.50
C ALA D 54 2.52 -32.62 -1.77
N ALA D 55 2.50 -31.32 -1.50
CA ALA D 55 1.38 -30.73 -0.77
C ALA D 55 0.08 -30.61 -1.59
N ASN D 56 0.17 -30.13 -2.82
CA ASN D 56 -1.02 -29.95 -3.66
C ASN D 56 -1.57 -31.20 -4.34
N SER D 57 -0.72 -31.88 -5.10
CA SER D 57 -1.12 -33.09 -5.79
C SER D 57 -1.41 -34.26 -4.86
N LEU D 58 -0.61 -34.41 -3.81
CA LEU D 58 -0.68 -35.58 -2.97
C LEU D 58 -1.35 -35.36 -1.63
N GLY D 59 -1.30 -34.14 -1.12
CA GLY D 59 -1.92 -33.81 0.17
C GLY D 59 -1.09 -34.25 1.36
N ILE D 60 0.22 -34.21 1.17
CA ILE D 60 1.15 -34.63 2.22
C ILE D 60 2.36 -33.70 2.27
N PRO D 61 2.95 -33.55 3.47
CA PRO D 61 4.08 -32.64 3.66
C PRO D 61 5.34 -33.02 2.85
N ASP D 62 6.25 -32.05 2.72
CA ASP D 62 7.52 -32.25 2.00
C ASP D 62 8.55 -33.01 2.86
N LEU D 63 8.29 -34.29 3.11
CA LEU D 63 9.16 -35.12 3.94
C LEU D 63 9.82 -36.25 3.15
N GLY D 64 10.16 -35.99 1.89
CA GLY D 64 10.67 -37.03 0.99
C GLY D 64 9.79 -38.26 0.80
N ILE D 65 8.47 -38.09 0.84
CA ILE D 65 7.54 -39.20 0.56
C ILE D 65 7.19 -39.29 -0.93
N SER D 66 6.93 -38.13 -1.53
CA SER D 66 6.95 -37.89 -2.97
C SER D 66 7.93 -38.80 -3.74
N THR D 67 7.43 -39.60 -4.70
CA THR D 67 8.30 -40.50 -5.51
C THR D 67 8.55 -39.95 -6.91
N MET D 68 9.55 -40.50 -7.60
CA MET D 68 9.88 -40.06 -8.94
C MET D 68 8.69 -40.07 -9.89
N ASP D 69 7.77 -41.02 -9.69
CA ASP D 69 6.58 -41.12 -10.55
C ASP D 69 5.55 -40.07 -10.21
N ASP D 70 5.47 -39.66 -8.96
CA ASP D 70 4.55 -38.61 -8.60
C ASP D 70 4.91 -37.37 -9.39
N VAL D 71 6.17 -37.01 -9.33
CA VAL D 71 6.69 -35.86 -10.07
C VAL D 71 6.59 -36.03 -11.59
N LEU D 72 6.87 -37.23 -12.08
CA LEU D 72 6.71 -37.55 -13.50
C LEU D 72 5.34 -37.22 -14.05
N VAL D 73 4.26 -37.60 -13.36
CA VAL D 73 2.95 -37.43 -13.96
C VAL D 73 2.61 -35.95 -14.11
N ASP D 74 2.97 -35.16 -13.09
CA ASP D 74 2.78 -33.71 -13.15
C ASP D 74 3.66 -33.08 -14.23
N ALA D 75 4.91 -33.52 -14.31
CA ALA D 75 5.85 -32.99 -15.29
C ALA D 75 5.33 -33.24 -16.69
N ASN D 76 4.80 -34.45 -16.92
CA ASN D 76 4.19 -34.82 -18.21
C ASN D 76 2.99 -33.95 -18.58
N ARG D 77 2.05 -33.81 -17.65
CA ARG D 77 0.88 -32.97 -17.89
C ARG D 77 1.25 -31.54 -18.31
N ILE D 78 2.27 -30.98 -17.64
CA ILE D 78 2.70 -29.62 -17.88
C ILE D 78 3.39 -29.44 -19.23
N THR D 79 4.34 -30.31 -19.57
CA THR D 79 5.08 -30.12 -20.82
C THR D 79 4.21 -30.45 -22.03
N ASN D 80 3.14 -31.21 -21.81
CA ASN D 80 2.11 -31.42 -22.86
C ASN D 80 1.27 -30.17 -23.14
N ALA D 81 1.17 -29.30 -22.14
CA ALA D 81 0.18 -28.26 -22.19
C ALA D 81 0.76 -26.87 -22.51
N THR D 82 2.06 -26.69 -22.28
CA THR D 82 2.76 -25.48 -22.72
C THR D 82 3.97 -25.83 -23.54
N ASN D 83 4.48 -24.84 -24.26
CA ASN D 83 5.71 -24.98 -25.06
C ASN D 83 6.93 -24.27 -24.43
N LEU D 84 6.78 -23.72 -23.23
CA LEU D 84 7.90 -23.10 -22.50
C LEU D 84 8.73 -24.18 -21.86
N PRO D 85 10.05 -23.97 -21.76
CA PRO D 85 10.84 -25.00 -21.11
C PRO D 85 10.54 -25.03 -19.62
N LEU D 86 10.55 -26.24 -19.07
CA LEU D 86 10.20 -26.48 -17.67
C LEU D 86 11.39 -26.95 -16.84
N LEU D 87 11.51 -26.42 -15.63
CA LEU D 87 12.55 -26.82 -14.70
C LEU D 87 11.93 -27.62 -13.58
N VAL D 88 12.56 -28.75 -13.23
CA VAL D 88 11.95 -29.65 -12.25
C VAL D 88 12.86 -29.91 -11.06
N ASP D 89 12.29 -29.83 -9.87
CA ASP D 89 12.97 -30.20 -8.64
C ASP D 89 12.97 -31.72 -8.54
N ILE D 90 14.15 -32.34 -8.58
CA ILE D 90 14.23 -33.80 -8.47
C ILE D 90 14.90 -34.31 -7.19
N ASP D 91 14.90 -33.48 -6.15
CA ASP D 91 15.52 -33.78 -4.87
C ASP D 91 16.88 -34.41 -4.99
N THR D 92 17.02 -35.60 -4.43
CA THR D 92 18.30 -36.30 -4.37
C THR D 92 18.42 -37.33 -5.51
N GLY D 93 17.39 -37.40 -6.38
CA GLY D 93 17.43 -38.28 -7.52
C GLY D 93 16.75 -39.62 -7.27
N TRP D 94 16.18 -39.78 -6.08
CA TRP D 94 15.45 -40.99 -5.68
C TRP D 94 16.29 -42.27 -5.66
N GLY D 95 17.50 -42.20 -5.12
CA GLY D 95 18.34 -43.39 -4.93
C GLY D 95 19.79 -43.28 -5.37
N GLY D 96 20.43 -44.44 -5.55
CA GLY D 96 21.83 -44.50 -5.99
C GLY D 96 22.10 -44.11 -7.45
N ALA D 97 23.30 -44.41 -7.93
CA ALA D 97 23.72 -43.97 -9.25
C ALA D 97 22.86 -44.53 -10.37
N PHE D 98 22.34 -45.73 -10.17
CA PHE D 98 21.45 -46.32 -11.16
C PHE D 98 20.08 -45.65 -11.22
N ASN D 99 19.65 -45.12 -10.08
CA ASN D 99 18.34 -44.51 -9.98
C ASN D 99 18.38 -43.10 -10.48
N ILE D 100 19.49 -42.43 -10.19
CA ILE D 100 19.79 -41.09 -10.69
C ILE D 100 19.78 -41.16 -12.21
N ALA D 101 20.36 -42.23 -12.74
CA ALA D 101 20.39 -42.40 -14.18
C ALA D 101 18.97 -42.55 -14.76
N ARG D 102 18.17 -43.43 -14.18
CA ARG D 102 16.80 -43.65 -14.62
C ARG D 102 16.03 -42.33 -14.58
N THR D 103 16.22 -41.58 -13.49
CA THR D 103 15.60 -40.26 -13.32
C THR D 103 15.94 -39.31 -14.47
N ILE D 104 17.23 -39.11 -14.72
CA ILE D 104 17.67 -38.23 -15.80
C ILE D 104 17.02 -38.66 -17.11
N ARG D 105 17.07 -39.95 -17.43
CA ARG D 105 16.50 -40.44 -18.68
C ARG D 105 15.00 -40.20 -18.78
N SER D 106 14.28 -40.44 -17.68
CA SER D 106 12.85 -40.30 -17.65
C SER D 106 12.39 -38.87 -17.85
N PHE D 107 13.08 -37.93 -17.20
CA PHE D 107 12.74 -36.53 -17.32
C PHE D 107 13.15 -35.89 -18.66
N ILE D 108 14.22 -36.43 -19.27
CA ILE D 108 14.57 -36.06 -20.65
C ILE D 108 13.42 -36.41 -21.57
N LYS D 109 12.99 -37.67 -21.53
CA LYS D 109 11.91 -38.19 -22.35
C LYS D 109 10.62 -37.42 -22.10
N ALA D 110 10.40 -36.99 -20.86
CA ALA D 110 9.17 -36.27 -20.56
C ALA D 110 9.16 -34.86 -21.17
N GLY D 111 10.28 -34.45 -21.76
CA GLY D 111 10.35 -33.17 -22.46
C GLY D 111 10.65 -32.01 -21.54
N VAL D 112 11.20 -32.32 -20.37
CA VAL D 112 11.64 -31.31 -19.41
C VAL D 112 12.97 -30.59 -19.82
N GLY D 113 13.07 -29.27 -19.63
CA GLY D 113 14.25 -28.53 -20.08
C GLY D 113 15.47 -28.55 -19.16
N ALA D 114 15.19 -28.67 -17.86
CA ALA D 114 16.19 -28.48 -16.84
C ALA D 114 15.76 -29.14 -15.54
N VAL D 115 16.74 -29.51 -14.75
CA VAL D 115 16.52 -30.32 -13.59
C VAL D 115 17.54 -29.87 -12.57
N HIS D 116 17.10 -29.60 -11.35
CA HIS D 116 18.04 -29.39 -10.25
C HIS D 116 18.03 -30.55 -9.24
N LEU D 117 19.25 -30.97 -8.87
CA LEU D 117 19.53 -31.94 -7.81
C LEU D 117 20.19 -31.23 -6.62
N GLU D 118 19.88 -31.64 -5.39
CA GLU D 118 20.52 -31.07 -4.19
C GLU D 118 21.47 -32.02 -3.50
N ASP D 119 22.34 -31.50 -2.64
CA ASP D 119 23.40 -32.27 -1.99
C ASP D 119 23.01 -32.60 -0.56
N GLN D 120 21.71 -32.82 -0.34
CA GLN D 120 21.22 -33.30 0.93
C GLN D 120 21.57 -34.77 1.05
N VAL D 121 21.44 -35.34 2.25
CA VAL D 121 21.64 -36.77 2.43
C VAL D 121 20.42 -37.48 1.82
N GLY D 122 20.58 -38.74 1.41
CA GLY D 122 19.44 -39.53 0.95
C GLY D 122 18.68 -40.09 2.14
N GLN D 123 18.24 -41.34 2.02
CA GLN D 123 17.60 -42.04 3.15
C GLN D 123 18.60 -42.35 4.30
N LYS D 124 18.13 -42.26 5.53
CA LYS D 124 18.91 -42.67 6.70
C LYS D 124 17.99 -43.47 7.62
N ARG D 125 18.52 -43.98 8.73
CA ARG D 125 17.72 -44.79 9.68
C ARG D 125 16.20 -44.62 9.48
N CYS D 126 15.47 -45.70 9.66
CA CYS D 126 14.04 -45.71 9.39
C CYS D 126 13.29 -44.59 10.10
N GLY D 127 13.56 -44.41 11.39
CA GLY D 127 12.77 -43.50 12.22
C GLY D 127 13.40 -42.14 12.42
N HIS D 128 14.39 -41.81 11.58
CA HIS D 128 15.07 -40.50 11.52
C HIS D 128 14.06 -39.41 11.37
N ARG D 129 14.25 -38.31 12.08
CA ARG D 129 13.29 -37.21 12.01
C ARG D 129 13.57 -36.40 10.75
N PRO D 130 12.56 -35.68 10.25
CA PRO D 130 12.82 -34.80 9.12
C PRO D 130 13.68 -33.58 9.53
N GLY D 131 14.96 -33.59 9.19
CA GLY D 131 15.87 -32.47 9.43
C GLY D 131 16.57 -32.10 8.14
N LYS D 132 17.65 -31.31 8.23
CA LYS D 132 18.43 -30.97 7.05
C LYS D 132 19.92 -31.30 7.21
N GLU D 133 20.47 -32.06 6.26
CA GLU D 133 21.89 -32.45 6.33
C GLU D 133 22.56 -32.53 4.95
N CYS D 134 23.86 -32.25 4.91
CA CYS D 134 24.61 -32.28 3.66
C CYS D 134 25.50 -33.50 3.54
N VAL D 135 25.74 -33.95 2.32
CA VAL D 135 26.69 -35.01 2.11
C VAL D 135 28.05 -34.36 1.91
N PRO D 136 29.14 -35.09 2.22
CA PRO D 136 30.48 -34.74 1.76
C PRO D 136 30.40 -34.12 0.42
N ALA D 137 31.31 -33.19 0.11
CA ALA D 137 31.35 -32.62 -1.24
C ALA D 137 31.57 -33.71 -2.27
N GLY D 138 32.05 -34.86 -1.79
CA GLY D 138 32.47 -35.94 -2.65
C GLY D 138 31.35 -36.84 -3.07
N GLU D 139 30.43 -37.12 -2.12
CA GLU D 139 29.22 -37.90 -2.38
C GLU D 139 28.31 -37.26 -3.43
N MET D 140 28.20 -35.92 -3.37
CA MET D 140 27.43 -35.12 -4.33
C MET D 140 28.12 -35.01 -5.71
N VAL D 141 29.45 -35.02 -5.71
CA VAL D 141 30.19 -35.09 -6.97
C VAL D 141 29.82 -36.39 -7.69
N ASP D 142 29.70 -37.49 -6.95
CA ASP D 142 29.29 -38.75 -7.56
C ASP D 142 27.89 -38.67 -8.14
N ARG D 143 26.97 -38.04 -7.41
CA ARG D 143 25.61 -37.87 -7.86
C ARG D 143 25.60 -37.16 -9.21
N ILE D 144 26.30 -36.04 -9.27
CA ILE D 144 26.37 -35.23 -10.48
C ILE D 144 26.99 -36.03 -11.63
N LYS D 145 28.13 -36.69 -11.36
CA LYS D 145 28.78 -37.55 -12.34
C LYS D 145 27.81 -38.59 -12.97
N ALA D 146 27.03 -39.28 -12.13
CA ALA D 146 26.01 -40.23 -12.61
C ALA D 146 25.03 -39.58 -13.56
N ALA D 147 24.59 -38.38 -13.20
CA ALA D 147 23.58 -37.65 -13.93
C ALA D 147 24.10 -37.20 -15.29
N VAL D 148 25.28 -36.60 -15.28
CA VAL D 148 25.89 -36.09 -16.51
C VAL D 148 26.14 -37.22 -17.51
N ASP D 149 26.53 -38.39 -16.98
CA ASP D 149 26.81 -39.57 -17.80
C ASP D 149 25.54 -40.10 -18.43
N ALA D 150 24.47 -40.18 -17.65
CA ALA D 150 23.19 -40.67 -18.12
C ALA D 150 22.54 -39.74 -19.11
N ARG D 151 22.95 -38.46 -19.12
CA ARG D 151 22.37 -37.46 -20.00
C ARG D 151 22.72 -37.76 -21.44
N THR D 152 21.70 -37.82 -22.27
CA THR D 152 21.83 -38.26 -23.66
C THR D 152 21.92 -37.08 -24.67
N ASP D 153 21.62 -35.87 -24.19
CA ASP D 153 21.51 -34.64 -25.02
C ASP D 153 22.07 -33.47 -24.21
N GLU D 154 23.28 -32.99 -24.57
CA GLU D 154 24.01 -31.96 -23.78
C GLU D 154 23.23 -30.68 -23.53
N THR D 155 22.26 -30.35 -24.40
CA THR D 155 21.40 -29.18 -24.21
C THR D 155 20.59 -29.22 -22.90
N PHE D 156 20.28 -30.43 -22.44
CA PHE D 156 19.56 -30.66 -21.19
C PHE D 156 20.39 -30.14 -20.01
N VAL D 157 19.80 -29.31 -19.16
CA VAL D 157 20.56 -28.62 -18.15
C VAL D 157 20.51 -29.31 -16.82
N ILE D 158 21.68 -29.63 -16.28
CA ILE D 158 21.77 -30.25 -14.95
C ILE D 158 22.30 -29.22 -13.95
N MET D 159 21.45 -28.88 -12.99
CA MET D 159 21.71 -27.80 -12.07
C MET D 159 21.89 -28.34 -10.65
N ALA D 160 22.96 -27.94 -9.97
CA ALA D 160 23.24 -28.44 -8.64
C ALA D 160 22.82 -27.44 -7.57
N ARG D 161 22.06 -27.91 -6.59
CA ARG D 161 21.54 -27.07 -5.53
C ARG D 161 22.22 -27.41 -4.22
N THR D 162 22.60 -26.39 -3.45
CA THR D 162 23.22 -26.68 -2.15
C THR D 162 22.63 -25.90 -1.00
N ASP D 163 22.45 -26.59 0.12
CA ASP D 163 22.00 -25.97 1.36
C ASP D 163 23.15 -25.86 2.38
N ALA D 164 24.39 -25.94 1.92
CA ALA D 164 25.56 -25.94 2.79
C ALA D 164 25.73 -24.62 3.54
N ALA D 165 25.49 -23.52 2.84
CA ALA D 165 25.68 -22.17 3.39
C ALA D 165 25.17 -22.04 4.83
N ALA D 166 23.94 -22.50 5.07
CA ALA D 166 23.27 -22.44 6.38
C ALA D 166 24.09 -22.99 7.54
N ALA D 167 24.74 -24.13 7.34
CA ALA D 167 25.39 -24.82 8.44
C ALA D 167 26.92 -24.73 8.39
N GLU D 168 27.48 -24.50 7.22
CA GLU D 168 28.95 -24.50 7.13
C GLU D 168 29.53 -23.17 6.69
N GLY D 169 28.69 -22.15 6.57
CA GLY D 169 29.15 -20.84 6.13
C GLY D 169 29.35 -20.76 4.63
N ILE D 170 29.18 -19.54 4.13
CA ILE D 170 29.21 -19.21 2.70
C ILE D 170 30.41 -19.73 1.89
N ASP D 171 31.59 -19.76 2.51
CA ASP D 171 32.81 -20.12 1.79
C ASP D 171 32.94 -21.62 1.53
N ALA D 172 32.54 -22.43 2.52
CA ALA D 172 32.41 -23.86 2.32
C ALA D 172 31.50 -24.14 1.09
N ALA D 173 30.34 -23.48 1.07
CA ALA D 173 29.35 -23.64 0.00
C ALA D 173 29.90 -23.28 -1.37
N ILE D 174 30.66 -22.18 -1.45
CA ILE D 174 31.38 -21.75 -2.68
C ILE D 174 32.34 -22.85 -3.17
N GLU D 175 33.07 -23.42 -2.23
CA GLU D 175 34.04 -24.44 -2.53
C GLU D 175 33.40 -25.72 -3.09
N ARG D 176 32.32 -26.18 -2.43
CA ARG D 176 31.48 -27.26 -2.93
C ARG D 176 31.06 -26.97 -4.35
N ALA D 177 30.45 -25.80 -4.56
CA ALA D 177 29.95 -25.40 -5.88
C ALA D 177 30.99 -25.47 -7.00
N ILE D 178 32.22 -25.11 -6.70
CA ILE D 178 33.27 -25.19 -7.73
C ILE D 178 33.56 -26.66 -8.08
N ALA D 179 33.48 -27.52 -7.06
CA ALA D 179 33.63 -28.96 -7.24
C ALA D 179 32.45 -29.57 -8.04
N TYR D 180 31.25 -28.99 -7.88
CA TYR D 180 30.08 -29.44 -8.62
C TYR D 180 30.14 -29.04 -10.10
N VAL D 181 30.57 -27.83 -10.39
CA VAL D 181 30.88 -27.43 -11.78
C VAL D 181 31.93 -28.36 -12.39
N GLU D 182 32.95 -28.70 -11.57
CA GLU D 182 33.97 -29.69 -11.92
C GLU D 182 33.32 -30.94 -12.44
N ALA D 183 32.37 -31.45 -11.67
CA ALA D 183 31.73 -32.72 -11.95
C ALA D 183 30.77 -32.67 -13.15
N GLY D 184 30.50 -31.47 -13.65
CA GLY D 184 29.74 -31.32 -14.89
C GLY D 184 28.47 -30.48 -14.79
N ALA D 185 28.11 -30.05 -13.58
CA ALA D 185 26.91 -29.22 -13.36
C ALA D 185 26.94 -27.95 -14.19
N ASP D 186 25.85 -27.64 -14.88
CA ASP D 186 25.80 -26.48 -15.77
C ASP D 186 25.49 -25.17 -15.07
N MET D 187 24.77 -25.24 -13.95
CA MET D 187 24.31 -24.04 -13.24
C MET D 187 24.19 -24.39 -11.76
N ILE D 188 24.19 -23.37 -10.90
CA ILE D 188 24.18 -23.57 -9.45
C ILE D 188 23.05 -22.83 -8.77
N PHE D 189 22.47 -23.49 -7.78
CA PHE D 189 21.31 -23.01 -7.04
C PHE D 189 21.75 -22.97 -5.59
N PRO D 190 22.24 -21.80 -5.11
CA PRO D 190 22.65 -21.64 -3.73
C PRO D 190 21.50 -21.26 -2.80
N GLU D 191 21.12 -22.17 -1.92
CA GLU D 191 20.01 -21.96 -1.01
C GLU D 191 20.30 -20.93 0.06
N ALA D 192 19.25 -20.16 0.40
CA ALA D 192 19.24 -19.22 1.55
C ALA D 192 20.50 -18.30 1.64
N MET D 193 20.52 -17.32 0.75
CA MET D 193 21.47 -16.21 0.83
C MET D 193 20.77 -15.03 1.51
N LYS D 194 21.51 -14.32 2.36
CA LYS D 194 20.92 -13.24 3.17
C LYS D 194 21.06 -11.88 2.52
N THR D 195 22.16 -11.65 1.82
CA THR D 195 22.44 -10.33 1.27
C THR D 195 22.66 -10.41 -0.22
N LEU D 196 22.49 -9.28 -0.91
CA LEU D 196 22.86 -9.16 -2.33
C LEU D 196 24.33 -9.46 -2.60
N ASP D 197 25.19 -9.24 -1.60
CA ASP D 197 26.62 -9.48 -1.71
C ASP D 197 26.97 -10.95 -1.79
N ASP D 198 26.26 -11.75 -0.98
CA ASP D 198 26.42 -13.19 -0.98
C ASP D 198 26.32 -13.73 -2.42
N TYR D 199 25.29 -13.29 -3.13
CA TYR D 199 25.08 -13.69 -4.52
C TYR D 199 26.20 -13.23 -5.44
N ARG D 200 26.63 -11.99 -5.28
CA ARG D 200 27.66 -11.38 -6.10
C ARG D 200 28.98 -12.15 -6.07
N ARG D 201 29.39 -12.52 -4.87
CA ARG D 201 30.66 -13.23 -4.65
C ARG D 201 30.54 -14.63 -5.19
N PHE D 202 29.38 -15.23 -4.98
CA PHE D 202 29.10 -16.56 -5.46
C PHE D 202 29.23 -16.69 -6.97
N LYS D 203 28.56 -15.80 -7.70
CA LYS D 203 28.66 -15.76 -9.17
C LYS D 203 30.08 -15.58 -9.64
N GLU D 204 30.82 -14.72 -8.93
CA GLU D 204 32.21 -14.40 -9.24
C GLU D 204 33.11 -15.62 -9.12
N ALA D 205 32.89 -16.42 -8.09
CA ALA D 205 33.74 -17.58 -7.83
C ALA D 205 33.38 -18.76 -8.74
N VAL D 206 32.09 -19.03 -8.95
CA VAL D 206 31.67 -20.23 -9.67
C VAL D 206 31.62 -20.04 -11.18
N LYS D 207 31.47 -18.79 -11.60
CA LYS D 207 31.57 -18.41 -13.02
C LYS D 207 30.55 -19.07 -13.98
N VAL D 208 29.57 -19.77 -13.43
CA VAL D 208 28.44 -20.27 -14.24
C VAL D 208 27.14 -19.56 -13.83
N PRO D 209 26.07 -19.68 -14.63
CA PRO D 209 24.78 -19.09 -14.23
C PRO D 209 24.30 -19.51 -12.84
N ILE D 210 23.65 -18.57 -12.15
CA ILE D 210 23.27 -18.70 -10.76
C ILE D 210 21.79 -18.40 -10.61
N LEU D 211 21.13 -19.12 -9.71
CA LEU D 211 19.70 -18.94 -9.47
C LEU D 211 19.43 -18.41 -8.07
N ALA D 212 18.47 -17.50 -7.96
CA ALA D 212 18.08 -16.93 -6.69
C ALA D 212 16.66 -17.36 -6.38
N ASN D 213 16.49 -18.02 -5.25
CA ASN D 213 15.21 -18.55 -4.88
C ASN D 213 14.40 -17.54 -4.08
N LEU D 214 13.54 -16.80 -4.77
CA LEU D 214 12.71 -15.78 -4.11
C LEU D 214 11.47 -16.41 -3.49
N THR D 215 11.60 -16.87 -2.25
CA THR D 215 10.47 -17.50 -1.66
C THR D 215 9.90 -16.72 -0.47
N GLU D 216 8.58 -16.76 -0.40
CA GLU D 216 7.84 -15.97 0.57
C GLU D 216 7.78 -16.70 1.91
N PHE D 217 7.72 -15.94 3.01
CA PHE D 217 7.68 -16.48 4.39
C PHE D 217 8.96 -17.21 4.84
N GLY D 218 10.07 -17.02 4.11
CA GLY D 218 11.35 -17.64 4.46
C GLY D 218 12.27 -16.66 5.17
N SER D 219 13.57 -16.89 5.05
CA SER D 219 14.60 -16.01 5.63
C SER D 219 14.96 -14.95 4.61
N THR D 220 15.24 -15.42 3.39
CA THR D 220 15.56 -14.58 2.25
C THR D 220 14.57 -13.40 2.08
N PRO D 221 15.07 -12.14 2.01
CA PRO D 221 14.22 -11.01 1.55
C PRO D 221 13.78 -11.15 0.09
N LEU D 222 12.64 -10.55 -0.26
CA LEU D 222 12.09 -10.64 -1.61
C LEU D 222 12.74 -9.61 -2.51
N PHE D 223 13.94 -9.93 -2.97
CA PHE D 223 14.70 -9.02 -3.80
C PHE D 223 14.05 -8.74 -5.15
N THR D 224 14.22 -7.52 -5.64
CA THR D 224 13.63 -7.08 -6.90
C THR D 224 14.51 -7.49 -8.07
N LEU D 225 13.93 -7.52 -9.27
CA LEU D 225 14.68 -7.85 -10.49
C LEU D 225 15.94 -7.01 -10.65
N ASP D 226 15.82 -5.71 -10.37
CA ASP D 226 16.96 -4.79 -10.47
C ASP D 226 18.07 -5.11 -9.50
N GLU D 227 17.70 -5.27 -8.22
CA GLU D 227 18.62 -5.68 -7.18
C GLU D 227 19.42 -6.90 -7.64
N LEU D 228 18.71 -7.91 -8.15
CA LEU D 228 19.36 -9.13 -8.61
C LEU D 228 20.21 -8.89 -9.86
N LYS D 229 19.75 -8.04 -10.76
CA LYS D 229 20.53 -7.67 -11.97
C LYS D 229 21.89 -7.12 -11.56
N GLY D 230 21.86 -6.20 -10.58
CA GLY D 230 23.06 -5.55 -10.08
C GLY D 230 23.96 -6.50 -9.34
N ALA D 231 23.39 -7.61 -8.84
CA ALA D 231 24.18 -8.63 -8.15
C ALA D 231 24.74 -9.69 -9.11
N ASN D 232 24.41 -9.59 -10.39
CA ASN D 232 24.90 -10.53 -11.41
C ASN D 232 24.21 -11.92 -11.47
N VAL D 233 23.06 -12.02 -10.81
CA VAL D 233 22.25 -13.22 -10.78
C VAL D 233 21.58 -13.47 -12.14
N ASP D 234 21.54 -14.74 -12.58
CA ASP D 234 21.02 -15.10 -13.91
C ASP D 234 19.56 -15.51 -13.93
N ILE D 235 19.09 -16.08 -12.82
CA ILE D 235 17.72 -16.59 -12.74
C ILE D 235 17.01 -16.19 -11.45
N ALA D 236 15.85 -15.57 -11.62
CA ALA D 236 14.98 -15.25 -10.50
C ALA D 236 13.86 -16.27 -10.44
N LEU D 237 13.76 -16.99 -9.33
CA LEU D 237 12.79 -18.08 -9.23
C LEU D 237 11.66 -17.86 -8.22
N TYR D 238 10.43 -17.75 -8.73
CA TYR D 238 9.27 -17.57 -7.87
C TYR D 238 8.54 -18.89 -7.84
N CYS D 239 8.93 -19.72 -6.91
CA CYS D 239 8.59 -21.13 -6.93
C CYS D 239 7.21 -21.49 -6.40
N CYS D 240 6.66 -20.69 -5.49
CA CYS D 240 5.44 -21.12 -4.80
C CYS D 240 4.31 -20.13 -4.72
N GLY D 241 4.61 -18.87 -5.06
CA GLY D 241 3.65 -17.79 -4.85
C GLY D 241 2.30 -18.17 -5.40
N ALA D 242 2.31 -18.53 -6.69
CA ALA D 242 1.15 -19.00 -7.41
C ALA D 242 0.26 -19.89 -6.55
N TYR D 243 0.79 -21.00 -6.04
CA TYR D 243 -0.10 -21.93 -5.37
C TYR D 243 -0.60 -21.50 -4.00
N ARG D 244 0.19 -20.70 -3.31
CA ARG D 244 -0.25 -20.16 -2.03
C ARG D 244 -1.39 -19.18 -2.27
N ALA D 245 -1.28 -18.37 -3.32
CA ALA D 245 -2.35 -17.49 -3.76
C ALA D 245 -3.62 -18.27 -4.08
N MET D 246 -3.48 -19.32 -4.88
CA MET D 246 -4.68 -20.04 -5.27
C MET D 246 -5.27 -20.83 -4.13
N ASN D 247 -4.45 -21.34 -3.24
CA ASN D 247 -4.98 -22.08 -2.08
C ASN D 247 -5.82 -21.23 -1.12
N LYS D 248 -5.42 -19.98 -0.91
CA LYS D 248 -6.23 -19.10 -0.06
C LYS D 248 -7.56 -18.79 -0.70
N ALA D 249 -7.54 -18.51 -2.01
CA ALA D 249 -8.75 -18.26 -2.79
C ALA D 249 -9.74 -19.41 -2.64
N ALA D 250 -9.22 -20.63 -2.64
CA ALA D 250 -10.02 -21.84 -2.56
C ALA D 250 -10.64 -21.99 -1.18
N LEU D 251 -9.83 -21.80 -0.13
CA LEU D 251 -10.31 -21.86 1.26
C LEU D 251 -11.41 -20.84 1.48
N ASN D 252 -11.20 -19.64 0.93
CA ASN D 252 -12.17 -18.60 1.06
C ASN D 252 -13.50 -19.02 0.47
N PHE D 253 -13.47 -19.55 -0.76
CA PHE D 253 -14.67 -20.08 -1.37
C PHE D 253 -15.37 -21.13 -0.50
N TYR D 254 -14.64 -22.14 -0.03
CA TYR D 254 -15.25 -23.18 0.81
C TYR D 254 -15.88 -22.58 2.05
N GLU D 255 -15.18 -21.65 2.68
CA GLU D 255 -15.72 -20.99 3.88
C GLU D 255 -17.01 -20.24 3.62
N THR D 256 -17.04 -19.42 2.56
CA THR D 256 -18.22 -18.60 2.27
C THR D 256 -19.40 -19.47 1.91
N VAL D 257 -19.14 -20.61 1.29
CA VAL D 257 -20.22 -21.52 0.95
C VAL D 257 -20.80 -22.20 2.20
N ARG D 258 -19.95 -22.57 3.14
CA ARG D 258 -20.42 -23.26 4.34
C ARG D 258 -21.12 -22.27 5.30
N ARG D 259 -20.68 -21.01 5.26
CA ARG D 259 -21.26 -19.94 6.10
C ARG D 259 -22.61 -19.44 5.58
N ASP D 260 -22.61 -19.04 4.31
CA ASP D 260 -23.74 -18.37 3.66
C ASP D 260 -24.84 -19.29 3.13
N GLY D 261 -24.56 -20.57 2.93
CA GLY D 261 -25.51 -21.45 2.23
C GLY D 261 -25.62 -21.15 0.73
N THR D 262 -24.65 -20.42 0.19
CA THR D 262 -24.57 -20.10 -1.23
C THR D 262 -23.21 -19.48 -1.51
N GLN D 263 -22.77 -19.54 -2.76
CA GLN D 263 -21.48 -18.99 -3.13
C GLN D 263 -21.56 -17.58 -3.64
N LYS D 264 -22.76 -17.00 -3.63
CA LYS D 264 -22.98 -15.70 -4.25
C LYS D 264 -21.92 -14.66 -3.87
N ALA D 265 -21.57 -14.58 -2.58
CA ALA D 265 -20.55 -13.64 -2.09
C ALA D 265 -19.16 -13.79 -2.74
N ALA D 266 -18.86 -15.01 -3.20
CA ALA D 266 -17.53 -15.35 -3.71
C ALA D 266 -17.33 -15.18 -5.21
N VAL D 267 -18.44 -15.05 -5.96
CA VAL D 267 -18.35 -15.00 -7.43
C VAL D 267 -17.46 -13.90 -8.00
N PRO D 268 -17.35 -12.73 -7.30
CA PRO D 268 -16.41 -11.69 -7.74
C PRO D 268 -14.93 -12.10 -7.79
N THR D 269 -14.52 -13.08 -6.99
CA THR D 269 -13.12 -13.56 -7.01
C THR D 269 -12.80 -14.57 -8.11
N MET D 270 -13.83 -15.01 -8.83
CA MET D 270 -13.72 -16.12 -9.78
C MET D 270 -13.32 -15.66 -11.17
N GLN D 271 -12.41 -16.37 -11.80
CA GLN D 271 -12.20 -16.17 -13.20
C GLN D 271 -13.41 -16.70 -13.98
N THR D 272 -13.83 -15.94 -15.00
CA THR D 272 -15.08 -16.24 -15.76
C THR D 272 -14.95 -17.50 -16.62
N ARG D 273 -16.04 -18.27 -16.70
CA ARG D 273 -16.14 -19.39 -17.62
C ARG D 273 -15.51 -18.98 -18.96
N ALA D 274 -15.78 -17.76 -19.41
CA ALA D 274 -15.34 -17.21 -20.71
C ALA D 274 -13.83 -16.96 -20.87
N GLN D 275 -13.15 -16.52 -19.81
CA GLN D 275 -11.71 -16.27 -19.88
C GLN D 275 -10.97 -17.59 -19.92
N LEU D 276 -11.42 -18.51 -19.08
CA LEU D 276 -10.92 -19.88 -19.01
C LEU D 276 -10.86 -20.46 -20.41
N TYR D 277 -12.02 -20.44 -21.05
CA TYR D 277 -12.19 -21.01 -22.37
C TYR D 277 -11.16 -20.48 -23.39
N ASP D 278 -10.78 -19.22 -23.20
CA ASP D 278 -9.86 -18.55 -24.08
C ASP D 278 -8.43 -19.07 -23.85
N TYR D 279 -7.98 -19.03 -22.60
CA TYR D 279 -6.61 -19.47 -22.27
C TYR D 279 -6.39 -20.95 -22.55
N LEU D 280 -7.38 -21.80 -22.31
CA LEU D 280 -7.29 -23.19 -22.76
C LEU D 280 -7.17 -23.27 -24.28
N GLY D 281 -7.46 -22.16 -24.96
CA GLY D 281 -7.33 -22.05 -26.41
C GLY D 281 -8.34 -22.93 -27.10
N TYR D 282 -9.57 -22.89 -26.59
CA TYR D 282 -10.67 -23.75 -27.03
C TYR D 282 -11.07 -23.42 -28.47
N TYR D 283 -11.11 -22.14 -28.82
CA TYR D 283 -11.42 -21.73 -30.20
C TYR D 283 -10.40 -22.22 -31.26
N ALA D 284 -9.15 -22.43 -30.85
CA ALA D 284 -8.13 -23.02 -31.72
C ALA D 284 -8.45 -24.43 -32.19
N TYR D 285 -9.34 -25.12 -31.46
CA TYR D 285 -9.75 -26.46 -31.85
C TYR D 285 -10.72 -26.39 -33.00
N GLU D 286 -11.69 -25.48 -32.91
CA GLU D 286 -12.61 -25.20 -34.03
C GLU D 286 -11.90 -24.95 -35.34
N GLU D 287 -10.91 -24.06 -35.32
CA GLU D 287 -10.05 -23.81 -36.49
C GLU D 287 -9.50 -25.10 -37.09
N LYS D 288 -8.91 -25.94 -36.23
CA LYS D 288 -8.34 -27.22 -36.64
C LYS D 288 -9.34 -28.11 -37.36
N LEU D 289 -10.52 -28.25 -36.78
CA LEU D 289 -11.58 -29.04 -37.37
C LEU D 289 -11.94 -28.51 -38.75
N ASP D 290 -12.00 -27.19 -38.84
CA ASP D 290 -12.27 -26.51 -40.09
C ASP D 290 -11.11 -26.63 -41.07
N GLN D 291 -9.91 -26.34 -40.60
CA GLN D 291 -8.70 -26.43 -41.39
C GLN D 291 -8.38 -27.89 -41.81
N LEU D 292 -9.11 -28.86 -41.25
CA LEU D 292 -8.89 -30.26 -41.62
C LEU D 292 -9.97 -30.89 -42.54
N PHE D 293 -11.23 -30.44 -42.42
CA PHE D 293 -12.35 -31.22 -42.95
C PHE D 293 -13.32 -30.47 -43.87
N LEU E 7 0.96 29.44 19.65
CA LEU E 7 2.32 29.61 19.03
C LEU E 7 3.44 29.79 20.06
N ILE E 8 3.96 28.64 20.50
CA ILE E 8 5.19 28.47 21.28
C ILE E 8 6.45 29.24 20.74
N SER E 9 7.22 29.85 21.64
CA SER E 9 8.42 30.61 21.28
C SER E 9 9.64 29.74 20.86
N ALA E 10 10.60 30.30 20.12
CA ALA E 10 11.79 29.53 19.66
C ALA E 10 12.56 28.85 20.81
N GLY E 11 12.96 29.64 21.80
CA GLY E 11 13.60 29.13 23.01
C GLY E 11 12.90 27.90 23.58
N ALA E 12 11.59 28.00 23.75
CA ALA E 12 10.77 26.89 24.26
C ALA E 12 10.89 25.67 23.34
N LYS E 13 10.83 25.89 22.03
CA LYS E 13 10.99 24.81 21.04
C LYS E 13 12.33 24.09 21.23
N PHE E 14 13.37 24.84 21.56
CA PHE E 14 14.67 24.25 21.75
C PHE E 14 14.73 23.43 23.02
N ARG E 15 14.25 23.99 24.13
CA ARG E 15 14.24 23.25 25.40
C ARG E 15 13.37 21.97 25.33
N ALA E 16 12.24 22.05 24.62
CA ALA E 16 11.39 20.90 24.39
C ALA E 16 12.13 19.81 23.64
N ALA E 17 12.85 20.21 22.60
CA ALA E 17 13.62 19.29 21.77
C ALA E 17 14.69 18.56 22.56
N VAL E 18 15.30 19.24 23.53
CA VAL E 18 16.35 18.66 24.37
C VAL E 18 15.75 17.61 25.30
N ALA E 19 14.57 17.91 25.83
CA ALA E 19 13.83 16.99 26.68
C ALA E 19 13.33 15.78 25.92
N ALA E 20 13.05 15.94 24.63
CA ALA E 20 12.38 14.88 23.88
C ALA E 20 13.31 13.91 23.20
N GLU E 21 14.59 14.25 23.06
CA GLU E 21 15.54 13.42 22.30
C GLU E 21 16.90 13.51 22.99
N GLN E 22 17.39 12.37 23.46
CA GLN E 22 18.52 12.34 24.37
C GLN E 22 19.52 11.28 23.97
N PRO E 23 20.73 11.68 23.54
CA PRO E 23 21.10 13.07 23.27
C PRO E 23 20.38 13.60 22.02
N LEU E 24 20.25 14.92 21.91
CA LEU E 24 19.61 15.55 20.78
C LEU E 24 20.62 15.87 19.68
N GLN E 25 20.36 15.37 18.48
CA GLN E 25 21.19 15.69 17.33
C GLN E 25 20.78 17.05 16.80
N VAL E 26 21.79 17.91 16.63
CA VAL E 26 21.62 19.24 16.05
C VAL E 26 22.67 19.47 14.96
N VAL E 27 22.23 19.73 13.74
CA VAL E 27 23.07 19.79 12.56
C VAL E 27 23.25 21.21 12.02
N GLY E 28 24.46 21.53 11.57
CA GLY E 28 24.76 22.84 11.04
C GLY E 28 24.15 23.00 9.67
N ALA E 29 23.71 24.21 9.34
CA ALA E 29 23.26 24.57 8.00
C ALA E 29 23.90 25.90 7.61
N ILE E 30 24.51 25.98 6.43
CA ILE E 30 25.09 27.28 6.04
C ILE E 30 24.18 28.12 5.17
N THR E 31 23.08 27.53 4.67
CA THR E 31 22.08 28.27 3.89
C THR E 31 20.69 27.94 4.37
N ALA E 32 19.75 28.81 4.04
CA ALA E 32 18.34 28.60 4.36
C ALA E 32 17.85 27.25 3.86
N TYR E 33 18.19 26.90 2.61
CA TYR E 33 17.74 25.66 2.00
C TYR E 33 18.31 24.44 2.73
N ALA E 34 19.60 24.51 3.07
CA ALA E 34 20.21 23.43 3.83
C ALA E 34 19.33 23.12 5.05
N ALA E 35 18.91 24.16 5.75
CA ALA E 35 18.12 23.97 6.97
C ALA E 35 16.77 23.31 6.66
N LYS E 36 16.16 23.68 5.52
CA LYS E 36 14.88 23.07 5.11
C LYS E 36 15.05 21.58 4.90
N MET E 37 16.16 21.18 4.28
CA MET E 37 16.46 19.76 4.08
C MET E 37 16.68 19.04 5.39
N ALA E 38 17.50 19.62 6.25
CA ALA E 38 17.70 19.08 7.58
C ALA E 38 16.34 18.88 8.31
N GLU E 39 15.37 19.77 8.10
CA GLU E 39 14.06 19.60 8.70
C GLU E 39 13.30 18.43 8.10
N ALA E 40 13.39 18.30 6.78
CA ALA E 40 12.69 17.26 6.04
C ALA E 40 13.22 15.89 6.46
N VAL E 41 14.52 15.79 6.70
CA VAL E 41 15.13 14.53 7.12
C VAL E 41 14.73 14.11 8.56
N GLY E 42 14.11 15.02 9.32
CA GLY E 42 13.60 14.70 10.63
C GLY E 42 14.32 15.25 11.87
N PHE E 43 15.39 16.01 11.68
CA PHE E 43 16.09 16.67 12.78
C PHE E 43 15.15 17.65 13.54
N LYS E 44 15.42 17.87 14.82
CA LYS E 44 14.56 18.74 15.64
C LYS E 44 15.15 20.12 15.86
N ALA E 45 16.40 20.33 15.42
CA ALA E 45 17.14 21.55 15.71
C ALA E 45 18.32 21.77 14.73
N VAL E 46 18.57 23.01 14.35
CA VAL E 46 19.72 23.32 13.49
C VAL E 46 20.66 24.33 14.09
N TYR E 47 21.83 24.47 13.47
CA TYR E 47 22.92 25.25 14.02
C TYR E 47 23.51 26.20 12.99
N LEU E 48 23.81 27.42 13.42
CA LEU E 48 24.54 28.37 12.60
C LEU E 48 25.96 28.54 13.11
N SER E 49 26.92 27.97 12.38
CA SER E 49 28.35 28.07 12.73
C SER E 49 28.97 29.42 12.43
N GLY E 50 29.70 29.97 13.40
CA GLY E 50 30.42 31.23 13.22
C GLY E 50 31.51 31.19 12.15
N GLY E 51 32.39 30.19 12.22
CA GLY E 51 33.38 29.96 11.21
C GLY E 51 32.75 29.61 9.88
N GLY E 52 31.55 29.04 9.94
CA GLY E 52 30.75 28.73 8.75
C GLY E 52 30.27 29.96 7.99
N VAL E 53 29.74 30.92 8.73
CA VAL E 53 29.38 32.21 8.18
C VAL E 53 30.58 32.84 7.48
N ALA E 54 31.72 32.83 8.16
CA ALA E 54 32.92 33.49 7.70
C ALA E 54 33.44 32.91 6.42
N ALA E 55 33.63 31.59 6.42
CA ALA E 55 34.22 30.87 5.32
C ALA E 55 33.34 30.94 4.08
N ASN E 56 32.09 30.55 4.27
CA ASN E 56 31.15 30.35 3.19
C ASN E 56 30.54 31.65 2.69
N SER E 57 29.88 32.37 3.59
CA SER E 57 29.15 33.57 3.22
C SER E 57 30.09 34.68 2.81
N LEU E 58 31.23 34.81 3.49
CA LEU E 58 32.11 35.98 3.31
C LEU E 58 33.39 35.67 2.56
N GLY E 59 33.83 34.43 2.60
CA GLY E 59 35.05 34.03 1.90
C GLY E 59 36.33 34.44 2.62
N ILE E 60 36.25 34.47 3.95
CA ILE E 60 37.40 34.85 4.76
C ILE E 60 37.55 33.90 5.94
N PRO E 61 38.81 33.68 6.37
CA PRO E 61 39.12 32.93 7.58
C PRO E 61 38.34 33.30 8.85
N ASP E 62 38.26 32.34 9.76
CA ASP E 62 37.66 32.56 11.05
C ASP E 62 38.65 33.28 11.98
N LEU E 63 38.92 34.55 11.69
CA LEU E 63 39.89 35.30 12.51
C LEU E 63 39.23 36.45 13.24
N GLY E 64 37.98 36.26 13.65
CA GLY E 64 37.18 37.30 14.30
C GLY E 64 36.93 38.52 13.44
N ILE E 65 36.76 38.32 12.12
CA ILE E 65 36.53 39.43 11.23
C ILE E 65 35.04 39.58 11.03
N SER E 66 34.38 38.45 10.92
CA SER E 66 32.93 38.34 10.94
C SER E 66 32.28 39.26 12.01
N THR E 67 31.33 40.10 11.62
CA THR E 67 30.64 40.96 12.59
C THR E 67 29.24 40.47 12.91
N MET E 68 28.64 41.09 13.91
CA MET E 68 27.32 40.72 14.37
C MET E 68 26.27 40.70 13.26
N ASP E 69 26.43 41.62 12.30
CA ASP E 69 25.44 41.83 11.24
C ASP E 69 25.59 40.77 10.20
N ASP E 70 26.83 40.35 9.97
CA ASP E 70 27.11 39.27 9.03
C ASP E 70 26.33 38.06 9.49
N VAL E 71 26.47 37.69 10.76
CA VAL E 71 25.76 36.57 11.34
C VAL E 71 24.25 36.83 11.39
N LEU E 72 23.85 38.06 11.68
CA LEU E 72 22.42 38.39 11.66
C LEU E 72 21.71 38.07 10.33
N VAL E 73 22.31 38.46 9.21
CA VAL E 73 21.60 38.28 7.95
C VAL E 73 21.34 36.78 7.68
N ASP E 74 22.33 35.91 7.97
CA ASP E 74 22.20 34.46 7.75
C ASP E 74 21.22 33.88 8.75
N ALA E 75 21.29 34.35 9.99
CA ALA E 75 20.35 33.92 11.02
C ALA E 75 18.90 34.19 10.65
N ASN E 76 18.65 35.36 10.10
CA ASN E 76 17.30 35.72 9.66
C ASN E 76 16.80 34.91 8.50
N ARG E 77 17.66 34.71 7.52
CA ARG E 77 17.31 33.91 6.37
C ARG E 77 16.86 32.50 6.77
N ILE E 78 17.63 31.90 7.70
CA ILE E 78 17.36 30.56 8.19
C ILE E 78 16.04 30.47 8.99
N THR E 79 15.87 31.33 9.99
CA THR E 79 14.67 31.26 10.84
C THR E 79 13.40 31.51 10.04
N ASN E 80 13.53 32.27 8.96
CA ASN E 80 12.41 32.54 8.07
C ASN E 80 12.02 31.34 7.23
N ALA E 81 12.98 30.42 7.03
CA ALA E 81 12.82 29.32 6.06
C ALA E 81 12.44 27.98 6.68
N THR E 82 12.77 27.79 7.96
CA THR E 82 12.39 26.58 8.72
C THR E 82 11.74 26.97 10.02
N ASN E 83 11.03 26.03 10.62
CA ASN E 83 10.34 26.22 11.91
C ASN E 83 11.03 25.51 13.06
N LEU E 84 12.17 24.89 12.76
CA LEU E 84 12.99 24.26 13.79
C LEU E 84 13.78 25.32 14.56
N PRO E 85 13.93 25.13 15.88
CA PRO E 85 14.70 26.09 16.65
C PRO E 85 16.16 26.13 16.18
N LEU E 86 16.76 27.32 16.10
CA LEU E 86 18.14 27.47 15.62
C LEU E 86 19.08 27.90 16.75
N LEU E 87 20.26 27.30 16.79
CA LEU E 87 21.30 27.71 17.72
C LEU E 87 22.42 28.46 16.97
N VAL E 88 22.86 29.57 17.56
CA VAL E 88 23.83 30.41 16.89
C VAL E 88 25.11 30.63 17.68
N ASP E 89 26.24 30.52 17.00
CA ASP E 89 27.54 30.86 17.56
C ASP E 89 27.72 32.37 17.52
N ILE E 90 27.79 33.02 18.70
CA ILE E 90 27.95 34.47 18.70
C ILE E 90 29.30 34.96 19.23
N ASP E 91 30.32 34.10 19.11
CA ASP E 91 31.68 34.38 19.61
C ASP E 91 31.68 34.98 21.02
N THR E 92 32.34 36.13 21.14
CA THR E 92 32.47 36.80 22.41
C THR E 92 31.45 37.91 22.56
N GLY E 93 30.53 38.00 21.61
CA GLY E 93 29.38 38.89 21.72
C GLY E 93 29.59 40.22 21.04
N TRP E 94 30.75 40.35 20.38
CA TRP E 94 31.16 41.56 19.62
C TRP E 94 31.23 42.84 20.46
N GLY E 95 31.89 42.77 21.61
CA GLY E 95 32.17 43.96 22.41
C GLY E 95 31.90 43.86 23.90
N GLY E 96 31.87 45.03 24.55
CA GLY E 96 31.61 45.13 25.98
C GLY E 96 30.17 44.80 26.33
N ALA E 97 29.79 45.14 27.56
CA ALA E 97 28.49 44.78 28.13
C ALA E 97 27.31 45.36 27.34
N PHE E 98 27.54 46.53 26.76
CA PHE E 98 26.51 47.19 25.96
C PHE E 98 26.27 46.48 24.63
N ASN E 99 27.35 45.95 24.05
CA ASN E 99 27.25 45.25 22.77
C ASN E 99 26.68 43.86 22.90
N ILE E 100 27.17 43.12 23.90
CA ILE E 100 26.58 41.85 24.33
C ILE E 100 25.07 42.02 24.47
N ALA E 101 24.62 43.09 25.14
CA ALA E 101 23.17 43.31 25.31
C ALA E 101 22.47 43.48 23.97
N ARG E 102 23.05 44.30 23.09
CA ARG E 102 22.45 44.54 21.79
C ARG E 102 22.39 43.21 21.01
N THR E 103 23.48 42.45 21.06
CA THR E 103 23.54 41.18 20.40
C THR E 103 22.42 40.28 20.87
N ILE E 104 22.23 40.16 22.18
CA ILE E 104 21.18 39.31 22.73
C ILE E 104 19.78 39.71 22.25
N ARG E 105 19.48 41.00 22.32
CA ARG E 105 18.18 41.47 21.87
C ARG E 105 18.00 41.24 20.39
N SER E 106 19.05 41.49 19.61
CA SER E 106 19.01 41.30 18.17
C SER E 106 18.62 39.89 17.78
N PHE E 107 19.34 38.92 18.33
CA PHE E 107 19.09 37.53 18.01
C PHE E 107 17.80 36.99 18.58
N ILE E 108 17.28 37.59 19.66
CA ILE E 108 15.95 37.21 20.14
C ILE E 108 14.97 37.56 19.05
N LYS E 109 15.07 38.83 18.59
CA LYS E 109 14.14 39.40 17.62
C LYS E 109 14.23 38.62 16.30
N ALA E 110 15.42 38.11 16.01
CA ALA E 110 15.65 37.29 14.83
C ALA E 110 14.87 35.97 14.87
N GLY E 111 14.37 35.59 16.05
CA GLY E 111 13.63 34.35 16.20
C GLY E 111 14.51 33.12 16.45
N VAL E 112 15.78 33.38 16.73
CA VAL E 112 16.73 32.36 17.13
C VAL E 112 16.27 31.82 18.48
N GLY E 113 16.61 30.58 18.79
CA GLY E 113 16.16 29.95 20.04
C GLY E 113 17.26 29.82 21.10
N ALA E 114 18.50 29.68 20.65
CA ALA E 114 19.61 29.47 21.55
C ALA E 114 20.86 30.15 21.02
N VAL E 115 21.81 30.43 21.90
CA VAL E 115 22.95 31.22 21.50
C VAL E 115 24.12 30.80 22.39
N HIS E 116 25.35 30.88 21.88
CA HIS E 116 26.51 30.60 22.73
C HIS E 116 27.67 31.58 22.71
N LEU E 117 27.96 32.10 23.89
CA LEU E 117 29.09 32.96 24.14
C LEU E 117 30.24 32.10 24.56
N GLU E 118 31.33 32.18 23.81
CA GLU E 118 32.57 31.60 24.31
C GLU E 118 33.28 32.59 25.23
N ASP E 119 34.46 32.19 25.70
CA ASP E 119 35.20 32.93 26.74
C ASP E 119 36.59 33.31 26.24
N GLN E 120 36.70 33.48 24.94
CA GLN E 120 37.95 33.87 24.35
C GLN E 120 38.31 35.33 24.69
N VAL E 121 39.63 35.59 24.51
CA VAL E 121 40.24 36.91 24.51
C VAL E 121 39.42 37.81 23.61
N GLY E 122 39.18 39.04 24.06
CA GLY E 122 38.37 40.00 23.29
C GLY E 122 39.12 40.71 22.17
N GLN E 123 38.75 41.97 21.95
CA GLN E 123 39.59 42.91 21.21
C GLN E 123 40.99 42.78 21.80
N LYS E 124 41.99 42.78 20.94
CA LYS E 124 43.37 42.76 21.43
C LYS E 124 44.27 43.66 20.61
N ARG E 125 45.42 44.00 21.21
CA ARG E 125 46.50 44.73 20.56
C ARG E 125 46.43 44.65 19.02
N CYS E 126 46.71 45.77 18.36
CA CYS E 126 46.40 45.91 16.94
C CYS E 126 46.95 44.79 16.11
N GLY E 127 48.26 44.62 16.18
CA GLY E 127 48.95 43.60 15.42
C GLY E 127 49.23 42.33 16.21
N HIS E 128 48.21 41.86 16.93
CA HIS E 128 48.27 40.60 17.65
C HIS E 128 48.25 39.46 16.63
N ARG E 129 48.46 38.23 17.09
CA ARG E 129 48.16 37.08 16.25
C ARG E 129 46.99 36.34 16.86
N PRO E 130 45.76 36.50 16.29
CA PRO E 130 44.62 35.73 16.81
C PRO E 130 44.97 34.24 16.99
N GLY E 131 45.28 33.90 18.24
CA GLY E 131 45.34 32.52 18.70
C GLY E 131 44.16 32.27 19.63
N LYS E 132 44.22 31.15 20.34
CA LYS E 132 43.12 30.69 21.19
C LYS E 132 43.49 30.88 22.67
N GLU E 133 43.09 31.99 23.25
CA GLU E 133 43.44 32.37 24.62
C GLU E 133 42.17 32.79 25.37
N CYS E 134 42.09 32.55 26.68
CA CYS E 134 40.87 32.78 27.45
C CYS E 134 40.93 34.04 28.28
N VAL E 135 39.78 34.59 28.62
CA VAL E 135 39.70 35.62 29.65
C VAL E 135 39.79 34.95 31.01
N PRO E 136 40.18 35.69 32.07
CA PRO E 136 39.86 35.16 33.41
C PRO E 136 38.38 34.86 33.61
N ALA E 137 38.11 33.91 34.50
CA ALA E 137 36.78 33.39 34.77
C ALA E 137 35.75 34.49 35.00
N GLY E 138 35.99 35.30 36.03
CA GLY E 138 35.07 36.36 36.45
C GLY E 138 34.75 37.39 35.38
N GLU E 139 35.65 37.54 34.41
CA GLU E 139 35.45 38.39 33.23
C GLU E 139 34.32 37.83 32.36
N MET E 140 34.42 36.54 32.04
CA MET E 140 33.33 35.79 31.41
C MET E 140 32.05 35.82 32.25
N VAL E 141 32.20 35.66 33.56
CA VAL E 141 31.04 35.78 34.44
C VAL E 141 30.33 37.10 34.13
N ASP E 142 31.13 38.15 33.90
CA ASP E 142 30.56 39.47 33.58
C ASP E 142 29.81 39.42 32.27
N ARG E 143 30.41 38.78 31.28
CA ARG E 143 29.81 38.64 29.94
C ARG E 143 28.45 37.95 30.04
N ILE E 144 28.41 36.83 30.76
CA ILE E 144 27.18 36.07 30.96
C ILE E 144 26.15 36.92 31.69
N LYS E 145 26.59 37.64 32.71
CA LYS E 145 25.68 38.48 33.50
C LYS E 145 24.98 39.52 32.63
N ALA E 146 25.76 40.16 31.76
CA ALA E 146 25.24 41.09 30.76
C ALA E 146 24.17 40.45 29.87
N ALA E 147 24.47 39.25 29.38
CA ALA E 147 23.56 38.50 28.50
C ALA E 147 22.23 38.14 29.16
N VAL E 148 22.30 37.59 30.36
CA VAL E 148 21.11 37.15 31.08
C VAL E 148 20.21 38.33 31.44
N ASP E 149 20.86 39.43 31.77
CA ASP E 149 20.17 40.66 32.08
C ASP E 149 19.39 41.17 30.88
N ALA E 150 20.07 41.18 29.72
CA ALA E 150 19.50 41.71 28.47
C ALA E 150 18.38 40.84 27.93
N ARG E 151 18.39 39.57 28.31
CA ARG E 151 17.39 38.59 27.90
C ARG E 151 15.99 38.96 28.36
N THR E 152 15.07 39.09 27.41
CA THR E 152 13.72 39.57 27.70
C THR E 152 12.72 38.42 27.93
N ASP E 153 13.10 37.21 27.51
CA ASP E 153 12.23 36.02 27.60
C ASP E 153 13.06 34.84 28.06
N GLU E 154 12.80 34.38 29.28
CA GLU E 154 13.51 33.25 29.94
C GLU E 154 13.69 31.99 29.09
N THR E 155 12.72 31.66 28.24
CA THR E 155 12.82 30.47 27.39
C THR E 155 14.05 30.48 26.45
N PHE E 156 14.51 31.66 26.08
CA PHE E 156 15.68 31.83 25.25
C PHE E 156 16.90 31.28 25.97
N VAL E 157 17.64 30.40 25.31
CA VAL E 157 18.71 29.67 25.94
C VAL E 157 20.08 30.33 25.78
N ILE E 158 20.74 30.64 26.90
CA ILE E 158 22.09 31.23 26.85
C ILE E 158 23.10 30.17 27.26
N MET E 159 23.92 29.73 26.30
CA MET E 159 24.87 28.65 26.52
C MET E 159 26.30 29.17 26.58
N ALA E 160 27.06 28.70 27.57
CA ALA E 160 28.44 29.18 27.75
C ALA E 160 29.40 28.13 27.23
N ARG E 161 30.30 28.55 26.36
CA ARG E 161 31.29 27.68 25.77
C ARG E 161 32.71 27.97 26.28
N THR E 162 33.45 26.93 26.64
CA THR E 162 34.77 27.14 27.22
C THR E 162 35.88 26.36 26.50
N ASP E 163 36.98 27.03 26.21
CA ASP E 163 38.15 26.38 25.64
C ASP E 163 39.30 26.19 26.62
N ALA E 164 39.01 26.35 27.91
CA ALA E 164 40.04 26.29 28.94
C ALA E 164 40.69 24.93 29.08
N ALA E 165 39.88 23.87 28.94
CA ALA E 165 40.34 22.47 28.97
C ALA E 165 41.75 22.29 28.40
N ALA E 166 41.92 22.73 27.15
CA ALA E 166 43.17 22.56 26.38
C ALA E 166 44.44 23.14 27.02
N ALA E 167 44.34 24.28 27.69
CA ALA E 167 45.53 24.90 28.24
C ALA E 167 45.63 24.82 29.76
N GLU E 168 44.51 24.60 30.43
CA GLU E 168 44.45 24.71 31.87
C GLU E 168 44.07 23.39 32.55
N GLY E 169 43.79 22.39 31.72
CA GLY E 169 43.37 21.11 32.24
C GLY E 169 41.88 21.08 32.55
N ILE E 170 41.33 19.89 32.45
CA ILE E 170 39.90 19.63 32.61
C ILE E 170 39.24 20.14 33.91
N ASP E 171 39.98 20.12 35.03
CA ASP E 171 39.43 20.55 36.32
C ASP E 171 39.20 22.07 36.39
N ALA E 172 40.17 22.82 35.85
CA ALA E 172 40.08 24.27 35.69
C ALA E 172 38.79 24.60 34.98
N ALA E 173 38.61 23.95 33.84
CA ALA E 173 37.43 24.11 33.00
C ALA E 173 36.13 23.82 33.71
N ILE E 174 36.10 22.74 34.50
CA ILE E 174 34.92 22.35 35.26
C ILE E 174 34.58 23.43 36.31
N GLU E 175 35.63 23.97 36.93
CA GLU E 175 35.51 25.05 37.92
C GLU E 175 34.92 26.35 37.34
N ARG E 176 35.44 26.75 36.18
CA ARG E 176 34.89 27.83 35.37
C ARG E 176 33.42 27.62 35.11
N ALA E 177 33.11 26.48 34.47
CA ALA E 177 31.73 26.12 34.14
C ALA E 177 30.72 26.26 35.29
N ILE E 178 31.12 25.90 36.51
CA ILE E 178 30.24 25.99 37.69
C ILE E 178 29.91 27.46 37.98
N ALA E 179 30.94 28.30 37.78
CA ALA E 179 30.83 29.74 37.94
C ALA E 179 29.93 30.34 36.85
N TYR E 180 29.95 29.73 35.68
CA TYR E 180 29.19 30.18 34.53
C TYR E 180 27.70 29.89 34.73
N VAL E 181 27.40 28.71 35.27
CA VAL E 181 26.03 28.33 35.68
C VAL E 181 25.54 29.25 36.76
N GLU E 182 26.43 29.59 37.69
CA GLU E 182 26.19 30.58 38.73
C GLU E 182 25.72 31.91 38.15
N ALA E 183 26.46 32.38 37.15
CA ALA E 183 26.19 33.65 36.48
C ALA E 183 24.90 33.63 35.65
N GLY E 184 24.31 32.45 35.42
CA GLY E 184 23.00 32.31 34.78
C GLY E 184 22.94 31.48 33.50
N ALA E 185 24.09 31.00 33.05
CA ALA E 185 24.16 30.19 31.85
C ALA E 185 23.25 28.98 31.98
N ASP E 186 22.49 28.68 30.94
CA ASP E 186 21.55 27.58 30.96
C ASP E 186 22.15 26.22 30.63
N MET E 187 23.20 26.20 29.81
CA MET E 187 23.78 24.99 29.30
C MET E 187 25.24 25.24 29.04
N ILE E 188 26.03 24.18 28.97
CA ILE E 188 27.48 24.32 28.81
C ILE E 188 28.06 23.58 27.62
N PHE E 189 29.04 24.20 26.97
CA PHE E 189 29.62 23.68 25.75
C PHE E 189 31.14 23.57 25.97
N PRO E 190 31.61 22.40 26.45
CA PRO E 190 33.02 22.19 26.73
C PRO E 190 33.81 21.77 25.50
N GLU E 191 34.70 22.63 25.03
CA GLU E 191 35.47 22.34 23.83
C GLU E 191 36.54 21.30 24.03
N ALA E 192 36.75 20.51 22.98
CA ALA E 192 37.85 19.52 22.88
C ALA E 192 38.04 18.62 24.10
N MET E 193 37.14 17.65 24.22
CA MET E 193 37.28 16.60 25.19
C MET E 193 37.82 15.41 24.45
N LYS E 194 38.74 14.68 25.07
CA LYS E 194 39.38 13.56 24.39
C LYS E 194 38.71 12.20 24.65
N THR E 195 38.13 11.98 25.83
CA THR E 195 37.50 10.69 26.11
C THR E 195 36.07 10.84 26.53
N LEU E 196 35.31 9.75 26.46
CA LEU E 196 33.94 9.72 26.95
C LEU E 196 33.82 10.01 28.47
N ASP E 197 34.91 9.77 29.21
CA ASP E 197 34.91 9.97 30.65
C ASP E 197 34.96 11.43 31.01
N ASP E 198 35.72 12.19 30.22
CA ASP E 198 35.78 13.62 30.38
C ASP E 198 34.37 14.22 30.39
N TYR E 199 33.56 13.82 29.42
CA TYR E 199 32.18 14.27 29.33
C TYR E 199 31.36 13.86 30.55
N ARG E 200 31.51 12.60 30.95
CA ARG E 200 30.74 12.07 32.05
C ARG E 200 30.95 12.82 33.37
N ARG E 201 32.21 13.15 33.64
CA ARG E 201 32.61 13.86 34.85
C ARG E 201 32.07 15.27 34.82
N PHE E 202 32.18 15.88 33.65
CA PHE E 202 31.74 17.24 33.42
C PHE E 202 30.24 17.40 33.71
N LYS E 203 29.44 16.50 33.14
CA LYS E 203 28.00 16.49 33.32
C LYS E 203 27.62 16.34 34.78
N GLU E 204 28.36 15.50 35.48
CA GLU E 204 28.19 15.23 36.89
C GLU E 204 28.43 16.46 37.74
N ALA E 205 29.50 17.18 37.40
CA ALA E 205 29.96 18.36 38.12
C ALA E 205 29.05 19.57 37.92
N VAL E 206 28.66 19.83 36.68
CA VAL E 206 27.94 21.06 36.35
C VAL E 206 26.41 20.95 36.40
N LYS E 207 25.90 19.72 36.31
CA LYS E 207 24.50 19.36 36.55
C LYS E 207 23.50 20.06 35.62
N VAL E 208 23.99 20.72 34.58
CA VAL E 208 23.13 21.33 33.56
C VAL E 208 23.34 20.57 32.24
N PRO E 209 22.40 20.67 31.28
CA PRO E 209 22.66 20.10 29.94
C PRO E 209 24.03 20.44 29.32
N ILE E 210 24.62 19.47 28.62
CA ILE E 210 25.99 19.55 28.07
C ILE E 210 25.98 19.27 26.57
N LEU E 211 26.84 19.97 25.83
CA LEU E 211 26.96 19.74 24.39
C LEU E 211 28.31 19.15 23.97
N ALA E 212 28.25 18.20 23.05
CA ALA E 212 29.42 17.55 22.50
C ALA E 212 29.66 17.96 21.04
N ASN E 213 30.78 18.62 20.78
CA ASN E 213 31.00 19.09 19.44
C ASN E 213 31.70 18.07 18.57
N LEU E 214 30.91 17.37 17.79
CA LEU E 214 31.44 16.34 16.92
C LEU E 214 32.00 16.93 15.65
N THR E 215 33.26 17.36 15.69
CA THR E 215 33.86 18.00 14.52
C THR E 215 34.89 17.10 13.85
N GLU E 216 34.82 17.07 12.52
CA GLU E 216 35.74 16.25 11.74
C GLU E 216 37.08 16.95 11.51
N PHE E 217 38.13 16.15 11.37
CA PHE E 217 39.52 16.60 11.19
C PHE E 217 40.08 17.35 12.38
N GLY E 218 39.45 17.18 13.55
CA GLY E 218 39.93 17.79 14.79
C GLY E 218 40.69 16.79 15.65
N SER E 219 40.72 17.04 16.97
CA SER E 219 41.34 16.13 17.95
C SER E 219 40.32 15.12 18.44
N THR E 220 39.14 15.65 18.80
CA THR E 220 38.00 14.85 19.25
C THR E 220 37.71 13.72 18.25
N PRO E 221 37.69 12.45 18.74
CA PRO E 221 37.07 11.33 18.02
C PRO E 221 35.61 11.56 17.69
N LEU E 222 35.14 10.91 16.63
CA LEU E 222 33.76 11.07 16.17
C LEU E 222 32.85 10.11 16.90
N PHE E 223 32.49 10.43 18.14
CA PHE E 223 31.68 9.53 18.98
C PHE E 223 30.28 9.28 18.42
N THR E 224 29.74 8.09 18.70
CA THR E 224 28.41 7.70 18.24
C THR E 224 27.35 8.18 19.21
N LEU E 225 26.11 8.22 18.76
CA LEU E 225 24.97 8.59 19.64
C LEU E 225 24.91 7.76 20.91
N ASP E 226 25.13 6.44 20.77
CA ASP E 226 25.17 5.51 21.92
C ASP E 226 26.24 5.88 22.92
N GLU E 227 27.46 5.99 22.42
CA GLU E 227 28.61 6.34 23.22
C GLU E 227 28.28 7.58 24.06
N LEU E 228 27.72 8.59 23.41
CA LEU E 228 27.36 9.84 24.07
C LEU E 228 26.20 9.69 25.03
N LYS E 229 25.22 8.87 24.68
CA LYS E 229 24.09 8.59 25.57
C LYS E 229 24.61 8.01 26.87
N GLY E 230 25.54 7.07 26.74
CA GLY E 230 26.15 6.39 27.88
C GLY E 230 26.96 7.33 28.74
N ALA E 231 27.47 8.40 28.13
CA ALA E 231 28.28 9.38 28.85
C ALA E 231 27.44 10.48 29.49
N ASN E 232 26.12 10.45 29.27
CA ASN E 232 25.16 11.42 29.81
C ASN E 232 25.12 12.79 29.16
N VAL E 233 25.67 12.87 27.95
CA VAL E 233 25.65 14.08 27.12
C VAL E 233 24.23 14.36 26.61
N ASP E 234 23.85 15.64 26.57
CA ASP E 234 22.51 16.04 26.19
C ASP E 234 22.36 16.41 24.72
N ILE E 235 23.44 16.92 24.12
CA ILE E 235 23.39 17.43 22.75
C ILE E 235 24.60 17.01 21.94
N ALA E 236 24.34 16.39 20.80
CA ALA E 236 25.35 16.04 19.83
C ALA E 236 25.32 17.04 18.67
N LEU E 237 26.44 17.75 18.47
CA LEU E 237 26.52 18.82 17.48
C LEU E 237 27.40 18.54 16.27
N TYR E 238 26.74 18.43 15.12
CA TYR E 238 27.42 18.18 13.86
C TYR E 238 27.46 19.51 13.14
N CYS E 239 28.47 20.31 13.42
CA CYS E 239 28.43 21.72 13.07
C CYS E 239 28.86 22.07 11.63
N CYS E 240 29.64 21.19 11.01
CA CYS E 240 30.32 21.57 9.78
C CYS E 240 30.27 20.56 8.66
N GLY E 241 29.95 19.32 9.00
CA GLY E 241 29.95 18.25 8.02
C GLY E 241 29.27 18.66 6.74
N ALA E 242 28.02 19.06 6.85
CA ALA E 242 27.21 19.51 5.72
C ALA E 242 28.01 20.38 4.76
N TYR E 243 28.57 21.47 5.25
CA TYR E 243 29.20 22.40 4.30
C TYR E 243 30.53 21.90 3.69
N ARG E 244 31.24 21.04 4.42
CA ARG E 244 32.46 20.43 3.89
C ARG E 244 32.09 19.49 2.75
N ALA E 245 31.02 18.73 2.94
CA ALA E 245 30.51 17.88 1.88
C ALA E 245 30.07 18.69 0.67
N MET E 246 29.33 19.78 0.90
CA MET E 246 28.86 20.61 -0.19
C MET E 246 29.99 21.26 -0.93
N ASN E 247 30.98 21.70 -0.18
CA ASN E 247 32.12 22.39 -0.81
C ASN E 247 32.93 21.49 -1.74
N LYS E 248 33.09 20.22 -1.36
CA LYS E 248 33.83 19.24 -2.20
C LYS E 248 33.09 19.00 -3.51
N ALA E 249 31.77 18.77 -3.39
CA ALA E 249 30.91 18.57 -4.55
C ALA E 249 31.01 19.73 -5.53
N ALA E 250 31.12 20.95 -5.00
CA ALA E 250 31.16 22.15 -5.82
C ALA E 250 32.47 22.23 -6.57
N LEU E 251 33.55 22.04 -5.83
CA LEU E 251 34.88 21.98 -6.38
C LEU E 251 34.94 20.98 -7.53
N ASN E 252 34.39 19.80 -7.29
CA ASN E 252 34.44 18.78 -8.30
C ASN E 252 33.72 19.21 -9.59
N PHE E 253 32.57 19.86 -9.41
CA PHE E 253 31.80 20.38 -10.52
C PHE E 253 32.67 21.31 -11.35
N TYR E 254 33.26 22.29 -10.69
CA TYR E 254 34.11 23.29 -11.35
C TYR E 254 35.24 22.65 -12.10
N GLU E 255 35.89 21.68 -11.48
CA GLU E 255 37.02 21.03 -12.12
C GLU E 255 36.61 20.24 -13.36
N THR E 256 35.55 19.45 -13.25
CA THR E 256 35.15 18.64 -14.40
C THR E 256 34.64 19.53 -15.56
N VAL E 257 34.08 20.69 -15.23
CA VAL E 257 33.68 21.65 -16.23
C VAL E 257 34.91 22.24 -16.97
N ARG E 258 35.95 22.54 -16.21
CA ARG E 258 37.16 23.15 -16.74
C ARG E 258 37.96 22.15 -17.58
N ARG E 259 37.95 20.90 -17.11
CA ARG E 259 38.67 19.81 -17.76
C ARG E 259 37.99 19.31 -19.06
N ASP E 260 36.68 19.01 -18.96
CA ASP E 260 35.92 18.35 -20.01
C ASP E 260 35.27 19.28 -21.06
N GLY E 261 35.15 20.57 -20.75
CA GLY E 261 34.41 21.49 -21.64
C GLY E 261 32.90 21.26 -21.60
N THR E 262 32.45 20.50 -20.60
CA THR E 262 31.05 20.18 -20.44
C THR E 262 30.93 19.68 -19.01
N GLN E 263 29.75 19.79 -18.41
CA GLN E 263 29.54 19.21 -17.10
C GLN E 263 28.87 17.83 -17.17
N LYS E 264 28.76 17.27 -18.38
CA LYS E 264 28.15 15.95 -18.59
C LYS E 264 28.48 14.95 -17.46
N ALA E 265 29.79 14.80 -17.21
CA ALA E 265 30.32 13.81 -16.22
C ALA E 265 29.83 14.03 -14.79
N ALA E 266 29.41 15.25 -14.47
CA ALA E 266 29.08 15.58 -13.11
C ALA E 266 27.58 15.50 -12.76
N VAL E 267 26.73 15.30 -13.76
CA VAL E 267 25.28 15.37 -13.54
C VAL E 267 24.67 14.29 -12.59
N PRO E 268 25.34 13.12 -12.44
CA PRO E 268 24.78 12.14 -11.48
C PRO E 268 25.16 12.44 -10.02
N THR E 269 25.90 13.52 -9.83
CA THR E 269 26.27 14.00 -8.49
C THR E 269 25.27 15.07 -8.06
N MET E 270 24.29 15.38 -8.92
CA MET E 270 23.34 16.51 -8.72
C MET E 270 21.99 16.14 -8.14
N GLN E 271 21.29 17.17 -7.68
CA GLN E 271 19.94 17.05 -7.21
C GLN E 271 18.94 17.54 -8.24
N THR E 272 18.24 16.59 -8.87
CA THR E 272 17.15 16.88 -9.84
C THR E 272 16.29 18.09 -9.45
N ARG E 273 15.95 18.93 -10.42
CA ARG E 273 14.91 19.94 -10.18
C ARG E 273 13.65 19.37 -9.52
N ALA E 274 13.28 18.13 -9.81
CA ALA E 274 12.06 17.57 -9.21
C ALA E 274 12.21 17.64 -7.72
N GLN E 275 13.35 17.13 -7.23
CA GLN E 275 13.74 17.11 -5.84
C GLN E 275 13.77 18.49 -5.18
N LEU E 276 14.48 19.44 -5.79
CA LEU E 276 14.51 20.85 -5.35
C LEU E 276 13.11 21.42 -5.08
N TYR E 277 12.25 21.29 -6.08
CA TYR E 277 10.89 21.81 -6.05
C TYR E 277 10.03 21.22 -4.92
N ASP E 278 10.42 20.04 -4.46
CA ASP E 278 9.77 19.42 -3.34
C ASP E 278 10.23 20.11 -2.11
N TYR E 279 11.52 19.98 -1.84
CA TYR E 279 12.11 20.66 -0.71
C TYR E 279 11.65 22.10 -0.65
N LEU E 280 11.66 22.77 -1.80
CA LEU E 280 11.23 24.17 -1.91
C LEU E 280 9.75 24.39 -1.70
N GLY E 281 8.95 23.40 -2.08
CA GLY E 281 7.48 23.44 -1.91
C GLY E 281 6.71 24.14 -3.03
N TYR E 282 7.24 24.14 -4.27
CA TYR E 282 6.57 24.78 -5.42
C TYR E 282 5.09 24.53 -5.38
N TYR E 283 4.72 23.25 -5.39
CA TYR E 283 3.35 22.80 -5.21
C TYR E 283 2.52 23.70 -4.25
N ALA E 284 2.86 23.70 -2.97
CA ALA E 284 2.12 24.44 -1.94
C ALA E 284 1.87 25.93 -2.24
N TYR E 285 2.72 26.54 -3.07
CA TYR E 285 2.51 27.92 -3.46
C TYR E 285 1.40 27.99 -4.47
N GLU E 286 1.58 27.25 -5.57
CA GLU E 286 0.59 27.12 -6.63
C GLU E 286 -0.75 26.75 -6.05
N GLU E 287 -0.73 25.79 -5.13
CA GLU E 287 -1.95 25.43 -4.41
C GLU E 287 -2.52 26.60 -3.63
N LYS E 288 -1.67 27.32 -2.90
CA LYS E 288 -2.09 28.45 -2.07
C LYS E 288 -2.94 29.49 -2.84
N LEU E 289 -2.44 29.90 -4.01
CA LEU E 289 -3.17 30.86 -4.82
C LEU E 289 -4.57 30.37 -5.11
N ASP E 290 -4.67 29.14 -5.58
CA ASP E 290 -5.96 28.59 -5.95
C ASP E 290 -6.96 28.63 -4.77
N GLN E 291 -6.51 28.24 -3.59
CA GLN E 291 -7.30 28.40 -2.39
C GLN E 291 -7.72 29.87 -2.19
N LEU E 292 -6.89 30.83 -2.58
CA LEU E 292 -7.26 32.24 -2.37
C LEU E 292 -8.14 32.93 -3.44
N PHE E 293 -8.02 32.53 -4.71
CA PHE E 293 -8.67 33.29 -5.80
C PHE E 293 -9.52 32.51 -6.82
N ASN E 294 -10.49 31.73 -6.32
CA ASN E 294 -11.71 31.33 -7.07
C ASN E 294 -12.97 31.50 -6.19
N ILE F 8 41.68 49.38 -13.38
CA ILE F 8 41.07 48.42 -14.36
C ILE F 8 39.76 47.94 -13.80
N SER F 9 38.64 48.44 -14.32
CA SER F 9 37.28 48.18 -13.74
C SER F 9 36.70 46.75 -13.90
N ALA F 10 35.66 46.43 -13.14
CA ALA F 10 35.05 45.09 -13.21
C ALA F 10 34.44 44.82 -14.59
N GLY F 11 33.79 45.84 -15.16
CA GLY F 11 33.31 45.78 -16.52
C GLY F 11 34.42 45.46 -17.50
N ALA F 12 35.51 46.22 -17.39
CA ALA F 12 36.69 46.03 -18.22
C ALA F 12 37.28 44.64 -18.10
N LYS F 13 37.41 44.15 -16.86
CA LYS F 13 37.89 42.77 -16.61
C LYS F 13 37.03 41.74 -17.34
N PHE F 14 35.71 41.97 -17.38
CA PHE F 14 34.80 41.04 -18.06
C PHE F 14 34.98 41.06 -19.58
N ARG F 15 34.99 42.25 -20.18
CA ARG F 15 35.19 42.38 -21.61
C ARG F 15 36.55 41.81 -22.04
N ALA F 16 37.58 42.02 -21.21
CA ALA F 16 38.90 41.46 -21.49
C ALA F 16 38.88 39.94 -21.47
N ALA F 17 38.14 39.38 -20.51
CA ALA F 17 37.98 37.94 -20.36
C ALA F 17 37.29 37.29 -21.56
N VAL F 18 36.29 37.97 -22.15
CA VAL F 18 35.61 37.46 -23.36
C VAL F 18 36.56 37.43 -24.55
N ALA F 19 37.35 38.50 -24.67
CA ALA F 19 38.36 38.65 -25.70
C ALA F 19 39.47 37.61 -25.60
N ALA F 20 39.82 37.21 -24.38
CA ALA F 20 40.97 36.35 -24.21
C ALA F 20 40.66 34.83 -24.18
N GLU F 21 39.40 34.44 -24.11
CA GLU F 21 38.99 33.03 -23.99
C GLU F 21 37.72 32.79 -24.80
N GLN F 22 37.80 31.95 -25.82
CA GLN F 22 36.76 31.90 -26.84
C GLN F 22 36.42 30.47 -27.14
N PRO F 23 35.23 29.98 -26.71
CA PRO F 23 34.28 30.72 -25.88
C PRO F 23 34.75 30.80 -24.42
N LEU F 24 34.29 31.81 -23.69
CA LEU F 24 34.61 31.97 -22.26
C LEU F 24 33.71 31.13 -21.33
N GLN F 25 34.32 30.24 -20.56
CA GLN F 25 33.59 29.50 -19.52
C GLN F 25 33.33 30.44 -18.31
N VAL F 26 32.07 30.54 -17.91
CA VAL F 26 31.71 31.28 -16.70
C VAL F 26 30.78 30.46 -15.85
N VAL F 27 31.17 30.24 -14.60
CA VAL F 27 30.50 29.28 -13.72
C VAL F 27 29.75 29.97 -12.57
N GLY F 28 28.57 29.45 -12.22
CA GLY F 28 27.75 30.01 -11.15
C GLY F 28 28.32 29.66 -9.80
N ALA F 29 28.24 30.60 -8.87
CA ALA F 29 28.57 30.35 -7.47
C ALA F 29 27.45 30.87 -6.55
N ILE F 30 27.01 30.07 -5.58
CA ILE F 30 25.95 30.57 -4.66
C ILE F 30 26.48 31.17 -3.36
N THR F 31 27.77 30.99 -3.08
CA THR F 31 28.41 31.61 -1.92
C THR F 31 29.71 32.26 -2.31
N ALA F 32 30.18 33.16 -1.45
CA ALA F 32 31.50 33.75 -1.60
C ALA F 32 32.58 32.72 -1.75
N TYR F 33 32.58 31.72 -0.87
CA TYR F 33 33.62 30.69 -0.92
C TYR F 33 33.61 29.91 -2.22
N ALA F 34 32.42 29.56 -2.69
CA ALA F 34 32.28 28.89 -3.98
C ALA F 34 33.03 29.67 -5.08
N ALA F 35 32.83 30.97 -5.12
CA ALA F 35 33.52 31.83 -6.09
C ALA F 35 35.05 31.74 -5.94
N LYS F 36 35.54 31.76 -4.70
CA LYS F 36 36.98 31.67 -4.42
C LYS F 36 37.56 30.40 -5.01
N MET F 37 36.83 29.29 -4.84
CA MET F 37 37.19 27.98 -5.40
C MET F 37 37.24 28.06 -6.92
N ALA F 38 36.18 28.57 -7.53
CA ALA F 38 36.15 28.77 -8.97
C ALA F 38 37.39 29.54 -9.45
N GLU F 39 37.79 30.58 -8.72
CA GLU F 39 38.99 31.34 -9.11
C GLU F 39 40.26 30.47 -9.06
N ALA F 40 40.38 29.70 -7.98
CA ALA F 40 41.55 28.85 -7.74
C ALA F 40 41.66 27.81 -8.85
N VAL F 41 40.51 27.37 -9.36
CA VAL F 41 40.46 26.35 -10.40
C VAL F 41 40.86 26.92 -11.75
N GLY F 42 40.83 28.25 -11.87
CA GLY F 42 41.37 28.91 -13.05
C GLY F 42 40.39 29.59 -13.98
N PHE F 43 39.11 29.63 -13.59
CA PHE F 43 38.08 30.33 -14.37
C PHE F 43 38.31 31.83 -14.37
N LYS F 44 37.82 32.51 -15.40
CA LYS F 44 38.11 33.95 -15.59
C LYS F 44 36.93 34.81 -15.20
N ALA F 45 35.77 34.19 -15.03
CA ALA F 45 34.55 34.91 -14.63
C ALA F 45 33.55 34.02 -13.86
N VAL F 46 32.73 34.65 -13.01
CA VAL F 46 31.72 33.90 -12.22
C VAL F 46 30.31 34.48 -12.37
N TYR F 47 29.31 33.71 -11.98
CA TYR F 47 27.92 34.10 -12.23
C TYR F 47 27.06 33.96 -10.98
N LEU F 48 26.16 34.92 -10.80
CA LEU F 48 25.21 34.87 -9.69
C LEU F 48 23.84 34.65 -10.26
N SER F 49 23.31 33.47 -10.08
CA SER F 49 22.01 33.11 -10.62
C SER F 49 20.87 33.62 -9.77
N GLY F 50 19.84 34.17 -10.40
CA GLY F 50 18.68 34.71 -9.72
C GLY F 50 17.85 33.68 -8.98
N GLY F 51 17.56 32.56 -9.66
CA GLY F 51 16.88 31.41 -9.05
C GLY F 51 17.73 30.80 -7.95
N GLY F 52 19.05 30.91 -8.13
CA GLY F 52 20.06 30.46 -7.17
C GLY F 52 20.01 31.21 -5.85
N VAL F 53 19.89 32.53 -5.93
CA VAL F 53 19.71 33.29 -4.72
C VAL F 53 18.41 32.88 -4.01
N ALA F 54 17.33 32.72 -4.79
CA ALA F 54 16.01 32.47 -4.23
C ALA F 54 15.93 31.11 -3.53
N ALA F 55 16.41 30.06 -4.21
CA ALA F 55 16.35 28.69 -3.68
C ALA F 55 17.24 28.54 -2.46
N ASN F 56 18.52 28.87 -2.64
CA ASN F 56 19.56 28.60 -1.67
C ASN F 56 19.57 29.59 -0.50
N SER F 57 19.73 30.89 -0.80
CA SER F 57 19.80 31.95 0.22
C SER F 57 18.53 32.13 0.99
N LEU F 58 17.38 32.05 0.32
CA LEU F 58 16.11 32.40 0.94
C LEU F 58 15.21 31.22 1.22
N GLY F 59 15.42 30.09 0.55
CA GLY F 59 14.55 28.91 0.74
C GLY F 59 13.15 28.98 0.09
N ILE F 60 13.07 29.68 -1.05
CA ILE F 60 11.79 29.89 -1.74
C ILE F 60 11.99 29.74 -3.24
N PRO F 61 10.95 29.25 -3.94
CA PRO F 61 10.84 29.11 -5.38
C PRO F 61 11.22 30.34 -6.18
N ASP F 62 11.66 30.14 -7.41
CA ASP F 62 11.95 31.25 -8.32
C ASP F 62 10.66 31.78 -8.95
N LEU F 63 9.85 32.44 -8.14
CA LEU F 63 8.55 32.97 -8.54
C LEU F 63 8.53 34.49 -8.49
N GLY F 64 9.67 35.11 -8.77
CA GLY F 64 9.78 36.57 -8.64
C GLY F 64 9.48 37.14 -7.25
N ILE F 65 9.84 36.41 -6.19
CA ILE F 65 9.68 36.94 -4.83
C ILE F 65 11.00 37.61 -4.39
N SER F 66 12.11 37.01 -4.78
CA SER F 66 13.43 37.60 -4.61
C SER F 66 13.41 39.08 -4.94
N THR F 67 13.93 39.90 -4.04
CA THR F 67 13.99 41.37 -4.27
C THR F 67 15.40 41.86 -4.63
N MET F 68 15.48 43.09 -5.15
CA MET F 68 16.77 43.69 -5.51
C MET F 68 17.83 43.56 -4.41
N ASP F 69 17.38 43.69 -3.18
CA ASP F 69 18.24 43.66 -2.01
C ASP F 69 18.76 42.26 -1.74
N ASP F 70 17.88 41.30 -1.87
CA ASP F 70 18.26 39.94 -1.66
C ASP F 70 19.45 39.67 -2.56
N VAL F 71 19.35 39.99 -3.84
CA VAL F 71 20.45 39.75 -4.79
C VAL F 71 21.69 40.64 -4.48
N LEU F 72 21.43 41.88 -4.05
CA LEU F 72 22.49 42.77 -3.60
C LEU F 72 23.41 42.20 -2.53
N VAL F 73 22.83 41.65 -1.45
CA VAL F 73 23.68 41.18 -0.33
C VAL F 73 24.61 40.05 -0.80
N ASP F 74 24.08 39.11 -1.60
CA ASP F 74 24.93 38.05 -2.18
C ASP F 74 25.96 38.58 -3.15
N ALA F 75 25.55 39.50 -4.04
CA ALA F 75 26.49 40.10 -5.00
C ALA F 75 27.66 40.77 -4.28
N ASN F 76 27.34 41.46 -3.19
CA ASN F 76 28.39 42.10 -2.41
C ASN F 76 29.39 41.16 -1.77
N ARG F 77 28.86 40.12 -1.14
CA ARG F 77 29.69 39.15 -0.50
C ARG F 77 30.64 38.52 -1.51
N ILE F 78 30.13 38.23 -2.70
CA ILE F 78 30.96 37.61 -3.72
C ILE F 78 32.04 38.53 -4.27
N THR F 79 31.70 39.75 -4.66
CA THR F 79 32.72 40.62 -5.26
C THR F 79 33.79 41.06 -4.24
N ASN F 80 33.43 41.03 -2.96
CA ASN F 80 34.41 41.28 -1.92
C ASN F 80 35.37 40.11 -1.74
N ALA F 81 34.96 38.90 -2.15
CA ALA F 81 35.71 37.67 -1.87
C ALA F 81 36.58 37.16 -3.01
N THR F 82 36.26 37.54 -4.24
CA THR F 82 37.08 37.20 -5.41
C THR F 82 37.36 38.47 -6.21
N ASN F 83 38.38 38.45 -7.06
CA ASN F 83 38.59 39.59 -7.97
C ASN F 83 38.34 39.25 -9.42
N LEU F 84 37.59 38.15 -9.63
CA LEU F 84 37.09 37.77 -10.94
C LEU F 84 35.85 38.59 -11.22
N PRO F 85 35.62 38.97 -12.48
CA PRO F 85 34.42 39.75 -12.82
C PRO F 85 33.17 38.89 -12.59
N LEU F 86 32.12 39.46 -12.00
CA LEU F 86 30.88 38.71 -11.74
C LEU F 86 29.76 39.18 -12.63
N LEU F 87 29.03 38.23 -13.20
CA LEU F 87 27.79 38.52 -13.92
C LEU F 87 26.57 38.17 -13.08
N VAL F 88 25.58 39.06 -13.09
CA VAL F 88 24.43 38.94 -12.21
C VAL F 88 23.09 38.91 -12.96
N ASP F 89 22.23 37.96 -12.59
CA ASP F 89 20.85 37.88 -13.11
C ASP F 89 19.98 38.89 -12.38
N ILE F 90 19.53 39.92 -13.10
CA ILE F 90 18.69 40.96 -12.47
C ILE F 90 17.20 40.91 -12.90
N ASP F 91 16.76 39.76 -13.41
CA ASP F 91 15.38 39.56 -13.91
C ASP F 91 14.87 40.75 -14.74
N THR F 92 13.75 41.34 -14.33
CA THR F 92 13.11 42.42 -15.06
C THR F 92 13.61 43.79 -14.59
N GLY F 93 14.46 43.80 -13.55
CA GLY F 93 15.03 45.05 -13.03
C GLY F 93 14.28 45.57 -11.83
N TRP F 94 13.28 44.81 -11.39
CA TRP F 94 12.41 45.10 -10.23
C TRP F 94 11.63 46.39 -10.30
N GLY F 95 10.97 46.67 -11.43
CA GLY F 95 10.08 47.82 -11.54
C GLY F 95 10.25 48.64 -12.80
N GLY F 96 9.65 49.84 -12.79
CA GLY F 96 9.71 50.76 -13.94
C GLY F 96 11.10 51.30 -14.23
N ALA F 97 11.13 52.35 -15.07
CA ALA F 97 12.40 52.93 -15.54
C ALA F 97 13.21 53.54 -14.40
N PHE F 98 12.53 54.05 -13.38
CA PHE F 98 13.24 54.61 -12.22
C PHE F 98 13.94 53.51 -11.40
N ASN F 99 13.31 52.33 -11.36
CA ASN F 99 13.82 51.24 -10.56
C ASN F 99 14.96 50.56 -11.27
N ILE F 100 14.80 50.40 -12.58
CA ILE F 100 15.87 49.83 -13.40
C ILE F 100 17.13 50.73 -13.29
N ALA F 101 16.91 52.03 -13.27
CA ALA F 101 17.97 52.98 -13.02
C ALA F 101 18.68 52.68 -11.69
N ARG F 102 17.92 52.68 -10.59
CA ARG F 102 18.45 52.39 -9.24
C ARG F 102 19.21 51.08 -9.27
N THR F 103 18.62 50.08 -9.90
CA THR F 103 19.20 48.77 -9.96
C THR F 103 20.57 48.83 -10.62
N ILE F 104 20.66 49.48 -11.77
CA ILE F 104 21.92 49.54 -12.48
C ILE F 104 23.00 50.25 -11.64
N ARG F 105 22.60 51.34 -10.98
CA ARG F 105 23.55 52.11 -10.16
C ARG F 105 24.07 51.26 -9.01
N SER F 106 23.16 50.55 -8.35
CA SER F 106 23.47 49.75 -7.18
C SER F 106 24.44 48.64 -7.52
N PHE F 107 24.22 47.96 -8.65
CA PHE F 107 25.12 46.87 -9.05
C PHE F 107 26.46 47.32 -9.60
N ILE F 108 26.49 48.52 -10.15
CA ILE F 108 27.76 49.13 -10.50
C ILE F 108 28.56 49.35 -9.22
N LYS F 109 27.92 50.00 -8.26
CA LYS F 109 28.59 50.32 -7.00
C LYS F 109 29.05 49.07 -6.26
N ALA F 110 28.28 47.99 -6.39
CA ALA F 110 28.60 46.73 -5.78
C ALA F 110 29.82 46.03 -6.41
N GLY F 111 30.35 46.58 -7.50
CA GLY F 111 31.57 46.04 -8.14
C GLY F 111 31.31 44.92 -9.14
N VAL F 112 30.07 44.80 -9.62
CA VAL F 112 29.65 43.77 -10.57
C VAL F 112 30.22 44.12 -11.94
N GLY F 113 30.68 43.12 -12.71
CA GLY F 113 31.39 43.36 -13.99
C GLY F 113 30.53 43.33 -15.25
N ALA F 114 29.29 42.82 -15.10
CA ALA F 114 28.41 42.52 -16.21
C ALA F 114 27.04 42.20 -15.61
N VAL F 115 25.97 42.20 -16.38
CA VAL F 115 24.65 42.06 -15.78
C VAL F 115 23.60 41.70 -16.83
N HIS F 116 22.60 40.87 -16.50
CA HIS F 116 21.56 40.55 -17.52
C HIS F 116 20.13 40.81 -17.09
N LEU F 117 19.35 41.31 -18.03
CA LEU F 117 17.97 41.75 -17.84
C LEU F 117 17.16 41.08 -18.94
N GLU F 118 15.90 40.80 -18.65
CA GLU F 118 15.09 39.98 -19.55
C GLU F 118 13.75 40.61 -19.93
N ASP F 119 13.19 40.10 -21.02
CA ASP F 119 11.94 40.60 -21.59
C ASP F 119 10.74 39.83 -21.11
N GLN F 120 10.80 39.39 -19.85
CA GLN F 120 9.64 38.77 -19.22
C GLN F 120 8.62 39.85 -18.95
N VAL F 121 7.44 39.42 -18.53
CA VAL F 121 6.40 40.32 -18.06
C VAL F 121 6.75 40.72 -16.65
N GLY F 122 6.34 41.93 -16.27
CA GLY F 122 6.55 42.41 -14.92
C GLY F 122 5.24 42.47 -14.15
N GLN F 123 5.29 41.98 -12.91
CA GLN F 123 4.19 42.05 -11.94
C GLN F 123 2.86 42.32 -12.67
N LYS F 124 2.02 41.29 -12.71
CA LYS F 124 0.73 41.42 -13.29
C LYS F 124 -0.18 41.44 -12.09
N ARG F 125 -1.49 41.48 -12.32
CA ARG F 125 -2.51 41.32 -11.25
C ARG F 125 -2.02 40.62 -9.94
N CYS F 126 -2.61 40.97 -8.81
CA CYS F 126 -2.28 40.34 -7.51
C CYS F 126 -2.27 38.81 -7.61
N GLY F 127 -3.41 38.24 -7.93
CA GLY F 127 -3.60 36.78 -7.86
C GLY F 127 -3.13 35.98 -9.06
N HIS F 128 -2.42 36.63 -9.98
CA HIS F 128 -1.85 35.98 -11.16
C HIS F 128 -0.77 34.98 -10.74
N ARG F 129 -0.86 33.78 -11.30
CA ARG F 129 0.07 32.67 -11.04
C ARG F 129 1.29 32.84 -11.96
N PRO F 130 2.48 33.16 -11.39
CA PRO F 130 3.62 33.44 -12.27
C PRO F 130 3.99 32.27 -13.22
N GLY F 131 5.03 32.48 -14.03
CA GLY F 131 5.31 31.60 -15.17
C GLY F 131 5.88 32.40 -16.32
N LYS F 132 6.06 31.74 -17.46
CA LYS F 132 6.77 32.33 -18.57
C LYS F 132 5.86 33.13 -19.50
N GLU F 133 6.28 34.35 -19.86
CA GLU F 133 5.52 35.24 -20.76
C GLU F 133 6.37 36.43 -21.25
N CYS F 134 6.64 36.55 -22.55
CA CYS F 134 7.38 37.71 -23.07
C CYS F 134 6.47 38.96 -23.25
N VAL F 135 7.02 40.16 -23.00
CA VAL F 135 6.34 41.45 -23.35
C VAL F 135 6.60 41.86 -24.81
N PRO F 136 5.78 42.82 -25.33
CA PRO F 136 6.13 43.45 -26.63
C PRO F 136 7.61 43.86 -26.68
N ALA F 137 8.21 43.83 -27.85
CA ALA F 137 9.60 44.31 -28.02
C ALA F 137 9.78 45.83 -27.71
N GLY F 138 8.68 46.60 -27.78
CA GLY F 138 8.70 48.05 -27.55
C GLY F 138 9.15 48.30 -26.13
N GLU F 139 8.28 47.85 -25.22
CA GLU F 139 8.54 47.66 -23.78
C GLU F 139 9.96 47.28 -23.31
N MET F 140 10.59 46.28 -23.92
CA MET F 140 11.95 45.87 -23.53
C MET F 140 12.98 46.89 -24.01
N VAL F 141 12.78 47.40 -25.22
CA VAL F 141 13.65 48.46 -25.72
C VAL F 141 13.65 49.63 -24.72
N ASP F 142 12.47 49.96 -24.18
CA ASP F 142 12.34 50.93 -23.09
C ASP F 142 13.26 50.55 -21.93
N ARG F 143 13.18 49.29 -21.50
CA ARG F 143 13.90 48.81 -20.32
C ARG F 143 15.39 48.98 -20.54
N ILE F 144 15.86 48.55 -21.71
CA ILE F 144 17.27 48.64 -22.05
C ILE F 144 17.70 50.11 -22.07
N LYS F 145 16.88 50.95 -22.70
CA LYS F 145 17.17 52.38 -22.78
C LYS F 145 17.40 52.98 -21.37
N ALA F 146 16.52 52.65 -20.43
CA ALA F 146 16.64 53.14 -19.07
C ALA F 146 17.96 52.70 -18.48
N ALA F 147 18.33 51.47 -18.74
CA ALA F 147 19.52 50.88 -18.18
C ALA F 147 20.78 51.55 -18.71
N VAL F 148 20.84 51.70 -20.03
CA VAL F 148 22.04 52.26 -20.70
C VAL F 148 22.26 53.70 -20.26
N ASP F 149 21.15 54.41 -20.06
CA ASP F 149 21.19 55.79 -19.63
C ASP F 149 21.69 55.94 -18.20
N ALA F 150 21.20 55.10 -17.29
CA ALA F 150 21.64 55.17 -15.90
C ALA F 150 23.08 54.70 -15.72
N ARG F 151 23.59 53.95 -16.70
CA ARG F 151 24.96 53.44 -16.69
C ARG F 151 26.01 54.55 -16.69
N THR F 152 26.80 54.63 -15.64
CA THR F 152 27.73 55.75 -15.48
C THR F 152 29.15 55.44 -15.98
N ASP F 153 29.41 54.20 -16.37
CA ASP F 153 30.73 53.76 -16.81
C ASP F 153 30.57 52.71 -17.93
N GLU F 154 30.85 53.09 -19.17
CA GLU F 154 30.51 52.22 -20.32
C GLU F 154 31.15 50.84 -20.36
N THR F 155 32.25 50.64 -19.62
CA THR F 155 32.86 49.31 -19.52
C THR F 155 31.90 48.27 -18.90
N PHE F 156 31.01 48.76 -18.04
CA PHE F 156 29.95 47.93 -17.45
C PHE F 156 29.05 47.30 -18.54
N VAL F 157 28.94 45.98 -18.55
CA VAL F 157 28.22 45.26 -19.62
C VAL F 157 26.74 45.08 -19.32
N ILE F 158 25.88 45.57 -20.22
CA ILE F 158 24.44 45.31 -20.09
C ILE F 158 24.02 44.31 -21.16
N MET F 159 23.55 43.16 -20.69
CA MET F 159 23.23 42.00 -21.53
C MET F 159 21.72 41.76 -21.57
N ALA F 160 21.17 41.61 -22.78
CA ALA F 160 19.73 41.40 -22.92
C ALA F 160 19.45 39.93 -23.11
N ARG F 161 18.55 39.40 -22.29
CA ARG F 161 18.13 37.99 -22.38
C ARG F 161 16.71 37.87 -22.88
N THR F 162 16.50 36.93 -23.78
CA THR F 162 15.19 36.74 -24.41
C THR F 162 14.67 35.31 -24.36
N ASP F 163 13.41 35.16 -23.97
CA ASP F 163 12.72 33.87 -23.95
C ASP F 163 11.71 33.69 -25.08
N ALA F 164 11.78 34.58 -26.07
CA ALA F 164 10.82 34.62 -27.18
C ALA F 164 10.86 33.37 -28.07
N ALA F 165 12.08 32.88 -28.33
CA ALA F 165 12.27 31.69 -29.17
C ALA F 165 11.19 30.64 -28.93
N ALA F 166 11.02 30.24 -27.66
CA ALA F 166 10.04 29.24 -27.22
C ALA F 166 8.60 29.38 -27.77
N ALA F 167 8.08 30.59 -27.77
CA ALA F 167 6.68 30.78 -28.11
C ALA F 167 6.45 31.44 -29.46
N GLU F 168 7.45 32.15 -29.99
CA GLU F 168 7.26 32.93 -31.21
C GLU F 168 8.18 32.47 -32.33
N GLY F 169 8.96 31.44 -32.07
CA GLY F 169 9.90 30.93 -33.06
C GLY F 169 11.16 31.76 -33.17
N ILE F 170 12.24 31.10 -33.60
CA ILE F 170 13.60 31.67 -33.62
C ILE F 170 13.81 32.99 -34.41
N ASP F 171 13.03 33.21 -35.46
CA ASP F 171 13.17 34.46 -36.26
C ASP F 171 12.64 35.69 -35.54
N ALA F 172 11.48 35.55 -34.88
CA ALA F 172 10.93 36.59 -34.00
C ALA F 172 11.99 37.04 -32.99
N ALA F 173 12.58 36.04 -32.32
CA ALA F 173 13.67 36.24 -31.33
C ALA F 173 14.88 37.01 -31.90
N ILE F 174 15.31 36.63 -33.11
CA ILE F 174 16.42 37.29 -33.80
C ILE F 174 16.08 38.77 -34.03
N GLU F 175 14.82 39.01 -34.37
CA GLU F 175 14.37 40.33 -34.73
C GLU F 175 14.37 41.23 -33.49
N ARG F 176 13.83 40.70 -32.41
CA ARG F 176 13.84 41.40 -31.14
C ARG F 176 15.28 41.74 -30.76
N ALA F 177 16.16 40.74 -30.81
CA ALA F 177 17.56 40.90 -30.44
C ALA F 177 18.29 42.03 -31.17
N ILE F 178 18.01 42.20 -32.46
CA ILE F 178 18.61 43.31 -33.22
C ILE F 178 18.12 44.66 -32.68
N ALA F 179 16.84 44.71 -32.26
CA ALA F 179 16.27 45.92 -31.71
C ALA F 179 16.83 46.22 -30.33
N TYR F 180 17.26 45.15 -29.66
CA TYR F 180 17.85 45.25 -28.34
C TYR F 180 19.26 45.80 -28.41
N VAL F 181 20.03 45.33 -29.40
CA VAL F 181 21.35 45.90 -29.68
C VAL F 181 21.22 47.36 -30.13
N GLU F 182 20.16 47.67 -30.88
CA GLU F 182 19.82 49.05 -31.25
C GLU F 182 19.70 49.91 -30.00
N ALA F 183 18.94 49.38 -29.02
CA ALA F 183 18.66 50.09 -27.77
C ALA F 183 19.89 50.28 -26.89
N GLY F 184 20.98 49.59 -27.21
CA GLY F 184 22.26 49.77 -26.50
C GLY F 184 22.85 48.54 -25.82
N ALA F 185 22.13 47.41 -25.86
CA ALA F 185 22.59 46.18 -25.21
C ALA F 185 23.91 45.75 -25.80
N ASP F 186 24.82 45.32 -24.93
CA ASP F 186 26.18 44.98 -25.32
C ASP F 186 26.34 43.56 -25.82
N MET F 187 25.56 42.64 -25.25
CA MET F 187 25.62 41.20 -25.55
C MET F 187 24.21 40.61 -25.43
N ILE F 188 24.00 39.44 -26.03
CA ILE F 188 22.67 38.84 -26.06
C ILE F 188 22.65 37.41 -25.50
N PHE F 189 21.59 37.10 -24.73
CA PHE F 189 21.41 35.83 -24.05
C PHE F 189 20.12 35.23 -24.58
N PRO F 190 20.19 34.45 -25.66
CA PRO F 190 19.00 33.77 -26.17
C PRO F 190 18.72 32.44 -25.49
N GLU F 191 17.58 32.39 -24.80
CA GLU F 191 17.20 31.20 -24.02
C GLU F 191 16.70 30.06 -24.87
N ALA F 192 16.98 28.85 -24.36
CA ALA F 192 16.48 27.59 -24.93
C ALA F 192 16.62 27.46 -26.47
N MET F 193 17.87 27.27 -26.88
CA MET F 193 18.23 26.92 -28.26
C MET F 193 18.32 25.39 -28.29
N LYS F 194 17.83 24.78 -29.37
CA LYS F 194 17.78 23.31 -29.46
C LYS F 194 18.99 22.73 -30.23
N THR F 195 19.48 23.44 -31.24
CA THR F 195 20.56 22.94 -32.10
C THR F 195 21.76 23.88 -32.09
N LEU F 196 22.94 23.35 -32.42
CA LEU F 196 24.12 24.19 -32.67
C LEU F 196 23.90 25.24 -33.77
N ASP F 197 22.97 24.98 -34.69
CA ASP F 197 22.76 25.91 -35.78
C ASP F 197 21.90 27.10 -35.43
N ASP F 198 20.98 26.88 -34.48
CA ASP F 198 20.26 28.01 -33.91
C ASP F 198 21.22 29.09 -33.39
N TYR F 199 22.25 28.70 -32.63
CA TYR F 199 23.30 29.65 -32.19
C TYR F 199 24.06 30.30 -33.34
N ARG F 200 24.50 29.49 -34.31
CA ARG F 200 25.25 29.97 -35.47
C ARG F 200 24.58 31.17 -36.15
N ARG F 201 23.31 30.96 -36.47
CA ARG F 201 22.47 31.90 -37.18
C ARG F 201 22.30 33.16 -36.38
N PHE F 202 22.01 32.97 -35.08
CA PHE F 202 21.80 34.06 -34.13
C PHE F 202 23.02 34.98 -34.05
N LYS F 203 24.19 34.40 -33.85
CA LYS F 203 25.43 35.17 -33.80
C LYS F 203 25.67 35.95 -35.08
N GLU F 204 25.36 35.32 -36.21
CA GLU F 204 25.49 35.91 -37.53
C GLU F 204 24.60 37.13 -37.73
N ALA F 205 23.36 37.03 -37.26
CA ALA F 205 22.38 38.09 -37.40
C ALA F 205 22.61 39.27 -36.44
N VAL F 206 22.94 39.00 -35.17
CA VAL F 206 23.04 40.09 -34.17
C VAL F 206 24.44 40.71 -34.06
N LYS F 207 25.45 39.96 -34.51
CA LYS F 207 26.81 40.46 -34.65
C LYS F 207 27.50 40.95 -33.35
N VAL F 208 26.87 40.71 -32.20
CA VAL F 208 27.51 40.99 -30.89
C VAL F 208 27.79 39.67 -30.21
N PRO F 209 28.61 39.68 -29.13
CA PRO F 209 28.82 38.44 -28.37
C PRO F 209 27.53 37.79 -27.89
N ILE F 210 27.53 36.46 -27.88
CA ILE F 210 26.35 35.62 -27.57
C ILE F 210 26.66 34.64 -26.45
N LEU F 211 25.66 34.37 -25.58
CA LEU F 211 25.82 33.47 -24.45
C LEU F 211 25.01 32.20 -24.65
N ALA F 212 25.59 31.07 -24.27
CA ALA F 212 24.87 29.80 -24.28
C ALA F 212 24.62 29.34 -22.86
N ASN F 213 23.36 29.20 -22.47
CA ASN F 213 23.08 28.71 -21.13
C ASN F 213 23.06 27.17 -21.06
N LEU F 214 24.18 26.59 -20.63
CA LEU F 214 24.29 25.13 -20.50
C LEU F 214 23.70 24.69 -19.16
N THR F 215 22.40 24.42 -19.18
CA THR F 215 21.69 24.08 -17.95
C THR F 215 21.31 22.62 -17.96
N GLU F 216 21.49 21.99 -16.81
CA GLU F 216 21.21 20.57 -16.61
C GLU F 216 19.71 20.34 -16.30
N PHE F 217 19.17 19.17 -16.70
CA PHE F 217 17.74 18.81 -16.57
C PHE F 217 16.75 19.70 -17.33
N GLY F 218 17.24 20.46 -18.31
CA GLY F 218 16.39 21.30 -19.17
C GLY F 218 16.12 20.65 -20.51
N SER F 219 15.79 21.47 -21.51
CA SER F 219 15.58 20.99 -22.89
C SER F 219 16.91 20.99 -23.68
N THR F 220 17.67 22.08 -23.56
CA THR F 220 18.99 22.22 -24.18
C THR F 220 19.88 21.02 -23.86
N PRO F 221 20.49 20.41 -24.90
CA PRO F 221 21.61 19.46 -24.71
C PRO F 221 22.84 20.15 -24.10
N LEU F 222 23.66 19.38 -23.40
CA LEU F 222 24.82 19.98 -22.76
C LEU F 222 25.98 20.00 -23.73
N PHE F 223 26.00 21.01 -24.58
CA PHE F 223 27.03 21.14 -25.62
C PHE F 223 28.47 21.29 -25.07
N THR F 224 29.44 20.78 -25.82
CA THR F 224 30.86 20.84 -25.45
C THR F 224 31.45 22.18 -25.83
N LEU F 225 32.56 22.57 -25.20
CA LEU F 225 33.29 23.80 -25.56
C LEU F 225 33.58 23.88 -27.05
N ASP F 226 34.03 22.75 -27.62
CA ASP F 226 34.32 22.66 -29.04
C ASP F 226 33.09 22.91 -29.90
N GLU F 227 32.03 22.15 -29.60
CA GLU F 227 30.78 22.30 -30.30
C GLU F 227 30.38 23.77 -30.35
N LEU F 228 30.50 24.44 -29.21
CA LEU F 228 30.18 25.87 -29.08
C LEU F 228 31.14 26.79 -29.83
N LYS F 229 32.43 26.46 -29.78
CA LYS F 229 33.43 27.22 -30.52
C LYS F 229 33.10 27.19 -32.01
N GLY F 230 32.80 26.01 -32.53
CA GLY F 230 32.42 25.83 -33.93
C GLY F 230 31.14 26.55 -34.31
N ALA F 231 30.28 26.80 -33.33
CA ALA F 231 29.02 27.50 -33.57
C ALA F 231 29.15 29.02 -33.42
N ASN F 232 30.37 29.47 -33.08
CA ASN F 232 30.68 30.91 -32.94
C ASN F 232 30.23 31.58 -31.64
N VAL F 233 29.81 30.78 -30.66
CA VAL F 233 29.36 31.29 -29.36
C VAL F 233 30.55 31.89 -28.57
N ASP F 234 30.29 32.99 -27.84
CA ASP F 234 31.35 33.69 -27.09
C ASP F 234 31.42 33.30 -25.60
N ILE F 235 30.30 32.87 -25.04
CA ILE F 235 30.21 32.61 -23.60
C ILE F 235 29.44 31.33 -23.33
N ALA F 236 30.11 30.43 -22.60
CA ALA F 236 29.47 29.21 -22.10
C ALA F 236 29.16 29.35 -20.61
N LEU F 237 27.88 29.29 -20.26
CA LEU F 237 27.47 29.54 -18.89
C LEU F 237 26.98 28.28 -18.19
N TYR F 238 27.71 27.89 -17.15
CA TYR F 238 27.32 26.78 -16.28
C TYR F 238 26.70 27.34 -15.01
N CYS F 239 25.42 27.63 -15.05
CA CYS F 239 24.85 28.49 -14.05
C CYS F 239 24.46 27.86 -12.71
N CYS F 240 24.22 26.55 -12.70
CA CYS F 240 23.61 25.94 -11.53
C CYS F 240 24.22 24.62 -11.05
N GLY F 241 25.06 24.03 -11.88
CA GLY F 241 25.69 22.74 -11.61
C GLY F 241 26.23 22.69 -10.21
N ALA F 242 27.16 23.60 -9.94
CA ALA F 242 27.77 23.79 -8.63
C ALA F 242 26.80 23.57 -7.47
N TYR F 243 25.72 24.34 -7.39
CA TYR F 243 24.90 24.21 -6.22
C TYR F 243 24.00 22.98 -6.17
N ARG F 244 23.67 22.42 -7.33
CA ARG F 244 22.93 21.16 -7.31
C ARG F 244 23.83 20.03 -6.76
N ALA F 245 25.10 20.03 -7.18
CA ALA F 245 26.08 19.10 -6.65
C ALA F 245 26.21 19.29 -5.14
N MET F 246 26.37 20.53 -4.69
CA MET F 246 26.54 20.77 -3.26
C MET F 246 25.27 20.45 -2.45
N ASN F 247 24.10 20.67 -3.03
CA ASN F 247 22.90 20.31 -2.30
C ASN F 247 22.68 18.82 -2.11
N LYS F 248 23.08 18.00 -3.07
CA LYS F 248 22.97 16.53 -2.90
C LYS F 248 23.93 16.07 -1.81
N ALA F 249 25.17 16.57 -1.86
CA ALA F 249 26.18 16.24 -0.86
C ALA F 249 25.68 16.53 0.55
N ALA F 250 24.96 17.65 0.70
CA ALA F 250 24.44 18.06 2.01
C ALA F 250 23.33 17.12 2.47
N LEU F 251 22.39 16.84 1.57
CA LEU F 251 21.26 15.97 1.86
C LEU F 251 21.80 14.64 2.31
N ASN F 252 22.83 14.18 1.59
CA ASN F 252 23.46 12.92 1.89
C ASN F 252 24.00 12.90 3.31
N PHE F 253 24.67 13.98 3.70
CA PHE F 253 25.17 14.15 5.04
C PHE F 253 24.08 14.01 6.08
N TYR F 254 23.01 14.77 5.91
CA TYR F 254 21.92 14.78 6.87
C TYR F 254 21.30 13.42 7.01
N GLU F 255 21.12 12.73 5.89
CA GLU F 255 20.53 11.39 5.93
C GLU F 255 21.41 10.40 6.67
N THR F 256 22.69 10.39 6.38
CA THR F 256 23.57 9.42 7.00
C THR F 256 23.71 9.71 8.51
N VAL F 257 23.63 10.97 8.91
CA VAL F 257 23.65 11.30 10.33
C VAL F 257 22.37 10.81 11.06
N ARG F 258 21.21 11.02 10.46
CA ARG F 258 19.97 10.57 11.08
C ARG F 258 19.85 9.05 11.10
N ARG F 259 20.42 8.39 10.10
CA ARG F 259 20.30 6.94 9.99
C ARG F 259 21.27 6.24 10.92
N ASP F 260 22.55 6.60 10.81
CA ASP F 260 23.65 5.95 11.49
C ASP F 260 23.87 6.36 12.93
N GLY F 261 23.36 7.52 13.34
CA GLY F 261 23.66 8.07 14.68
C GLY F 261 25.09 8.59 14.79
N THR F 262 25.76 8.72 13.64
CA THR F 262 27.08 9.34 13.53
C THR F 262 27.34 9.68 12.07
N GLN F 263 28.27 10.59 11.81
CA GLN F 263 28.53 11.01 10.46
C GLN F 263 29.75 10.28 9.89
N LYS F 264 30.24 9.30 10.64
CA LYS F 264 31.47 8.58 10.24
C LYS F 264 31.48 8.19 8.76
N ALA F 265 30.40 7.55 8.33
CA ALA F 265 30.25 7.11 6.95
C ALA F 265 30.47 8.22 5.90
N ALA F 266 30.22 9.48 6.29
CA ALA F 266 30.19 10.56 5.32
C ALA F 266 31.49 11.35 5.12
N VAL F 267 32.57 11.09 5.84
CA VAL F 267 33.75 11.96 5.71
C VAL F 267 34.54 11.85 4.39
N PRO F 268 34.56 10.66 3.75
CA PRO F 268 35.18 10.71 2.40
C PRO F 268 34.48 11.69 1.45
N THR F 269 33.24 12.08 1.74
CA THR F 269 32.52 13.02 0.89
C THR F 269 32.95 14.45 1.24
N MET F 270 33.65 14.60 2.36
CA MET F 270 34.05 15.88 2.95
C MET F 270 35.37 16.47 2.43
N GLN F 271 35.41 17.80 2.30
CA GLN F 271 36.65 18.52 1.99
C GLN F 271 37.39 18.77 3.30
N THR F 272 38.71 18.57 3.29
CA THR F 272 39.52 18.61 4.51
C THR F 272 39.69 20.03 5.09
N ARG F 273 39.81 20.14 6.42
CA ARG F 273 40.03 21.45 7.04
C ARG F 273 41.28 22.11 6.48
N ALA F 274 42.37 21.36 6.38
CA ALA F 274 43.61 21.85 5.75
C ALA F 274 43.35 22.57 4.40
N GLN F 275 42.62 21.87 3.51
CA GLN F 275 42.19 22.39 2.20
C GLN F 275 41.33 23.63 2.33
N LEU F 276 40.31 23.60 3.20
CA LEU F 276 39.52 24.81 3.43
C LEU F 276 40.51 25.95 3.64
N TYR F 277 41.42 25.75 4.59
CA TYR F 277 42.30 26.79 5.13
C TYR F 277 43.17 27.43 4.10
N ASP F 278 43.73 26.63 3.22
CA ASP F 278 44.58 27.14 2.18
C ASP F 278 43.82 27.92 1.06
N TYR F 279 42.59 27.52 0.79
CA TYR F 279 41.74 28.20 -0.19
C TYR F 279 41.21 29.54 0.31
N LEU F 280 41.08 29.66 1.63
CA LEU F 280 40.61 30.89 2.26
C LEU F 280 41.80 31.82 2.42
N GLY F 281 42.99 31.26 2.26
CA GLY F 281 44.23 31.99 2.34
C GLY F 281 44.54 32.43 3.75
N TYR F 282 44.50 31.50 4.69
CA TYR F 282 44.91 31.78 6.06
C TYR F 282 46.35 32.24 6.07
N TYR F 283 47.12 31.72 5.14
CA TYR F 283 48.52 31.97 5.06
C TYR F 283 48.81 33.43 4.74
N ALA F 284 48.19 33.94 3.70
CA ALA F 284 48.36 35.33 3.29
C ALA F 284 48.14 36.29 4.48
N TYR F 285 47.08 36.02 5.25
CA TYR F 285 46.72 36.78 6.46
C TYR F 285 47.82 36.73 7.51
N GLU F 286 48.42 35.55 7.63
CA GLU F 286 49.38 35.24 8.68
C GLU F 286 50.72 35.93 8.48
N GLU F 287 51.10 36.13 7.23
CA GLU F 287 52.31 36.85 6.93
C GLU F 287 52.04 38.33 6.66
N LYS F 288 50.77 38.72 6.69
CA LYS F 288 50.41 40.14 6.62
C LYS F 288 50.69 40.82 7.97
N LEU F 289 50.41 40.10 9.05
CA LEU F 289 50.78 40.56 10.39
C LEU F 289 52.30 40.60 10.57
N ASP F 290 53.02 39.79 9.80
CA ASP F 290 54.47 39.89 9.76
C ASP F 290 54.96 40.90 8.71
N GLN F 291 54.07 41.39 7.86
CA GLN F 291 54.46 42.37 6.84
C GLN F 291 54.52 43.73 7.52
N LEU F 292 53.71 43.92 8.56
CA LEU F 292 53.62 45.23 9.21
C LEU F 292 54.13 45.28 10.65
N PHE F 293 53.96 44.20 11.41
CA PHE F 293 54.25 44.21 12.86
C PHE F 293 55.32 43.18 13.28
N LEU G 7 -38.61 -4.46 -21.17
CA LEU G 7 -37.43 -3.64 -20.72
C LEU G 7 -37.82 -2.30 -20.03
N ILE G 8 -37.10 -1.94 -18.99
CA ILE G 8 -37.36 -0.76 -18.13
C ILE G 8 -36.60 0.52 -18.59
N SER G 9 -37.14 1.68 -18.25
CA SER G 9 -36.73 2.98 -18.81
C SER G 9 -35.55 3.64 -18.09
N ALA G 10 -34.82 4.50 -18.80
CA ALA G 10 -33.59 5.10 -18.28
C ALA G 10 -33.84 5.88 -17.00
N GLY G 11 -34.94 6.59 -16.99
CA GLY G 11 -35.40 7.35 -15.84
C GLY G 11 -35.91 6.50 -14.71
N ALA G 12 -36.67 5.46 -15.03
CA ALA G 12 -37.18 4.54 -14.02
C ALA G 12 -36.04 3.87 -13.26
N LYS G 13 -35.00 3.46 -13.99
CA LYS G 13 -33.80 2.87 -13.40
C LYS G 13 -33.20 3.80 -12.36
N PHE G 14 -33.16 5.09 -12.68
CA PHE G 14 -32.57 6.07 -11.78
C PHE G 14 -33.42 6.26 -10.54
N ARG G 15 -34.72 6.43 -10.71
CA ARG G 15 -35.61 6.61 -9.57
C ARG G 15 -35.58 5.38 -8.64
N ALA G 16 -35.48 4.19 -9.25
CA ALA G 16 -35.38 2.93 -8.52
C ALA G 16 -34.12 2.90 -7.70
N ALA G 17 -33.02 3.33 -8.31
CA ALA G 17 -31.74 3.36 -7.64
C ALA G 17 -31.72 4.29 -6.42
N VAL G 18 -32.44 5.40 -6.49
CA VAL G 18 -32.51 6.34 -5.36
C VAL G 18 -33.31 5.73 -4.20
N ALA G 19 -34.37 5.01 -4.56
CA ALA G 19 -35.23 4.35 -3.60
C ALA G 19 -34.51 3.21 -2.91
N ALA G 20 -33.60 2.55 -3.63
CA ALA G 20 -32.95 1.34 -3.15
C ALA G 20 -31.65 1.54 -2.35
N GLU G 21 -31.07 2.73 -2.39
CA GLU G 21 -29.78 3.00 -1.73
C GLU G 21 -29.78 4.42 -1.21
N GLN G 22 -29.67 4.58 0.10
CA GLN G 22 -29.86 5.91 0.70
C GLN G 22 -28.77 6.21 1.71
N PRO G 23 -27.96 7.25 1.47
CA PRO G 23 -27.90 7.99 0.20
C PRO G 23 -27.34 7.14 -0.94
N LEU G 24 -27.72 7.46 -2.17
CA LEU G 24 -27.19 6.78 -3.35
C LEU G 24 -25.88 7.41 -3.85
N GLN G 25 -24.85 6.59 -3.92
CA GLN G 25 -23.58 7.01 -4.46
C GLN G 25 -23.68 7.01 -5.97
N VAL G 26 -23.32 8.13 -6.59
CA VAL G 26 -23.20 8.21 -8.06
C VAL G 26 -21.89 8.89 -8.49
N VAL G 27 -21.10 8.16 -9.28
CA VAL G 27 -19.75 8.60 -9.64
C VAL G 27 -19.61 9.08 -11.09
N GLY G 28 -18.79 10.10 -11.28
CA GLY G 28 -18.57 10.64 -12.58
C GLY G 28 -17.67 9.74 -13.37
N ALA G 29 -17.89 9.70 -14.69
CA ALA G 29 -17.01 9.01 -15.62
C ALA G 29 -16.77 9.87 -16.85
N ILE G 30 -15.54 9.98 -17.30
CA ILE G 30 -15.32 10.82 -18.46
C ILE G 30 -15.20 10.05 -19.76
N THR G 31 -15.14 8.71 -19.69
CA THR G 31 -15.14 7.84 -20.88
C THR G 31 -16.12 6.71 -20.72
N ALA G 32 -16.47 6.10 -21.84
CA ALA G 32 -17.29 4.90 -21.83
C ALA G 32 -16.69 3.83 -20.91
N TYR G 33 -15.40 3.58 -21.06
CA TYR G 33 -14.74 2.53 -20.30
C TYR G 33 -14.78 2.81 -18.81
N ALA G 34 -14.54 4.06 -18.42
CA ALA G 34 -14.61 4.44 -17.01
C ALA G 34 -15.95 3.99 -16.44
N ALA G 35 -17.02 4.21 -17.21
CA ALA G 35 -18.37 3.89 -16.78
C ALA G 35 -18.51 2.39 -16.55
N LYS G 36 -17.93 1.61 -17.46
CA LYS G 36 -18.00 0.15 -17.36
C LYS G 36 -17.34 -0.36 -16.08
N MET G 37 -16.21 0.23 -15.74
CA MET G 37 -15.54 -0.04 -14.47
C MET G 37 -16.43 0.31 -13.28
N ALA G 38 -16.93 1.54 -13.23
CA ALA G 38 -17.83 1.94 -12.18
C ALA G 38 -18.95 0.91 -11.98
N GLU G 39 -19.44 0.33 -13.07
CA GLU G 39 -20.52 -0.64 -13.02
C GLU G 39 -20.03 -1.91 -12.37
N ALA G 40 -18.85 -2.37 -12.81
CA ALA G 40 -18.27 -3.61 -12.32
C ALA G 40 -17.98 -3.51 -10.82
N VAL G 41 -17.56 -2.33 -10.36
CA VAL G 41 -17.30 -2.09 -8.94
C VAL G 41 -18.60 -2.05 -8.10
N GLY G 42 -19.75 -1.93 -8.76
CA GLY G 42 -21.04 -2.11 -8.10
C GLY G 42 -21.90 -0.89 -7.86
N PHE G 43 -21.50 0.27 -8.36
CA PHE G 43 -22.35 1.47 -8.24
C PHE G 43 -23.62 1.29 -9.04
N LYS G 44 -24.67 2.01 -8.65
CA LYS G 44 -25.99 1.90 -9.32
C LYS G 44 -26.30 3.00 -10.34
N ALA G 45 -25.46 4.05 -10.39
CA ALA G 45 -25.63 5.17 -11.31
C ALA G 45 -24.32 5.91 -11.60
N VAL G 46 -24.27 6.56 -12.76
CA VAL G 46 -23.06 7.27 -13.19
C VAL G 46 -23.37 8.69 -13.60
N TYR G 47 -22.35 9.53 -13.66
CA TYR G 47 -22.51 10.96 -13.92
C TYR G 47 -21.63 11.49 -15.05
N LEU G 48 -22.19 12.35 -15.91
CA LEU G 48 -21.36 13.04 -16.89
C LEU G 48 -21.27 14.48 -16.48
N SER G 49 -20.08 14.90 -16.07
CA SER G 49 -19.85 16.28 -15.69
C SER G 49 -19.61 17.18 -16.91
N GLY G 50 -20.28 18.34 -16.90
CA GLY G 50 -20.13 19.36 -17.92
C GLY G 50 -18.73 19.90 -18.09
N GLY G 51 -18.08 20.26 -16.98
CA GLY G 51 -16.70 20.73 -17.01
C GLY G 51 -15.75 19.61 -17.39
N GLY G 52 -16.18 18.38 -17.08
CA GLY G 52 -15.44 17.16 -17.41
C GLY G 52 -15.35 16.94 -18.93
N VAL G 53 -16.47 17.17 -19.59
CA VAL G 53 -16.51 17.09 -21.03
C VAL G 53 -15.55 18.11 -21.61
N ALA G 54 -15.62 19.33 -21.08
CA ALA G 54 -14.89 20.45 -21.60
C ALA G 54 -13.38 20.29 -21.47
N ALA G 55 -12.93 19.93 -20.26
CA ALA G 55 -11.50 19.84 -19.97
C ALA G 55 -10.87 18.64 -20.67
N ASN G 56 -11.49 17.47 -20.47
CA ASN G 56 -10.99 16.21 -20.97
C ASN G 56 -11.19 15.98 -22.46
N SER G 57 -12.45 15.99 -22.92
CA SER G 57 -12.75 15.67 -24.33
C SER G 57 -12.28 16.75 -25.26
N LEU G 58 -12.40 18.01 -24.83
CA LEU G 58 -12.16 19.14 -25.74
C LEU G 58 -10.84 19.86 -25.51
N GLY G 59 -10.32 19.78 -24.27
CA GLY G 59 -9.08 20.48 -23.95
C GLY G 59 -9.26 21.97 -23.75
N ILE G 60 -10.41 22.36 -23.20
CA ILE G 60 -10.72 23.75 -22.98
C ILE G 60 -11.43 23.98 -21.62
N PRO G 61 -11.22 25.16 -21.00
CA PRO G 61 -11.80 25.52 -19.71
C PRO G 61 -13.32 25.47 -19.69
N ASP G 62 -13.88 25.31 -18.50
CA ASP G 62 -15.32 25.34 -18.34
C ASP G 62 -15.82 26.78 -18.37
N LEU G 63 -15.76 27.40 -19.56
CA LEU G 63 -16.21 28.78 -19.72
C LEU G 63 -17.48 28.90 -20.58
N GLY G 64 -18.41 27.95 -20.47
CA GLY G 64 -19.55 27.84 -21.39
C GLY G 64 -19.19 27.80 -22.89
N ILE G 65 -18.08 27.17 -23.26
CA ILE G 65 -17.77 26.99 -24.68
C ILE G 65 -18.36 25.68 -25.20
N SER G 66 -18.29 24.65 -24.37
CA SER G 66 -18.93 23.38 -24.57
C SER G 66 -20.36 23.54 -25.11
N THR G 67 -20.69 22.83 -26.20
CA THR G 67 -22.04 22.89 -26.82
C THR G 67 -22.83 21.63 -26.53
N MET G 68 -24.15 21.72 -26.71
CA MET G 68 -25.04 20.57 -26.55
C MET G 68 -24.58 19.31 -27.27
N ASP G 69 -23.99 19.48 -28.45
CA ASP G 69 -23.50 18.34 -29.20
C ASP G 69 -22.27 17.73 -28.57
N ASP G 70 -21.38 18.58 -28.04
CA ASP G 70 -20.19 18.07 -27.39
C ASP G 70 -20.66 17.06 -26.33
N VAL G 71 -21.58 17.47 -25.49
CA VAL G 71 -22.05 16.64 -24.40
C VAL G 71 -22.85 15.42 -24.94
N LEU G 72 -23.63 15.62 -25.99
CA LEU G 72 -24.31 14.48 -26.62
C LEU G 72 -23.39 13.34 -27.04
N VAL G 73 -22.28 13.63 -27.73
CA VAL G 73 -21.48 12.51 -28.25
C VAL G 73 -20.95 11.66 -27.10
N ASP G 74 -20.50 12.31 -26.03
CA ASP G 74 -20.09 11.63 -24.81
C ASP G 74 -21.22 10.88 -24.12
N ALA G 75 -22.36 11.54 -23.93
CA ALA G 75 -23.50 10.87 -23.33
C ALA G 75 -23.91 9.59 -24.10
N ASN G 76 -23.92 9.67 -25.42
CA ASN G 76 -24.22 8.52 -26.22
C ASN G 76 -23.24 7.38 -26.05
N ARG G 77 -21.94 7.68 -26.09
CA ARG G 77 -20.90 6.67 -25.96
C ARG G 77 -21.05 5.93 -24.63
N ILE G 78 -21.35 6.68 -23.58
CA ILE G 78 -21.54 6.12 -22.26
C ILE G 78 -22.78 5.25 -22.15
N THR G 79 -23.95 5.75 -22.57
CA THR G 79 -25.17 4.96 -22.38
C THR G 79 -25.18 3.69 -23.24
N ASN G 80 -24.42 3.67 -24.34
CA ASN G 80 -24.23 2.46 -25.14
C ASN G 80 -23.40 1.42 -24.42
N ALA G 81 -22.55 1.87 -23.50
CA ALA G 81 -21.48 1.03 -22.96
C ALA G 81 -21.79 0.44 -21.57
N THR G 82 -22.63 1.12 -20.82
CA THR G 82 -23.16 0.59 -19.56
C THR G 82 -24.70 0.56 -19.59
N ASN G 83 -25.31 -0.23 -18.72
CA ASN G 83 -26.75 -0.08 -18.58
C ASN G 83 -27.20 0.47 -17.24
N LEU G 84 -26.26 1.11 -16.53
CA LEU G 84 -26.59 1.95 -15.37
C LEU G 84 -27.22 3.25 -15.83
N PRO G 85 -28.18 3.80 -15.07
CA PRO G 85 -28.73 5.09 -15.47
C PRO G 85 -27.69 6.19 -15.32
N LEU G 86 -27.64 7.10 -16.28
CA LEU G 86 -26.65 8.18 -16.28
C LEU G 86 -27.29 9.56 -16.07
N LEU G 87 -26.64 10.37 -15.24
CA LEU G 87 -27.05 11.75 -14.96
C LEU G 87 -26.14 12.72 -15.69
N VAL G 88 -26.73 13.71 -16.33
CA VAL G 88 -25.97 14.57 -17.21
C VAL G 88 -26.13 16.05 -16.86
N ASP G 89 -24.99 16.74 -16.76
CA ASP G 89 -24.92 18.17 -16.50
C ASP G 89 -25.24 18.90 -17.82
N ILE G 90 -26.37 19.61 -17.86
CA ILE G 90 -26.75 20.32 -19.10
C ILE G 90 -26.71 21.86 -19.01
N ASP G 91 -25.93 22.36 -18.06
CA ASP G 91 -25.78 23.80 -17.85
C ASP G 91 -27.12 24.52 -17.85
N THR G 92 -27.25 25.54 -18.69
CA THR G 92 -28.48 26.33 -18.76
C THR G 92 -29.39 25.86 -19.87
N GLY G 93 -29.01 24.80 -20.57
CA GLY G 93 -29.88 24.24 -21.59
C GLY G 93 -29.54 24.70 -22.98
N TRP G 94 -28.52 25.55 -23.06
CA TRP G 94 -28.00 26.01 -24.36
C TRP G 94 -29.00 26.83 -25.14
N GLY G 95 -29.62 27.79 -24.47
CA GLY G 95 -30.53 28.74 -25.12
C GLY G 95 -31.90 28.96 -24.50
N GLY G 96 -32.78 29.57 -25.28
CA GLY G 96 -34.14 29.86 -24.84
C GLY G 96 -34.99 28.62 -24.73
N ALA G 97 -36.30 28.84 -24.55
CA ALA G 97 -37.24 27.74 -24.33
C ALA G 97 -37.28 26.72 -25.46
N PHE G 98 -37.10 27.16 -26.71
CA PHE G 98 -37.03 26.24 -27.83
C PHE G 98 -35.80 25.34 -27.80
N ASN G 99 -34.69 25.86 -27.27
CA ASN G 99 -33.45 25.10 -27.20
C ASN G 99 -33.43 24.14 -26.03
N ILE G 100 -33.92 24.60 -24.88
CA ILE G 100 -34.14 23.74 -23.73
C ILE G 100 -34.99 22.54 -24.13
N ALA G 101 -36.06 22.79 -24.89
CA ALA G 101 -36.89 21.73 -25.43
C ALA G 101 -36.09 20.70 -26.27
N ARG G 102 -35.38 21.18 -27.29
CA ARG G 102 -34.53 20.32 -28.10
C ARG G 102 -33.55 19.49 -27.25
N THR G 103 -32.93 20.15 -26.27
CA THR G 103 -31.97 19.52 -25.37
C THR G 103 -32.62 18.37 -24.62
N ILE G 104 -33.76 18.64 -23.98
CA ILE G 104 -34.47 17.60 -23.26
C ILE G 104 -34.74 16.40 -24.18
N ARG G 105 -35.28 16.65 -25.37
CA ARG G 105 -35.65 15.55 -26.25
C ARG G 105 -34.43 14.77 -26.68
N SER G 106 -33.37 15.50 -27.00
CA SER G 106 -32.13 14.89 -27.44
C SER G 106 -31.57 13.92 -26.40
N PHE G 107 -31.53 14.36 -25.14
CA PHE G 107 -30.99 13.54 -24.05
C PHE G 107 -31.91 12.40 -23.64
N ILE G 108 -33.20 12.56 -23.82
CA ILE G 108 -34.10 11.46 -23.60
C ILE G 108 -33.74 10.36 -24.61
N LYS G 109 -33.70 10.75 -25.88
CA LYS G 109 -33.42 9.84 -27.00
C LYS G 109 -32.06 9.18 -26.83
N ALA G 110 -31.15 9.89 -26.19
CA ALA G 110 -29.79 9.41 -25.93
C ALA G 110 -29.78 8.30 -24.90
N GLY G 111 -30.94 8.08 -24.26
CA GLY G 111 -31.11 7.04 -23.23
C GLY G 111 -30.59 7.41 -21.85
N VAL G 112 -30.49 8.71 -21.58
CA VAL G 112 -29.96 9.24 -20.34
C VAL G 112 -31.03 9.11 -19.26
N GLY G 113 -30.60 9.00 -18.01
CA GLY G 113 -31.55 8.83 -16.92
C GLY G 113 -32.10 10.08 -16.23
N ALA G 114 -31.23 11.08 -16.10
CA ALA G 114 -31.53 12.26 -15.32
C ALA G 114 -30.63 13.32 -15.84
N VAL G 115 -30.98 14.55 -15.50
CA VAL G 115 -30.34 15.69 -16.08
C VAL G 115 -30.56 16.83 -15.12
N HIS G 116 -29.63 17.80 -15.08
CA HIS G 116 -29.77 18.94 -14.17
C HIS G 116 -29.42 20.29 -14.85
N LEU G 117 -30.37 21.22 -14.80
CA LEU G 117 -30.20 22.58 -15.28
C LEU G 117 -29.88 23.43 -14.09
N GLU G 118 -29.23 24.54 -14.33
CA GLU G 118 -28.90 25.44 -13.24
C GLU G 118 -29.40 26.84 -13.54
N ASP G 119 -29.74 27.56 -12.49
CA ASP G 119 -30.21 28.94 -12.56
C ASP G 119 -29.07 29.98 -12.72
N GLN G 120 -28.08 29.64 -13.52
CA GLN G 120 -27.04 30.57 -13.94
C GLN G 120 -27.50 31.43 -15.11
N VAL G 121 -26.88 32.59 -15.25
CA VAL G 121 -27.10 33.46 -16.42
C VAL G 121 -26.85 32.72 -17.76
N GLY G 122 -27.52 33.16 -18.83
CA GLY G 122 -27.30 32.66 -20.18
C GLY G 122 -26.14 33.36 -20.90
N GLN G 123 -26.23 33.42 -22.24
CA GLN G 123 -25.30 34.22 -23.04
C GLN G 123 -25.34 35.67 -22.48
N LYS G 124 -24.16 36.28 -22.32
CA LYS G 124 -24.12 37.69 -22.03
C LYS G 124 -23.36 38.38 -23.15
N ARG G 125 -23.10 39.68 -23.03
CA ARG G 125 -22.49 40.43 -24.13
C ARG G 125 -21.19 39.77 -24.62
N CYS G 126 -20.92 39.91 -25.91
CA CYS G 126 -19.79 39.28 -26.56
C CYS G 126 -18.55 39.19 -25.68
N GLY G 127 -18.17 40.32 -25.09
CA GLY G 127 -16.89 40.43 -24.39
C GLY G 127 -16.98 40.38 -22.88
N HIS G 128 -18.10 39.91 -22.35
CA HIS G 128 -18.35 39.77 -20.89
C HIS G 128 -17.32 38.87 -20.25
N ARG G 129 -16.98 39.14 -18.98
CA ARG G 129 -16.06 38.27 -18.22
C ARG G 129 -16.74 37.08 -17.48
N PRO G 130 -16.07 35.90 -17.42
CA PRO G 130 -16.72 34.69 -16.86
C PRO G 130 -16.99 34.81 -15.36
N GLY G 131 -17.83 33.94 -14.82
CA GLY G 131 -18.15 34.01 -13.39
C GLY G 131 -19.56 33.57 -13.05
N LYS G 132 -19.87 33.61 -11.77
CA LYS G 132 -21.11 33.04 -11.27
C LYS G 132 -22.11 34.15 -10.98
N GLU G 133 -23.37 33.92 -11.37
CA GLU G 133 -24.43 34.92 -11.26
C GLU G 133 -25.78 34.30 -11.55
N CYS G 134 -26.73 34.50 -10.66
CA CYS G 134 -28.01 33.87 -10.89
C CYS G 134 -28.98 34.75 -11.66
N VAL G 135 -30.01 34.09 -12.18
CA VAL G 135 -31.12 34.76 -12.83
C VAL G 135 -32.17 34.88 -11.74
N PRO G 136 -33.13 35.78 -11.92
CA PRO G 136 -34.17 35.80 -10.93
C PRO G 136 -35.01 34.52 -10.94
N ALA G 137 -35.67 34.24 -9.83
CA ALA G 137 -36.50 33.03 -9.65
C ALA G 137 -37.45 32.69 -10.80
N GLY G 138 -38.19 33.67 -11.29
CA GLY G 138 -39.13 33.45 -12.39
C GLY G 138 -38.51 32.93 -13.68
N GLU G 139 -37.31 33.43 -14.02
CA GLU G 139 -36.60 33.05 -15.25
C GLU G 139 -36.22 31.58 -15.20
N MET G 140 -35.74 31.15 -14.05
CA MET G 140 -35.46 29.74 -13.87
C MET G 140 -36.73 28.90 -13.78
N VAL G 141 -37.82 29.49 -13.30
CA VAL G 141 -39.10 28.79 -13.28
C VAL G 141 -39.51 28.58 -14.73
N ASP G 142 -39.27 29.60 -15.56
CA ASP G 142 -39.55 29.51 -16.97
C ASP G 142 -38.74 28.38 -17.65
N ARG G 143 -37.46 28.30 -17.34
CA ARG G 143 -36.61 27.26 -17.92
C ARG G 143 -37.13 25.88 -17.57
N ILE G 144 -37.44 25.67 -16.29
CA ILE G 144 -37.96 24.39 -15.83
C ILE G 144 -39.27 24.08 -16.53
N LYS G 145 -40.16 25.06 -16.63
CA LYS G 145 -41.44 24.81 -17.28
C LYS G 145 -41.30 24.30 -18.72
N ALA G 146 -40.38 24.91 -19.47
CA ALA G 146 -40.07 24.50 -20.83
C ALA G 146 -39.59 23.05 -20.86
N ALA G 147 -38.71 22.72 -19.93
CA ALA G 147 -38.17 21.37 -19.83
C ALA G 147 -39.24 20.33 -19.56
N VAL G 148 -40.05 20.59 -18.53
CA VAL G 148 -41.05 19.65 -18.06
C VAL G 148 -42.09 19.44 -19.14
N ASP G 149 -42.41 20.51 -19.88
CA ASP G 149 -43.31 20.39 -21.01
C ASP G 149 -42.75 19.55 -22.15
N ALA G 150 -41.47 19.77 -22.49
CA ALA G 150 -40.82 19.04 -23.56
C ALA G 150 -40.61 17.56 -23.24
N ARG G 151 -40.62 17.23 -21.96
CA ARG G 151 -40.47 15.84 -21.51
C ARG G 151 -41.60 14.92 -21.94
N THR G 152 -41.24 13.85 -22.64
CA THR G 152 -42.19 12.90 -23.25
C THR G 152 -42.52 11.69 -22.37
N ASP G 153 -41.71 11.47 -21.33
CA ASP G 153 -41.82 10.30 -20.46
C ASP G 153 -41.53 10.73 -19.02
N GLU G 154 -42.55 10.78 -18.18
CA GLU G 154 -42.42 11.25 -16.77
C GLU G 154 -41.31 10.65 -15.93
N THR G 155 -40.93 9.42 -16.23
CA THR G 155 -39.88 8.73 -15.47
C THR G 155 -38.52 9.41 -15.59
N PHE G 156 -38.32 10.14 -16.68
CA PHE G 156 -37.13 10.95 -16.89
C PHE G 156 -37.05 12.04 -15.83
N VAL G 157 -35.92 12.13 -15.14
CA VAL G 157 -35.78 13.04 -14.00
C VAL G 157 -35.16 14.39 -14.38
N ILE G 158 -35.89 15.46 -14.11
CA ILE G 158 -35.39 16.81 -14.31
C ILE G 158 -35.01 17.42 -12.95
N MET G 159 -33.74 17.74 -12.81
CA MET G 159 -33.19 18.18 -11.53
C MET G 159 -32.72 19.62 -11.63
N ALA G 160 -33.14 20.45 -10.68
CA ALA G 160 -32.80 21.87 -10.71
C ALA G 160 -31.63 22.10 -9.78
N ARG G 161 -30.58 22.77 -10.30
CA ARG G 161 -29.38 23.07 -9.53
C ARG G 161 -29.29 24.56 -9.27
N THR G 162 -28.95 24.94 -8.04
CA THR G 162 -28.87 26.37 -7.71
C THR G 162 -27.59 26.80 -7.00
N ASP G 163 -27.02 27.91 -7.43
CA ASP G 163 -25.81 28.46 -6.85
C ASP G 163 -26.10 29.71 -6.01
N ALA G 164 -27.38 29.91 -5.73
CA ALA G 164 -27.88 31.09 -5.03
C ALA G 164 -27.28 31.27 -3.64
N ALA G 165 -27.23 30.16 -2.89
CA ALA G 165 -26.69 30.12 -1.54
C ALA G 165 -25.49 31.06 -1.34
N ALA G 166 -24.49 30.92 -2.20
CA ALA G 166 -23.23 31.68 -2.16
C ALA G 166 -23.39 33.21 -2.04
N ALA G 167 -24.26 33.83 -2.83
CA ALA G 167 -24.33 35.27 -2.82
C ALA G 167 -25.60 35.84 -2.18
N GLU G 168 -26.62 35.01 -1.97
CA GLU G 168 -27.91 35.49 -1.48
C GLU G 168 -28.31 34.85 -0.17
N GLY G 169 -27.45 33.99 0.36
CA GLY G 169 -27.74 33.34 1.63
C GLY G 169 -28.67 32.15 1.48
N ILE G 170 -28.50 31.19 2.39
CA ILE G 170 -29.22 29.91 2.35
C ILE G 170 -30.75 30.00 2.27
N ASP G 171 -31.35 31.02 2.89
CA ASP G 171 -32.84 31.18 2.92
C ASP G 171 -33.41 31.50 1.54
N ALA G 172 -32.75 32.44 0.85
CA ALA G 172 -33.09 32.82 -0.51
C ALA G 172 -33.08 31.59 -1.40
N ALA G 173 -32.00 30.81 -1.32
CA ALA G 173 -31.87 29.56 -2.07
C ALA G 173 -33.00 28.56 -1.78
N ILE G 174 -33.37 28.40 -0.51
CA ILE G 174 -34.49 27.52 -0.12
C ILE G 174 -35.79 27.98 -0.76
N GLU G 175 -35.99 29.29 -0.77
CA GLU G 175 -37.21 29.84 -1.35
C GLU G 175 -37.29 29.64 -2.87
N ARG G 176 -36.17 29.90 -3.58
CA ARG G 176 -36.06 29.56 -5.01
C ARG G 176 -36.41 28.09 -5.24
N ALA G 177 -35.77 27.22 -4.47
CA ALA G 177 -35.95 25.76 -4.57
C ALA G 177 -37.41 25.31 -4.51
N ILE G 178 -38.20 25.92 -3.62
CA ILE G 178 -39.62 25.52 -3.52
C ILE G 178 -40.39 25.97 -4.77
N ALA G 179 -39.99 27.12 -5.35
CA ALA G 179 -40.59 27.61 -6.59
C ALA G 179 -40.20 26.72 -7.78
N TYR G 180 -39.04 26.08 -7.68
CA TYR G 180 -38.57 25.20 -8.76
C TYR G 180 -39.29 23.86 -8.73
N VAL G 181 -39.55 23.36 -7.53
CA VAL G 181 -40.35 22.14 -7.34
C VAL G 181 -41.77 22.44 -7.82
N GLU G 182 -42.26 23.65 -7.52
CA GLU G 182 -43.51 24.18 -8.07
C GLU G 182 -43.57 24.01 -9.57
N ALA G 183 -42.51 24.47 -10.25
CA ALA G 183 -42.43 24.49 -11.70
C ALA G 183 -42.30 23.10 -12.31
N GLY G 184 -42.07 22.09 -11.48
CA GLY G 184 -42.08 20.70 -11.97
C GLY G 184 -40.83 19.90 -11.71
N ALA G 185 -39.78 20.56 -11.20
CA ALA G 185 -38.50 19.91 -10.89
C ALA G 185 -38.67 18.72 -9.94
N ASP G 186 -38.05 17.59 -10.28
CA ASP G 186 -38.23 16.37 -9.48
C ASP G 186 -37.30 16.28 -8.27
N MET G 187 -36.12 16.87 -8.37
CA MET G 187 -35.08 16.78 -7.34
C MET G 187 -34.25 18.05 -7.39
N ILE G 188 -33.52 18.33 -6.32
CA ILE G 188 -32.83 19.60 -6.19
C ILE G 188 -31.35 19.39 -5.84
N PHE G 189 -30.50 20.23 -6.43
CA PHE G 189 -29.05 20.14 -6.29
C PHE G 189 -28.57 21.51 -5.79
N PRO G 190 -28.47 21.65 -4.46
CA PRO G 190 -28.01 22.91 -3.87
C PRO G 190 -26.49 23.00 -3.81
N GLU G 191 -25.92 23.93 -4.58
CA GLU G 191 -24.46 24.11 -4.63
C GLU G 191 -23.87 24.69 -3.36
N ALA G 192 -22.65 24.21 -3.05
CA ALA G 192 -21.79 24.77 -1.98
C ALA G 192 -22.51 25.00 -0.63
N MET G 193 -22.76 23.88 0.05
CA MET G 193 -23.25 23.93 1.42
C MET G 193 -22.03 23.70 2.32
N LYS G 194 -21.97 24.45 3.43
CA LYS G 194 -20.82 24.44 4.35
C LYS G 194 -20.94 23.40 5.45
N THR G 195 -22.15 23.18 5.96
CA THR G 195 -22.34 22.31 7.12
C THR G 195 -23.38 21.23 6.83
N LEU G 196 -23.35 20.15 7.62
CA LEU G 196 -24.39 19.11 7.55
C LEU G 196 -25.81 19.64 7.81
N ASP G 197 -25.90 20.76 8.53
CA ASP G 197 -27.21 21.33 8.91
C ASP G 197 -27.85 22.05 7.77
N ASP G 198 -27.02 22.71 6.98
CA ASP G 198 -27.50 23.34 5.77
C ASP G 198 -28.33 22.35 4.96
N TYR G 199 -27.78 21.18 4.70
CA TYR G 199 -28.50 20.12 3.99
C TYR G 199 -29.81 19.66 4.69
N ARG G 200 -29.71 19.42 5.99
CA ARG G 200 -30.83 19.01 6.84
C ARG G 200 -32.06 19.90 6.64
N ARG G 201 -31.83 21.21 6.79
CA ARG G 201 -32.90 22.21 6.70
C ARG G 201 -33.45 22.27 5.30
N PHE G 202 -32.55 22.18 4.32
CA PHE G 202 -32.92 22.19 2.91
C PHE G 202 -33.87 21.05 2.56
N LYS G 203 -33.51 19.82 2.95
CA LYS G 203 -34.34 18.65 2.67
C LYS G 203 -35.71 18.79 3.31
N GLU G 204 -35.73 19.38 4.51
CA GLU G 204 -36.99 19.53 5.23
C GLU G 204 -37.92 20.52 4.56
N ALA G 205 -37.34 21.60 4.05
CA ALA G 205 -38.06 22.67 3.39
C ALA G 205 -38.64 22.26 2.04
N VAL G 206 -37.81 21.62 1.20
CA VAL G 206 -38.18 21.32 -0.19
C VAL G 206 -38.88 19.98 -0.38
N LYS G 207 -38.75 19.07 0.58
CA LYS G 207 -39.54 17.81 0.58
C LYS G 207 -39.27 16.82 -0.57
N VAL G 208 -38.32 17.15 -1.44
CA VAL G 208 -38.00 16.27 -2.58
C VAL G 208 -36.57 15.77 -2.39
N PRO G 209 -36.19 14.65 -3.05
CA PRO G 209 -34.80 14.19 -3.06
C PRO G 209 -33.75 15.31 -3.27
N ILE G 210 -32.62 15.20 -2.57
CA ILE G 210 -31.57 16.22 -2.52
C ILE G 210 -30.22 15.62 -2.85
N LEU G 211 -29.39 16.38 -3.56
CA LEU G 211 -28.08 15.90 -3.95
C LEU G 211 -26.96 16.70 -3.32
N ALA G 212 -25.92 15.99 -2.91
CA ALA G 212 -24.76 16.62 -2.26
C ALA G 212 -23.53 16.47 -3.13
N ASN G 213 -22.97 17.61 -3.53
CA ASN G 213 -21.85 17.59 -4.45
C ASN G 213 -20.50 17.48 -3.75
N LEU G 214 -20.02 16.25 -3.57
CA LEU G 214 -18.75 16.00 -2.89
C LEU G 214 -17.59 16.28 -3.84
N THR G 215 -17.19 17.54 -3.92
CA THR G 215 -16.11 17.91 -4.84
C THR G 215 -14.82 18.20 -4.08
N GLU G 216 -13.71 17.67 -4.59
CA GLU G 216 -12.39 17.87 -3.98
C GLU G 216 -11.76 19.21 -4.40
N PHE G 217 -10.94 19.79 -3.52
CA PHE G 217 -10.27 21.08 -3.70
C PHE G 217 -11.23 22.27 -3.69
N GLY G 218 -12.46 22.05 -3.21
CA GLY G 218 -13.47 23.10 -3.17
C GLY G 218 -13.58 23.69 -1.78
N SER G 219 -14.74 24.27 -1.48
CA SER G 219 -15.05 24.80 -0.16
C SER G 219 -15.69 23.73 0.71
N THR G 220 -16.68 23.05 0.14
CA THR G 220 -17.39 21.93 0.77
C THR G 220 -16.37 20.91 1.34
N PRO G 221 -16.51 20.56 2.63
CA PRO G 221 -15.78 19.41 3.20
C PRO G 221 -16.25 18.07 2.60
N LEU G 222 -15.38 17.07 2.62
CA LEU G 222 -15.65 15.80 1.97
C LEU G 222 -16.43 14.89 2.92
N PHE G 223 -17.72 15.17 3.09
CA PHE G 223 -18.55 14.39 4.04
C PHE G 223 -18.65 12.90 3.71
N THR G 224 -18.79 12.08 4.76
CA THR G 224 -18.96 10.62 4.66
C THR G 224 -20.40 10.23 4.32
N LEU G 225 -20.56 9.02 3.80
CA LEU G 225 -21.89 8.45 3.58
C LEU G 225 -22.79 8.53 4.80
N ASP G 226 -22.25 8.20 5.97
CA ASP G 226 -22.97 8.28 7.23
C ASP G 226 -23.40 9.67 7.57
N GLU G 227 -22.44 10.59 7.60
CA GLU G 227 -22.75 11.99 7.87
C GLU G 227 -23.94 12.44 7.03
N LEU G 228 -23.88 12.13 5.73
CA LEU G 228 -24.94 12.47 4.77
C LEU G 228 -26.26 11.75 5.05
N LYS G 229 -26.18 10.47 5.41
CA LYS G 229 -27.37 9.71 5.78
C LYS G 229 -28.08 10.41 6.93
N GLY G 230 -27.29 10.83 7.92
CA GLY G 230 -27.81 11.49 9.11
C GLY G 230 -28.38 12.84 8.82
N ALA G 231 -27.95 13.46 7.73
CA ALA G 231 -28.48 14.77 7.30
C ALA G 231 -29.69 14.68 6.36
N ASN G 232 -30.11 13.45 6.07
CA ASN G 232 -31.26 13.16 5.22
C ASN G 232 -31.08 13.39 3.71
N VAL G 233 -29.82 13.49 3.28
CA VAL G 233 -29.44 13.62 1.87
C VAL G 233 -29.69 12.31 1.09
N ASP G 234 -30.19 12.44 -0.14
CA ASP G 234 -30.58 11.30 -0.96
C ASP G 234 -29.49 10.82 -1.92
N ILE G 235 -28.65 11.75 -2.37
CA ILE G 235 -27.67 11.45 -3.42
C ILE G 235 -26.30 12.02 -3.09
N ALA G 236 -25.28 11.16 -3.09
CA ALA G 236 -23.91 11.60 -2.91
C ALA G 236 -23.20 11.55 -4.24
N LEU G 237 -22.75 12.72 -4.69
CA LEU G 237 -22.16 12.83 -6.01
C LEU G 237 -20.64 13.07 -6.05
N TYR G 238 -19.90 12.07 -6.55
CA TYR G 238 -18.45 12.15 -6.68
C TYR G 238 -18.16 12.44 -8.16
N CYS G 239 -18.20 13.70 -8.52
CA CYS G 239 -18.30 14.08 -9.92
C CYS G 239 -16.99 14.10 -10.73
N CYS G 240 -15.85 14.27 -10.05
CA CYS G 240 -14.60 14.47 -10.80
C CYS G 240 -13.40 13.68 -10.34
N GLY G 241 -13.50 13.09 -9.16
CA GLY G 241 -12.38 12.38 -8.57
C GLY G 241 -11.71 11.49 -9.61
N ALA G 242 -12.51 10.62 -10.22
CA ALA G 242 -12.03 9.69 -11.23
C ALA G 242 -11.08 10.36 -12.21
N TYR G 243 -11.50 11.44 -12.87
CA TYR G 243 -10.64 11.99 -13.92
C TYR G 243 -9.42 12.70 -13.39
N ARG G 244 -9.52 13.29 -12.21
CA ARG G 244 -8.35 13.92 -11.65
C ARG G 244 -7.29 12.85 -11.38
N ALA G 245 -7.74 11.72 -10.83
CA ALA G 245 -6.89 10.58 -10.55
C ALA G 245 -6.24 10.11 -11.84
N MET G 246 -7.07 9.94 -12.87
CA MET G 246 -6.54 9.44 -14.12
C MET G 246 -5.56 10.40 -14.79
N ASN G 247 -5.83 11.68 -14.68
CA ASN G 247 -4.98 12.69 -15.28
C ASN G 247 -3.56 12.73 -14.68
N LYS G 248 -3.46 12.48 -13.38
CA LYS G 248 -2.17 12.52 -12.68
C LYS G 248 -1.33 11.38 -13.16
N ALA G 249 -1.96 10.20 -13.19
CA ALA G 249 -1.34 8.96 -13.68
C ALA G 249 -0.79 9.13 -15.09
N ALA G 250 -1.53 9.83 -15.93
CA ALA G 250 -1.16 10.03 -17.30
C ALA G 250 0.05 10.97 -17.41
N LEU G 251 0.02 12.08 -16.65
CA LEU G 251 1.11 13.06 -16.63
C LEU G 251 2.38 12.37 -16.14
N ASN G 252 2.22 11.54 -15.12
CA ASN G 252 3.35 10.82 -14.58
C ASN G 252 4.01 9.91 -15.63
N PHE G 253 3.19 9.17 -16.37
CA PHE G 253 3.66 8.36 -17.49
C PHE G 253 4.46 9.20 -18.47
N TYR G 254 3.88 10.30 -18.93
CA TYR G 254 4.55 11.13 -19.90
C TYR G 254 5.92 11.66 -19.41
N GLU G 255 5.97 12.09 -18.16
CA GLU G 255 7.21 12.61 -17.58
C GLU G 255 8.29 11.54 -17.43
N THR G 256 7.89 10.36 -16.98
CA THR G 256 8.89 9.32 -16.77
C THR G 256 9.43 8.83 -18.11
N VAL G 257 8.62 8.87 -19.16
CA VAL G 257 9.10 8.48 -20.49
C VAL G 257 10.05 9.52 -21.09
N ARG G 258 9.79 10.78 -20.78
CA ARG G 258 10.63 11.85 -21.28
C ARG G 258 11.95 11.89 -20.53
N ARG G 259 11.89 11.57 -19.24
CA ARG G 259 13.05 11.57 -18.38
C ARG G 259 13.96 10.38 -18.64
N ASP G 260 13.37 9.18 -18.56
CA ASP G 260 14.12 7.93 -18.53
C ASP G 260 14.47 7.34 -19.90
N GLY G 261 13.81 7.82 -20.95
CA GLY G 261 14.00 7.21 -22.28
C GLY G 261 13.38 5.84 -22.40
N THR G 262 12.58 5.48 -21.40
CA THR G 262 11.76 4.26 -21.42
C THR G 262 10.64 4.43 -20.39
N GLN G 263 9.60 3.64 -20.55
CA GLN G 263 8.47 3.68 -19.64
C GLN G 263 8.60 2.64 -18.51
N LYS G 264 9.73 1.92 -18.50
CA LYS G 264 9.96 0.82 -17.55
C LYS G 264 9.47 1.16 -16.14
N ALA G 265 9.91 2.32 -15.63
CA ALA G 265 9.61 2.71 -14.26
C ALA G 265 8.13 2.84 -13.99
N ALA G 266 7.34 3.05 -15.04
CA ALA G 266 5.94 3.40 -14.89
C ALA G 266 5.01 2.19 -14.93
N VAL G 267 5.52 1.04 -15.36
CA VAL G 267 4.60 -0.05 -15.65
C VAL G 267 3.77 -0.49 -14.46
N PRO G 268 4.33 -0.52 -13.23
CA PRO G 268 3.49 -0.91 -12.07
C PRO G 268 2.20 -0.11 -11.84
N THR G 269 2.15 1.14 -12.35
CA THR G 269 0.93 1.99 -12.35
C THR G 269 -0.07 1.67 -13.47
N MET G 270 0.32 0.76 -14.36
CA MET G 270 -0.50 0.44 -15.50
C MET G 270 -1.49 -0.66 -15.21
N GLN G 271 -2.66 -0.60 -15.84
CA GLN G 271 -3.61 -1.71 -15.80
C GLN G 271 -3.31 -2.67 -16.95
N THR G 272 -3.06 -3.94 -16.58
CA THR G 272 -2.70 -5.02 -17.53
C THR G 272 -3.65 -5.20 -18.69
N ARG G 273 -3.18 -5.92 -19.70
CA ARG G 273 -3.99 -6.21 -20.86
C ARG G 273 -5.09 -7.16 -20.53
N ALA G 274 -4.91 -7.99 -19.49
CA ALA G 274 -5.96 -8.93 -19.18
C ALA G 274 -7.05 -8.37 -18.27
N GLN G 275 -6.78 -7.29 -17.51
CA GLN G 275 -7.88 -6.68 -16.70
C GLN G 275 -8.80 -5.93 -17.64
N LEU G 276 -8.20 -5.11 -18.51
CA LEU G 276 -8.87 -4.48 -19.64
C LEU G 276 -9.90 -5.42 -20.26
N TYR G 277 -9.40 -6.52 -20.81
CA TYR G 277 -10.18 -7.45 -21.63
C TYR G 277 -11.33 -8.00 -20.82
N ASP G 278 -11.05 -8.35 -19.58
CA ASP G 278 -12.04 -8.77 -18.63
C ASP G 278 -13.10 -7.69 -18.45
N TYR G 279 -12.69 -6.45 -18.18
CA TYR G 279 -13.67 -5.37 -17.95
C TYR G 279 -14.45 -5.05 -19.18
N LEU G 280 -13.85 -5.35 -20.32
CA LEU G 280 -14.34 -4.94 -21.62
C LEU G 280 -15.42 -5.85 -22.21
N GLY G 281 -15.54 -7.06 -21.66
CA GLY G 281 -16.45 -8.07 -22.18
C GLY G 281 -15.76 -8.85 -23.28
N TYR G 282 -14.50 -8.47 -23.56
CA TYR G 282 -13.66 -9.06 -24.65
C TYR G 282 -13.78 -10.56 -24.93
N TYR G 283 -13.86 -11.36 -23.87
CA TYR G 283 -13.96 -12.82 -24.01
C TYR G 283 -15.34 -13.16 -24.40
N ALA G 284 -16.30 -12.58 -23.68
CA ALA G 284 -17.73 -12.87 -23.88
C ALA G 284 -18.19 -12.69 -25.33
N TYR G 285 -17.42 -11.92 -26.10
CA TYR G 285 -17.59 -11.77 -27.55
C TYR G 285 -17.34 -13.07 -28.26
N GLU G 286 -16.17 -13.65 -27.97
CA GLU G 286 -15.71 -14.92 -28.53
C GLU G 286 -16.69 -16.03 -28.21
N GLU G 287 -17.21 -16.02 -26.98
CA GLU G 287 -18.21 -16.96 -26.51
C GLU G 287 -19.41 -16.78 -27.39
N LYS G 288 -20.08 -15.64 -27.27
CA LYS G 288 -21.25 -15.30 -28.13
C LYS G 288 -21.04 -15.62 -29.63
N LEU G 289 -19.95 -15.12 -30.22
CA LEU G 289 -19.62 -15.42 -31.60
C LEU G 289 -19.81 -16.90 -31.89
N ASP G 290 -19.39 -17.72 -30.91
CA ASP G 290 -19.30 -19.18 -31.02
C ASP G 290 -20.57 -19.85 -30.56
N GLN G 291 -21.29 -19.26 -29.60
CA GLN G 291 -22.63 -19.75 -29.25
C GLN G 291 -23.68 -19.43 -30.35
N LEU G 292 -23.29 -18.70 -31.41
CA LEU G 292 -24.22 -18.27 -32.46
C LEU G 292 -24.11 -18.98 -33.78
N PHE G 293 -22.98 -19.65 -34.04
CA PHE G 293 -22.70 -20.33 -35.34
C PHE G 293 -21.85 -21.63 -35.21
N LEU H 7 2.55 29.04 -41.16
CA LEU H 7 1.69 27.83 -41.05
C LEU H 7 2.16 26.66 -41.91
N ILE H 8 2.74 25.63 -41.29
CA ILE H 8 3.02 24.39 -42.02
C ILE H 8 2.04 23.22 -41.72
N SER H 9 1.87 22.36 -42.72
CA SER H 9 1.01 21.19 -42.61
C SER H 9 1.52 20.20 -41.59
N ALA H 10 0.61 19.62 -40.80
CA ALA H 10 0.96 18.58 -39.82
C ALA H 10 1.81 17.46 -40.44
N GLY H 11 1.72 17.26 -41.75
CA GLY H 11 2.65 16.36 -42.40
C GLY H 11 4.11 16.83 -42.32
N ALA H 12 4.34 18.09 -42.70
CA ALA H 12 5.66 18.68 -42.65
C ALA H 12 6.17 18.79 -41.21
N LYS H 13 5.28 19.13 -40.25
CA LYS H 13 5.62 19.17 -38.82
C LYS H 13 6.12 17.81 -38.34
N PHE H 14 5.52 16.75 -38.88
CA PHE H 14 5.86 15.39 -38.51
C PHE H 14 7.20 14.96 -39.10
N ARG H 15 7.39 15.22 -40.39
CA ARG H 15 8.68 14.98 -41.04
C ARG H 15 9.86 15.75 -40.39
N ALA H 16 9.60 17.00 -40.02
CA ALA H 16 10.56 17.84 -39.31
C ALA H 16 10.98 17.23 -37.98
N ALA H 17 10.00 16.74 -37.22
CA ALA H 17 10.21 16.16 -35.89
C ALA H 17 11.03 14.88 -35.95
N VAL H 18 10.87 14.11 -37.01
CA VAL H 18 11.66 12.91 -37.22
C VAL H 18 13.12 13.25 -37.53
N ALA H 19 13.34 14.27 -38.35
CA ALA H 19 14.70 14.71 -38.67
C ALA H 19 15.39 15.38 -37.48
N ALA H 20 14.61 15.96 -36.55
CA ALA H 20 15.20 16.70 -35.42
C ALA H 20 15.44 15.93 -34.13
N GLU H 21 14.87 14.74 -33.99
CA GLU H 21 15.00 13.92 -32.78
C GLU H 21 15.11 12.49 -33.19
N GLN H 22 16.25 11.87 -32.87
CA GLN H 22 16.56 10.54 -33.38
C GLN H 22 17.08 9.62 -32.31
N PRO H 23 16.34 8.54 -32.01
CA PRO H 23 14.96 8.32 -32.47
C PRO H 23 13.94 9.29 -31.86
N LEU H 24 12.84 9.53 -32.57
CA LEU H 24 11.75 10.41 -32.09
C LEU H 24 10.77 9.68 -31.19
N GLN H 25 10.60 10.19 -29.97
CA GLN H 25 9.61 9.66 -29.05
C GLN H 25 8.24 10.20 -29.36
N VAL H 26 7.28 9.30 -29.57
CA VAL H 26 5.92 9.65 -29.90
C VAL H 26 4.94 8.90 -28.96
N VAL H 27 4.17 9.63 -28.17
CA VAL H 27 3.33 9.03 -27.14
C VAL H 27 1.84 9.05 -27.45
N GLY H 28 1.13 8.01 -27.04
CA GLY H 28 -0.30 7.92 -27.28
C GLY H 28 -1.08 8.78 -26.31
N ALA H 29 -2.13 9.40 -26.81
CA ALA H 29 -3.13 10.07 -25.95
C ALA H 29 -4.53 9.63 -26.32
N ILE H 30 -5.33 9.35 -25.32
CA ILE H 30 -6.69 8.90 -25.61
C ILE H 30 -7.71 10.03 -25.55
N THR H 31 -7.31 11.19 -25.00
CA THR H 31 -8.16 12.38 -24.91
C THR H 31 -7.44 13.64 -25.40
N ALA H 32 -8.19 14.69 -25.76
CA ALA H 32 -7.60 15.97 -26.09
C ALA H 32 -6.66 16.49 -24.98
N TYR H 33 -7.09 16.37 -23.72
CA TYR H 33 -6.34 16.91 -22.61
C TYR H 33 -5.04 16.18 -22.45
N ALA H 34 -5.09 14.85 -22.55
CA ALA H 34 -3.87 14.05 -22.43
C ALA H 34 -2.82 14.50 -23.46
N ALA H 35 -3.26 14.81 -24.69
CA ALA H 35 -2.35 15.34 -25.72
C ALA H 35 -1.74 16.66 -25.28
N LYS H 36 -2.54 17.52 -24.67
CA LYS H 36 -2.07 18.82 -24.20
C LYS H 36 -0.96 18.69 -23.14
N MET H 37 -1.13 17.74 -22.22
CA MET H 37 -0.08 17.44 -21.25
C MET H 37 1.19 16.90 -21.93
N ALA H 38 1.02 15.93 -22.83
CA ALA H 38 2.17 15.42 -23.61
C ALA H 38 2.97 16.57 -24.24
N GLU H 39 2.27 17.60 -24.75
CA GLU H 39 2.92 18.75 -25.35
C GLU H 39 3.71 19.54 -24.31
N ALA H 40 3.10 19.76 -23.15
CA ALA H 40 3.69 20.56 -22.07
C ALA H 40 4.94 19.87 -21.59
N VAL H 41 4.92 18.55 -21.56
CA VAL H 41 6.06 17.76 -21.08
C VAL H 41 7.22 17.81 -22.09
N GLY H 42 6.95 18.23 -23.34
CA GLY H 42 7.99 18.50 -24.32
C GLY H 42 8.12 17.54 -25.49
N PHE H 43 7.20 16.59 -25.62
CA PHE H 43 7.18 15.67 -26.78
C PHE H 43 6.92 16.43 -28.09
N LYS H 44 7.39 15.88 -29.21
CA LYS H 44 7.28 16.56 -30.51
C LYS H 44 6.16 16.02 -31.37
N ALA H 45 5.59 14.88 -30.96
CA ALA H 45 4.46 14.27 -31.68
C ALA H 45 3.61 13.32 -30.80
N VAL H 46 2.37 13.09 -31.21
CA VAL H 46 1.48 12.25 -30.44
C VAL H 46 0.78 11.24 -31.31
N TYR H 47 0.12 10.26 -30.68
CA TYR H 47 -0.40 9.09 -31.38
C TYR H 47 -1.82 8.84 -30.95
N LEU H 48 -2.65 8.50 -31.93
CA LEU H 48 -4.01 8.04 -31.68
C LEU H 48 -4.11 6.56 -31.99
N SER H 49 -4.20 5.74 -30.95
CA SER H 49 -4.27 4.28 -31.09
C SER H 49 -5.67 3.80 -31.42
N GLY H 50 -5.78 2.93 -32.41
CA GLY H 50 -7.06 2.35 -32.82
C GLY H 50 -7.80 1.56 -31.75
N GLY H 51 -7.09 0.63 -31.11
CA GLY H 51 -7.61 -0.12 -29.97
C GLY H 51 -7.88 0.77 -28.77
N GLY H 52 -7.16 1.89 -28.71
CA GLY H 52 -7.37 2.91 -27.70
C GLY H 52 -8.72 3.59 -27.84
N VAL H 53 -9.04 4.02 -29.06
CA VAL H 53 -10.36 4.58 -29.38
C VAL H 53 -11.46 3.58 -28.98
N ALA H 54 -11.28 2.31 -29.32
CA ALA H 54 -12.32 1.34 -29.17
C ALA H 54 -12.56 1.00 -27.69
N ALA H 55 -11.49 0.74 -26.95
CA ALA H 55 -11.60 0.39 -25.56
C ALA H 55 -12.13 1.56 -24.75
N ASN H 56 -11.50 2.71 -24.90
CA ASN H 56 -11.78 3.83 -24.00
C ASN H 56 -12.98 4.70 -24.39
N SER H 57 -12.99 5.15 -25.65
CA SER H 57 -14.07 5.98 -26.14
C SER H 57 -15.39 5.22 -26.27
N LEU H 58 -15.31 3.97 -26.72
CA LEU H 58 -16.49 3.22 -27.11
C LEU H 58 -16.90 2.08 -26.14
N GLY H 59 -15.95 1.57 -25.35
CA GLY H 59 -16.23 0.54 -24.36
C GLY H 59 -16.41 -0.83 -24.98
N ILE H 60 -15.68 -1.08 -26.07
CA ILE H 60 -15.72 -2.36 -26.77
C ILE H 60 -14.32 -2.83 -27.19
N PRO H 61 -14.12 -4.17 -27.27
CA PRO H 61 -12.85 -4.80 -27.70
C PRO H 61 -12.33 -4.32 -29.06
N ASP H 62 -11.01 -4.46 -29.29
CA ASP H 62 -10.41 -4.15 -30.57
C ASP H 62 -10.68 -5.29 -31.59
N LEU H 63 -11.93 -5.47 -31.97
CA LEU H 63 -12.28 -6.54 -32.88
C LEU H 63 -12.77 -6.00 -34.25
N GLY H 64 -12.16 -4.92 -34.72
CA GLY H 64 -12.62 -4.23 -35.94
C GLY H 64 -14.06 -3.71 -35.93
N ILE H 65 -14.56 -3.30 -34.75
CA ILE H 65 -15.92 -2.77 -34.66
C ILE H 65 -15.90 -1.26 -34.90
N SER H 66 -14.96 -0.60 -34.22
CA SER H 66 -14.54 0.78 -34.48
C SER H 66 -14.66 1.17 -35.97
N THR H 67 -15.39 2.24 -36.27
CA THR H 67 -15.55 2.75 -37.65
C THR H 67 -14.67 3.95 -37.89
N MET H 68 -14.53 4.32 -39.16
CA MET H 68 -13.78 5.50 -39.56
C MET H 68 -14.22 6.79 -38.84
N ASP H 69 -15.52 6.91 -38.60
CA ASP H 69 -16.05 8.08 -37.91
C ASP H 69 -15.76 8.12 -36.43
N ASP H 70 -15.72 6.94 -35.80
CA ASP H 70 -15.36 6.89 -34.38
C ASP H 70 -13.97 7.49 -34.21
N VAL H 71 -13.01 7.02 -35.01
CA VAL H 71 -11.65 7.54 -34.98
C VAL H 71 -11.58 9.03 -35.37
N LEU H 72 -12.34 9.42 -36.39
CA LEU H 72 -12.46 10.83 -36.81
C LEU H 72 -12.84 11.82 -35.68
N VAL H 73 -13.86 11.50 -34.89
CA VAL H 73 -14.27 12.46 -33.85
C VAL H 73 -13.15 12.67 -32.83
N ASP H 74 -12.46 11.60 -32.43
CA ASP H 74 -11.28 11.69 -31.55
C ASP H 74 -10.10 12.39 -32.21
N ALA H 75 -9.82 12.05 -33.46
CA ALA H 75 -8.73 12.70 -34.19
C ALA H 75 -8.94 14.21 -34.25
N ASN H 76 -10.20 14.62 -34.44
CA ASN H 76 -10.51 16.04 -34.55
C ASN H 76 -10.38 16.81 -33.22
N ARG H 77 -10.88 16.19 -32.15
CA ARG H 77 -10.77 16.75 -30.83
C ARG H 77 -9.30 17.03 -30.48
N ILE H 78 -8.45 16.06 -30.76
CA ILE H 78 -7.03 16.18 -30.46
C ILE H 78 -6.33 17.22 -31.34
N THR H 79 -6.44 17.19 -32.66
CA THR H 79 -5.70 18.18 -33.45
C THR H 79 -6.19 19.61 -33.21
N ASN H 80 -7.40 19.74 -32.67
CA ASN H 80 -7.94 21.03 -32.26
C ASN H 80 -7.27 21.56 -31.01
N ALA H 81 -6.84 20.65 -30.13
CA ALA H 81 -6.41 21.02 -28.79
C ALA H 81 -4.87 21.13 -28.60
N THR H 82 -4.09 20.53 -29.50
CA THR H 82 -2.63 20.64 -29.53
C THR H 82 -2.15 21.07 -30.90
N ASN H 83 -0.94 21.65 -30.96
CA ASN H 83 -0.24 21.99 -32.24
C ASN H 83 0.78 20.93 -32.68
N LEU H 84 0.89 19.83 -31.93
CA LEU H 84 1.84 18.77 -32.25
C LEU H 84 1.28 17.92 -33.38
N PRO H 85 2.14 17.45 -34.31
CA PRO H 85 1.62 16.52 -35.33
C PRO H 85 1.08 15.23 -34.69
N LEU H 86 -0.03 14.72 -35.20
CA LEU H 86 -0.65 13.50 -34.67
C LEU H 86 -0.60 12.38 -35.65
N LEU H 87 -0.19 11.20 -35.19
CA LEU H 87 -0.19 9.98 -36.01
C LEU H 87 -1.38 9.11 -35.64
N VAL H 88 -2.04 8.55 -36.64
CA VAL H 88 -3.34 7.87 -36.39
C VAL H 88 -3.35 6.45 -36.96
N ASP H 89 -3.81 5.50 -36.14
CA ASP H 89 -4.00 4.12 -36.55
C ASP H 89 -5.29 4.07 -37.39
N ILE H 90 -5.18 3.77 -38.68
CA ILE H 90 -6.40 3.61 -39.51
C ILE H 90 -6.71 2.17 -39.97
N ASP H 91 -6.23 1.19 -39.21
CA ASP H 91 -6.37 -0.24 -39.54
C ASP H 91 -6.15 -0.52 -41.02
N THR H 92 -7.17 -1.09 -41.65
CA THR H 92 -7.12 -1.52 -43.03
C THR H 92 -7.74 -0.47 -43.96
N GLY H 93 -8.14 0.67 -43.39
CA GLY H 93 -8.68 1.78 -44.17
C GLY H 93 -10.19 1.80 -44.33
N TRP H 94 -10.86 0.81 -43.72
CA TRP H 94 -12.32 0.72 -43.67
C TRP H 94 -12.97 0.46 -45.02
N GLY H 95 -12.41 -0.47 -45.79
CA GLY H 95 -13.00 -0.86 -47.06
C GLY H 95 -12.09 -0.93 -48.27
N GLY H 96 -12.69 -1.00 -49.46
CA GLY H 96 -11.96 -1.05 -50.72
C GLY H 96 -11.24 0.24 -51.08
N ALA H 97 -10.81 0.32 -52.33
CA ALA H 97 -9.99 1.44 -52.79
C ALA H 97 -10.72 2.78 -52.66
N PHE H 98 -12.03 2.80 -52.88
CA PHE H 98 -12.79 4.04 -52.76
C PHE H 98 -12.91 4.49 -51.29
N ASN H 99 -12.95 3.53 -50.37
CA ASN H 99 -13.05 3.83 -48.95
C ASN H 99 -11.73 4.32 -48.38
N ILE H 100 -10.66 3.65 -48.77
CA ILE H 100 -9.30 4.05 -48.41
C ILE H 100 -9.10 5.52 -48.83
N ALA H 101 -9.52 5.85 -50.05
CA ALA H 101 -9.35 7.20 -50.54
C ALA H 101 -10.12 8.20 -49.68
N ARG H 102 -11.39 7.89 -49.34
CA ARG H 102 -12.21 8.78 -48.51
C ARG H 102 -11.53 8.95 -47.17
N THR H 103 -10.99 7.84 -46.68
CA THR H 103 -10.27 7.81 -45.40
C THR H 103 -9.09 8.78 -45.44
N ILE H 104 -8.24 8.63 -46.46
CA ILE H 104 -7.07 9.51 -46.61
C ILE H 104 -7.50 10.99 -46.60
N ARG H 105 -8.51 11.31 -47.41
CA ARG H 105 -8.97 12.69 -47.52
C ARG H 105 -9.52 13.23 -46.21
N SER H 106 -10.29 12.41 -45.50
CA SER H 106 -10.91 12.82 -44.23
C SER H 106 -9.87 13.18 -43.19
N PHE H 107 -8.84 12.35 -43.08
CA PHE H 107 -7.80 12.58 -42.07
C PHE H 107 -6.83 13.69 -42.43
N ILE H 108 -6.66 13.95 -43.73
CA ILE H 108 -5.89 15.11 -44.14
C ILE H 108 -6.63 16.36 -43.66
N LYS H 109 -7.91 16.43 -44.00
CA LYS H 109 -8.77 17.55 -43.66
C LYS H 109 -8.90 17.71 -42.13
N ALA H 110 -8.80 16.60 -41.38
CA ALA H 110 -8.84 16.68 -39.93
C ALA H 110 -7.56 17.27 -39.33
N GLY H 111 -6.55 17.48 -40.17
CA GLY H 111 -5.30 18.10 -39.75
C GLY H 111 -4.29 17.14 -39.14
N VAL H 112 -4.47 15.85 -39.45
CA VAL H 112 -3.60 14.80 -38.96
C VAL H 112 -2.35 14.84 -39.82
N GLY H 113 -1.20 14.48 -39.27
CA GLY H 113 0.05 14.62 -40.00
C GLY H 113 0.60 13.38 -40.66
N ALA H 114 0.09 12.23 -40.21
CA ALA H 114 0.50 10.94 -40.76
C ALA H 114 -0.44 9.84 -40.32
N VAL H 115 -0.45 8.80 -41.14
CA VAL H 115 -1.35 7.72 -40.92
C VAL H 115 -0.62 6.37 -41.17
N HIS H 116 -0.98 5.34 -40.41
CA HIS H 116 -0.44 4.00 -40.66
C HIS H 116 -1.50 2.94 -40.99
N LEU H 117 -1.26 2.23 -42.10
CA LEU H 117 -2.11 1.18 -42.67
C LEU H 117 -1.52 -0.20 -42.46
N GLU H 118 -2.26 -1.16 -41.90
CA GLU H 118 -1.74 -2.55 -41.78
C GLU H 118 -2.08 -3.46 -42.97
N ASP H 119 -1.56 -4.69 -42.97
CA ASP H 119 -1.79 -5.60 -44.10
C ASP H 119 -2.59 -6.85 -43.72
N GLN H 120 -3.51 -6.65 -42.78
CA GLN H 120 -4.47 -7.65 -42.31
C GLN H 120 -5.64 -7.92 -43.26
N VAL H 121 -6.30 -9.06 -43.06
CA VAL H 121 -7.58 -9.38 -43.70
C VAL H 121 -8.57 -8.23 -43.49
N GLY H 122 -9.43 -7.97 -44.49
CA GLY H 122 -10.59 -7.07 -44.31
C GLY H 122 -11.65 -7.79 -43.49
N GLN H 123 -12.93 -7.54 -43.76
CA GLN H 123 -13.99 -8.32 -43.10
C GLN H 123 -13.96 -9.76 -43.63
N LYS H 124 -14.41 -10.72 -42.83
CA LYS H 124 -14.69 -12.04 -43.40
C LYS H 124 -16.12 -12.53 -43.14
N ARG H 125 -16.41 -13.75 -43.58
CA ARG H 125 -17.63 -14.43 -43.18
C ARG H 125 -18.27 -13.77 -41.94
N CYS H 126 -19.57 -13.49 -42.03
CA CYS H 126 -20.33 -12.92 -40.91
C CYS H 126 -19.96 -13.54 -39.55
N GLY H 127 -20.00 -14.88 -39.43
CA GLY H 127 -19.64 -15.57 -38.17
C GLY H 127 -18.14 -15.79 -37.92
N HIS H 128 -17.27 -15.23 -38.77
CA HIS H 128 -15.82 -15.47 -38.68
C HIS H 128 -15.21 -15.00 -37.38
N ARG H 129 -14.27 -15.80 -36.87
CA ARG H 129 -13.60 -15.55 -35.62
C ARG H 129 -12.49 -14.51 -35.73
N PRO H 130 -12.17 -13.87 -34.59
CA PRO H 130 -11.14 -12.81 -34.56
C PRO H 130 -9.73 -13.41 -34.59
N GLY H 131 -8.85 -12.81 -35.37
CA GLY H 131 -7.46 -13.24 -35.34
C GLY H 131 -6.55 -12.50 -36.27
N LYS H 132 -5.25 -12.64 -36.02
CA LYS H 132 -4.26 -12.17 -36.95
C LYS H 132 -4.12 -13.10 -38.14
N GLU H 133 -4.15 -12.49 -39.32
CA GLU H 133 -3.98 -13.18 -40.59
C GLU H 133 -3.69 -12.09 -41.63
N CYS H 134 -2.80 -12.39 -42.57
CA CYS H 134 -2.31 -11.37 -43.50
C CYS H 134 -2.90 -11.45 -44.92
N VAL H 135 -2.79 -10.38 -45.70
CA VAL H 135 -3.14 -10.46 -47.11
C VAL H 135 -1.89 -10.64 -47.94
N PRO H 136 -2.02 -11.38 -49.05
CA PRO H 136 -1.02 -11.34 -50.07
C PRO H 136 -0.49 -9.92 -50.27
N ALA H 137 0.84 -9.82 -50.35
CA ALA H 137 1.54 -8.56 -50.51
C ALA H 137 1.04 -7.77 -51.73
N GLY H 138 0.71 -8.49 -52.80
CA GLY H 138 0.13 -7.88 -54.01
C GLY H 138 -1.03 -6.97 -53.68
N GLU H 139 -1.83 -7.40 -52.69
CA GLU H 139 -3.07 -6.75 -52.20
C GLU H 139 -2.76 -5.49 -51.39
N MET H 140 -1.87 -5.61 -50.42
CA MET H 140 -1.43 -4.45 -49.68
C MET H 140 -0.81 -3.38 -50.58
N VAL H 141 -0.18 -3.81 -51.66
CA VAL H 141 0.39 -2.87 -52.62
C VAL H 141 -0.75 -2.03 -53.17
N ASP H 142 -1.86 -2.71 -53.47
CA ASP H 142 -3.07 -2.04 -53.97
C ASP H 142 -3.62 -1.02 -52.96
N ARG H 143 -3.73 -1.42 -51.69
CA ARG H 143 -4.18 -0.50 -50.63
C ARG H 143 -3.31 0.77 -50.59
N ILE H 144 -1.99 0.59 -50.56
CA ILE H 144 -1.05 1.71 -50.53
C ILE H 144 -1.23 2.59 -51.75
N LYS H 145 -1.25 1.97 -52.93
CA LYS H 145 -1.44 2.69 -54.18
C LYS H 145 -2.65 3.61 -54.13
N ALA H 146 -3.80 3.10 -53.65
CA ALA H 146 -5.02 3.91 -53.53
C ALA H 146 -4.83 5.06 -52.55
N ALA H 147 -4.13 4.81 -51.45
CA ALA H 147 -3.84 5.84 -50.44
C ALA H 147 -3.03 6.97 -51.03
N VAL H 148 -1.92 6.61 -51.71
CA VAL H 148 -0.92 7.56 -52.19
C VAL H 148 -1.54 8.45 -53.27
N ASP H 149 -2.39 7.83 -54.08
CA ASP H 149 -3.10 8.50 -55.15
C ASP H 149 -4.12 9.54 -54.59
N ALA H 150 -4.87 9.14 -53.55
CA ALA H 150 -5.87 9.97 -52.91
C ALA H 150 -5.25 11.15 -52.16
N ARG H 151 -3.98 11.02 -51.82
CA ARG H 151 -3.25 12.02 -51.04
C ARG H 151 -3.04 13.31 -51.83
N THR H 152 -3.48 14.42 -51.27
CA THR H 152 -3.53 15.70 -51.97
C THR H 152 -2.30 16.58 -51.70
N ASP H 153 -1.54 16.21 -50.67
CA ASP H 153 -0.43 17.02 -50.18
C ASP H 153 0.69 16.07 -49.75
N GLU H 154 1.77 16.03 -50.53
CA GLU H 154 2.88 15.05 -50.35
C GLU H 154 3.53 15.02 -48.95
N THR H 155 3.49 16.13 -48.21
CA THR H 155 4.01 16.22 -46.85
C THR H 155 3.33 15.23 -45.88
N PHE H 156 2.07 14.92 -46.17
CA PHE H 156 1.27 13.96 -45.41
C PHE H 156 1.94 12.58 -45.49
N VAL H 157 2.19 11.97 -44.34
CA VAL H 157 2.98 10.75 -44.31
C VAL H 157 2.11 9.50 -44.30
N ILE H 158 2.30 8.63 -45.29
CA ILE H 158 1.62 7.33 -45.30
C ILE H 158 2.58 6.19 -44.91
N MET H 159 2.25 5.55 -43.78
CA MET H 159 3.12 4.56 -43.16
C MET H 159 2.48 3.20 -43.25
N ALA H 160 3.22 2.21 -43.73
CA ALA H 160 2.69 0.86 -43.86
C ALA H 160 3.17 0.00 -42.73
N ARG H 161 2.20 -0.68 -42.10
CA ARG H 161 2.48 -1.54 -40.96
C ARG H 161 2.26 -3.00 -41.34
N THR H 162 3.15 -3.87 -40.90
CA THR H 162 3.05 -5.30 -41.23
C THR H 162 3.22 -6.23 -40.04
N ASP H 163 2.35 -7.24 -39.99
CA ASP H 163 2.43 -8.28 -38.98
C ASP H 163 2.90 -9.61 -39.55
N ALA H 164 3.53 -9.57 -40.73
CA ALA H 164 3.99 -10.80 -41.41
C ALA H 164 5.07 -11.54 -40.63
N ALA H 165 5.99 -10.79 -40.03
CA ALA H 165 7.08 -11.35 -39.23
C ALA H 165 6.65 -12.58 -38.42
N ALA H 166 5.62 -12.41 -37.60
CA ALA H 166 5.17 -13.47 -36.68
C ALA H 166 4.85 -14.82 -37.34
N ALA H 167 4.25 -14.82 -38.53
CA ALA H 167 3.81 -16.07 -39.17
C ALA H 167 4.66 -16.53 -40.36
N GLU H 168 5.36 -15.60 -41.00
CA GLU H 168 6.09 -15.90 -42.23
C GLU H 168 7.60 -15.72 -42.09
N GLY H 169 8.05 -15.35 -40.90
CA GLY H 169 9.48 -15.10 -40.67
C GLY H 169 9.95 -13.74 -41.17
N ILE H 170 10.97 -13.22 -40.52
CA ILE H 170 11.48 -11.86 -40.75
C ILE H 170 11.82 -11.52 -42.21
N ASP H 171 12.31 -12.50 -42.98
CA ASP H 171 12.74 -12.24 -44.35
C ASP H 171 11.56 -11.96 -45.26
N ALA H 172 10.50 -12.74 -45.10
CA ALA H 172 9.24 -12.51 -45.79
C ALA H 172 8.78 -11.06 -45.59
N ALA H 173 8.76 -10.66 -44.31
CA ALA H 173 8.34 -9.31 -43.90
C ALA H 173 9.18 -8.19 -44.52
N ILE H 174 10.50 -8.40 -44.57
CA ILE H 174 11.42 -7.46 -45.22
C ILE H 174 11.08 -7.30 -46.71
N GLU H 175 10.81 -8.42 -47.36
CA GLU H 175 10.48 -8.44 -48.79
C GLU H 175 9.18 -7.68 -49.11
N ARG H 176 8.15 -7.94 -48.30
CA ARG H 176 6.90 -7.21 -48.33
C ARG H 176 7.19 -5.71 -48.22
N ALA H 177 7.87 -5.33 -47.13
CA ALA H 177 8.19 -3.92 -46.87
C ALA H 177 8.85 -3.18 -48.05
N ILE H 178 9.73 -3.86 -48.77
CA ILE H 178 10.38 -3.24 -49.95
C ILE H 178 9.33 -2.96 -51.03
N ALA H 179 8.38 -3.87 -51.18
CA ALA H 179 7.28 -3.70 -52.14
C ALA H 179 6.33 -2.57 -51.73
N TYR H 180 6.22 -2.36 -50.42
CA TYR H 180 5.36 -1.31 -49.86
C TYR H 180 5.97 0.06 -50.10
N VAL H 181 7.29 0.16 -49.90
CA VAL H 181 8.03 1.39 -50.24
C VAL H 181 7.94 1.66 -51.76
N GLU H 182 8.00 0.58 -52.54
CA GLU H 182 7.77 0.63 -53.98
C GLU H 182 6.45 1.30 -54.31
N ALA H 183 5.40 0.87 -53.63
CA ALA H 183 4.05 1.36 -53.85
C ALA H 183 3.83 2.79 -53.36
N GLY H 184 4.80 3.34 -52.62
CA GLY H 184 4.74 4.76 -52.26
C GLY H 184 4.72 5.07 -50.76
N ALA H 185 4.67 4.03 -49.92
CA ALA H 185 4.72 4.22 -48.47
C ALA H 185 5.99 4.97 -48.05
N ASP H 186 5.84 5.94 -47.14
CA ASP H 186 6.97 6.79 -46.73
C ASP H 186 7.80 6.22 -45.56
N MET H 187 7.17 5.41 -44.70
CA MET H 187 7.81 4.82 -43.51
C MET H 187 7.22 3.48 -43.25
N ILE H 188 7.91 2.69 -42.43
CA ILE H 188 7.52 1.31 -42.18
C ILE H 188 7.41 1.02 -40.69
N PHE H 189 6.37 0.29 -40.33
CA PHE H 189 6.06 -0.07 -38.94
C PHE H 189 6.04 -1.60 -38.87
N PRO H 190 7.20 -2.22 -38.53
CA PRO H 190 7.28 -3.67 -38.46
C PRO H 190 6.87 -4.20 -37.09
N GLU H 191 5.74 -4.90 -37.01
CA GLU H 191 5.21 -5.40 -35.74
C GLU H 191 5.99 -6.56 -35.16
N ALA H 192 6.07 -6.56 -33.83
CA ALA H 192 6.65 -7.64 -33.00
C ALA H 192 8.03 -8.15 -33.46
N MET H 193 9.04 -7.34 -33.17
CA MET H 193 10.43 -7.72 -33.36
C MET H 193 10.93 -8.14 -32.00
N LYS H 194 11.73 -9.21 -31.97
CA LYS H 194 12.20 -9.82 -30.73
C LYS H 194 13.51 -9.23 -30.24
N THR H 195 14.41 -8.92 -31.18
CA THR H 195 15.78 -8.52 -30.87
C THR H 195 16.12 -7.16 -31.50
N LEU H 196 17.11 -6.45 -30.93
CA LEU H 196 17.69 -5.23 -31.52
C LEU H 196 18.20 -5.42 -32.94
N ASP H 197 18.60 -6.65 -33.27
CA ASP H 197 19.13 -6.94 -34.58
C ASP H 197 18.09 -7.01 -35.65
N ASP H 198 16.94 -7.56 -35.30
CA ASP H 198 15.81 -7.59 -36.19
C ASP H 198 15.58 -6.18 -36.78
N TYR H 199 15.52 -5.20 -35.91
CA TYR H 199 15.34 -3.80 -36.30
C TYR H 199 16.47 -3.27 -37.21
N ARG H 200 17.71 -3.56 -36.82
CA ARG H 200 18.92 -3.15 -37.53
C ARG H 200 18.91 -3.58 -38.99
N ARG H 201 18.61 -4.86 -39.19
CA ARG H 201 18.59 -5.50 -40.50
C ARG H 201 17.47 -4.93 -41.36
N PHE H 202 16.31 -4.78 -40.73
CA PHE H 202 15.13 -4.17 -41.33
C PHE H 202 15.39 -2.75 -41.90
N LYS H 203 15.96 -1.87 -41.07
CA LYS H 203 16.29 -0.51 -41.49
C LYS H 203 17.28 -0.50 -42.67
N GLU H 204 18.24 -1.42 -42.61
CA GLU H 204 19.26 -1.65 -43.63
C GLU H 204 18.66 -2.00 -44.99
N ALA H 205 17.69 -2.92 -44.97
CA ALA H 205 17.00 -3.44 -46.16
C ALA H 205 16.03 -2.42 -46.81
N VAL H 206 15.19 -1.79 -46.00
CA VAL H 206 14.12 -0.93 -46.52
C VAL H 206 14.53 0.54 -46.73
N LYS H 207 15.60 0.98 -46.07
CA LYS H 207 16.22 2.30 -46.30
C LYS H 207 15.30 3.51 -46.03
N VAL H 208 14.10 3.28 -45.49
CA VAL H 208 13.18 4.39 -45.10
C VAL H 208 13.09 4.46 -43.58
N PRO H 209 12.59 5.56 -43.01
CA PRO H 209 12.38 5.60 -41.56
C PRO H 209 11.56 4.42 -41.02
N ILE H 210 11.88 4.00 -39.79
CA ILE H 210 11.35 2.78 -39.19
C ILE H 210 10.78 3.09 -37.81
N LEU H 211 9.68 2.42 -37.46
CA LEU H 211 9.04 2.63 -36.14
C LEU H 211 9.10 1.40 -35.26
N ALA H 212 9.38 1.62 -33.99
CA ALA H 212 9.45 0.56 -33.00
C ALA H 212 8.29 0.66 -32.02
N ASN H 213 7.41 -0.32 -31.98
CA ASN H 213 6.27 -0.23 -31.09
C ASN H 213 6.55 -0.76 -29.71
N LEU H 214 6.81 0.17 -28.79
CA LEU H 214 7.15 -0.20 -27.42
C LEU H 214 5.91 -0.42 -26.59
N THR H 215 5.39 -1.63 -26.61
CA THR H 215 4.14 -1.87 -25.97
C THR H 215 4.30 -2.81 -24.79
N GLU H 216 3.58 -2.48 -23.71
CA GLU H 216 3.70 -3.21 -22.46
C GLU H 216 2.82 -4.44 -22.42
N PHE H 217 3.25 -5.46 -21.69
CA PHE H 217 2.52 -6.71 -21.55
C PHE H 217 2.46 -7.52 -22.85
N GLY H 218 3.33 -7.21 -23.81
CA GLY H 218 3.41 -7.93 -25.08
C GLY H 218 4.57 -8.91 -25.09
N SER H 219 5.08 -9.22 -26.28
CA SER H 219 6.26 -10.09 -26.39
C SER H 219 7.52 -9.24 -26.46
N THR H 220 7.46 -8.20 -27.27
CA THR H 220 8.55 -7.24 -27.41
C THR H 220 9.03 -6.79 -26.02
N PRO H 221 10.35 -6.87 -25.76
CA PRO H 221 10.90 -6.22 -24.58
C PRO H 221 10.83 -4.69 -24.69
N LEU H 222 10.85 -4.00 -23.56
CA LEU H 222 10.76 -2.54 -23.53
C LEU H 222 12.12 -1.88 -23.72
N PHE H 223 12.56 -1.81 -24.98
CA PHE H 223 13.89 -1.26 -25.32
C PHE H 223 14.06 0.22 -24.97
N THR H 224 15.26 0.60 -24.53
CA THR H 224 15.57 2.01 -24.19
C THR H 224 15.89 2.84 -25.45
N LEU H 225 15.75 4.16 -25.33
CA LEU H 225 16.06 5.09 -26.40
C LEU H 225 17.45 4.86 -27.00
N ASP H 226 18.44 4.58 -26.14
CA ASP H 226 19.79 4.31 -26.60
C ASP H 226 19.90 3.03 -27.37
N GLU H 227 19.34 1.96 -26.80
CA GLU H 227 19.28 0.68 -27.48
C GLU H 227 18.75 0.88 -28.91
N LEU H 228 17.63 1.59 -29.01
CA LEU H 228 17.00 1.89 -30.29
C LEU H 228 17.88 2.76 -31.21
N LYS H 229 18.53 3.76 -30.63
CA LYS H 229 19.45 4.65 -31.37
C LYS H 229 20.54 3.84 -32.05
N GLY H 230 21.13 2.91 -31.29
CA GLY H 230 22.17 2.04 -31.78
C GLY H 230 21.68 1.05 -32.81
N ALA H 231 20.40 0.74 -32.79
CA ALA H 231 19.82 -0.16 -33.78
C ALA H 231 19.35 0.57 -35.07
N ASN H 232 19.56 1.90 -35.13
CA ASN H 232 19.17 2.74 -36.29
C ASN H 232 17.65 3.00 -36.51
N VAL H 233 16.86 2.80 -35.45
CA VAL H 233 15.43 3.04 -35.44
C VAL H 233 15.12 4.55 -35.39
N ASP H 234 14.11 4.99 -36.14
CA ASP H 234 13.77 6.41 -36.24
C ASP H 234 12.65 6.89 -35.35
N ILE H 235 11.75 5.98 -34.98
CA ILE H 235 10.64 6.38 -34.11
C ILE H 235 10.44 5.38 -33.01
N ALA H 236 10.37 5.88 -31.78
CA ALA H 236 9.98 5.09 -30.64
C ALA H 236 8.51 5.41 -30.25
N LEU H 237 7.63 4.41 -30.31
CA LEU H 237 6.20 4.63 -30.07
C LEU H 237 5.66 4.02 -28.81
N TYR H 238 5.26 4.89 -27.89
CA TYR H 238 4.67 4.46 -26.62
C TYR H 238 3.16 4.66 -26.75
N CYS H 239 2.49 3.65 -27.28
CA CYS H 239 1.12 3.84 -27.75
C CYS H 239 0.02 3.72 -26.70
N CYS H 240 0.29 3.06 -25.58
CA CYS H 240 -0.78 2.71 -24.68
C CYS H 240 -0.58 3.01 -23.23
N GLY H 241 0.68 3.20 -22.85
CA GLY H 241 1.03 3.33 -21.45
C GLY H 241 0.13 4.30 -20.72
N ALA H 242 0.05 5.52 -21.26
CA ALA H 242 -0.75 6.59 -20.68
C ALA H 242 -2.14 6.11 -20.26
N TYR H 243 -2.87 5.46 -21.17
CA TYR H 243 -4.25 5.11 -20.82
C TYR H 243 -4.37 3.94 -19.83
N ARG H 244 -3.40 3.04 -19.87
CA ARG H 244 -3.36 1.94 -18.91
C ARG H 244 -3.16 2.52 -17.52
N ALA H 245 -2.22 3.46 -17.41
CA ALA H 245 -1.93 4.19 -16.18
C ALA H 245 -3.18 4.91 -15.69
N MET H 246 -3.87 5.62 -16.59
CA MET H 246 -5.05 6.36 -16.17
C MET H 246 -6.22 5.46 -15.76
N ASN H 247 -6.41 4.35 -16.47
CA ASN H 247 -7.49 3.43 -16.10
C ASN H 247 -7.32 2.79 -14.75
N LYS H 248 -6.08 2.47 -14.38
CA LYS H 248 -5.86 1.92 -13.06
C LYS H 248 -6.22 2.92 -11.96
N ALA H 249 -5.72 4.15 -12.12
CA ALA H 249 -5.99 5.26 -11.24
C ALA H 249 -7.51 5.46 -11.04
N ALA H 250 -8.28 5.27 -12.11
CA ALA H 250 -9.70 5.51 -12.07
C ALA H 250 -10.39 4.39 -11.31
N LEU H 251 -10.03 3.15 -11.61
CA LEU H 251 -10.61 1.99 -10.90
C LEU H 251 -10.34 2.13 -9.42
N ASN H 252 -9.12 2.54 -9.08
CA ASN H 252 -8.74 2.72 -7.68
C ASN H 252 -9.69 3.71 -6.99
N PHE H 253 -9.94 4.84 -7.66
CA PHE H 253 -10.87 5.85 -7.18
C PHE H 253 -12.23 5.22 -6.90
N TYR H 254 -12.77 4.57 -7.92
CA TYR H 254 -14.06 3.96 -7.83
C TYR H 254 -14.17 2.97 -6.66
N GLU H 255 -13.11 2.17 -6.48
CA GLU H 255 -13.08 1.16 -5.41
C GLU H 255 -13.01 1.78 -4.01
N THR H 256 -12.14 2.79 -3.85
CA THR H 256 -12.04 3.44 -2.55
C THR H 256 -13.34 4.16 -2.16
N VAL H 257 -14.04 4.74 -3.14
CA VAL H 257 -15.32 5.41 -2.86
C VAL H 257 -16.38 4.42 -2.41
N ARG H 258 -16.42 3.26 -3.07
CA ARG H 258 -17.41 2.20 -2.77
C ARG H 258 -17.12 1.57 -1.40
N ARG H 259 -15.83 1.44 -1.08
CA ARG H 259 -15.41 0.82 0.18
C ARG H 259 -15.53 1.77 1.39
N ASP H 260 -15.01 2.98 1.26
CA ASP H 260 -14.87 3.88 2.39
C ASP H 260 -16.08 4.79 2.63
N GLY H 261 -16.98 4.93 1.65
CA GLY H 261 -18.09 5.89 1.75
C GLY H 261 -17.64 7.34 1.63
N THR H 262 -16.40 7.52 1.17
CA THR H 262 -15.80 8.82 0.91
C THR H 262 -14.59 8.63 0.02
N GLN H 263 -14.20 9.66 -0.71
CA GLN H 263 -13.04 9.53 -1.55
C GLN H 263 -11.80 10.09 -0.86
N LYS H 264 -11.93 10.44 0.43
CA LYS H 264 -10.83 11.11 1.16
C LYS H 264 -9.47 10.42 0.95
N ALA H 265 -9.46 9.10 1.04
CA ALA H 265 -8.25 8.29 0.87
C ALA H 265 -7.58 8.44 -0.49
N ALA H 266 -8.34 8.79 -1.52
CA ALA H 266 -7.80 8.86 -2.88
C ALA H 266 -7.35 10.26 -3.34
N VAL H 267 -7.67 11.28 -2.55
CA VAL H 267 -7.32 12.65 -2.91
C VAL H 267 -5.82 12.92 -3.10
N PRO H 268 -4.94 12.12 -2.46
CA PRO H 268 -3.52 12.16 -2.82
C PRO H 268 -3.18 11.65 -4.22
N THR H 269 -4.05 10.84 -4.85
CA THR H 269 -3.76 10.38 -6.25
C THR H 269 -4.20 11.33 -7.36
N MET H 270 -4.86 12.41 -6.99
CA MET H 270 -5.49 13.29 -7.96
C MET H 270 -4.62 14.44 -8.38
N GLN H 271 -4.64 14.77 -9.67
CA GLN H 271 -4.15 16.06 -10.17
C GLN H 271 -4.97 17.23 -9.60
N THR H 272 -4.29 18.30 -9.20
CA THR H 272 -5.00 19.41 -8.54
C THR H 272 -5.83 20.28 -9.51
N ARG H 273 -6.87 20.91 -8.96
CA ARG H 273 -7.62 22.00 -9.63
C ARG H 273 -6.69 23.12 -10.14
N ALA H 274 -5.64 23.43 -9.38
CA ALA H 274 -4.61 24.41 -9.77
C ALA H 274 -3.77 23.94 -10.95
N GLN H 275 -3.41 22.66 -10.94
CA GLN H 275 -2.66 22.08 -12.05
C GLN H 275 -3.47 22.03 -13.35
N LEU H 276 -4.72 21.61 -13.25
CA LEU H 276 -5.63 21.54 -14.39
C LEU H 276 -5.59 22.88 -15.13
N TYR H 277 -5.82 23.95 -14.37
CA TYR H 277 -5.98 25.27 -14.93
C TYR H 277 -4.75 25.62 -15.75
N ASP H 278 -3.61 25.15 -15.29
CA ASP H 278 -2.38 25.44 -15.95
C ASP H 278 -2.22 24.76 -17.29
N TYR H 279 -2.50 23.46 -17.33
CA TYR H 279 -2.45 22.70 -18.57
C TYR H 279 -3.62 23.03 -19.49
N LEU H 280 -4.71 23.58 -18.96
CA LEU H 280 -5.74 24.07 -19.85
C LEU H 280 -5.38 25.45 -20.32
N GLY H 281 -4.27 25.99 -19.80
CA GLY H 281 -3.87 27.38 -19.95
C GLY H 281 -5.05 28.29 -19.74
N TYR H 282 -5.60 28.33 -18.51
CA TYR H 282 -6.93 28.92 -18.17
C TYR H 282 -6.90 30.44 -18.26
N TYR H 283 -5.69 30.97 -18.40
CA TYR H 283 -5.42 32.39 -18.29
C TYR H 283 -5.35 32.98 -19.67
N ALA H 284 -4.71 32.26 -20.58
CA ALA H 284 -4.70 32.60 -22.01
C ALA H 284 -6.03 33.19 -22.45
N TYR H 285 -7.10 32.74 -21.80
CA TYR H 285 -8.45 33.24 -22.04
C TYR H 285 -8.68 34.67 -21.56
N GLU H 286 -8.46 34.98 -20.27
CA GLU H 286 -8.61 36.36 -19.77
C GLU H 286 -7.71 37.29 -20.55
N GLU H 287 -6.46 36.85 -20.69
CA GLU H 287 -5.42 37.62 -21.37
C GLU H 287 -5.79 37.86 -22.85
N LYS H 288 -6.82 37.15 -23.32
CA LYS H 288 -7.39 37.39 -24.67
C LYS H 288 -8.48 38.47 -24.66
N LEU H 289 -9.44 38.35 -23.75
CA LEU H 289 -10.48 39.37 -23.57
C LEU H 289 -9.84 40.76 -23.28
N ASP H 290 -9.02 40.82 -22.24
CA ASP H 290 -8.23 42.01 -21.92
C ASP H 290 -7.49 42.58 -23.13
N GLN H 291 -6.96 41.69 -23.98
CA GLN H 291 -6.22 42.11 -25.15
C GLN H 291 -7.14 42.74 -26.20
N LEU H 292 -8.44 42.43 -26.16
CA LEU H 292 -9.34 42.88 -27.23
C LEU H 292 -10.31 44.02 -26.93
N PHE H 293 -10.60 44.24 -25.65
CA PHE H 293 -11.48 45.34 -25.17
C PHE H 293 -11.03 45.93 -23.80
N ASN H 294 -9.72 45.91 -23.53
CA ASN H 294 -9.17 46.11 -22.15
C ASN H 294 -9.94 47.01 -21.17
N LEU I 7 -46.33 7.13 -26.84
CA LEU I 7 -45.23 6.26 -26.33
C LEU I 7 -45.37 4.82 -26.81
N ILE I 8 -45.35 4.64 -28.14
CA ILE I 8 -45.31 3.34 -28.82
C ILE I 8 -44.02 3.18 -29.64
N SER I 9 -43.36 2.03 -29.49
CA SER I 9 -42.12 1.75 -30.22
C SER I 9 -42.36 1.97 -31.70
N ALA I 10 -41.44 2.63 -32.38
CA ALA I 10 -41.59 2.86 -33.81
C ALA I 10 -41.82 1.53 -34.54
N GLY I 11 -41.23 0.45 -34.02
CA GLY I 11 -41.48 -0.87 -34.58
C GLY I 11 -42.95 -1.24 -34.60
N ALA I 12 -43.60 -1.02 -33.46
CA ALA I 12 -45.04 -1.23 -33.32
C ALA I 12 -45.84 -0.35 -34.28
N LYS I 13 -45.46 0.92 -34.39
CA LYS I 13 -46.13 1.85 -35.31
C LYS I 13 -46.09 1.31 -36.73
N PHE I 14 -44.97 0.70 -37.09
CA PHE I 14 -44.77 0.18 -38.43
C PHE I 14 -45.62 -1.07 -38.69
N ARG I 15 -45.58 -2.01 -37.76
CA ARG I 15 -46.42 -3.21 -37.80
C ARG I 15 -47.92 -2.85 -37.88
N ALA I 16 -48.32 -1.84 -37.11
CA ALA I 16 -49.69 -1.36 -37.09
C ALA I 16 -50.09 -0.85 -38.44
N ALA I 17 -49.19 -0.07 -39.03
CA ALA I 17 -49.37 0.52 -40.35
C ALA I 17 -49.55 -0.51 -41.46
N VAL I 18 -48.82 -1.61 -41.38
CA VAL I 18 -48.98 -2.64 -42.40
C VAL I 18 -50.31 -3.39 -42.26
N ALA I 19 -50.74 -3.58 -41.01
CA ALA I 19 -52.03 -4.19 -40.69
C ALA I 19 -53.20 -3.31 -41.15
N ALA I 20 -53.02 -2.00 -41.08
CA ALA I 20 -54.11 -1.07 -41.30
C ALA I 20 -54.31 -0.60 -42.75
N GLU I 21 -53.34 -0.84 -43.62
CA GLU I 21 -53.43 -0.38 -45.02
C GLU I 21 -52.77 -1.42 -45.91
N GLN I 22 -53.54 -1.99 -46.82
CA GLN I 22 -53.03 -3.09 -47.63
C GLN I 22 -53.34 -2.99 -49.12
N PRO I 23 -52.29 -2.91 -49.95
CA PRO I 23 -50.91 -2.76 -49.48
C PRO I 23 -50.62 -1.38 -48.88
N LEU I 24 -49.60 -1.31 -48.03
CA LEU I 24 -49.17 -0.05 -47.42
C LEU I 24 -48.22 0.73 -48.32
N GLN I 25 -48.60 1.96 -48.66
CA GLN I 25 -47.71 2.84 -49.41
C GLN I 25 -46.71 3.45 -48.46
N VAL I 26 -45.42 3.36 -48.84
CA VAL I 26 -44.33 3.92 -48.05
C VAL I 26 -43.34 4.65 -48.98
N VAL I 27 -43.10 5.94 -48.68
CA VAL I 27 -42.42 6.85 -49.60
C VAL I 27 -41.10 7.29 -49.08
N GLY I 28 -40.11 7.33 -49.98
CA GLY I 28 -38.76 7.79 -49.62
C GLY I 28 -38.67 9.30 -49.40
N ALA I 29 -37.87 9.70 -48.40
CA ALA I 29 -37.59 11.10 -48.11
C ALA I 29 -36.09 11.26 -47.99
N ILE I 30 -35.53 12.25 -48.67
CA ILE I 30 -34.11 12.44 -48.52
C ILE I 30 -33.75 13.48 -47.44
N THR I 31 -34.73 14.25 -46.97
CA THR I 31 -34.50 15.25 -45.92
C THR I 31 -35.60 15.19 -44.88
N ALA I 32 -35.32 15.77 -43.70
CA ALA I 32 -36.30 15.88 -42.64
C ALA I 32 -37.61 16.50 -43.14
N TYR I 33 -37.48 17.61 -43.84
CA TYR I 33 -38.62 18.36 -44.33
C TYR I 33 -39.46 17.52 -45.27
N ALA I 34 -38.79 16.86 -46.23
CA ALA I 34 -39.50 15.98 -47.14
C ALA I 34 -40.41 15.01 -46.36
N ALA I 35 -39.88 14.43 -45.28
CA ALA I 35 -40.65 13.51 -44.47
C ALA I 35 -41.88 14.18 -43.83
N LYS I 36 -41.71 15.41 -43.35
CA LYS I 36 -42.82 16.18 -42.78
C LYS I 36 -43.96 16.37 -43.78
N MET I 37 -43.61 16.64 -45.03
CA MET I 37 -44.57 16.79 -46.10
C MET I 37 -45.28 15.49 -46.40
N ALA I 38 -44.51 14.42 -46.57
CA ALA I 38 -45.11 13.10 -46.72
C ALA I 38 -46.14 12.78 -45.59
N GLU I 39 -45.86 13.22 -44.38
CA GLU I 39 -46.79 13.00 -43.30
C GLU I 39 -48.07 13.83 -43.46
N ALA I 40 -47.90 15.08 -43.88
CA ALA I 40 -49.02 15.99 -44.04
C ALA I 40 -49.92 15.49 -45.16
N VAL I 41 -49.34 14.92 -46.20
CA VAL I 41 -50.09 14.36 -47.32
C VAL I 41 -50.84 13.08 -46.93
N GLY I 42 -50.51 12.51 -45.77
CA GLY I 42 -51.30 11.42 -45.19
C GLY I 42 -50.75 10.00 -45.28
N PHE I 43 -49.47 9.84 -45.69
CA PHE I 43 -48.85 8.50 -45.70
C PHE I 43 -48.63 8.04 -44.27
N LYS I 44 -48.51 6.72 -44.08
CA LYS I 44 -48.36 6.14 -42.74
C LYS I 44 -46.93 5.74 -42.39
N ALA I 45 -46.05 5.75 -43.39
CA ALA I 45 -44.66 5.35 -43.20
C ALA I 45 -43.73 6.04 -44.20
N VAL I 46 -42.47 6.22 -43.80
CA VAL I 46 -41.47 6.78 -44.73
C VAL I 46 -40.23 5.90 -44.85
N TYR I 47 -39.39 6.21 -45.84
CA TYR I 47 -38.23 5.38 -46.19
C TYR I 47 -36.96 6.19 -46.34
N LEU I 48 -35.86 5.66 -45.86
CA LEU I 48 -34.57 6.26 -46.08
C LEU I 48 -33.74 5.37 -46.98
N SER I 49 -33.52 5.84 -48.20
CA SER I 49 -32.78 5.07 -49.19
C SER I 49 -31.29 5.16 -49.01
N GLY I 50 -30.63 4.01 -49.07
CA GLY I 50 -29.17 3.95 -49.03
C GLY I 50 -28.45 4.71 -50.14
N GLY I 51 -28.82 4.44 -51.39
CA GLY I 51 -28.30 5.18 -52.52
C GLY I 51 -28.71 6.63 -52.46
N GLY I 52 -29.86 6.88 -51.83
CA GLY I 52 -30.37 8.23 -51.60
C GLY I 52 -29.46 9.08 -50.71
N VAL I 53 -29.05 8.50 -49.59
CA VAL I 53 -28.06 9.14 -48.71
C VAL I 53 -26.78 9.45 -49.45
N ALA I 54 -26.30 8.49 -50.21
CA ALA I 54 -25.03 8.56 -50.89
C ALA I 54 -24.97 9.70 -51.95
N ALA I 55 -25.98 9.72 -52.82
CA ALA I 55 -26.04 10.63 -53.93
C ALA I 55 -26.28 12.05 -53.45
N ASN I 56 -27.33 12.23 -52.67
CA ASN I 56 -27.80 13.55 -52.24
C ASN I 56 -27.00 14.17 -51.10
N SER I 57 -26.87 13.45 -49.98
CA SER I 57 -26.22 13.97 -48.80
C SER I 57 -24.74 14.06 -48.99
N LEU I 58 -24.20 13.08 -49.70
CA LEU I 58 -22.75 12.92 -49.81
C LEU I 58 -22.12 13.35 -51.15
N GLY I 59 -22.93 13.28 -52.21
CA GLY I 59 -22.50 13.65 -53.55
C GLY I 59 -21.62 12.61 -54.21
N ILE I 60 -21.85 11.34 -53.89
CA ILE I 60 -21.08 10.23 -54.46
C ILE I 60 -22.01 9.07 -54.83
N PRO I 61 -21.62 8.28 -55.83
CA PRO I 61 -22.40 7.13 -56.25
C PRO I 61 -22.59 6.06 -55.20
N ASP I 62 -23.59 5.21 -55.44
CA ASP I 62 -23.95 4.08 -54.58
C ASP I 62 -22.95 2.91 -54.77
N LEU I 63 -21.70 3.11 -54.36
CA LEU I 63 -20.67 2.11 -54.55
C LEU I 63 -20.14 1.56 -53.22
N GLY I 64 -21.03 1.46 -52.23
CA GLY I 64 -20.66 1.04 -50.89
C GLY I 64 -19.63 1.93 -50.19
N ILE I 65 -19.66 3.23 -50.44
CA ILE I 65 -18.74 4.15 -49.75
C ILE I 65 -19.41 4.73 -48.48
N SER I 66 -20.69 5.06 -48.64
CA SER I 66 -21.66 5.32 -47.58
C SER I 66 -21.33 4.52 -46.33
N THR I 67 -21.15 5.18 -45.20
CA THR I 67 -20.85 4.49 -43.93
C THR I 67 -22.05 4.45 -42.97
N MET I 68 -22.01 3.58 -41.96
CA MET I 68 -23.11 3.48 -40.99
C MET I 68 -23.45 4.83 -40.37
N ASP I 69 -22.41 5.66 -40.19
CA ASP I 69 -22.59 6.95 -39.55
C ASP I 69 -23.25 7.95 -40.48
N ASP I 70 -22.96 7.83 -41.77
CA ASP I 70 -23.60 8.69 -42.74
C ASP I 70 -25.11 8.51 -42.70
N VAL I 71 -25.53 7.25 -42.75
CA VAL I 71 -26.95 6.92 -42.74
C VAL I 71 -27.54 7.30 -41.37
N LEU I 72 -26.75 7.15 -40.30
CA LEU I 72 -27.21 7.53 -38.96
C LEU I 72 -27.60 9.00 -38.81
N VAL I 73 -26.78 9.91 -39.34
CA VAL I 73 -27.10 11.31 -39.18
C VAL I 73 -28.43 11.67 -39.86
N ASP I 74 -28.66 11.15 -41.06
CA ASP I 74 -29.92 11.41 -41.75
C ASP I 74 -31.10 10.72 -41.07
N ALA I 75 -30.91 9.49 -40.60
CA ALA I 75 -31.97 8.75 -39.94
C ALA I 75 -32.42 9.49 -38.70
N ASN I 76 -31.47 10.09 -37.98
CA ASN I 76 -31.77 10.82 -36.76
C ASN I 76 -32.56 12.09 -37.05
N ARG I 77 -32.15 12.82 -38.08
CA ARG I 77 -32.76 14.07 -38.44
C ARG I 77 -34.21 13.84 -38.80
N ILE I 78 -34.45 12.75 -39.53
CA ILE I 78 -35.81 12.37 -39.96
C ILE I 78 -36.74 11.94 -38.80
N THR I 79 -36.29 10.99 -38.00
CA THR I 79 -37.12 10.49 -36.90
C THR I 79 -37.41 11.56 -35.84
N ASN I 80 -36.55 12.58 -35.75
CA ASN I 80 -36.79 13.75 -34.90
C ASN I 80 -37.86 14.65 -35.43
N ALA I 81 -38.08 14.62 -36.75
CA ALA I 81 -38.91 15.63 -37.43
C ALA I 81 -40.31 15.15 -37.76
N THR I 82 -40.50 13.84 -37.84
CA THR I 82 -41.82 13.23 -38.06
C THR I 82 -42.10 12.16 -37.02
N ASN I 83 -43.37 11.82 -36.83
CA ASN I 83 -43.73 10.73 -35.90
C ASN I 83 -44.15 9.47 -36.63
N LEU I 84 -44.00 9.48 -37.94
CA LEU I 84 -44.23 8.32 -38.77
C LEU I 84 -43.11 7.30 -38.62
N PRO I 85 -43.41 5.99 -38.58
CA PRO I 85 -42.31 5.05 -38.50
C PRO I 85 -41.46 5.07 -39.78
N LEU I 86 -40.15 4.95 -39.62
CA LEU I 86 -39.23 5.08 -40.74
C LEU I 86 -38.53 3.75 -41.03
N LEU I 87 -38.46 3.38 -42.31
CA LEU I 87 -37.72 2.19 -42.75
C LEU I 87 -36.37 2.59 -43.35
N VAL I 88 -35.30 1.88 -43.00
CA VAL I 88 -33.96 2.29 -43.42
C VAL I 88 -33.21 1.18 -44.15
N ASP I 89 -32.56 1.55 -45.26
CA ASP I 89 -31.67 0.67 -46.05
C ASP I 89 -30.34 0.60 -45.32
N ILE I 90 -29.98 -0.56 -44.81
CA ILE I 90 -28.70 -0.67 -44.13
C ILE I 90 -27.67 -1.55 -44.85
N ASP I 91 -27.85 -1.71 -46.16
CA ASP I 91 -27.00 -2.57 -46.98
C ASP I 91 -26.67 -3.93 -46.33
N THR I 92 -25.39 -4.22 -46.18
CA THR I 92 -25.00 -5.52 -45.67
C THR I 92 -24.68 -5.46 -44.17
N GLY I 93 -24.89 -4.29 -43.56
CA GLY I 93 -24.77 -4.13 -42.13
C GLY I 93 -23.43 -3.55 -41.72
N TRP I 94 -22.60 -3.26 -42.71
CA TRP I 94 -21.27 -2.63 -42.54
C TRP I 94 -20.31 -3.47 -41.72
N GLY I 95 -20.22 -4.76 -42.03
CA GLY I 95 -19.20 -5.63 -41.44
C GLY I 95 -19.67 -6.99 -40.96
N GLY I 96 -18.85 -7.63 -40.15
CA GLY I 96 -19.17 -8.93 -39.57
C GLY I 96 -20.26 -8.89 -38.52
N ALA I 97 -20.38 -9.97 -37.77
CA ALA I 97 -21.48 -10.14 -36.83
C ALA I 97 -21.45 -9.12 -35.70
N PHE I 98 -20.26 -8.66 -35.34
CA PHE I 98 -20.17 -7.65 -34.28
C PHE I 98 -20.69 -6.28 -34.75
N ASN I 99 -20.42 -5.97 -36.02
CA ASN I 99 -20.81 -4.72 -36.65
C ASN I 99 -22.29 -4.62 -36.96
N ILE I 100 -22.84 -5.72 -37.50
CA ILE I 100 -24.27 -5.90 -37.67
C ILE I 100 -24.97 -5.64 -36.36
N ALA I 101 -24.43 -6.18 -35.27
CA ALA I 101 -25.03 -5.97 -33.98
C ALA I 101 -25.01 -4.50 -33.58
N ARG I 102 -23.86 -3.87 -33.66
CA ARG I 102 -23.77 -2.43 -33.36
C ARG I 102 -24.77 -1.64 -34.23
N THR I 103 -24.88 -2.01 -35.52
CA THR I 103 -25.81 -1.38 -36.45
C THR I 103 -27.26 -1.44 -35.98
N ILE I 104 -27.72 -2.66 -35.66
CA ILE I 104 -29.07 -2.86 -35.16
C ILE I 104 -29.30 -2.00 -33.91
N ARG I 105 -28.39 -2.06 -32.95
CA ARG I 105 -28.57 -1.30 -31.73
C ARG I 105 -28.64 0.20 -32.00
N SER I 106 -27.72 0.70 -32.82
CA SER I 106 -27.66 2.10 -33.19
C SER I 106 -28.98 2.60 -33.80
N PHE I 107 -29.52 1.86 -34.76
CA PHE I 107 -30.76 2.28 -35.40
C PHE I 107 -32.00 2.07 -34.55
N ILE I 108 -31.96 1.16 -33.59
CA ILE I 108 -33.05 1.07 -32.63
C ILE I 108 -33.07 2.36 -31.83
N LYS I 109 -31.90 2.71 -31.30
CA LYS I 109 -31.74 3.90 -30.45
C LYS I 109 -32.11 5.16 -31.21
N ALA I 110 -31.92 5.12 -32.53
CA ALA I 110 -32.25 6.24 -33.40
C ALA I 110 -33.77 6.44 -33.54
N GLY I 111 -34.55 5.47 -33.10
CA GLY I 111 -36.01 5.58 -33.13
C GLY I 111 -36.62 5.10 -34.43
N VAL I 112 -35.95 4.16 -35.08
CA VAL I 112 -36.29 3.73 -36.42
C VAL I 112 -37.27 2.58 -36.32
N GLY I 113 -38.16 2.43 -37.30
CA GLY I 113 -39.23 1.44 -37.22
C GLY I 113 -38.80 0.07 -37.68
N ALA I 114 -37.90 0.06 -38.67
CA ALA I 114 -37.49 -1.17 -39.32
C ALA I 114 -36.25 -0.91 -40.18
N VAL I 115 -35.61 -2.01 -40.58
CA VAL I 115 -34.35 -1.98 -41.25
C VAL I 115 -34.38 -3.12 -42.28
N HIS I 116 -33.59 -2.99 -43.35
CA HIS I 116 -33.47 -4.05 -44.35
C HIS I 116 -32.00 -4.39 -44.78
N LEU I 117 -31.63 -5.67 -44.67
CA LEU I 117 -30.33 -6.18 -45.05
C LEU I 117 -30.32 -6.92 -46.40
N GLU I 118 -29.36 -6.65 -47.27
CA GLU I 118 -29.29 -7.46 -48.49
C GLU I 118 -28.22 -8.53 -48.39
N ASP I 119 -28.41 -9.64 -49.09
CA ASP I 119 -27.41 -10.69 -49.08
C ASP I 119 -26.37 -10.49 -50.19
N GLN I 120 -25.92 -9.25 -50.34
CA GLN I 120 -24.82 -8.95 -51.24
C GLN I 120 -23.52 -9.43 -50.63
N VAL I 121 -22.47 -9.46 -51.46
CA VAL I 121 -21.13 -9.77 -51.02
C VAL I 121 -20.78 -8.76 -49.95
N GLY I 122 -19.98 -9.18 -48.97
CA GLY I 122 -19.29 -8.22 -48.08
C GLY I 122 -18.24 -7.42 -48.85
N GLN I 123 -17.00 -7.46 -48.37
CA GLN I 123 -15.87 -6.89 -49.13
C GLN I 123 -15.12 -7.98 -49.87
N LYS I 124 -14.52 -7.58 -50.99
CA LYS I 124 -13.49 -8.40 -51.61
C LYS I 124 -12.24 -7.52 -51.80
N ARG I 125 -11.30 -8.00 -52.62
CA ARG I 125 -10.04 -7.31 -52.91
C ARG I 125 -10.20 -5.79 -53.01
N CYS I 126 -9.13 -5.09 -52.63
CA CYS I 126 -9.03 -3.66 -52.70
C CYS I 126 -9.60 -3.15 -54.00
N GLY I 127 -9.06 -3.65 -55.09
CA GLY I 127 -9.49 -3.24 -56.41
C GLY I 127 -10.60 -4.08 -57.00
N HIS I 128 -11.51 -4.58 -56.17
CA HIS I 128 -12.69 -5.23 -56.71
C HIS I 128 -13.43 -4.18 -57.54
N ARG I 129 -14.26 -4.66 -58.45
CA ARG I 129 -15.06 -3.77 -59.28
C ARG I 129 -16.49 -3.97 -58.76
N PRO I 130 -17.39 -2.97 -58.96
CA PRO I 130 -18.76 -3.12 -58.48
C PRO I 130 -19.66 -4.03 -59.34
N GLY I 131 -20.78 -4.47 -58.79
CA GLY I 131 -21.71 -5.38 -59.48
C GLY I 131 -22.55 -6.14 -58.47
N LYS I 132 -23.79 -6.46 -58.84
CA LYS I 132 -24.61 -7.33 -58.00
C LYS I 132 -23.91 -8.68 -57.91
N GLU I 133 -23.99 -9.32 -56.74
CA GLU I 133 -23.57 -10.72 -56.56
C GLU I 133 -23.95 -11.26 -55.18
N CYS I 134 -24.90 -12.21 -55.16
CA CYS I 134 -25.40 -12.71 -53.91
C CYS I 134 -24.34 -13.52 -53.16
N VAL I 135 -24.46 -13.62 -51.82
CA VAL I 135 -23.61 -14.51 -50.99
C VAL I 135 -24.34 -15.82 -50.91
N PRO I 136 -23.70 -16.88 -50.41
CA PRO I 136 -24.52 -18.10 -50.30
C PRO I 136 -25.57 -17.97 -49.19
N ALA I 137 -26.70 -18.66 -49.35
CA ALA I 137 -27.85 -18.59 -48.42
C ALA I 137 -27.44 -18.62 -46.96
N GLY I 138 -26.61 -19.60 -46.60
CA GLY I 138 -26.09 -19.75 -45.25
C GLY I 138 -25.45 -18.48 -44.70
N GLU I 139 -24.57 -17.88 -45.51
CA GLU I 139 -23.83 -16.66 -45.14
C GLU I 139 -24.80 -15.55 -44.70
N MET I 140 -25.88 -15.39 -45.47
CA MET I 140 -26.94 -14.45 -45.13
C MET I 140 -27.68 -14.86 -43.87
N VAL I 141 -27.96 -16.15 -43.71
CA VAL I 141 -28.66 -16.66 -42.49
C VAL I 141 -27.87 -16.27 -41.23
N ASP I 142 -26.54 -16.35 -41.33
CA ASP I 142 -25.66 -15.85 -40.31
C ASP I 142 -25.96 -14.37 -40.00
N ARG I 143 -25.96 -13.53 -41.04
CA ARG I 143 -26.18 -12.10 -40.87
C ARG I 143 -27.47 -11.81 -40.11
N ILE I 144 -28.56 -12.43 -40.60
CA ILE I 144 -29.87 -12.36 -39.97
C ILE I 144 -29.82 -12.78 -38.50
N LYS I 145 -29.21 -13.95 -38.24
CA LYS I 145 -29.10 -14.47 -36.88
C LYS I 145 -28.46 -13.48 -35.95
N ALA I 146 -27.41 -12.81 -36.44
CA ALA I 146 -26.69 -11.78 -35.68
C ALA I 146 -27.61 -10.59 -35.37
N ALA I 147 -28.35 -10.17 -36.38
CA ALA I 147 -29.27 -9.05 -36.27
C ALA I 147 -30.37 -9.33 -35.25
N VAL I 148 -31.01 -10.50 -35.38
CA VAL I 148 -32.15 -10.87 -34.50
C VAL I 148 -31.73 -10.98 -33.04
N ASP I 149 -30.51 -11.50 -32.84
CA ASP I 149 -29.93 -11.63 -31.51
C ASP I 149 -29.64 -10.28 -30.85
N ALA I 150 -29.09 -9.35 -31.62
CA ALA I 150 -28.80 -8.04 -31.10
C ALA I 150 -30.06 -7.20 -30.83
N ARG I 151 -31.17 -7.56 -31.46
CA ARG I 151 -32.43 -6.83 -31.35
C ARG I 151 -32.95 -6.89 -29.93
N THR I 152 -33.14 -5.71 -29.32
CA THR I 152 -33.56 -5.63 -27.92
C THR I 152 -35.07 -5.55 -27.71
N ASP I 153 -35.83 -5.24 -28.77
CA ASP I 153 -37.28 -5.00 -28.71
C ASP I 153 -37.93 -5.64 -29.93
N GLU I 154 -38.64 -6.74 -29.71
CA GLU I 154 -39.17 -7.56 -30.80
C GLU I 154 -40.09 -6.84 -31.77
N THR I 155 -40.69 -5.72 -31.38
CA THR I 155 -41.52 -4.94 -32.30
C THR I 155 -40.72 -4.32 -33.45
N PHE I 156 -39.43 -4.12 -33.24
CA PHE I 156 -38.52 -3.66 -34.28
C PHE I 156 -38.46 -4.68 -35.42
N VAL I 157 -38.72 -4.23 -36.64
CA VAL I 157 -38.84 -5.16 -37.77
C VAL I 157 -37.54 -5.31 -38.55
N ILE I 158 -37.10 -6.56 -38.70
CA ILE I 158 -35.90 -6.91 -39.44
C ILE I 158 -36.36 -7.53 -40.76
N MET I 159 -36.05 -6.86 -41.86
CA MET I 159 -36.48 -7.28 -43.19
C MET I 159 -35.30 -7.72 -44.05
N ALA I 160 -35.41 -8.90 -44.66
CA ALA I 160 -34.36 -9.40 -45.53
C ALA I 160 -34.66 -9.12 -46.99
N ARG I 161 -33.67 -8.57 -47.68
CA ARG I 161 -33.81 -8.24 -49.07
C ARG I 161 -32.89 -9.12 -49.89
N THR I 162 -33.39 -9.65 -51.02
CA THR I 162 -32.59 -10.55 -51.86
C THR I 162 -32.60 -10.21 -53.36
N ASP I 163 -31.42 -10.19 -53.98
CA ASP I 163 -31.37 -9.96 -55.41
C ASP I 163 -31.01 -11.23 -56.17
N ALA I 164 -31.26 -12.38 -55.54
CA ALA I 164 -30.95 -13.68 -56.12
C ALA I 164 -31.68 -13.92 -57.42
N ALA I 165 -32.97 -13.58 -57.42
CA ALA I 165 -33.83 -13.81 -58.59
C ALA I 165 -33.14 -13.54 -59.93
N ALA I 166 -32.50 -12.37 -60.06
CA ALA I 166 -31.84 -11.96 -61.31
C ALA I 166 -30.81 -12.95 -61.88
N ALA I 167 -30.03 -13.60 -61.03
CA ALA I 167 -28.97 -14.46 -61.56
C ALA I 167 -29.21 -15.97 -61.33
N GLU I 168 -30.07 -16.31 -60.39
CA GLU I 168 -30.27 -17.69 -59.97
C GLU I 168 -31.68 -18.18 -60.29
N GLY I 169 -32.52 -17.30 -60.82
CA GLY I 169 -33.92 -17.67 -61.09
C GLY I 169 -34.82 -17.62 -59.87
N ILE I 170 -36.08 -17.34 -60.12
CA ILE I 170 -37.08 -17.06 -59.08
C ILE I 170 -37.24 -18.15 -57.98
N ASP I 171 -37.02 -19.41 -58.32
CA ASP I 171 -37.17 -20.51 -57.34
C ASP I 171 -36.05 -20.58 -56.29
N ALA I 172 -34.82 -20.37 -56.74
CA ALA I 172 -33.70 -20.27 -55.81
C ALA I 172 -33.97 -19.14 -54.79
N ALA I 173 -34.46 -18.00 -55.28
CA ALA I 173 -34.75 -16.85 -54.42
C ALA I 173 -35.81 -17.17 -53.39
N ILE I 174 -36.83 -17.92 -53.81
CA ILE I 174 -37.89 -18.35 -52.92
C ILE I 174 -37.33 -19.24 -51.81
N GLU I 175 -36.42 -20.14 -52.17
CA GLU I 175 -35.82 -21.04 -51.19
C GLU I 175 -34.97 -20.31 -50.18
N ARG I 176 -34.13 -19.39 -50.64
CA ARG I 176 -33.37 -18.51 -49.75
C ARG I 176 -34.31 -17.83 -48.76
N ALA I 177 -35.34 -17.17 -49.30
CA ALA I 177 -36.31 -16.44 -48.53
C ALA I 177 -36.93 -17.25 -47.39
N ILE I 178 -37.20 -18.52 -47.64
CA ILE I 178 -37.79 -19.35 -46.58
C ILE I 178 -36.74 -19.59 -45.48
N ALA I 179 -35.49 -19.72 -45.89
CA ALA I 179 -34.36 -19.89 -44.97
C ALA I 179 -34.13 -18.61 -44.16
N TYR I 180 -34.42 -17.47 -44.77
CA TYR I 180 -34.28 -16.18 -44.11
C TYR I 180 -35.38 -15.98 -43.05
N VAL I 181 -36.60 -16.40 -43.36
CA VAL I 181 -37.68 -16.39 -42.37
C VAL I 181 -37.35 -17.33 -41.21
N GLU I 182 -36.77 -18.47 -41.57
CA GLU I 182 -36.25 -19.43 -40.60
C GLU I 182 -35.33 -18.74 -39.61
N ALA I 183 -34.40 -17.96 -40.15
CA ALA I 183 -33.37 -17.29 -39.38
C ALA I 183 -33.90 -16.15 -38.51
N GLY I 184 -35.16 -15.77 -38.72
CA GLY I 184 -35.82 -14.80 -37.87
C GLY I 184 -36.34 -13.55 -38.55
N ALA I 185 -36.07 -13.40 -39.85
CA ALA I 185 -36.51 -12.24 -40.62
C ALA I 185 -38.03 -12.09 -40.55
N ASP I 186 -38.49 -10.86 -40.43
CA ASP I 186 -39.92 -10.58 -40.23
C ASP I 186 -40.70 -10.38 -41.51
N MET I 187 -40.01 -9.84 -42.51
CA MET I 187 -40.61 -9.51 -43.80
C MET I 187 -39.54 -9.68 -44.87
N ILE I 188 -39.97 -9.81 -46.12
CA ILE I 188 -39.05 -10.07 -47.21
C ILE I 188 -39.20 -9.07 -48.34
N PHE I 189 -38.07 -8.65 -48.89
CA PHE I 189 -37.99 -7.64 -49.94
C PHE I 189 -37.31 -8.30 -51.14
N PRO I 190 -38.11 -8.88 -52.08
CA PRO I 190 -37.57 -9.55 -53.26
C PRO I 190 -37.33 -8.59 -54.42
N GLU I 191 -36.05 -8.37 -54.74
CA GLU I 191 -35.67 -7.42 -55.76
C GLU I 191 -35.95 -7.87 -57.20
N ALA I 192 -36.34 -6.89 -58.03
CA ALA I 192 -36.52 -7.10 -59.48
C ALA I 192 -37.40 -8.30 -59.84
N MET I 193 -38.71 -8.12 -59.66
CA MET I 193 -39.73 -9.06 -60.14
C MET I 193 -40.30 -8.47 -61.43
N LYS I 194 -40.52 -9.32 -62.45
CA LYS I 194 -41.01 -8.81 -63.75
C LYS I 194 -42.54 -8.80 -63.86
N THR I 195 -43.21 -9.81 -63.30
CA THR I 195 -44.67 -9.91 -63.41
C THR I 195 -45.35 -9.91 -62.08
N LEU I 196 -46.64 -9.60 -62.11
CA LEU I 196 -47.56 -9.69 -60.99
C LEU I 196 -47.58 -11.09 -60.39
N ASP I 197 -47.31 -12.11 -61.21
CA ASP I 197 -47.38 -13.47 -60.72
C ASP I 197 -46.19 -13.90 -59.90
N ASP I 198 -45.03 -13.38 -60.27
CA ASP I 198 -43.83 -13.55 -59.48
C ASP I 198 -44.11 -13.21 -58.01
N TYR I 199 -44.71 -12.05 -57.75
CA TYR I 199 -45.06 -11.63 -56.39
C TYR I 199 -46.06 -12.56 -55.72
N ARG I 200 -47.08 -12.95 -56.49
CA ARG I 200 -48.13 -13.88 -56.05
C ARG I 200 -47.58 -15.16 -55.43
N ARG I 201 -46.69 -15.80 -56.19
CA ARG I 201 -46.09 -17.08 -55.81
C ARG I 201 -45.21 -16.90 -54.61
N PHE I 202 -44.48 -15.80 -54.61
CA PHE I 202 -43.53 -15.50 -53.56
C PHE I 202 -44.23 -15.38 -52.22
N LYS I 203 -45.28 -14.56 -52.18
CA LYS I 203 -46.08 -14.36 -50.97
C LYS I 203 -46.63 -15.68 -50.43
N GLU I 204 -47.08 -16.51 -51.36
CA GLU I 204 -47.65 -17.84 -51.11
C GLU I 204 -46.66 -18.77 -50.44
N ALA I 205 -45.43 -18.74 -50.95
CA ALA I 205 -44.34 -19.60 -50.49
C ALA I 205 -43.78 -19.16 -49.13
N VAL I 206 -43.49 -17.87 -48.95
CA VAL I 206 -42.82 -17.40 -47.73
C VAL I 206 -43.76 -17.05 -46.58
N LYS I 207 -45.03 -16.79 -46.90
CA LYS I 207 -46.09 -16.63 -45.89
C LYS I 207 -45.91 -15.44 -44.90
N VAL I 208 -44.91 -14.58 -45.11
CA VAL I 208 -44.80 -13.33 -44.31
C VAL I 208 -44.97 -12.12 -45.21
N PRO I 209 -45.19 -10.92 -44.63
CA PRO I 209 -45.36 -9.73 -45.46
C PRO I 209 -44.26 -9.51 -46.48
N ILE I 210 -44.62 -8.95 -47.62
CA ILE I 210 -43.74 -8.85 -48.79
C ILE I 210 -43.75 -7.42 -49.30
N LEU I 211 -42.58 -6.99 -49.82
CA LEU I 211 -42.37 -5.61 -50.31
C LEU I 211 -42.15 -5.57 -51.81
N ALA I 212 -42.80 -4.62 -52.48
CA ALA I 212 -42.61 -4.42 -53.90
C ALA I 212 -41.92 -3.08 -54.12
N ASN I 213 -40.75 -3.13 -54.75
CA ASN I 213 -39.96 -1.94 -54.97
C ASN I 213 -40.29 -1.22 -56.26
N LEU I 214 -41.20 -0.24 -56.19
CA LEU I 214 -41.63 0.47 -57.39
C LEU I 214 -40.64 1.56 -57.75
N THR I 215 -39.65 1.18 -58.55
CA THR I 215 -38.59 2.12 -58.90
C THR I 215 -38.69 2.55 -60.35
N GLU I 216 -38.51 3.84 -60.58
CA GLU I 216 -38.53 4.38 -61.94
C GLU I 216 -37.20 4.22 -62.68
N PHE I 217 -37.29 4.12 -64.00
CA PHE I 217 -36.11 3.91 -64.87
C PHE I 217 -35.43 2.55 -64.69
N GLY I 218 -36.12 1.61 -64.05
CA GLY I 218 -35.59 0.25 -63.84
C GLY I 218 -36.15 -0.74 -64.84
N SER I 219 -36.16 -2.01 -64.44
CA SER I 219 -36.73 -3.08 -65.26
C SER I 219 -38.17 -3.30 -64.85
N THR I 220 -38.41 -3.37 -63.54
CA THR I 220 -39.75 -3.43 -62.96
C THR I 220 -40.69 -2.41 -63.63
N PRO I 221 -41.89 -2.87 -64.09
CA PRO I 221 -42.91 -1.89 -64.48
C PRO I 221 -43.53 -1.24 -63.24
N LEU I 222 -44.10 -0.05 -63.40
CA LEU I 222 -44.66 0.72 -62.29
C LEU I 222 -46.07 0.28 -61.93
N PHE I 223 -46.19 -0.83 -61.22
CA PHE I 223 -47.48 -1.42 -60.85
C PHE I 223 -48.37 -0.50 -60.01
N THR I 224 -49.68 -0.55 -60.24
CA THR I 224 -50.64 0.23 -59.46
C THR I 224 -50.98 -0.44 -58.12
N LEU I 225 -51.53 0.35 -57.21
CA LEU I 225 -51.95 -0.12 -55.91
C LEU I 225 -52.89 -1.33 -56.04
N ASP I 226 -53.83 -1.28 -56.98
CA ASP I 226 -54.75 -2.39 -57.19
C ASP I 226 -54.09 -3.62 -57.72
N GLU I 227 -53.28 -3.45 -58.75
CA GLU I 227 -52.52 -4.55 -59.31
C GLU I 227 -51.85 -5.31 -58.16
N LEU I 228 -51.18 -4.57 -57.28
CA LEU I 228 -50.40 -5.13 -56.18
C LEU I 228 -51.29 -5.77 -55.14
N LYS I 229 -52.43 -5.15 -54.86
CA LYS I 229 -53.45 -5.67 -53.95
C LYS I 229 -53.88 -7.07 -54.37
N GLY I 230 -54.20 -7.19 -55.66
CA GLY I 230 -54.59 -8.46 -56.29
C GLY I 230 -53.49 -9.50 -56.30
N ALA I 231 -52.23 -9.05 -56.23
CA ALA I 231 -51.09 -9.98 -56.16
C ALA I 231 -50.71 -10.38 -54.73
N ASN I 232 -51.42 -9.85 -53.73
CA ASN I 232 -51.16 -10.18 -52.32
C ASN I 232 -49.97 -9.50 -51.66
N VAL I 233 -49.40 -8.48 -52.31
CA VAL I 233 -48.27 -7.70 -51.80
C VAL I 233 -48.72 -6.83 -50.60
N ASP I 234 -47.89 -6.73 -49.55
CA ASP I 234 -48.28 -5.94 -48.37
C ASP I 234 -47.72 -4.54 -48.32
N ILE I 235 -46.62 -4.31 -49.04
CA ILE I 235 -45.93 -3.02 -49.01
C ILE I 235 -45.52 -2.54 -50.40
N ALA I 236 -45.99 -1.34 -50.75
CA ALA I 236 -45.60 -0.66 -51.97
C ALA I 236 -44.62 0.47 -51.63
N LEU I 237 -43.40 0.33 -52.16
CA LEU I 237 -42.35 1.27 -51.82
C LEU I 237 -41.90 2.17 -52.99
N TYR I 238 -42.13 3.45 -52.80
CA TYR I 238 -41.72 4.45 -53.76
C TYR I 238 -40.47 5.12 -53.19
N CYS I 239 -39.32 4.53 -53.49
CA CYS I 239 -38.10 4.87 -52.78
C CYS I 239 -37.33 6.12 -53.25
N CYS I 240 -37.52 6.52 -54.51
CA CYS I 240 -36.65 7.54 -55.13
C CYS I 240 -37.32 8.69 -55.82
N GLY I 241 -38.59 8.49 -56.18
CA GLY I 241 -39.33 9.46 -56.95
C GLY I 241 -39.12 10.83 -56.43
N ALA I 242 -39.47 11.01 -55.15
CA ALA I 242 -39.32 12.27 -54.47
C ALA I 242 -38.05 13.03 -54.85
N TYR I 243 -36.89 12.43 -54.62
CA TYR I 243 -35.65 13.17 -54.85
C TYR I 243 -35.28 13.38 -56.31
N ARG I 244 -35.69 12.48 -57.18
CA ARG I 244 -35.47 12.70 -58.60
C ARG I 244 -36.23 13.94 -59.03
N ALA I 245 -37.48 14.04 -58.59
CA ALA I 245 -38.33 15.19 -58.91
C ALA I 245 -37.68 16.45 -58.37
N MET I 246 -37.25 16.42 -57.11
CA MET I 246 -36.66 17.62 -56.53
C MET I 246 -35.34 18.03 -57.17
N ASN I 247 -34.51 17.05 -57.53
CA ASN I 247 -33.26 17.30 -58.28
C ASN I 247 -33.43 18.01 -59.62
N LYS I 248 -34.44 17.62 -60.40
CA LYS I 248 -34.63 18.28 -61.69
C LYS I 248 -35.05 19.72 -61.47
N ALA I 249 -35.96 19.91 -60.50
CA ALA I 249 -36.44 21.22 -60.16
C ALA I 249 -35.28 22.14 -59.79
N ALA I 250 -34.30 21.62 -59.07
CA ALA I 250 -33.16 22.44 -58.64
C ALA I 250 -32.22 22.75 -59.81
N LEU I 251 -31.92 21.74 -60.63
CA LEU I 251 -31.14 21.96 -61.83
C LEU I 251 -31.74 23.06 -62.70
N ASN I 252 -33.07 23.01 -62.86
CA ASN I 252 -33.82 23.97 -63.65
C ASN I 252 -33.63 25.38 -63.11
N PHE I 253 -33.71 25.51 -61.79
CA PHE I 253 -33.49 26.80 -61.17
C PHE I 253 -32.11 27.30 -61.49
N TYR I 254 -31.09 26.47 -61.32
CA TYR I 254 -29.72 26.90 -61.51
C TYR I 254 -29.51 27.33 -62.94
N GLU I 255 -30.06 26.55 -63.87
CA GLU I 255 -29.90 26.85 -65.30
C GLU I 255 -30.56 28.16 -65.68
N THR I 256 -31.81 28.40 -65.23
CA THR I 256 -32.46 29.66 -65.59
C THR I 256 -31.77 30.87 -64.93
N VAL I 257 -31.18 30.69 -63.74
CA VAL I 257 -30.47 31.80 -63.11
C VAL I 257 -29.21 32.15 -63.87
N ARG I 258 -28.49 31.14 -64.33
CA ARG I 258 -27.28 31.36 -65.09
C ARG I 258 -27.56 31.93 -66.50
N ARG I 259 -28.67 31.53 -67.11
CA ARG I 259 -28.97 31.98 -68.46
C ARG I 259 -29.63 33.36 -68.49
N ASP I 260 -30.59 33.60 -67.58
CA ASP I 260 -31.38 34.84 -67.59
C ASP I 260 -30.84 35.99 -66.75
N GLY I 261 -29.90 35.72 -65.85
CA GLY I 261 -29.37 36.78 -64.96
C GLY I 261 -30.33 37.18 -63.86
N THR I 262 -31.38 36.39 -63.72
CA THR I 262 -32.31 36.49 -62.60
C THR I 262 -33.13 35.21 -62.53
N GLN I 263 -33.81 35.02 -61.40
CA GLN I 263 -34.60 33.83 -61.17
C GLN I 263 -36.06 34.03 -61.51
N LYS I 264 -36.39 35.22 -62.04
CA LYS I 264 -37.79 35.59 -62.26
C LYS I 264 -38.60 34.45 -62.90
N ALA I 265 -38.10 33.90 -64.00
CA ALA I 265 -38.83 32.88 -64.75
C ALA I 265 -39.11 31.61 -63.96
N ALA I 266 -38.38 31.40 -62.87
CA ALA I 266 -38.45 30.16 -62.10
C ALA I 266 -39.46 30.20 -60.95
N VAL I 267 -39.99 31.38 -60.66
CA VAL I 267 -40.78 31.60 -59.44
C VAL I 267 -42.12 30.81 -59.33
N PRO I 268 -42.81 30.51 -60.45
CA PRO I 268 -44.04 29.71 -60.21
C PRO I 268 -43.78 28.21 -59.95
N THR I 269 -42.51 27.80 -59.93
CA THR I 269 -42.13 26.39 -59.58
C THR I 269 -41.79 26.24 -58.08
N MET I 270 -41.69 27.39 -57.39
CA MET I 270 -41.29 27.46 -56.02
C MET I 270 -42.42 27.20 -55.06
N GLN I 271 -42.11 26.44 -54.02
CA GLN I 271 -42.92 26.45 -52.84
C GLN I 271 -42.72 27.79 -52.11
N THR I 272 -43.82 28.53 -52.01
CA THR I 272 -43.90 29.78 -51.24
C THR I 272 -43.52 29.60 -49.75
N ARG I 273 -42.86 30.64 -49.24
CA ARG I 273 -42.55 30.83 -47.81
C ARG I 273 -43.73 30.54 -46.89
N ALA I 274 -44.91 30.97 -47.31
CA ALA I 274 -46.10 30.80 -46.50
C ALA I 274 -46.42 29.32 -46.33
N GLN I 275 -46.41 28.55 -47.40
CA GLN I 275 -46.64 27.12 -47.29
C GLN I 275 -45.53 26.42 -46.47
N LEU I 276 -44.34 26.99 -46.53
CA LEU I 276 -43.19 26.40 -45.88
C LEU I 276 -43.44 26.41 -44.42
N TYR I 277 -43.86 27.57 -43.92
CA TYR I 277 -44.15 27.77 -42.49
C TYR I 277 -45.42 27.00 -42.06
N ASP I 278 -46.25 26.71 -43.04
CA ASP I 278 -47.43 25.90 -42.86
C ASP I 278 -47.05 24.45 -42.63
N TYR I 279 -46.14 23.91 -43.44
CA TYR I 279 -45.63 22.55 -43.24
C TYR I 279 -44.57 22.44 -42.14
N LEU I 280 -44.01 23.55 -41.67
CA LEU I 280 -43.04 23.44 -40.60
C LEU I 280 -43.73 23.52 -39.22
N GLY I 281 -45.05 23.79 -39.25
CA GLY I 281 -45.84 23.86 -38.03
C GLY I 281 -45.43 25.01 -37.14
N TYR I 282 -44.99 26.11 -37.76
CA TYR I 282 -44.60 27.34 -37.08
C TYR I 282 -45.63 27.84 -36.05
N TYR I 283 -46.91 27.85 -36.43
CA TYR I 283 -47.97 28.33 -35.53
C TYR I 283 -47.76 27.75 -34.12
N ALA I 284 -47.51 26.44 -34.02
CA ALA I 284 -47.44 25.74 -32.74
C ALA I 284 -46.36 26.29 -31.82
N TYR I 285 -45.31 26.87 -32.40
CA TYR I 285 -44.17 27.34 -31.63
C TYR I 285 -44.58 28.52 -30.75
N GLU I 286 -45.25 29.49 -31.35
CA GLU I 286 -45.74 30.63 -30.60
C GLU I 286 -46.89 30.19 -29.70
N GLU I 287 -47.71 29.28 -30.21
CA GLU I 287 -48.73 28.65 -29.39
C GLU I 287 -48.12 27.96 -28.16
N LYS I 288 -46.80 27.78 -28.15
CA LYS I 288 -46.20 27.12 -27.01
C LYS I 288 -45.82 28.16 -25.98
N LEU I 289 -45.15 29.21 -26.46
CA LEU I 289 -44.67 30.27 -25.58
C LEU I 289 -45.84 30.99 -24.94
N ASP I 290 -46.96 31.08 -25.67
CA ASP I 290 -48.18 31.74 -25.19
C ASP I 290 -48.81 30.86 -24.12
N GLN I 291 -48.86 29.56 -24.39
CA GLN I 291 -49.37 28.58 -23.44
C GLN I 291 -48.59 28.49 -22.14
N LEU I 292 -47.29 28.75 -22.19
CA LEU I 292 -46.40 28.46 -21.07
C LEU I 292 -45.99 29.65 -20.23
N PHE I 293 -45.84 30.81 -20.85
CA PHE I 293 -45.26 31.95 -20.12
C PHE I 293 -46.13 33.19 -20.13
N ASN I 294 -47.28 33.11 -20.80
CA ASN I 294 -48.07 34.34 -21.04
C ASN I 294 -49.52 34.32 -20.58
N GLN I 295 -49.72 34.42 -19.25
CA GLN I 295 -51.05 34.55 -18.60
C GLN I 295 -50.97 35.19 -17.20
N GLN J 6 -0.12 22.70 -56.66
CA GLN J 6 -0.30 23.80 -55.66
C GLN J 6 -1.78 24.10 -55.43
N LEU J 7 -2.28 23.81 -54.22
CA LEU J 7 -3.68 24.07 -53.90
C LEU J 7 -3.88 25.46 -53.32
N ILE J 8 -5.03 26.04 -53.64
CA ILE J 8 -5.38 27.39 -53.22
C ILE J 8 -6.40 27.27 -52.10
N SER J 9 -6.32 28.15 -51.11
CA SER J 9 -7.29 28.12 -50.00
C SER J 9 -8.66 28.47 -50.52
N ALA J 10 -9.71 27.92 -49.90
CA ALA J 10 -11.07 28.28 -50.26
C ALA J 10 -11.22 29.82 -50.25
N GLY J 11 -10.68 30.47 -49.22
CA GLY J 11 -10.75 31.91 -49.11
C GLY J 11 -10.25 32.62 -50.37
N ALA J 12 -9.08 32.20 -50.84
CA ALA J 12 -8.45 32.79 -52.02
C ALA J 12 -9.27 32.52 -53.29
N LYS J 13 -9.80 31.29 -53.43
CA LYS J 13 -10.72 30.96 -54.50
C LYS J 13 -11.94 31.91 -54.53
N PHE J 14 -12.46 32.27 -53.33
CA PHE J 14 -13.62 33.17 -53.23
C PHE J 14 -13.28 34.58 -53.68
N ARG J 15 -12.21 35.13 -53.11
CA ARG J 15 -11.70 36.44 -53.51
C ARG J 15 -11.40 36.53 -55.00
N ALA J 16 -10.80 35.48 -55.56
CA ALA J 16 -10.54 35.38 -57.00
C ALA J 16 -11.83 35.44 -57.80
N ALA J 17 -12.85 34.71 -57.34
CA ALA J 17 -14.15 34.65 -58.01
C ALA J 17 -14.88 36.00 -58.02
N VAL J 18 -14.75 36.79 -56.96
CA VAL J 18 -15.34 38.14 -56.94
C VAL J 18 -14.61 39.10 -57.92
N ALA J 19 -13.29 39.01 -57.99
CA ALA J 19 -12.48 39.77 -58.92
C ALA J 19 -12.78 39.38 -60.37
N ALA J 20 -13.17 38.14 -60.61
CA ALA J 20 -13.30 37.62 -61.97
C ALA J 20 -14.69 37.76 -62.58
N GLU J 21 -15.70 37.99 -61.76
CA GLU J 21 -17.12 38.01 -62.22
C GLU J 21 -17.82 39.12 -61.45
N GLN J 22 -18.31 40.12 -62.17
CA GLN J 22 -18.81 41.35 -61.54
C GLN J 22 -20.14 41.78 -62.16
N PRO J 23 -21.23 41.65 -61.40
CA PRO J 23 -21.20 41.09 -60.06
C PRO J 23 -21.15 39.55 -60.12
N LEU J 24 -20.67 38.91 -59.04
CA LEU J 24 -20.58 37.46 -59.00
C LEU J 24 -21.89 36.83 -58.54
N GLN J 25 -22.43 35.94 -59.36
CA GLN J 25 -23.58 35.13 -58.97
C GLN J 25 -23.14 34.01 -58.02
N VAL J 26 -23.77 33.93 -56.87
CA VAL J 26 -23.54 32.81 -55.96
C VAL J 26 -24.89 32.23 -55.51
N VAL J 27 -25.08 30.94 -55.77
CA VAL J 27 -26.34 30.24 -55.53
C VAL J 27 -26.34 29.35 -54.28
N GLY J 28 -27.48 29.30 -53.60
CA GLY J 28 -27.64 28.43 -52.44
C GLY J 28 -27.81 26.97 -52.83
N ALA J 29 -27.24 26.07 -52.05
CA ALA J 29 -27.46 24.64 -52.18
C ALA J 29 -27.75 24.03 -50.80
N ILE J 30 -28.82 23.24 -50.68
CA ILE J 30 -29.10 22.63 -49.39
C ILE J 30 -28.52 21.23 -49.24
N THR J 31 -28.02 20.66 -50.34
CA THR J 31 -27.41 19.34 -50.34
C THR J 31 -26.10 19.33 -51.12
N ALA J 32 -25.26 18.37 -50.80
CA ALA J 32 -24.03 18.18 -51.50
C ALA J 32 -24.26 18.08 -53.01
N TYR J 33 -25.22 17.26 -53.42
CA TYR J 33 -25.51 17.07 -54.85
C TYR J 33 -25.93 18.39 -55.51
N ALA J 34 -26.78 19.14 -54.83
CA ALA J 34 -27.22 20.43 -55.35
C ALA J 34 -25.99 21.24 -55.71
N ALA J 35 -25.01 21.28 -54.81
CA ALA J 35 -23.77 22.04 -55.05
C ALA J 35 -23.07 21.56 -56.30
N LYS J 36 -23.00 20.23 -56.46
CA LYS J 36 -22.37 19.61 -57.62
C LYS J 36 -23.00 20.08 -58.93
N MET J 37 -24.34 20.11 -58.98
CA MET J 37 -25.04 20.57 -60.17
C MET J 37 -24.71 22.03 -60.39
N ALA J 38 -24.79 22.86 -59.35
CA ALA J 38 -24.46 24.27 -59.47
C ALA J 38 -23.08 24.44 -60.13
N GLU J 39 -22.15 23.57 -59.76
CA GLU J 39 -20.82 23.63 -60.32
C GLU J 39 -20.82 23.30 -61.80
N ALA J 40 -21.58 22.27 -62.14
CA ALA J 40 -21.62 21.78 -63.50
C ALA J 40 -22.25 22.85 -64.38
N VAL J 41 -23.21 23.60 -63.84
CA VAL J 41 -23.91 24.62 -64.61
C VAL J 41 -23.03 25.86 -64.85
N GLY J 42 -21.94 25.97 -64.08
CA GLY J 42 -20.93 26.98 -64.37
C GLY J 42 -20.74 28.10 -63.35
N PHE J 43 -21.47 28.03 -62.24
CA PHE J 43 -21.32 29.01 -61.16
C PHE J 43 -19.92 28.93 -60.55
N LYS J 44 -19.44 30.02 -59.96
CA LYS J 44 -18.07 30.07 -59.42
C LYS J 44 -18.04 30.02 -57.88
N ALA J 45 -19.22 30.07 -57.26
CA ALA J 45 -19.38 30.08 -55.82
C ALA J 45 -20.77 29.56 -55.35
N VAL J 46 -20.81 28.96 -54.15
CA VAL J 46 -22.08 28.46 -53.61
C VAL J 46 -22.32 28.91 -52.17
N TYR J 47 -23.55 28.76 -51.72
CA TYR J 47 -23.95 29.32 -50.46
C TYR J 47 -24.71 28.34 -49.60
N LEU J 48 -24.44 28.39 -48.30
CA LEU J 48 -25.18 27.58 -47.35
C LEU J 48 -26.03 28.50 -46.49
N SER J 49 -27.33 28.41 -46.67
CA SER J 49 -28.25 29.28 -45.97
C SER J 49 -28.55 28.73 -44.57
N GLY J 50 -28.49 29.59 -43.56
CA GLY J 50 -28.77 29.22 -42.17
C GLY J 50 -30.19 28.71 -41.95
N GLY J 51 -31.16 29.48 -42.45
CA GLY J 51 -32.57 29.07 -42.48
C GLY J 51 -32.82 27.83 -43.33
N GLY J 52 -31.97 27.65 -44.34
CA GLY J 52 -32.01 26.48 -45.21
C GLY J 52 -31.66 25.20 -44.49
N VAL J 53 -30.63 25.29 -43.67
CA VAL J 53 -30.23 24.15 -42.84
C VAL J 53 -31.36 23.78 -41.85
N ALA J 54 -31.92 24.80 -41.23
CA ALA J 54 -32.94 24.63 -40.24
C ALA J 54 -34.21 23.95 -40.78
N ALA J 55 -34.70 24.49 -41.91
CA ALA J 55 -35.95 24.05 -42.49
C ALA J 55 -35.83 22.67 -43.13
N ASN J 56 -34.81 22.53 -43.94
CA ASN J 56 -34.63 21.34 -44.72
C ASN J 56 -33.97 20.17 -44.00
N SER J 57 -32.82 20.39 -43.39
CA SER J 57 -32.07 19.33 -42.75
C SER J 57 -32.72 18.92 -41.44
N LEU J 58 -33.31 19.90 -40.73
CA LEU J 58 -33.79 19.68 -39.37
C LEU J 58 -35.31 19.63 -39.21
N GLY J 59 -36.04 20.24 -40.14
CA GLY J 59 -37.49 20.25 -40.11
C GLY J 59 -38.06 21.20 -39.07
N ILE J 60 -37.38 22.30 -38.85
CA ILE J 60 -37.81 23.29 -37.86
C ILE J 60 -37.59 24.71 -38.38
N PRO J 61 -38.41 25.66 -37.91
CA PRO J 61 -38.31 27.01 -38.39
C PRO J 61 -36.99 27.69 -38.00
N ASP J 62 -36.72 28.82 -38.65
CA ASP J 62 -35.51 29.65 -38.44
C ASP J 62 -35.64 30.50 -37.18
N LEU J 63 -35.65 29.86 -36.03
CA LEU J 63 -35.88 30.53 -34.75
C LEU J 63 -34.65 30.49 -33.84
N GLY J 64 -33.47 30.46 -34.45
CA GLY J 64 -32.22 30.30 -33.70
C GLY J 64 -32.09 29.00 -32.92
N ILE J 65 -32.69 27.92 -33.41
CA ILE J 65 -32.59 26.61 -32.74
C ILE J 65 -31.40 25.84 -33.29
N SER J 66 -31.24 25.88 -34.61
CA SER J 66 -30.05 25.46 -35.36
C SER J 66 -28.77 25.75 -34.53
N THR J 67 -27.94 24.73 -34.35
CA THR J 67 -26.66 24.91 -33.62
C THR J 67 -25.44 24.89 -34.56
N MET J 68 -24.29 25.38 -34.09
CA MET J 68 -23.10 25.41 -34.91
C MET J 68 -22.78 24.06 -35.56
N ASP J 69 -23.05 22.98 -34.80
CA ASP J 69 -22.76 21.64 -35.29
C ASP J 69 -23.70 21.23 -36.41
N ASP J 70 -24.94 21.70 -36.37
CA ASP J 70 -25.88 21.40 -37.42
C ASP J 70 -25.33 21.92 -38.74
N VAL J 71 -24.93 23.19 -38.73
CA VAL J 71 -24.42 23.83 -39.92
C VAL J 71 -23.08 23.17 -40.30
N LEU J 72 -22.30 22.77 -39.31
CA LEU J 72 -21.04 22.09 -39.62
C LEU J 72 -21.19 20.83 -40.45
N VAL J 73 -22.15 19.96 -40.12
CA VAL J 73 -22.21 18.70 -40.86
C VAL J 73 -22.58 18.96 -42.31
N ASP J 74 -23.50 19.88 -42.58
CA ASP J 74 -23.83 20.25 -43.96
C ASP J 74 -22.63 20.91 -44.65
N ALA J 75 -21.98 21.86 -43.98
CA ALA J 75 -20.87 22.57 -44.61
C ALA J 75 -19.76 21.61 -45.02
N ASN J 76 -19.53 20.58 -44.19
CA ASN J 76 -18.53 19.55 -44.48
C ASN J 76 -18.91 18.71 -45.67
N ARG J 77 -20.18 18.29 -45.75
CA ARG J 77 -20.67 17.45 -46.83
C ARG J 77 -20.53 18.19 -48.16
N ILE J 78 -20.85 19.47 -48.15
CA ILE J 78 -20.76 20.28 -49.36
C ILE J 78 -19.31 20.49 -49.83
N THR J 79 -18.41 20.96 -48.95
CA THR J 79 -17.04 21.26 -49.42
C THR J 79 -16.27 20.01 -49.82
N ASN J 80 -16.69 18.84 -49.30
CA ASN J 80 -16.15 17.54 -49.73
C ASN J 80 -16.57 17.19 -51.16
N ALA J 81 -17.72 17.72 -51.60
CA ALA J 81 -18.36 17.25 -52.82
C ALA J 81 -18.16 18.17 -54.01
N THR J 82 -17.83 19.43 -53.74
CA THR J 82 -17.53 20.41 -54.77
C THR J 82 -16.21 21.11 -54.45
N ASN J 83 -15.57 21.68 -55.48
CA ASN J 83 -14.32 22.47 -55.27
C ASN J 83 -14.52 23.96 -55.48
N LEU J 84 -15.78 24.37 -55.58
CA LEU J 84 -16.16 25.79 -55.55
C LEU J 84 -16.08 26.33 -54.13
N PRO J 85 -15.68 27.59 -53.98
CA PRO J 85 -15.69 28.20 -52.65
C PRO J 85 -17.10 28.34 -52.11
N LEU J 86 -17.28 28.09 -50.82
CA LEU J 86 -18.58 28.04 -50.17
C LEU J 86 -18.70 29.17 -49.20
N LEU J 87 -19.85 29.85 -49.21
CA LEU J 87 -20.15 30.91 -48.24
C LEU J 87 -21.19 30.43 -47.25
N VAL J 88 -20.95 30.67 -45.98
CA VAL J 88 -21.82 30.13 -44.94
C VAL J 88 -22.45 31.21 -44.01
N ASP J 89 -23.76 31.12 -43.82
CA ASP J 89 -24.46 31.92 -42.83
C ASP J 89 -24.21 31.36 -41.42
N ILE J 90 -23.52 32.14 -40.58
CA ILE J 90 -23.20 31.66 -39.23
C ILE J 90 -23.90 32.46 -38.12
N ASP J 91 -25.00 33.11 -38.46
CA ASP J 91 -25.82 33.84 -37.49
C ASP J 91 -25.00 34.81 -36.67
N THR J 92 -25.15 34.70 -35.35
CA THR J 92 -24.46 35.57 -34.43
C THR J 92 -23.21 34.91 -33.90
N GLY J 93 -22.89 33.73 -34.44
CA GLY J 93 -21.65 33.05 -34.08
C GLY J 93 -21.79 32.06 -32.95
N TRP J 94 -23.02 31.92 -32.46
CA TRP J 94 -23.37 30.95 -31.41
C TRP J 94 -22.67 31.23 -30.09
N GLY J 95 -22.69 32.48 -29.65
CA GLY J 95 -22.24 32.81 -28.31
C GLY J 95 -21.29 33.99 -28.18
N GLY J 96 -20.63 34.08 -27.02
CA GLY J 96 -19.65 35.14 -26.77
C GLY J 96 -18.39 35.03 -27.59
N ALA J 97 -17.38 35.79 -27.19
CA ALA J 97 -16.12 35.93 -27.94
C ALA J 97 -15.41 34.58 -28.12
N PHE J 98 -15.55 33.72 -27.11
CA PHE J 98 -14.87 32.42 -27.11
C PHE J 98 -15.51 31.51 -28.13
N ASN J 99 -16.84 31.64 -28.26
CA ASN J 99 -17.62 30.78 -29.14
C ASN J 99 -17.48 31.18 -30.61
N ILE J 100 -17.49 32.50 -30.84
CA ILE J 100 -17.20 33.09 -32.15
C ILE J 100 -15.82 32.62 -32.62
N ALA J 101 -14.84 32.60 -31.72
CA ALA J 101 -13.52 32.09 -32.09
C ALA J 101 -13.60 30.64 -32.52
N ARG J 102 -14.22 29.79 -31.69
CA ARG J 102 -14.35 28.38 -32.02
C ARG J 102 -15.03 28.22 -33.39
N THR J 103 -16.08 29.00 -33.61
CA THR J 103 -16.82 28.94 -34.86
C THR J 103 -15.90 29.23 -36.03
N ILE J 104 -15.17 30.33 -35.94
CA ILE J 104 -14.25 30.73 -37.02
C ILE J 104 -13.27 29.61 -37.33
N ARG J 105 -12.61 29.09 -36.30
CA ARG J 105 -11.66 28.00 -36.44
C ARG J 105 -12.30 26.75 -37.07
N SER J 106 -13.50 26.37 -36.61
CA SER J 106 -14.20 25.18 -37.12
C SER J 106 -14.53 25.28 -38.59
N PHE J 107 -15.06 26.43 -39.00
CA PHE J 107 -15.39 26.67 -40.40
C PHE J 107 -14.19 26.83 -41.35
N ILE J 108 -13.07 27.31 -40.83
CA ILE J 108 -11.85 27.34 -41.65
C ILE J 108 -11.42 25.91 -41.93
N LYS J 109 -11.32 25.12 -40.85
CA LYS J 109 -10.96 23.69 -40.94
C LYS J 109 -11.91 22.89 -41.84
N ALA J 110 -13.18 23.29 -41.89
CA ALA J 110 -14.15 22.64 -42.75
C ALA J 110 -13.93 22.96 -44.24
N GLY J 111 -13.02 23.88 -44.54
CA GLY J 111 -12.67 24.18 -45.93
C GLY J 111 -13.63 25.17 -46.56
N VAL J 112 -14.39 25.84 -45.71
CA VAL J 112 -15.34 26.90 -46.08
C VAL J 112 -14.53 28.15 -46.43
N GLY J 113 -14.87 28.79 -47.55
CA GLY J 113 -14.16 29.98 -48.04
C GLY J 113 -14.59 31.31 -47.43
N ALA J 114 -15.86 31.44 -47.12
CA ALA J 114 -16.41 32.72 -46.70
C ALA J 114 -17.41 32.52 -45.60
N VAL J 115 -17.45 33.46 -44.67
CA VAL J 115 -18.42 33.35 -43.62
C VAL J 115 -19.10 34.71 -43.46
N HIS J 116 -20.38 34.70 -43.02
CA HIS J 116 -21.10 35.93 -42.58
C HIS J 116 -21.82 35.91 -41.20
N LEU J 117 -21.28 36.74 -40.30
CA LEU J 117 -21.90 37.12 -39.06
C LEU J 117 -22.90 38.24 -39.28
N GLU J 118 -23.98 38.23 -38.51
CA GLU J 118 -24.95 39.31 -38.55
C GLU J 118 -25.17 40.00 -37.20
N ASP J 119 -25.56 41.28 -37.23
CA ASP J 119 -25.74 42.08 -36.00
C ASP J 119 -27.05 41.91 -35.23
N GLN J 120 -27.52 40.67 -35.11
CA GLN J 120 -28.74 40.36 -34.33
C GLN J 120 -28.49 40.11 -32.83
N VAL J 121 -29.51 40.37 -32.02
CA VAL J 121 -29.45 40.12 -30.57
C VAL J 121 -29.05 38.65 -30.31
N GLY J 122 -28.32 38.41 -29.21
CA GLY J 122 -28.02 37.05 -28.75
C GLY J 122 -29.21 36.40 -28.07
N GLN J 123 -28.96 35.50 -27.13
CA GLN J 123 -30.07 34.85 -26.42
C GLN J 123 -30.92 35.88 -25.70
N LYS J 124 -32.20 35.58 -25.53
CA LYS J 124 -33.02 36.44 -24.71
C LYS J 124 -33.48 35.72 -23.44
N ARG J 125 -34.20 36.45 -22.59
CA ARG J 125 -35.12 35.88 -21.59
C ARG J 125 -35.69 34.58 -22.19
N CYS J 126 -35.80 33.53 -21.38
CA CYS J 126 -36.12 32.20 -21.88
C CYS J 126 -37.46 32.05 -22.64
N GLY J 127 -38.39 32.99 -22.44
CA GLY J 127 -39.69 32.98 -23.11
C GLY J 127 -39.92 33.98 -24.25
N HIS J 128 -38.91 34.75 -24.59
CA HIS J 128 -38.96 35.72 -25.66
C HIS J 128 -39.22 35.10 -27.03
N ARG J 129 -40.22 35.61 -27.77
CA ARG J 129 -40.38 35.21 -29.18
C ARG J 129 -39.26 35.76 -30.08
N PRO J 130 -38.44 34.85 -30.66
CA PRO J 130 -37.44 35.33 -31.61
C PRO J 130 -38.09 36.31 -32.56
N GLY J 131 -37.43 37.46 -32.70
CA GLY J 131 -38.04 38.65 -33.26
C GLY J 131 -37.01 39.16 -34.23
N LYS J 132 -36.57 40.40 -34.09
CA LYS J 132 -35.52 40.82 -34.98
C LYS J 132 -34.90 42.15 -34.64
N GLU J 133 -34.37 42.24 -33.42
CA GLU J 133 -33.63 43.40 -32.94
C GLU J 133 -32.19 43.50 -33.49
N CYS J 134 -31.57 44.64 -33.25
CA CYS J 134 -30.13 44.79 -33.41
C CYS J 134 -29.49 45.08 -32.07
N VAL J 135 -28.19 44.86 -32.03
CA VAL J 135 -27.33 45.27 -30.91
C VAL J 135 -26.80 46.68 -31.20
N PRO J 136 -26.28 47.38 -30.19
CA PRO J 136 -25.66 48.63 -30.63
C PRO J 136 -24.36 48.32 -31.38
N ALA J 137 -23.92 49.23 -32.24
CA ALA J 137 -22.78 48.98 -33.12
C ALA J 137 -21.49 48.61 -32.37
N GLY J 138 -21.37 49.07 -31.13
CA GLY J 138 -20.26 48.70 -30.24
C GLY J 138 -20.18 47.18 -30.12
N GLU J 139 -21.28 46.58 -29.67
CA GLU J 139 -21.48 45.12 -29.67
C GLU J 139 -21.07 44.32 -30.95
N MET J 140 -21.57 44.70 -32.11
CA MET J 140 -21.16 43.98 -33.28
C MET J 140 -19.68 44.23 -33.66
N VAL J 141 -19.09 45.34 -33.23
CA VAL J 141 -17.66 45.59 -33.50
C VAL J 141 -16.81 44.61 -32.66
N ASP J 142 -17.25 44.38 -31.43
CA ASP J 142 -16.68 43.37 -30.58
C ASP J 142 -16.72 41.97 -31.22
N ARG J 143 -17.86 41.58 -31.77
CA ARG J 143 -17.98 40.28 -32.42
C ARG J 143 -17.00 40.10 -33.58
N ILE J 144 -16.93 41.12 -34.46
CA ILE J 144 -16.05 41.09 -35.60
C ILE J 144 -14.60 40.98 -35.13
N LYS J 145 -14.22 41.80 -34.14
CA LYS J 145 -12.89 41.77 -33.57
C LYS J 145 -12.47 40.36 -33.15
N ALA J 146 -13.34 39.68 -32.40
CA ALA J 146 -13.10 38.30 -31.97
C ALA J 146 -12.88 37.39 -33.17
N ALA J 147 -13.71 37.52 -34.19
CA ALA J 147 -13.60 36.69 -35.40
C ALA J 147 -12.30 36.95 -36.16
N VAL J 148 -11.97 38.22 -36.40
CA VAL J 148 -10.73 38.59 -37.13
C VAL J 148 -9.50 38.03 -36.43
N ASP J 149 -9.50 38.15 -35.10
CA ASP J 149 -8.44 37.65 -34.26
C ASP J 149 -8.25 36.16 -34.41
N ALA J 150 -9.35 35.42 -34.30
CA ALA J 150 -9.35 33.94 -34.37
C ALA J 150 -8.96 33.40 -35.75
N ARG J 151 -9.09 34.26 -36.76
CA ARG J 151 -8.82 33.91 -38.15
C ARG J 151 -7.33 33.60 -38.34
N THR J 152 -6.99 32.40 -38.80
CA THR J 152 -5.60 32.00 -38.91
C THR J 152 -5.00 32.22 -40.31
N ASP J 153 -5.87 32.46 -41.29
CA ASP J 153 -5.43 32.67 -42.66
C ASP J 153 -6.21 33.82 -43.27
N GLU J 154 -5.51 34.92 -43.53
CA GLU J 154 -6.12 36.15 -44.01
C GLU J 154 -7.02 36.02 -45.27
N THR J 155 -6.75 35.06 -46.13
CA THR J 155 -7.55 34.90 -47.35
C THR J 155 -9.00 34.49 -47.05
N PHE J 156 -9.23 33.94 -45.87
CA PHE J 156 -10.58 33.60 -45.42
C PHE J 156 -11.40 34.90 -45.19
N VAL J 157 -12.61 34.94 -45.80
CA VAL J 157 -13.45 36.15 -45.89
C VAL J 157 -14.43 36.26 -44.74
N ILE J 158 -14.31 37.33 -43.96
CA ILE J 158 -15.25 37.59 -42.88
C ILE J 158 -16.18 38.71 -43.30
N MET J 159 -17.46 38.38 -43.47
CA MET J 159 -18.43 39.32 -44.00
C MET J 159 -19.43 39.72 -42.93
N ALA J 160 -19.66 41.02 -42.78
CA ALA J 160 -20.60 41.52 -41.80
C ALA J 160 -21.94 41.82 -42.45
N ARG J 161 -23.00 41.28 -41.85
CA ARG J 161 -24.36 41.50 -42.33
C ARG J 161 -25.18 42.37 -41.37
N THR J 162 -25.92 43.33 -41.90
CA THR J 162 -26.69 44.24 -41.03
C THR J 162 -28.15 44.38 -41.39
N ASP J 163 -29.01 44.30 -40.40
CA ASP J 163 -30.42 44.51 -40.64
C ASP J 163 -30.92 45.82 -40.07
N ALA J 164 -29.98 46.73 -39.85
CA ALA J 164 -30.26 48.02 -39.22
C ALA J 164 -31.15 48.93 -40.08
N ALA J 165 -30.91 48.91 -41.39
CA ALA J 165 -31.66 49.74 -42.34
C ALA J 165 -33.17 49.77 -42.05
N ALA J 166 -33.78 48.59 -41.88
CA ALA J 166 -35.21 48.45 -41.61
C ALA J 166 -35.74 49.36 -40.50
N ALA J 167 -35.04 49.44 -39.38
CA ALA J 167 -35.59 50.09 -38.21
C ALA J 167 -34.94 51.42 -37.89
N GLU J 168 -33.72 51.60 -38.38
CA GLU J 168 -32.91 52.79 -38.05
C GLU J 168 -32.70 53.73 -39.24
N GLY J 169 -33.16 53.33 -40.42
CA GLY J 169 -32.95 54.11 -41.63
C GLY J 169 -31.58 53.88 -42.24
N ILE J 170 -31.49 54.06 -43.55
CA ILE J 170 -30.30 53.72 -44.33
C ILE J 170 -28.98 54.32 -43.86
N ASP J 171 -29.02 55.55 -43.36
CA ASP J 171 -27.80 56.25 -42.90
C ASP J 171 -27.18 55.64 -41.69
N ALA J 172 -28.00 55.32 -40.68
CA ALA J 172 -27.50 54.63 -39.50
C ALA J 172 -26.77 53.36 -39.91
N ALA J 173 -27.37 52.59 -40.83
CA ALA J 173 -26.78 51.34 -41.34
C ALA J 173 -25.43 51.58 -42.00
N ILE J 174 -25.34 52.60 -42.84
CA ILE J 174 -24.08 52.96 -43.51
C ILE J 174 -23.00 53.27 -42.47
N GLU J 175 -23.40 53.98 -41.42
CA GLU J 175 -22.55 54.35 -40.32
C GLU J 175 -21.99 53.12 -39.62
N ARG J 176 -22.88 52.21 -39.25
CA ARG J 176 -22.50 50.96 -38.63
C ARG J 176 -21.50 50.22 -39.53
N ALA J 177 -21.85 50.08 -40.81
CA ALA J 177 -21.00 49.37 -41.79
C ALA J 177 -19.58 49.89 -41.87
N ILE J 178 -19.39 51.21 -41.74
CA ILE J 178 -18.02 51.76 -41.77
C ILE J 178 -17.24 51.33 -40.52
N ALA J 179 -17.95 51.27 -39.38
CA ALA J 179 -17.34 50.80 -38.14
C ALA J 179 -17.02 49.32 -38.20
N TYR J 180 -17.79 48.58 -39.01
CA TYR J 180 -17.57 47.15 -39.16
C TYR J 180 -16.32 46.88 -40.01
N VAL J 181 -16.16 47.64 -41.08
CA VAL J 181 -14.93 47.54 -41.88
C VAL J 181 -13.72 48.01 -41.05
N GLU J 182 -13.95 49.02 -40.19
CA GLU J 182 -12.94 49.43 -39.20
C GLU J 182 -12.47 48.23 -38.41
N ALA J 183 -13.43 47.47 -37.88
CA ALA J 183 -13.14 46.34 -37.00
C ALA J 183 -12.57 45.13 -37.73
N GLY J 184 -12.54 45.16 -39.06
CA GLY J 184 -11.79 44.16 -39.83
C GLY J 184 -12.58 43.41 -40.88
N ALA J 185 -13.89 43.65 -40.94
CA ALA J 185 -14.78 42.98 -41.88
C ALA J 185 -14.34 43.22 -43.31
N ASP J 186 -14.29 42.16 -44.09
CA ASP J 186 -13.78 42.20 -45.45
C ASP J 186 -14.80 42.69 -46.49
N MET J 187 -16.08 42.40 -46.22
CA MET J 187 -17.18 42.66 -47.15
C MET J 187 -18.48 42.88 -46.35
N ILE J 188 -19.48 43.51 -46.96
CA ILE J 188 -20.67 43.91 -46.24
C ILE J 188 -21.95 43.41 -46.91
N PHE J 189 -22.90 42.94 -46.10
CA PHE J 189 -24.16 42.35 -46.56
C PHE J 189 -25.27 43.18 -45.94
N PRO J 190 -25.77 44.22 -46.67
CA PRO J 190 -26.84 45.07 -46.18
C PRO J 190 -28.21 44.50 -46.51
N GLU J 191 -28.93 44.09 -45.48
CA GLU J 191 -30.24 43.49 -45.66
C GLU J 191 -31.33 44.44 -46.10
N ALA J 192 -32.22 43.93 -46.94
CA ALA J 192 -33.46 44.63 -47.34
C ALA J 192 -33.24 46.08 -47.80
N MET J 193 -32.72 46.21 -49.02
CA MET J 193 -32.67 47.51 -49.69
C MET J 193 -33.83 47.55 -50.66
N LYS J 194 -34.47 48.71 -50.78
CA LYS J 194 -35.68 48.82 -51.61
C LYS J 194 -35.40 49.27 -53.03
N THR J 195 -34.37 50.09 -53.23
CA THR J 195 -34.06 50.68 -54.54
C THR J 195 -32.62 50.41 -54.97
N LEU J 196 -32.36 50.47 -56.27
CA LEU J 196 -31.00 50.38 -56.83
C LEU J 196 -30.07 51.45 -56.29
N ASP J 197 -30.64 52.58 -55.89
CA ASP J 197 -29.89 53.72 -55.35
C ASP J 197 -29.35 53.44 -53.94
N ASP J 198 -30.18 52.80 -53.12
CA ASP J 198 -29.76 52.37 -51.79
C ASP J 198 -28.40 51.67 -51.89
N TYR J 199 -28.29 50.71 -52.81
CA TYR J 199 -27.06 49.95 -53.01
C TYR J 199 -25.88 50.81 -53.50
N ARG J 200 -26.14 51.67 -54.49
CA ARG J 200 -25.16 52.62 -55.03
C ARG J 200 -24.47 53.46 -53.94
N ARG J 201 -25.28 54.05 -53.07
CA ARG J 201 -24.79 54.93 -52.02
C ARG J 201 -23.98 54.14 -51.03
N PHE J 202 -24.48 52.96 -50.69
CA PHE J 202 -23.83 52.09 -49.69
C PHE J 202 -22.44 51.73 -50.16
N LYS J 203 -22.34 51.25 -51.40
CA LYS J 203 -21.06 50.85 -52.00
C LYS J 203 -20.04 52.00 -51.98
N GLU J 204 -20.54 53.20 -52.27
CA GLU J 204 -19.74 54.41 -52.29
C GLU J 204 -19.22 54.83 -50.93
N ALA J 205 -20.06 54.65 -49.91
CA ALA J 205 -19.68 55.02 -48.55
C ALA J 205 -18.73 54.01 -47.89
N VAL J 206 -19.00 52.72 -48.06
CA VAL J 206 -18.23 51.65 -47.38
C VAL J 206 -16.94 51.20 -48.10
N LYS J 207 -16.89 51.39 -49.42
CA LYS J 207 -15.66 51.20 -50.20
C LYS J 207 -15.18 49.74 -50.26
N VAL J 208 -15.93 48.81 -49.69
CA VAL J 208 -15.58 47.37 -49.78
C VAL J 208 -16.60 46.65 -50.62
N PRO J 209 -16.30 45.41 -51.06
CA PRO J 209 -17.33 44.64 -51.79
C PRO J 209 -18.65 44.50 -51.04
N ILE J 210 -19.72 44.45 -51.80
CA ILE J 210 -21.10 44.56 -51.32
C ILE J 210 -21.94 43.43 -51.91
N LEU J 211 -22.83 42.87 -51.08
CA LEU J 211 -23.66 41.77 -51.52
C LEU J 211 -25.16 42.12 -51.52
N ALA J 212 -25.85 41.67 -52.56
CA ALA J 212 -27.28 41.92 -52.67
C ALA J 212 -28.04 40.62 -52.53
N ASN J 213 -28.92 40.54 -51.53
CA ASN J 213 -29.65 39.30 -51.30
C ASN J 213 -30.95 39.25 -52.11
N LEU J 214 -30.89 38.50 -53.20
CA LEU J 214 -32.00 38.37 -54.13
C LEU J 214 -32.96 37.29 -53.64
N THR J 215 -33.84 37.65 -52.72
CA THR J 215 -34.72 36.66 -52.13
C THR J 215 -36.16 36.78 -52.64
N GLU J 216 -36.76 35.65 -52.93
CA GLU J 216 -38.14 35.58 -53.43
C GLU J 216 -39.16 35.69 -52.31
N PHE J 217 -40.33 36.24 -52.61
CA PHE J 217 -41.42 36.39 -51.62
C PHE J 217 -41.12 37.42 -50.50
N GLY J 218 -40.06 38.22 -50.67
CA GLY J 218 -39.68 39.22 -49.67
C GLY J 218 -40.23 40.60 -50.01
N SER J 219 -39.53 41.65 -49.55
CA SER J 219 -39.88 43.01 -49.95
C SER J 219 -39.02 43.51 -51.11
N THR J 220 -37.72 43.23 -51.03
CA THR J 220 -36.77 43.43 -52.13
C THR J 220 -37.31 42.92 -53.50
N PRO J 221 -37.39 43.80 -54.50
CA PRO J 221 -37.56 43.33 -55.88
C PRO J 221 -36.45 42.41 -56.37
N LEU J 222 -36.75 41.56 -57.34
CA LEU J 222 -35.76 40.63 -57.88
C LEU J 222 -34.94 41.29 -58.97
N PHE J 223 -33.96 42.10 -58.57
CA PHE J 223 -33.09 42.85 -59.47
C PHE J 223 -32.29 41.96 -60.46
N THR J 224 -32.07 42.45 -61.68
CA THR J 224 -31.33 41.73 -62.71
C THR J 224 -29.81 41.93 -62.53
N LEU J 225 -29.00 41.05 -63.11
CA LEU J 225 -27.53 41.19 -63.10
C LEU J 225 -27.09 42.57 -63.56
N ASP J 226 -27.68 43.05 -64.66
CA ASP J 226 -27.31 44.36 -65.19
C ASP J 226 -27.68 45.48 -64.25
N GLU J 227 -28.93 45.45 -63.75
CA GLU J 227 -29.36 46.45 -62.79
C GLU J 227 -28.34 46.56 -61.66
N LEU J 228 -27.95 45.40 -61.12
CA LEU J 228 -26.96 45.34 -60.05
C LEU J 228 -25.56 45.81 -60.50
N LYS J 229 -25.13 45.41 -61.69
CA LYS J 229 -23.83 45.89 -62.22
C LYS J 229 -23.79 47.42 -62.27
N GLY J 230 -24.89 48.02 -62.75
CA GLY J 230 -25.03 49.47 -62.82
C GLY J 230 -25.04 50.13 -61.47
N ALA J 231 -25.47 49.39 -60.44
CA ALA J 231 -25.52 49.92 -59.08
C ALA J 231 -24.20 49.70 -58.33
N ASN J 232 -23.24 49.06 -59.00
CA ASN J 232 -21.91 48.76 -58.45
C ASN J 232 -21.80 47.71 -57.33
N VAL J 233 -22.82 46.85 -57.23
CA VAL J 233 -22.85 45.66 -56.36
C VAL J 233 -21.84 44.60 -56.86
N ASP J 234 -21.14 43.96 -55.92
CA ASP J 234 -20.14 42.93 -56.26
C ASP J 234 -20.67 41.50 -56.27
N ILE J 235 -21.71 41.24 -55.48
CA ILE J 235 -22.19 39.88 -55.30
C ILE J 235 -23.71 39.82 -55.35
N ALA J 236 -24.21 38.97 -56.24
CA ALA J 236 -25.63 38.66 -56.33
C ALA J 236 -25.91 37.28 -55.71
N LEU J 237 -26.74 37.26 -54.68
CA LEU J 237 -26.96 36.06 -53.91
C LEU J 237 -28.38 35.48 -54.04
N TYR J 238 -28.45 34.31 -54.64
CA TYR J 238 -29.71 33.60 -54.81
C TYR J 238 -29.74 32.49 -53.78
N CYS J 239 -30.15 32.83 -52.57
CA CYS J 239 -29.96 31.95 -51.42
C CYS J 239 -30.93 30.81 -51.24
N CYS J 240 -32.16 30.91 -51.76
CA CYS J 240 -33.20 29.94 -51.41
C CYS J 240 -33.97 29.32 -52.57
N GLY J 241 -33.88 29.95 -53.73
CA GLY J 241 -34.66 29.55 -54.88
C GLY J 241 -34.59 28.05 -55.08
N ALA J 242 -33.37 27.58 -55.24
CA ALA J 242 -33.06 26.16 -55.35
C ALA J 242 -34.01 25.31 -54.51
N TYR J 243 -33.99 25.48 -53.19
CA TYR J 243 -34.73 24.55 -52.36
C TYR J 243 -36.25 24.73 -52.39
N ARG J 244 -36.71 25.97 -52.58
CA ARG J 244 -38.12 26.21 -52.79
C ARG J 244 -38.61 25.42 -54.00
N ALA J 245 -37.88 25.52 -55.11
CA ALA J 245 -38.24 24.75 -56.29
C ALA J 245 -38.29 23.28 -55.99
N MET J 246 -37.24 22.77 -55.34
CA MET J 246 -37.17 21.33 -55.14
C MET J 246 -38.21 20.82 -54.15
N ASN J 247 -38.53 21.63 -53.14
CA ASN J 247 -39.63 21.25 -52.20
C ASN J 247 -41.04 21.12 -52.83
N LYS J 248 -41.37 21.98 -53.80
CA LYS J 248 -42.65 21.91 -54.49
C LYS J 248 -42.70 20.64 -55.33
N ALA J 249 -41.64 20.36 -56.07
CA ALA J 249 -41.54 19.14 -56.87
C ALA J 249 -41.81 17.93 -56.01
N ALA J 250 -41.32 17.94 -54.77
CA ALA J 250 -41.39 16.78 -53.92
C ALA J 250 -42.80 16.62 -53.39
N LEU J 251 -43.40 17.71 -52.93
CA LEU J 251 -44.80 17.72 -52.49
C LEU J 251 -45.68 17.20 -53.60
N ASN J 252 -45.47 17.70 -54.82
CA ASN J 252 -46.24 17.25 -55.99
C ASN J 252 -46.16 15.73 -56.14
N PHE J 253 -44.92 15.20 -56.05
CA PHE J 253 -44.71 13.76 -56.15
C PHE J 253 -45.52 13.01 -55.10
N TYR J 254 -45.44 13.47 -53.84
CA TYR J 254 -46.18 12.81 -52.77
C TYR J 254 -47.68 12.85 -53.01
N GLU J 255 -48.18 14.01 -53.43
CA GLU J 255 -49.59 14.16 -53.67
C GLU J 255 -50.07 13.26 -54.81
N THR J 256 -49.36 13.25 -55.94
CA THR J 256 -49.77 12.39 -57.07
C THR J 256 -49.76 10.91 -56.67
N VAL J 257 -48.86 10.55 -55.77
CA VAL J 257 -48.74 9.17 -55.41
C VAL J 257 -49.88 8.77 -54.53
N ARG J 258 -50.29 9.67 -53.64
CA ARG J 258 -51.37 9.34 -52.73
C ARG J 258 -52.72 9.40 -53.45
N ARG J 259 -52.84 10.26 -54.47
CA ARG J 259 -54.11 10.36 -55.22
C ARG J 259 -54.27 9.22 -56.20
N ASP J 260 -53.24 8.96 -57.00
CA ASP J 260 -53.35 8.07 -58.15
C ASP J 260 -53.04 6.60 -57.86
N GLY J 261 -52.47 6.31 -56.70
CA GLY J 261 -52.05 4.92 -56.40
C GLY J 261 -50.85 4.46 -57.25
N THR J 262 -50.15 5.41 -57.86
CA THR J 262 -49.02 5.14 -58.72
C THR J 262 -48.33 6.49 -58.97
N GLN J 263 -47.03 6.48 -59.20
CA GLN J 263 -46.32 7.72 -59.47
C GLN J 263 -46.27 8.04 -60.98
N LYS J 264 -46.90 7.20 -61.78
CA LYS J 264 -46.81 7.28 -63.22
C LYS J 264 -46.85 8.74 -63.73
N ALA J 265 -47.87 9.47 -63.25
CA ALA J 265 -48.15 10.85 -63.68
C ALA J 265 -46.98 11.80 -63.44
N ALA J 266 -46.12 11.47 -62.47
CA ALA J 266 -45.09 12.40 -62.07
C ALA J 266 -43.70 12.17 -62.71
N VAL J 267 -43.53 11.08 -63.44
CA VAL J 267 -42.19 10.77 -63.92
C VAL J 267 -41.57 11.85 -64.84
N PRO J 268 -42.39 12.53 -65.66
CA PRO J 268 -41.75 13.62 -66.43
C PRO J 268 -41.15 14.77 -65.58
N THR J 269 -41.41 14.81 -64.27
CA THR J 269 -40.87 15.85 -63.38
C THR J 269 -39.55 15.45 -62.75
N MET J 270 -39.18 14.20 -62.99
CA MET J 270 -37.98 13.56 -62.45
C MET J 270 -36.75 13.60 -63.36
N GLN J 271 -35.61 13.87 -62.74
CA GLN J 271 -34.33 13.75 -63.41
C GLN J 271 -34.03 12.28 -63.59
N THR J 272 -33.55 11.93 -64.80
CA THR J 272 -33.36 10.53 -65.17
C THR J 272 -32.23 9.85 -64.42
N ARG J 273 -32.19 8.52 -64.56
CA ARG J 273 -31.06 7.74 -64.08
C ARG J 273 -29.83 8.24 -64.75
N ALA J 274 -29.84 8.21 -66.08
CA ALA J 274 -28.70 8.65 -66.89
C ALA J 274 -28.18 10.05 -66.52
N GLN J 275 -29.09 10.96 -66.17
CA GLN J 275 -28.72 12.32 -65.82
C GLN J 275 -28.06 12.35 -64.44
N LEU J 276 -28.48 11.44 -63.57
CA LEU J 276 -27.93 11.39 -62.23
C LEU J 276 -26.50 10.91 -62.35
N TYR J 277 -26.36 9.70 -62.89
CA TYR J 277 -25.09 9.04 -63.07
C TYR J 277 -24.07 10.01 -63.62
N ASP J 278 -24.53 10.86 -64.53
CA ASP J 278 -23.66 11.79 -65.21
C ASP J 278 -23.14 12.94 -64.35
N TYR J 279 -24.01 13.73 -63.74
CA TYR J 279 -23.55 14.75 -62.79
C TYR J 279 -22.72 14.16 -61.65
N LEU J 280 -23.13 12.97 -61.20
CA LEU J 280 -22.56 12.23 -60.05
C LEU J 280 -21.18 11.59 -60.32
N GLY J 281 -20.88 11.32 -61.60
CA GLY J 281 -19.54 10.85 -62.05
C GLY J 281 -19.20 9.36 -62.08
N TYR J 282 -20.22 8.48 -62.11
CA TYR J 282 -20.06 7.00 -62.09
C TYR J 282 -18.89 6.39 -62.87
N TYR J 283 -18.51 7.01 -63.98
CA TYR J 283 -17.42 6.43 -64.75
C TYR J 283 -16.05 6.81 -64.20
N ALA J 284 -15.75 8.11 -64.09
CA ALA J 284 -14.53 8.57 -63.40
C ALA J 284 -14.08 7.62 -62.27
N TYR J 285 -15.04 7.12 -61.47
CA TYR J 285 -14.77 6.07 -60.48
C TYR J 285 -14.31 4.79 -61.13
N GLU J 286 -15.10 4.29 -62.08
CA GLU J 286 -14.76 3.09 -62.86
C GLU J 286 -13.34 3.14 -63.45
N GLU J 287 -12.85 4.35 -63.64
CA GLU J 287 -11.58 4.54 -64.29
C GLU J 287 -10.46 4.77 -63.30
N LYS J 288 -10.79 5.29 -62.10
CA LYS J 288 -9.81 5.36 -61.00
C LYS J 288 -9.26 3.95 -60.81
N LEU J 289 -10.17 3.01 -60.50
CA LEU J 289 -9.90 1.59 -60.53
C LEU J 289 -8.98 1.03 -61.64
N ASP J 290 -9.39 1.17 -62.90
CA ASP J 290 -8.62 0.65 -64.05
C ASP J 290 -7.24 1.29 -64.12
N GLN J 291 -7.18 2.62 -64.02
CA GLN J 291 -5.93 3.40 -64.02
C GLN J 291 -5.11 3.20 -62.72
N LEU J 292 -5.34 2.09 -61.99
CA LEU J 292 -4.51 1.69 -60.85
C LEU J 292 -4.17 0.20 -60.88
N PHE J 293 -5.05 -0.62 -61.45
CA PHE J 293 -4.89 -2.08 -61.42
C PHE J 293 -5.22 -2.76 -62.77
N ILE K 8 21.09 0.10 37.68
CA ILE K 8 21.16 -0.59 36.36
C ILE K 8 20.74 -2.08 36.44
N SER K 9 20.62 -2.73 35.27
CA SER K 9 20.02 -4.07 35.09
C SER K 9 20.71 -5.21 35.83
N ALA K 10 19.92 -6.20 36.25
CA ALA K 10 20.40 -7.32 37.05
C ALA K 10 21.32 -8.20 36.24
N GLY K 11 21.00 -8.38 34.96
CA GLY K 11 21.84 -9.15 34.05
C GLY K 11 23.26 -8.59 33.96
N ALA K 12 23.34 -7.28 33.77
CA ALA K 12 24.60 -6.55 33.76
C ALA K 12 25.41 -6.81 35.03
N LYS K 13 24.76 -6.68 36.19
CA LYS K 13 25.40 -6.96 37.48
C LYS K 13 26.05 -8.34 37.49
N PHE K 14 25.34 -9.32 36.92
CA PHE K 14 25.81 -10.68 36.94
C PHE K 14 27.03 -10.85 36.04
N ARG K 15 26.94 -10.33 34.82
CA ARG K 15 28.04 -10.41 33.86
C ARG K 15 29.30 -9.73 34.42
N ALA K 16 29.10 -8.58 35.06
CA ALA K 16 30.20 -7.83 35.69
C ALA K 16 30.84 -8.64 36.82
N ALA K 17 30.01 -9.29 37.63
CA ALA K 17 30.47 -10.13 38.70
C ALA K 17 31.31 -11.34 38.24
N VAL K 18 30.98 -11.91 37.08
CA VAL K 18 31.76 -13.00 36.52
C VAL K 18 33.12 -12.52 36.00
N ALA K 19 33.14 -11.34 35.41
CA ALA K 19 34.40 -10.75 34.93
C ALA K 19 35.29 -10.31 36.10
N ALA K 20 34.69 -9.99 37.26
CA ALA K 20 35.44 -9.39 38.36
C ALA K 20 35.99 -10.39 39.38
N GLU K 21 35.55 -11.64 39.32
CA GLU K 21 35.94 -12.64 40.29
C GLU K 21 35.99 -13.98 39.58
N GLN K 22 37.20 -14.55 39.45
CA GLN K 22 37.31 -15.84 38.77
C GLN K 22 38.12 -16.89 39.51
N PRO K 23 37.50 -18.06 39.73
CA PRO K 23 36.05 -18.21 39.49
C PRO K 23 35.17 -17.45 40.48
N LEU K 24 33.95 -17.15 40.06
CA LEU K 24 32.97 -16.45 40.86
C LEU K 24 32.21 -17.41 41.77
N GLN K 25 32.29 -17.17 43.08
CA GLN K 25 31.48 -17.93 44.03
C GLN K 25 30.07 -17.39 44.04
N VAL K 26 29.11 -18.30 43.88
CA VAL K 26 27.70 -17.94 44.02
C VAL K 26 26.92 -18.96 44.85
N VAL K 27 26.33 -18.47 45.94
CA VAL K 27 25.72 -19.33 46.97
C VAL K 27 24.21 -19.33 46.96
N GLY K 28 23.64 -20.50 47.23
CA GLY K 28 22.19 -20.64 47.29
C GLY K 28 21.60 -20.03 48.53
N ALA K 29 20.43 -19.42 48.35
CA ALA K 29 19.63 -18.89 49.47
C ALA K 29 18.17 -19.36 49.39
N ILE K 30 17.65 -19.92 50.47
CA ILE K 30 16.27 -20.40 50.41
C ILE K 30 15.24 -19.37 50.86
N THR K 31 15.68 -18.33 51.56
CA THR K 31 14.81 -17.24 51.98
C THR K 31 15.45 -15.90 51.63
N ALA K 32 14.62 -14.85 51.64
CA ALA K 32 15.09 -13.48 51.47
C ALA K 32 16.21 -13.12 52.48
N TYR K 33 15.99 -13.47 53.77
CA TYR K 33 16.96 -13.20 54.82
C TYR K 33 18.31 -13.85 54.56
N ALA K 34 18.28 -15.12 54.15
CA ALA K 34 19.49 -15.86 53.84
C ALA K 34 20.32 -15.08 52.83
N ALA K 35 19.64 -14.57 51.79
CA ALA K 35 20.31 -13.78 50.75
C ALA K 35 20.98 -12.55 51.32
N LYS K 36 20.29 -11.85 52.23
CA LYS K 36 20.85 -10.68 52.87
C LYS K 36 22.13 -10.98 53.63
N MET K 37 22.15 -12.12 54.31
CA MET K 37 23.35 -12.57 55.00
C MET K 37 24.48 -12.87 54.03
N ALA K 38 24.17 -13.63 52.98
CA ALA K 38 25.10 -13.88 51.90
C ALA K 38 25.76 -12.58 51.40
N GLU K 39 24.97 -11.52 51.27
CA GLU K 39 25.49 -10.23 50.81
C GLU K 39 26.43 -9.58 51.81
N ALA K 40 26.00 -9.59 53.08
CA ALA K 40 26.79 -9.10 54.21
C ALA K 40 28.15 -9.77 54.27
N VAL K 41 28.19 -11.09 54.01
CA VAL K 41 29.46 -11.82 54.08
C VAL K 41 30.39 -11.49 52.91
N GLY K 42 29.85 -10.87 51.86
CA GLY K 42 30.67 -10.38 50.78
C GLY K 42 30.58 -11.05 49.42
N PHE K 43 29.69 -12.03 49.26
CA PHE K 43 29.49 -12.67 47.95
C PHE K 43 28.91 -11.68 46.94
N LYS K 44 29.16 -11.95 45.66
CA LYS K 44 28.74 -11.06 44.58
C LYS K 44 27.48 -11.52 43.83
N ALA K 45 27.01 -12.74 44.12
CA ALA K 45 25.86 -13.33 43.44
C ALA K 45 25.16 -14.41 44.30
N VAL K 46 23.86 -14.57 44.11
CA VAL K 46 23.13 -15.59 44.84
C VAL K 46 22.32 -16.49 43.92
N TYR K 47 21.86 -17.63 44.46
CA TYR K 47 21.21 -18.69 43.69
C TYR K 47 19.89 -19.14 44.28
N LEU K 48 18.90 -19.35 43.42
CA LEU K 48 17.62 -19.88 43.81
C LEU K 48 17.50 -21.27 43.22
N SER K 49 17.64 -22.27 44.07
CA SER K 49 17.59 -23.66 43.67
C SER K 49 16.17 -24.17 43.51
N GLY K 50 15.91 -24.83 42.37
CA GLY K 50 14.62 -25.43 42.07
C GLY K 50 14.14 -26.45 43.10
N GLY K 51 15.03 -27.40 43.41
CA GLY K 51 14.73 -28.43 44.39
C GLY K 51 14.63 -27.84 45.77
N GLY K 52 15.34 -26.71 45.95
CA GLY K 52 15.30 -25.88 47.17
C GLY K 52 13.93 -25.30 47.47
N VAL K 53 13.32 -24.71 46.44
CA VAL K 53 11.96 -24.16 46.50
C VAL K 53 10.98 -25.26 46.88
N ALA K 54 11.09 -26.39 46.20
CA ALA K 54 10.14 -27.48 46.39
C ALA K 54 10.22 -28.09 47.80
N ALA K 55 11.42 -28.42 48.24
CA ALA K 55 11.61 -29.06 49.52
C ALA K 55 11.24 -28.16 50.68
N ASN K 56 11.75 -26.93 50.67
CA ASN K 56 11.65 -26.01 51.82
C ASN K 56 10.37 -25.18 51.82
N SER K 57 10.07 -24.53 50.70
CA SER K 57 8.91 -23.66 50.67
C SER K 57 7.61 -24.45 50.60
N LEU K 58 7.63 -25.60 49.92
CA LEU K 58 6.40 -26.35 49.63
C LEU K 58 6.27 -27.66 50.38
N GLY K 59 7.38 -28.21 50.87
CA GLY K 59 7.33 -29.45 51.66
C GLY K 59 7.13 -30.68 50.80
N ILE K 60 7.64 -30.64 49.56
CA ILE K 60 7.47 -31.70 48.61
C ILE K 60 8.76 -32.00 47.82
N PRO K 61 8.96 -33.28 47.42
CA PRO K 61 10.13 -33.77 46.66
C PRO K 61 10.34 -33.07 45.33
N ASP K 62 11.56 -33.14 44.82
CA ASP K 62 11.90 -32.48 43.55
C ASP K 62 11.46 -33.34 42.39
N LEU K 63 10.15 -33.47 42.21
CA LEU K 63 9.60 -34.37 41.23
C LEU K 63 8.84 -33.64 40.12
N GLY K 64 9.30 -32.44 39.78
CA GLY K 64 8.60 -31.59 38.82
C GLY K 64 7.18 -31.17 39.19
N ILE K 65 6.88 -31.06 40.49
CA ILE K 65 5.57 -30.61 40.92
C ILE K 65 5.56 -29.09 41.08
N SER K 66 6.64 -28.55 41.64
CA SER K 66 6.89 -27.12 41.67
C SER K 66 6.48 -26.43 40.35
N THR K 67 5.70 -25.34 40.45
CA THR K 67 5.27 -24.60 39.25
C THR K 67 5.99 -23.28 39.09
N MET K 68 5.94 -22.70 37.89
CA MET K 68 6.53 -21.40 37.60
C MET K 68 6.22 -20.33 38.66
N ASP K 69 5.00 -20.36 39.18
CA ASP K 69 4.55 -19.39 40.17
C ASP K 69 5.19 -19.60 41.52
N ASP K 70 5.39 -20.88 41.89
CA ASP K 70 6.01 -21.15 43.15
C ASP K 70 7.40 -20.54 43.16
N VAL K 71 8.16 -20.75 42.10
CA VAL K 71 9.50 -20.20 41.99
C VAL K 71 9.48 -18.66 41.86
N LEU K 72 8.52 -18.11 41.13
CA LEU K 72 8.33 -16.65 41.10
C LEU K 72 8.13 -15.98 42.47
N VAL K 73 7.25 -16.50 43.33
CA VAL K 73 7.07 -15.85 44.63
C VAL K 73 8.41 -15.77 45.42
N ASP K 74 9.17 -16.85 45.48
CA ASP K 74 10.47 -16.82 46.19
C ASP K 74 11.49 -15.89 45.47
N ALA K 75 11.54 -15.97 44.13
CA ALA K 75 12.43 -15.11 43.36
C ALA K 75 12.15 -13.63 43.61
N ASN K 76 10.88 -13.26 43.69
CA ASN K 76 10.47 -11.88 43.98
C ASN K 76 10.87 -11.44 45.39
N ARG K 77 10.67 -12.31 46.38
CA ARG K 77 11.01 -11.99 47.76
C ARG K 77 12.50 -11.69 47.88
N ILE K 78 13.31 -12.53 47.23
CA ILE K 78 14.76 -12.40 47.27
C ILE K 78 15.29 -11.18 46.52
N THR K 79 14.88 -10.93 45.27
CA THR K 79 15.42 -9.73 44.59
C THR K 79 14.96 -8.40 45.19
N ASN K 80 13.86 -8.42 45.94
CA ASN K 80 13.39 -7.30 46.75
C ASN K 80 14.31 -6.97 47.90
N ALA K 81 14.95 -8.02 48.43
CA ALA K 81 15.62 -7.94 49.74
C ALA K 81 17.13 -7.76 49.65
N THR K 82 17.71 -8.12 48.50
CA THR K 82 19.12 -7.96 48.24
C THR K 82 19.30 -7.26 46.90
N ASN K 83 20.46 -6.65 46.67
CA ASN K 83 20.72 -6.04 45.36
C ASN K 83 21.81 -6.78 44.61
N LEU K 84 22.18 -7.95 45.13
CA LEU K 84 23.04 -8.88 44.40
C LEU K 84 22.27 -9.50 43.24
N PRO K 85 22.94 -9.75 42.09
CA PRO K 85 22.22 -10.43 41.01
C PRO K 85 21.89 -11.87 41.41
N LEU K 86 20.71 -12.34 41.03
CA LEU K 86 20.21 -13.67 41.40
C LEU K 86 20.17 -14.55 40.18
N LEU K 87 20.62 -15.80 40.33
CA LEU K 87 20.49 -16.84 39.31
C LEU K 87 19.40 -17.84 39.71
N VAL K 88 18.52 -18.19 38.77
CA VAL K 88 17.39 -19.05 39.12
C VAL K 88 17.32 -20.32 38.28
N ASP K 89 17.09 -21.44 38.96
CA ASP K 89 16.76 -22.74 38.36
C ASP K 89 15.35 -22.74 37.79
N ILE K 90 15.21 -22.79 36.46
CA ILE K 90 13.88 -22.78 35.87
C ILE K 90 13.49 -24.11 35.19
N ASP K 91 14.14 -25.20 35.58
CA ASP K 91 13.87 -26.55 35.01
C ASP K 91 13.82 -26.55 33.47
N THR K 92 12.72 -27.05 32.93
CA THR K 92 12.57 -27.13 31.49
C THR K 92 11.73 -25.98 30.97
N GLY K 93 11.34 -25.07 31.84
CA GLY K 93 10.69 -23.82 31.42
C GLY K 93 9.18 -23.89 31.64
N TRP K 94 8.72 -25.04 32.14
CA TRP K 94 7.29 -25.26 32.43
C TRP K 94 6.39 -25.24 31.17
N GLY K 95 6.80 -25.97 30.13
CA GLY K 95 5.98 -26.14 28.92
C GLY K 95 6.62 -25.87 27.54
N GLY K 96 5.77 -25.73 26.53
CA GLY K 96 6.24 -25.47 25.17
C GLY K 96 6.83 -24.08 24.99
N ALA K 97 7.01 -23.69 23.73
CA ALA K 97 7.71 -22.46 23.37
C ALA K 97 6.99 -21.23 23.88
N PHE K 98 5.66 -21.32 23.98
CA PHE K 98 4.85 -20.23 24.49
C PHE K 98 5.08 -20.00 25.95
N ASN K 99 5.29 -21.10 26.68
CA ASN K 99 5.44 -21.03 28.12
C ASN K 99 6.83 -20.62 28.53
N ILE K 100 7.82 -21.18 27.83
CA ILE K 100 9.20 -20.76 27.98
C ILE K 100 9.26 -19.25 27.82
N ALA K 101 8.55 -18.71 26.82
CA ALA K 101 8.54 -17.26 26.58
C ALA K 101 7.98 -16.54 27.79
N ARG K 102 6.82 -16.97 28.28
CA ARG K 102 6.20 -16.35 29.46
C ARG K 102 7.13 -16.44 30.65
N THR K 103 7.78 -17.59 30.83
CA THR K 103 8.76 -17.76 31.90
C THR K 103 9.85 -16.70 31.84
N ILE K 104 10.47 -16.57 30.66
CA ILE K 104 11.57 -15.63 30.45
C ILE K 104 11.12 -14.21 30.79
N ARG K 105 9.96 -13.82 30.28
CA ARG K 105 9.49 -12.47 30.51
C ARG K 105 9.21 -12.22 31.99
N SER K 106 8.60 -13.22 32.66
CA SER K 106 8.22 -13.12 34.06
C SER K 106 9.42 -12.95 34.97
N PHE K 107 10.47 -13.72 34.70
CA PHE K 107 11.71 -13.68 35.50
C PHE K 107 12.58 -12.42 35.20
N ILE K 108 12.44 -11.86 34.00
CA ILE K 108 13.09 -10.60 33.73
C ILE K 108 12.43 -9.55 34.59
N LYS K 109 11.11 -9.45 34.46
CA LYS K 109 10.36 -8.49 35.24
C LYS K 109 10.56 -8.62 36.76
N ALA K 110 10.78 -9.84 37.25
CA ALA K 110 11.02 -10.07 38.67
C ALA K 110 12.40 -9.54 39.12
N GLY K 111 13.21 -9.08 38.18
CA GLY K 111 14.52 -8.49 38.51
C GLY K 111 15.68 -9.48 38.64
N VAL K 112 15.54 -10.64 38.00
CA VAL K 112 16.51 -11.72 38.16
C VAL K 112 17.65 -11.47 37.18
N GLY K 113 18.86 -11.92 37.54
CA GLY K 113 20.05 -11.71 36.71
C GLY K 113 20.30 -12.73 35.60
N ALA K 114 20.14 -13.99 35.97
CA ALA K 114 20.40 -15.08 35.04
C ALA K 114 19.58 -16.31 35.44
N VAL K 115 19.20 -17.14 34.46
CA VAL K 115 18.42 -18.35 34.77
C VAL K 115 18.98 -19.54 33.99
N HIS K 116 18.83 -20.75 34.54
CA HIS K 116 19.30 -21.96 33.84
C HIS K 116 18.20 -22.99 33.40
N LEU K 117 18.20 -23.25 32.09
CA LEU K 117 17.40 -24.27 31.43
C LEU K 117 18.17 -25.58 31.37
N GLU K 118 17.54 -26.67 31.79
CA GLU K 118 18.15 -27.98 31.58
C GLU K 118 17.44 -28.83 30.53
N ASP K 119 18.21 -29.61 29.79
CA ASP K 119 17.69 -30.44 28.71
C ASP K 119 16.96 -31.72 29.20
N GLN K 120 16.33 -31.65 30.37
CA GLN K 120 15.55 -32.77 30.89
C GLN K 120 14.34 -33.09 30.01
N VAL K 121 13.76 -34.26 30.24
CA VAL K 121 12.60 -34.67 29.48
C VAL K 121 11.38 -33.89 29.98
N GLY K 122 10.50 -33.46 29.07
CA GLY K 122 9.30 -32.70 29.42
C GLY K 122 8.31 -33.38 30.37
N GLN K 123 7.05 -32.91 30.34
CA GLN K 123 6.00 -33.64 31.02
C GLN K 123 5.74 -34.90 30.21
N LYS K 124 6.18 -36.03 30.72
CA LYS K 124 5.94 -37.28 30.04
C LYS K 124 4.53 -37.75 30.42
N ARG K 125 4.04 -38.80 29.72
CA ARG K 125 2.76 -39.47 30.05
C ARG K 125 2.40 -39.40 31.56
N CYS K 126 1.12 -39.19 31.85
CA CYS K 126 0.62 -38.98 33.21
C CYS K 126 1.13 -39.96 34.28
N GLY K 127 1.39 -41.21 33.91
CA GLY K 127 1.70 -42.26 34.87
C GLY K 127 3.15 -42.62 35.08
N HIS K 128 4.02 -42.08 34.24
CA HIS K 128 5.47 -42.33 34.28
C HIS K 128 6.09 -42.12 35.67
N ARG K 129 7.04 -42.97 36.05
CA ARG K 129 7.74 -42.84 37.34
C ARG K 129 8.74 -41.67 37.24
N PRO K 130 9.24 -41.14 38.41
CA PRO K 130 10.20 -40.01 38.33
C PRO K 130 11.59 -40.50 37.89
N GLY K 131 12.18 -39.86 36.89
CA GLY K 131 13.45 -40.34 36.33
C GLY K 131 14.30 -39.31 35.64
N LYS K 132 15.58 -39.62 35.45
CA LYS K 132 16.46 -38.70 34.75
C LYS K 132 16.50 -39.09 33.28
N GLU K 133 16.25 -38.14 32.38
CA GLU K 133 16.30 -38.43 30.94
C GLU K 133 16.36 -37.17 30.07
N CYS K 134 16.97 -37.32 28.92
CA CYS K 134 17.29 -36.19 28.05
C CYS K 134 16.43 -36.08 26.81
N VAL K 135 16.57 -34.94 26.14
CA VAL K 135 15.88 -34.69 24.89
C VAL K 135 16.95 -34.72 23.82
N PRO K 136 16.58 -34.94 22.55
CA PRO K 136 17.51 -34.74 21.43
C PRO K 136 18.01 -33.30 21.33
N ALA K 137 19.30 -33.15 21.05
CA ALA K 137 19.94 -31.83 21.01
C ALA K 137 19.07 -30.69 20.44
N GLY K 138 18.38 -30.98 19.32
CA GLY K 138 17.55 -30.00 18.57
C GLY K 138 16.29 -29.55 19.31
N GLU K 139 15.78 -30.46 20.15
CA GLU K 139 14.69 -30.20 21.09
C GLU K 139 15.06 -29.08 22.06
N MET K 140 16.20 -29.27 22.73
CA MET K 140 16.84 -28.25 23.57
C MET K 140 17.28 -27.01 22.80
N VAL K 141 17.72 -27.20 21.54
CA VAL K 141 18.01 -26.03 20.68
C VAL K 141 16.74 -25.22 20.47
N ASP K 142 15.62 -25.90 20.24
CA ASP K 142 14.34 -25.22 20.17
C ASP K 142 14.00 -24.44 21.44
N ARG K 143 14.16 -25.11 22.58
CA ARG K 143 13.92 -24.49 23.88
C ARG K 143 14.71 -23.17 24.04
N ILE K 144 16.02 -23.24 23.80
CA ILE K 144 16.91 -22.07 23.88
C ILE K 144 16.46 -20.99 22.91
N LYS K 145 16.16 -21.36 21.66
CA LYS K 145 15.79 -20.35 20.68
C LYS K 145 14.55 -19.56 21.10
N ALA K 146 13.56 -20.26 21.66
CA ALA K 146 12.36 -19.62 22.21
C ALA K 146 12.72 -18.63 23.32
N ALA K 147 13.60 -19.07 24.21
CA ALA K 147 14.06 -18.24 25.32
C ALA K 147 14.80 -16.96 24.84
N VAL K 148 15.74 -17.13 23.91
CA VAL K 148 16.55 -16.02 23.44
C VAL K 148 15.68 -15.00 22.72
N ASP K 149 14.69 -15.52 21.98
CA ASP K 149 13.76 -14.68 21.24
C ASP K 149 12.90 -13.85 22.21
N ALA K 150 12.39 -14.49 23.26
CA ALA K 150 11.51 -13.85 24.24
C ALA K 150 12.23 -12.81 25.10
N ARG K 151 13.55 -12.97 25.20
CA ARG K 151 14.43 -12.07 25.94
C ARG K 151 14.40 -10.65 25.39
N THR K 152 14.03 -9.71 26.23
CA THR K 152 13.84 -8.33 25.81
C THR K 152 15.08 -7.44 26.08
N ASP K 153 16.03 -7.94 26.88
CA ASP K 153 17.21 -7.19 27.34
C ASP K 153 18.44 -8.10 27.28
N GLU K 154 19.33 -7.88 26.32
CA GLU K 154 20.50 -8.75 26.05
C GLU K 154 21.39 -9.06 27.25
N THR K 155 21.47 -8.12 28.20
CA THR K 155 22.25 -8.28 29.44
C THR K 155 21.79 -9.49 30.30
N PHE K 156 20.51 -9.81 30.24
CA PHE K 156 19.94 -11.00 30.91
C PHE K 156 20.61 -12.29 30.41
N VAL K 157 21.13 -13.09 31.33
CA VAL K 157 21.90 -14.28 30.96
C VAL K 157 21.04 -15.54 30.88
N ILE K 158 21.08 -16.19 29.71
CA ILE K 158 20.44 -17.47 29.50
C ILE K 158 21.47 -18.59 29.50
N MET K 159 21.39 -19.46 30.51
CA MET K 159 22.39 -20.50 30.74
C MET K 159 21.80 -21.86 30.46
N ALA K 160 22.47 -22.68 29.65
CA ALA K 160 21.97 -24.03 29.33
C ALA K 160 22.65 -25.07 30.18
N ARG K 161 21.84 -25.89 30.84
CA ARG K 161 22.32 -26.96 31.73
C ARG K 161 22.09 -28.34 31.09
N THR K 162 23.12 -29.20 31.12
CA THR K 162 23.00 -30.53 30.52
C THR K 162 23.40 -31.67 31.43
N ASP K 163 22.57 -32.71 31.46
CA ASP K 163 22.93 -33.91 32.19
C ASP K 163 23.26 -35.10 31.27
N ALA K 164 23.60 -34.79 30.00
CA ALA K 164 23.95 -35.81 29.03
C ALA K 164 25.20 -36.61 29.41
N ALA K 165 26.21 -35.96 29.97
CA ALA K 165 27.46 -36.67 30.29
C ALA K 165 27.24 -38.03 30.97
N ALA K 166 26.36 -38.09 31.96
CA ALA K 166 26.13 -39.33 32.71
C ALA K 166 25.77 -40.54 31.84
N ALA K 167 24.92 -40.36 30.85
CA ALA K 167 24.37 -41.47 30.08
C ALA K 167 24.98 -41.61 28.69
N GLU K 168 25.48 -40.51 28.13
CA GLU K 168 25.96 -40.50 26.74
C GLU K 168 27.46 -40.26 26.63
N GLY K 169 28.15 -40.13 27.77
CA GLY K 169 29.57 -39.81 27.78
C GLY K 169 29.89 -38.35 27.52
N ILE K 170 31.01 -37.93 28.07
CA ILE K 170 31.48 -36.56 28.03
C ILE K 170 31.53 -35.89 26.64
N ASP K 171 31.85 -36.66 25.59
CA ASP K 171 31.99 -36.10 24.24
C ASP K 171 30.66 -35.70 23.60
N ALA K 172 29.64 -36.53 23.83
CA ALA K 172 28.28 -36.24 23.41
C ALA K 172 27.84 -34.91 24.02
N ALA K 173 28.05 -34.77 25.33
CA ALA K 173 27.68 -33.57 26.09
C ALA K 173 28.34 -32.33 25.52
N ILE K 174 29.63 -32.45 25.22
CA ILE K 174 30.43 -31.38 24.63
C ILE K 174 29.79 -30.90 23.32
N GLU K 175 29.37 -31.87 22.51
CA GLU K 175 28.79 -31.60 21.19
C GLU K 175 27.46 -30.88 21.29
N ARG K 176 26.59 -31.36 22.20
CA ARG K 176 25.33 -30.71 22.53
C ARG K 176 25.57 -29.27 22.94
N ALA K 177 26.49 -29.08 23.90
CA ALA K 177 26.86 -27.74 24.40
C ALA K 177 27.20 -26.73 23.30
N ILE K 178 27.95 -27.16 22.29
CA ILE K 178 28.33 -26.28 21.18
C ILE K 178 27.10 -25.86 20.40
N ALA K 179 26.16 -26.81 20.23
CA ALA K 179 24.88 -26.52 19.55
C ALA K 179 24.02 -25.56 20.39
N TYR K 180 24.17 -25.63 21.73
CA TYR K 180 23.44 -24.77 22.67
C TYR K 180 23.93 -23.33 22.60
N VAL K 181 25.25 -23.16 22.56
CA VAL K 181 25.83 -21.83 22.34
C VAL K 181 25.46 -21.31 20.93
N GLU K 182 25.43 -22.21 19.95
CA GLU K 182 24.86 -21.93 18.62
C GLU K 182 23.51 -21.23 18.76
N ALA K 183 22.64 -21.88 19.53
CA ALA K 183 21.24 -21.47 19.71
C ALA K 183 21.09 -20.16 20.45
N GLY K 184 22.17 -19.67 21.04
CA GLY K 184 22.14 -18.39 21.73
C GLY K 184 22.50 -18.40 23.22
N ALA K 185 22.68 -19.59 23.81
CA ALA K 185 23.01 -19.73 25.23
C ALA K 185 24.28 -18.96 25.55
N ASP K 186 24.24 -18.24 26.67
CA ASP K 186 25.33 -17.38 27.08
C ASP K 186 26.43 -18.10 27.83
N MET K 187 26.03 -19.11 28.62
CA MET K 187 26.94 -19.84 29.52
C MET K 187 26.41 -21.27 29.65
N ILE K 188 27.26 -22.18 30.10
CA ILE K 188 26.91 -23.59 30.11
C ILE K 188 27.14 -24.20 31.49
N PHE K 189 26.20 -25.05 31.89
CA PHE K 189 26.22 -25.71 33.18
C PHE K 189 26.24 -27.22 32.93
N PRO K 190 27.45 -27.82 32.89
CA PRO K 190 27.53 -29.27 32.70
C PRO K 190 27.46 -30.05 34.01
N GLU K 191 26.40 -30.83 34.15
CA GLU K 191 26.16 -31.63 35.37
C GLU K 191 27.10 -32.79 35.51
N ALA K 192 27.42 -33.07 36.78
CA ALA K 192 28.17 -34.28 37.20
C ALA K 192 29.45 -34.54 36.37
N MET K 193 30.48 -33.72 36.65
CA MET K 193 31.83 -33.97 36.15
C MET K 193 32.60 -34.67 37.26
N LYS K 194 33.45 -35.63 36.89
CA LYS K 194 34.17 -36.45 37.87
C LYS K 194 35.56 -35.91 38.18
N THR K 195 36.25 -35.40 37.15
CA THR K 195 37.63 -34.91 37.32
C THR K 195 37.75 -33.45 36.92
N LEU K 196 38.80 -32.79 37.42
CA LEU K 196 39.14 -31.41 37.00
C LEU K 196 39.42 -31.33 35.51
N ASP K 197 39.82 -32.44 34.91
CA ASP K 197 40.12 -32.47 33.47
C ASP K 197 38.88 -32.37 32.60
N ASP K 198 37.82 -33.03 33.05
CA ASP K 198 36.53 -32.93 32.40
C ASP K 198 36.14 -31.48 32.19
N TYR K 199 36.22 -30.68 33.26
CA TYR K 199 35.95 -29.24 33.18
C TYR K 199 36.88 -28.51 32.19
N ARG K 200 38.18 -28.79 32.28
CA ARG K 200 39.19 -28.14 31.43
C ARG K 200 38.90 -28.28 29.94
N ARG K 201 38.62 -29.53 29.52
CA ARG K 201 38.35 -29.86 28.13
C ARG K 201 37.06 -29.19 27.69
N PHE K 202 36.07 -29.18 28.58
CA PHE K 202 34.77 -28.60 28.29
C PHE K 202 34.90 -27.12 28.00
N LYS K 203 35.57 -26.37 28.88
CA LYS K 203 35.72 -24.92 28.70
C LYS K 203 36.48 -24.59 27.41
N GLU K 204 37.47 -25.43 27.13
CA GLU K 204 38.23 -25.44 25.89
C GLU K 204 37.36 -25.53 24.61
N ALA K 205 36.46 -26.50 24.61
CA ALA K 205 35.60 -26.78 23.47
C ALA K 205 34.51 -25.74 23.27
N VAL K 206 33.82 -25.34 24.34
CA VAL K 206 32.65 -24.45 24.21
C VAL K 206 32.96 -22.95 24.24
N LYS K 207 34.16 -22.60 24.72
CA LYS K 207 34.68 -21.21 24.71
C LYS K 207 33.79 -20.15 25.36
N VAL K 208 32.73 -20.55 26.08
CA VAL K 208 31.95 -19.59 26.87
C VAL K 208 32.13 -19.87 28.36
N PRO K 209 31.71 -18.95 29.23
CA PRO K 209 31.79 -19.21 30.66
C PRO K 209 31.10 -20.52 31.09
N ILE K 210 31.69 -21.20 32.08
CA ILE K 210 31.30 -22.56 32.53
C ILE K 210 31.03 -22.56 34.05
N LEU K 211 30.02 -23.31 34.48
CA LEU K 211 29.64 -23.42 35.90
C LEU K 211 29.93 -24.80 36.47
N ALA K 212 30.49 -24.81 37.67
CA ALA K 212 30.76 -26.07 38.37
C ALA K 212 29.85 -26.19 39.58
N ASN K 213 29.03 -27.24 39.58
CA ASN K 213 28.06 -27.43 40.65
C ASN K 213 28.64 -28.19 41.84
N LEU K 214 29.10 -27.47 42.86
CA LEU K 214 29.70 -28.10 44.02
C LEU K 214 28.62 -28.55 45.00
N THR K 215 28.24 -29.80 44.85
CA THR K 215 27.07 -30.35 45.48
C THR K 215 27.51 -31.38 46.55
N GLU K 216 27.01 -31.23 47.77
CA GLU K 216 27.32 -32.13 48.86
C GLU K 216 26.52 -33.42 48.77
N PHE K 217 27.13 -34.54 49.19
CA PHE K 217 26.52 -35.88 49.17
C PHE K 217 26.22 -36.44 47.76
N GLY K 218 26.86 -35.86 46.75
CA GLY K 218 26.69 -36.31 45.37
C GLY K 218 27.84 -37.21 44.94
N SER K 219 28.04 -37.31 43.63
CA SER K 219 29.21 -38.01 43.07
C SER K 219 30.43 -37.10 42.94
N THR K 220 30.21 -35.91 42.37
CA THR K 220 31.16 -34.82 42.27
C THR K 220 31.93 -34.62 43.60
N PRO K 221 33.29 -34.67 43.58
CA PRO K 221 34.08 -34.24 44.75
C PRO K 221 33.95 -32.72 45.01
N LEU K 222 34.15 -32.29 46.26
CA LEU K 222 34.02 -30.87 46.59
C LEU K 222 35.30 -30.11 46.26
N PHE K 223 35.46 -29.74 44.98
CA PHE K 223 36.65 -29.04 44.54
C PHE K 223 36.82 -27.68 45.22
N THR K 224 38.08 -27.30 45.42
CA THR K 224 38.44 -25.99 45.99
C THR K 224 38.47 -24.91 44.89
N LEU K 225 38.36 -23.65 45.33
CA LEU K 225 38.41 -22.49 44.47
C LEU K 225 39.68 -22.51 43.57
N ASP K 226 40.83 -22.87 44.15
CA ASP K 226 42.11 -23.03 43.41
C ASP K 226 42.02 -24.10 42.32
N GLU K 227 41.66 -25.31 42.74
CA GLU K 227 41.49 -26.43 41.82
C GLU K 227 40.70 -25.98 40.60
N LEU K 228 39.57 -25.33 40.84
CA LEU K 228 38.70 -24.86 39.77
C LEU K 228 39.31 -23.71 38.94
N LYS K 229 40.04 -22.80 39.58
CA LYS K 229 40.73 -21.73 38.84
C LYS K 229 41.70 -22.33 37.85
N GLY K 230 42.47 -23.31 38.33
CA GLY K 230 43.41 -24.04 37.50
C GLY K 230 42.75 -24.81 36.37
N ALA K 231 41.49 -25.18 36.56
CA ALA K 231 40.72 -25.88 35.51
C ALA K 231 40.06 -24.92 34.50
N ASN K 232 40.20 -23.61 34.71
CA ASN K 232 39.56 -22.60 33.85
C ASN K 232 38.04 -22.39 33.96
N VAL K 233 37.47 -22.87 35.07
CA VAL K 233 36.05 -22.74 35.40
C VAL K 233 35.71 -21.32 35.86
N ASP K 234 34.55 -20.82 35.42
CA ASP K 234 34.15 -19.42 35.63
C ASP K 234 33.32 -19.20 36.88
N ILE K 235 32.54 -20.21 37.25
CA ILE K 235 31.56 -20.07 38.31
C ILE K 235 31.56 -21.28 39.23
N ALA K 236 31.72 -21.01 40.52
CA ALA K 236 31.61 -22.02 41.56
C ALA K 236 30.25 -21.92 42.24
N LEU K 237 29.43 -22.96 42.11
CA LEU K 237 28.10 -22.91 42.67
C LEU K 237 27.86 -23.79 43.89
N TYR K 238 27.58 -23.15 45.02
CA TYR K 238 27.27 -23.84 46.24
C TYR K 238 25.77 -23.71 46.45
N CYS K 239 25.03 -24.64 45.88
CA CYS K 239 23.59 -24.45 45.72
C CYS K 239 22.72 -24.82 46.92
N CYS K 240 23.22 -25.68 47.79
CA CYS K 240 22.34 -26.27 48.78
C CYS K 240 22.81 -26.28 50.22
N GLY K 241 24.12 -26.13 50.38
CA GLY K 241 24.74 -26.20 51.68
C GLY K 241 23.96 -25.43 52.71
N ALA K 242 23.79 -24.14 52.45
CA ALA K 242 23.05 -23.24 53.31
C ALA K 242 21.81 -23.90 53.95
N TYR K 243 20.89 -24.39 53.13
CA TYR K 243 19.65 -24.92 53.70
C TYR K 243 19.77 -26.27 54.40
N ARG K 244 20.73 -27.09 53.98
CA ARG K 244 21.02 -28.32 54.68
C ARG K 244 21.47 -28.01 56.11
N ALA K 245 22.39 -27.05 56.21
CA ALA K 245 22.90 -26.58 57.49
C ALA K 245 21.78 -26.07 58.35
N MET K 246 20.94 -25.23 57.77
CA MET K 246 19.88 -24.62 58.54
C MET K 246 18.81 -25.64 58.94
N ASN K 247 18.53 -26.62 58.08
CA ASN K 247 17.54 -27.62 58.43
C ASN K 247 17.92 -28.57 59.56
N LYS K 248 19.22 -28.86 59.69
CA LYS K 248 19.71 -29.68 60.79
C LYS K 248 19.54 -28.92 62.10
N ALA K 249 19.93 -27.64 62.10
CA ALA K 249 19.85 -26.78 63.28
C ALA K 249 18.42 -26.75 63.75
N ALA K 250 17.50 -26.69 62.80
CA ALA K 250 16.08 -26.59 63.10
C ALA K 250 15.60 -27.89 63.76
N LEU K 251 15.92 -29.03 63.15
CA LEU K 251 15.54 -30.32 63.69
C LEU K 251 16.08 -30.49 65.10
N ASN K 252 17.33 -30.08 65.31
CA ASN K 252 17.95 -30.16 66.61
C ASN K 252 17.13 -29.40 67.64
N PHE K 253 16.77 -28.15 67.30
CA PHE K 253 15.93 -27.35 68.20
C PHE K 253 14.67 -28.10 68.58
N TYR K 254 13.91 -28.57 67.59
CA TYR K 254 12.65 -29.24 67.86
C TYR K 254 12.84 -30.45 68.78
N GLU K 255 13.87 -31.27 68.51
CA GLU K 255 14.12 -32.45 69.31
C GLU K 255 14.48 -32.07 70.75
N THR K 256 15.36 -31.08 70.96
CA THR K 256 15.75 -30.72 72.34
C THR K 256 14.54 -30.14 73.10
N VAL K 257 13.62 -29.49 72.40
CA VAL K 257 12.43 -28.93 73.07
C VAL K 257 11.49 -30.07 73.51
N ARG K 258 11.32 -31.08 72.66
CA ARG K 258 10.40 -32.18 72.99
C ARG K 258 11.00 -33.13 74.04
N ARG K 259 12.34 -33.23 74.03
CA ARG K 259 13.07 -34.04 75.01
C ARG K 259 13.08 -33.38 76.38
N ASP K 260 13.57 -32.14 76.42
CA ASP K 260 13.93 -31.46 77.68
C ASP K 260 12.76 -30.69 78.33
N GLY K 261 11.69 -30.44 77.58
CA GLY K 261 10.60 -29.58 78.05
C GLY K 261 10.97 -28.10 78.19
N THR K 262 12.10 -27.73 77.57
CA THR K 262 12.54 -26.34 77.42
C THR K 262 13.60 -26.29 76.34
N GLN K 263 13.82 -25.09 75.80
CA GLN K 263 14.80 -24.91 74.74
C GLN K 263 16.14 -24.45 75.28
N LYS K 264 16.26 -24.42 76.61
CA LYS K 264 17.47 -23.89 77.26
C LYS K 264 18.77 -24.43 76.63
N ALA K 265 18.84 -25.75 76.45
CA ALA K 265 20.03 -26.41 75.91
C ALA K 265 20.42 -25.92 74.48
N ALA K 266 19.44 -25.42 73.72
CA ALA K 266 19.64 -25.02 72.32
C ALA K 266 20.07 -23.58 72.06
N VAL K 267 20.03 -22.69 73.06
CA VAL K 267 20.36 -21.26 72.81
C VAL K 267 21.83 -20.97 72.34
N PRO K 268 22.82 -21.70 72.87
CA PRO K 268 24.10 -21.55 72.19
C PRO K 268 24.04 -21.88 70.68
N THR K 269 22.93 -22.49 70.23
CA THR K 269 22.75 -22.84 68.80
C THR K 269 22.00 -21.77 68.01
N MET K 270 21.75 -20.61 68.64
CA MET K 270 20.83 -19.55 68.12
C MET K 270 21.38 -18.15 67.85
N GLN K 271 21.14 -17.63 66.65
CA GLN K 271 21.55 -16.29 66.28
C GLN K 271 20.82 -15.24 67.09
N THR K 272 21.56 -14.31 67.71
CA THR K 272 20.94 -13.37 68.64
C THR K 272 20.01 -12.35 68.00
N ARG K 273 19.19 -11.74 68.86
CA ARG K 273 18.33 -10.61 68.46
C ARG K 273 19.10 -9.41 67.88
N ALA K 274 20.30 -9.16 68.36
CA ALA K 274 21.08 -8.00 67.89
C ALA K 274 21.71 -8.29 66.53
N GLN K 275 22.19 -9.51 66.39
CA GLN K 275 22.64 -10.01 65.15
C GLN K 275 21.57 -9.89 64.09
N LEU K 276 20.38 -10.49 64.32
CA LEU K 276 19.18 -10.29 63.46
C LEU K 276 18.97 -8.85 62.94
N TYR K 277 18.73 -7.94 63.88
CA TYR K 277 18.49 -6.53 63.64
C TYR K 277 19.61 -5.97 62.75
N ASP K 278 20.83 -6.42 62.97
CA ASP K 278 21.91 -5.96 62.18
C ASP K 278 21.71 -6.32 60.74
N TYR K 279 21.76 -7.62 60.43
CA TYR K 279 21.58 -8.08 59.05
C TYR K 279 20.34 -7.55 58.31
N LEU K 280 19.28 -7.19 59.07
CA LEU K 280 18.07 -6.58 58.48
C LEU K 280 18.17 -5.08 58.18
N GLY K 281 19.25 -4.43 58.61
CA GLY K 281 19.37 -2.98 58.52
C GLY K 281 18.33 -2.26 59.38
N TYR K 282 17.99 -2.83 60.54
CA TYR K 282 16.96 -2.30 61.45
C TYR K 282 17.04 -0.80 61.79
N TYR K 283 18.21 -0.35 62.19
CA TYR K 283 18.39 1.06 62.55
C TYR K 283 18.47 1.98 61.29
N ALA K 284 18.49 1.38 60.10
CA ALA K 284 18.32 2.14 58.87
C ALA K 284 16.87 2.63 58.74
N TYR K 285 15.95 1.92 59.37
CA TYR K 285 14.54 2.34 59.45
C TYR K 285 14.34 3.52 60.44
N GLU K 286 15.00 3.46 61.61
CA GLU K 286 15.05 4.62 62.50
C GLU K 286 15.72 5.82 61.83
N GLU K 287 16.91 5.63 61.24
CA GLU K 287 17.60 6.71 60.53
C GLU K 287 16.85 7.23 59.29
N LYS K 288 16.10 6.38 58.61
CA LYS K 288 15.26 6.84 57.50
C LYS K 288 14.30 7.93 57.94
N LEU K 289 13.57 7.67 59.03
CA LEU K 289 12.56 8.59 59.57
C LEU K 289 13.09 9.96 60.03
N ASP K 290 14.39 10.06 60.35
CA ASP K 290 15.00 11.36 60.66
C ASP K 290 15.44 12.05 59.38
N GLN K 291 15.79 11.26 58.39
CA GLN K 291 16.29 11.80 57.15
C GLN K 291 15.19 12.51 56.35
N LEU K 292 13.93 12.12 56.59
CA LEU K 292 12.77 12.67 55.89
C LEU K 292 12.02 13.68 56.75
N PHE K 293 12.11 13.49 58.07
CA PHE K 293 11.39 14.29 59.07
C PHE K 293 12.33 14.90 60.13
N ILE L 8 -12.63 -33.74 59.83
CA ILE L 8 -12.64 -32.84 61.03
C ILE L 8 -11.76 -31.58 60.90
N SER L 9 -12.37 -30.42 61.06
CA SER L 9 -11.69 -29.13 60.80
C SER L 9 -10.55 -28.79 61.76
N ALA L 10 -9.60 -27.99 61.27
CA ALA L 10 -8.44 -27.61 62.06
C ALA L 10 -8.81 -27.03 63.43
N GLY L 11 -9.76 -26.09 63.48
CA GLY L 11 -10.14 -25.51 64.76
C GLY L 11 -10.33 -26.59 65.83
N ALA L 12 -11.09 -27.60 65.45
CA ALA L 12 -11.36 -28.75 66.32
C ALA L 12 -10.11 -29.54 66.67
N LYS L 13 -9.20 -29.71 65.68
CA LYS L 13 -7.87 -30.35 65.93
C LYS L 13 -7.07 -29.57 66.99
N PHE L 14 -7.17 -28.24 66.95
CA PHE L 14 -6.44 -27.41 67.91
C PHE L 14 -6.98 -27.55 69.34
N ARG L 15 -8.30 -27.40 69.46
CA ARG L 15 -9.01 -27.55 70.75
C ARG L 15 -8.75 -28.92 71.35
N ALA L 16 -8.80 -29.95 70.52
CA ALA L 16 -8.51 -31.33 70.93
C ALA L 16 -7.09 -31.44 71.48
N ALA L 17 -6.15 -30.82 70.79
CA ALA L 17 -4.75 -30.84 71.20
C ALA L 17 -4.52 -30.17 72.55
N VAL L 18 -5.25 -29.09 72.83
CA VAL L 18 -5.15 -28.40 74.14
C VAL L 18 -5.69 -29.25 75.29
N ALA L 19 -6.80 -29.95 75.00
CA ALA L 19 -7.43 -30.88 75.91
C ALA L 19 -6.55 -32.12 76.18
N ALA L 20 -5.79 -32.57 75.18
CA ALA L 20 -5.01 -33.80 75.31
C ALA L 20 -3.57 -33.67 75.87
N GLU L 21 -3.01 -32.46 75.91
CA GLU L 21 -1.65 -32.25 76.38
C GLU L 21 -1.61 -30.96 77.21
N GLN L 22 -1.28 -31.08 78.49
CA GLN L 22 -1.31 -29.92 79.36
C GLN L 22 -0.07 -29.76 80.23
N PRO L 23 0.65 -28.65 80.05
CA PRO L 23 0.39 -27.67 78.98
C PRO L 23 0.77 -28.23 77.60
N LEU L 24 0.14 -27.69 76.57
CA LEU L 24 0.45 -28.05 75.17
C LEU L 24 1.65 -27.26 74.60
N GLN L 25 2.68 -28.00 74.22
CA GLN L 25 3.80 -27.46 73.48
C GLN L 25 3.41 -27.19 72.02
N VAL L 26 3.60 -25.93 71.59
CA VAL L 26 3.41 -25.53 70.18
C VAL L 26 4.60 -24.70 69.67
N VAL L 27 5.26 -25.21 68.63
CA VAL L 27 6.52 -24.60 68.15
C VAL L 27 6.38 -23.84 66.84
N GLY L 28 7.14 -22.76 66.69
CA GLY L 28 7.08 -21.97 65.48
C GLY L 28 7.82 -22.66 64.35
N ALA L 29 7.30 -22.51 63.14
CA ALA L 29 7.97 -22.95 61.92
C ALA L 29 7.96 -21.82 60.90
N ILE L 30 9.10 -21.54 60.28
CA ILE L 30 9.13 -20.47 59.32
C ILE L 30 8.94 -20.95 57.89
N THR L 31 9.03 -22.25 57.67
CA THR L 31 8.89 -22.86 56.33
C THR L 31 7.98 -24.07 56.43
N ALA L 32 7.40 -24.47 55.31
CA ALA L 32 6.61 -25.69 55.25
C ALA L 32 7.36 -26.89 55.78
N TYR L 33 8.59 -27.05 55.34
CA TYR L 33 9.41 -28.19 55.70
C TYR L 33 9.72 -28.18 57.21
N ALA L 34 10.00 -27.01 57.76
CA ALA L 34 10.20 -26.90 59.20
C ALA L 34 9.01 -27.50 59.95
N ALA L 35 7.80 -27.18 59.47
CA ALA L 35 6.58 -27.71 60.06
C ALA L 35 6.51 -29.24 59.99
N LYS L 36 6.78 -29.80 58.82
CA LYS L 36 6.83 -31.26 58.65
C LYS L 36 7.73 -31.95 59.68
N MET L 37 8.90 -31.37 59.95
CA MET L 37 9.87 -31.91 60.91
C MET L 37 9.28 -31.84 62.32
N ALA L 38 8.71 -30.68 62.64
CA ALA L 38 7.98 -30.46 63.87
C ALA L 38 6.98 -31.60 64.10
N GLU L 39 6.24 -31.97 63.05
CA GLU L 39 5.24 -33.05 63.14
C GLU L 39 5.90 -34.41 63.39
N ALA L 40 6.95 -34.68 62.63
CA ALA L 40 7.74 -35.92 62.75
C ALA L 40 8.28 -36.10 64.16
N VAL L 41 8.67 -34.98 64.79
CA VAL L 41 9.24 -34.99 66.15
C VAL L 41 8.18 -35.25 67.20
N GLY L 42 6.92 -35.13 66.82
CA GLY L 42 5.84 -35.52 67.73
C GLY L 42 5.01 -34.40 68.35
N PHE L 43 5.26 -33.14 67.98
CA PHE L 43 4.40 -32.01 68.43
C PHE L 43 2.98 -32.11 67.87
N LYS L 44 2.03 -31.54 68.64
CA LYS L 44 0.62 -31.58 68.28
C LYS L 44 0.09 -30.33 67.56
N ALA L 45 0.90 -29.25 67.58
CA ALA L 45 0.55 -27.96 66.97
C ALA L 45 1.76 -27.11 66.58
N VAL L 46 1.57 -26.26 65.59
CA VAL L 46 2.63 -25.39 65.15
C VAL L 46 2.17 -23.96 65.04
N TYR L 47 3.14 -23.05 64.92
CA TYR L 47 2.88 -21.61 65.00
C TYR L 47 3.53 -20.86 63.85
N LEU L 48 2.79 -19.90 63.28
CA LEU L 48 3.37 -18.98 62.31
C LEU L 48 3.52 -17.62 62.96
N SER L 49 4.78 -17.24 63.17
CA SER L 49 5.12 -15.99 63.83
C SER L 49 5.06 -14.81 62.84
N GLY L 50 4.41 -13.71 63.25
CA GLY L 50 4.33 -12.50 62.42
C GLY L 50 5.68 -11.86 62.09
N GLY L 51 6.51 -11.65 63.13
CA GLY L 51 7.88 -11.12 62.98
C GLY L 51 8.77 -12.13 62.27
N GLY L 52 8.39 -13.41 62.42
CA GLY L 52 8.98 -14.51 61.67
C GLY L 52 8.82 -14.37 60.16
N VAL L 53 7.59 -14.15 59.71
CA VAL L 53 7.28 -13.87 58.29
C VAL L 53 8.10 -12.67 57.75
N ALA L 54 8.10 -11.60 58.53
CA ALA L 54 8.68 -10.34 58.12
C ALA L 54 10.18 -10.43 57.94
N ALA L 55 10.86 -10.92 58.97
CA ALA L 55 12.31 -11.05 58.94
C ALA L 55 12.81 -12.07 57.91
N ASN L 56 12.30 -13.30 57.96
CA ASN L 56 12.78 -14.40 57.12
C ASN L 56 12.25 -14.43 55.68
N SER L 57 10.91 -14.36 55.53
CA SER L 57 10.30 -14.41 54.19
C SER L 57 10.52 -13.15 53.40
N LEU L 58 10.54 -12.00 54.09
CA LEU L 58 10.55 -10.69 53.43
C LEU L 58 11.87 -9.95 53.54
N GLY L 59 12.63 -10.19 54.60
CA GLY L 59 13.91 -9.52 54.80
C GLY L 59 13.78 -8.11 55.36
N ILE L 60 12.75 -7.90 56.15
CA ILE L 60 12.46 -6.60 56.71
C ILE L 60 12.09 -6.75 58.21
N PRO L 61 12.36 -5.69 59.02
CA PRO L 61 12.03 -5.70 60.45
C PRO L 61 10.52 -5.78 60.73
N ASP L 62 10.17 -6.13 61.98
CA ASP L 62 8.78 -6.28 62.38
C ASP L 62 8.19 -4.91 62.75
N LEU L 63 8.03 -4.07 61.74
CA LEU L 63 7.57 -2.71 61.94
C LEU L 63 6.17 -2.50 61.33
N GLY L 64 5.35 -3.55 61.36
CA GLY L 64 4.05 -3.52 60.75
C GLY L 64 4.07 -3.23 59.25
N ILE L 65 5.10 -3.71 58.54
CA ILE L 65 5.17 -3.58 57.06
C ILE L 65 4.49 -4.79 56.38
N SER L 66 4.76 -5.96 56.97
CA SER L 66 4.09 -7.21 56.63
C SER L 66 2.57 -7.04 56.41
N THR L 67 2.06 -7.50 55.27
CA THR L 67 0.62 -7.37 54.96
C THR L 67 -0.09 -8.69 55.11
N MET L 68 -1.42 -8.66 55.19
CA MET L 68 -2.20 -9.88 55.30
C MET L 68 -1.86 -10.98 54.27
N ASP L 69 -1.57 -10.56 53.04
CA ASP L 69 -1.19 -11.49 51.97
C ASP L 69 0.17 -12.12 52.19
N ASP L 70 1.10 -11.37 52.76
CA ASP L 70 2.42 -11.92 53.02
C ASP L 70 2.21 -13.12 53.96
N VAL L 71 1.51 -12.90 55.05
CA VAL L 71 1.22 -13.97 55.99
C VAL L 71 0.38 -15.12 55.39
N LEU L 72 -0.62 -14.77 54.56
CA LEU L 72 -1.41 -15.80 53.88
C LEU L 72 -0.56 -16.79 53.06
N VAL L 73 0.40 -16.29 52.25
CA VAL L 73 1.18 -17.15 51.35
C VAL L 73 1.94 -18.21 52.15
N ASP L 74 2.57 -17.80 53.26
CA ASP L 74 3.22 -18.72 54.19
C ASP L 74 2.24 -19.62 54.92
N ALA L 75 1.11 -19.08 55.36
CA ALA L 75 0.10 -19.91 56.07
C ALA L 75 -0.45 -21.05 55.18
N ASN L 76 -0.68 -20.70 53.92
CA ASN L 76 -1.08 -21.66 52.88
C ASN L 76 -0.08 -22.78 52.69
N ARG L 77 1.18 -22.39 52.57
CA ARG L 77 2.25 -23.34 52.30
C ARG L 77 2.35 -24.35 53.43
N ILE L 78 2.23 -23.84 54.65
CA ILE L 78 2.35 -24.66 55.82
C ILE L 78 1.17 -25.61 56.00
N THR L 79 -0.08 -25.15 55.91
CA THR L 79 -1.23 -26.05 56.13
C THR L 79 -1.40 -27.09 55.03
N ASN L 80 -0.86 -26.79 53.86
CA ASN L 80 -0.77 -27.75 52.78
C ASN L 80 0.24 -28.90 53.07
N ALA L 81 1.25 -28.61 53.89
CA ALA L 81 2.38 -29.50 54.04
C ALA L 81 2.32 -30.36 55.30
N THR L 82 1.55 -29.93 56.29
CA THR L 82 1.37 -30.65 57.54
C THR L 82 -0.12 -30.79 57.85
N ASN L 83 -0.48 -31.80 58.65
CA ASN L 83 -1.87 -31.94 59.08
C ASN L 83 -2.10 -31.60 60.56
N LEU L 84 -1.07 -31.01 61.18
CA LEU L 84 -1.19 -30.43 62.51
C LEU L 84 -1.93 -29.09 62.45
N PRO L 85 -2.64 -28.73 63.53
CA PRO L 85 -3.33 -27.46 63.49
C PRO L 85 -2.32 -26.35 63.65
N LEU L 86 -2.50 -25.26 62.90
CA LEU L 86 -1.53 -24.14 62.89
C LEU L 86 -2.13 -22.88 63.51
N LEU L 87 -1.33 -22.19 64.32
CA LEU L 87 -1.75 -20.97 64.96
C LEU L 87 -0.98 -19.82 64.32
N VAL L 88 -1.67 -18.72 64.08
CA VAL L 88 -1.17 -17.63 63.24
C VAL L 88 -1.25 -16.26 63.95
N ASP L 89 -0.15 -15.52 63.92
CA ASP L 89 -0.06 -14.13 64.42
C ASP L 89 -0.67 -13.21 63.39
N ILE L 90 -1.81 -12.59 63.70
CA ILE L 90 -2.43 -11.70 62.72
C ILE L 90 -2.38 -10.23 63.10
N ASP L 91 -1.46 -9.88 63.99
CA ASP L 91 -1.30 -8.51 64.47
C ASP L 91 -2.63 -7.88 64.90
N THR L 92 -2.93 -6.74 64.30
CA THR L 92 -4.13 -6.01 64.64
C THR L 92 -5.26 -6.28 63.65
N GLY L 93 -5.03 -7.19 62.71
CA GLY L 93 -6.05 -7.59 61.74
C GLY L 93 -5.98 -6.85 60.41
N TRP L 94 -5.01 -5.95 60.29
CA TRP L 94 -4.77 -5.17 59.08
C TRP L 94 -5.92 -4.26 58.67
N GLY L 95 -6.45 -3.51 59.65
CA GLY L 95 -7.46 -2.48 59.39
C GLY L 95 -8.70 -2.47 60.26
N GLY L 96 -9.72 -1.74 59.80
CA GLY L 96 -11.01 -1.63 60.51
C GLY L 96 -11.80 -2.92 60.57
N ALA L 97 -13.07 -2.84 60.98
CA ALA L 97 -13.92 -4.01 61.21
C ALA L 97 -14.13 -4.81 59.93
N PHE L 98 -14.17 -4.12 58.80
CA PHE L 98 -14.36 -4.76 57.51
C PHE L 98 -13.13 -5.61 57.16
N ASN L 99 -11.94 -5.13 57.53
CA ASN L 99 -10.70 -5.77 57.18
C ASN L 99 -10.43 -6.96 58.09
N ILE L 100 -10.74 -6.79 59.38
CA ILE L 100 -10.69 -7.88 60.37
C ILE L 100 -11.52 -9.03 59.86
N ALA L 101 -12.74 -8.71 59.44
CA ALA L 101 -13.64 -9.73 58.95
C ALA L 101 -13.05 -10.48 57.73
N ARG L 102 -12.47 -9.75 56.75
CA ARG L 102 -11.84 -10.38 55.59
C ARG L 102 -10.69 -11.27 56.05
N THR L 103 -9.90 -10.77 56.99
CA THR L 103 -8.79 -11.52 57.54
C THR L 103 -9.28 -12.85 58.12
N ILE L 104 -10.29 -12.80 58.98
CA ILE L 104 -10.79 -14.02 59.63
C ILE L 104 -11.27 -15.01 58.58
N ARG L 105 -12.07 -14.54 57.63
CA ARG L 105 -12.53 -15.42 56.54
C ARG L 105 -11.39 -16.04 55.73
N SER L 106 -10.39 -15.22 55.41
CA SER L 106 -9.24 -15.66 54.63
C SER L 106 -8.47 -16.79 55.33
N PHE L 107 -8.18 -16.59 56.62
CA PHE L 107 -7.40 -17.59 57.35
C PHE L 107 -8.19 -18.84 57.74
N ILE L 108 -9.52 -18.73 57.81
CA ILE L 108 -10.36 -19.95 57.92
C ILE L 108 -10.20 -20.80 56.66
N LYS L 109 -10.44 -20.18 55.52
CA LYS L 109 -10.35 -20.84 54.21
C LYS L 109 -8.94 -21.41 53.99
N ALA L 110 -7.91 -20.78 54.58
CA ALA L 110 -6.54 -21.26 54.41
C ALA L 110 -6.28 -22.48 55.27
N GLY L 111 -7.25 -22.92 56.05
CA GLY L 111 -7.12 -24.15 56.84
C GLY L 111 -6.45 -24.02 58.20
N VAL L 112 -6.38 -22.80 58.71
CA VAL L 112 -5.73 -22.49 59.98
C VAL L 112 -6.58 -22.99 61.17
N GLY L 113 -5.92 -23.47 62.22
CA GLY L 113 -6.63 -23.93 63.41
C GLY L 113 -7.06 -22.81 64.37
N ALA L 114 -6.20 -21.79 64.47
CA ALA L 114 -6.37 -20.74 65.46
C ALA L 114 -5.54 -19.54 65.10
N VAL L 115 -5.89 -18.41 65.70
CA VAL L 115 -5.38 -17.10 65.28
C VAL L 115 -5.36 -16.23 66.52
N HIS L 116 -4.30 -15.42 66.66
CA HIS L 116 -4.28 -14.38 67.70
C HIS L 116 -4.20 -12.92 67.26
N LEU L 117 -5.11 -12.13 67.85
CA LEU L 117 -5.26 -10.69 67.67
C LEU L 117 -4.72 -9.95 68.87
N GLU L 118 -4.07 -8.81 68.61
CA GLU L 118 -3.52 -8.00 69.70
C GLU L 118 -4.11 -6.60 69.79
N ASP L 119 -3.71 -5.84 70.81
CA ASP L 119 -4.40 -4.62 71.09
C ASP L 119 -3.49 -3.42 71.03
N GLN L 120 -2.52 -3.45 70.12
CA GLN L 120 -1.65 -2.31 69.92
C GLN L 120 -2.38 -1.30 69.09
N VAL L 121 -1.89 -0.06 69.12
CA VAL L 121 -2.44 1.04 68.33
C VAL L 121 -2.48 0.69 66.84
N GLY L 122 -3.56 1.09 66.15
CA GLY L 122 -3.82 0.77 64.72
C GLY L 122 -2.79 1.28 63.72
N GLN L 123 -3.16 2.21 62.85
CA GLN L 123 -2.08 2.98 62.24
C GLN L 123 -2.00 4.38 62.87
N LYS L 124 -0.78 4.94 62.91
CA LYS L 124 -0.61 6.31 63.37
C LYS L 124 -0.03 7.15 62.26
N ARG L 125 0.31 8.42 62.55
CA ARG L 125 0.93 9.37 61.61
C ARG L 125 1.90 8.66 60.66
N CYS L 126 1.93 9.10 59.41
CA CYS L 126 2.80 8.52 58.40
C CYS L 126 4.29 8.43 58.85
N GLY L 127 4.79 9.46 59.53
CA GLY L 127 6.17 9.42 60.04
C GLY L 127 6.44 8.85 61.45
N HIS L 128 5.41 8.28 62.10
CA HIS L 128 5.49 7.79 63.50
C HIS L 128 6.60 6.75 63.73
N ARG L 129 7.14 6.76 64.95
CA ARG L 129 8.33 5.99 65.27
C ARG L 129 7.99 4.68 65.99
N PRO L 130 8.78 3.61 65.77
CA PRO L 130 8.51 2.27 66.30
C PRO L 130 8.35 2.19 67.83
N GLY L 131 7.11 2.25 68.31
CA GLY L 131 6.84 2.24 69.76
C GLY L 131 5.62 1.40 70.08
N LYS L 132 5.63 0.71 71.22
CA LYS L 132 4.61 -0.31 71.46
C LYS L 132 3.40 0.09 72.35
N GLU L 133 2.71 1.17 71.98
CA GLU L 133 1.47 1.66 72.64
C GLU L 133 0.18 0.80 72.50
N CYS L 134 -0.65 0.80 73.55
CA CYS L 134 -1.95 0.09 73.63
C CYS L 134 -3.15 0.91 73.14
N VAL L 135 -4.24 0.22 72.78
CA VAL L 135 -5.52 0.92 72.50
C VAL L 135 -6.40 0.95 73.73
N PRO L 136 -7.35 1.92 73.77
CA PRO L 136 -8.45 1.86 74.75
C PRO L 136 -8.98 0.42 74.86
N ALA L 137 -9.14 -0.08 76.10
CA ALA L 137 -9.69 -1.42 76.38
C ALA L 137 -10.92 -1.75 75.54
N GLY L 138 -11.64 -0.71 75.15
CA GLY L 138 -12.90 -0.82 74.42
C GLY L 138 -12.66 -0.98 72.95
N GLU L 139 -11.59 -0.37 72.45
CA GLU L 139 -11.20 -0.52 71.06
C GLU L 139 -10.95 -1.98 70.71
N MET L 140 -10.41 -2.73 71.66
CA MET L 140 -10.13 -4.13 71.46
C MET L 140 -11.39 -4.98 71.50
N VAL L 141 -12.36 -4.55 72.30
CA VAL L 141 -13.61 -5.31 72.37
C VAL L 141 -14.31 -5.21 71.01
N ASP L 142 -14.23 -4.05 70.39
CA ASP L 142 -14.72 -3.88 69.01
C ASP L 142 -14.08 -4.85 68.02
N ARG L 143 -12.76 -4.93 68.06
CA ARG L 143 -12.01 -5.75 67.11
C ARG L 143 -12.42 -7.20 67.27
N ILE L 144 -12.45 -7.65 68.51
CA ILE L 144 -12.88 -9.02 68.85
C ILE L 144 -14.30 -9.27 68.33
N LYS L 145 -15.22 -8.36 68.62
CA LYS L 145 -16.61 -8.52 68.18
C LYS L 145 -16.70 -8.70 66.65
N ALA L 146 -15.93 -7.92 65.91
CA ALA L 146 -15.85 -8.01 64.46
C ALA L 146 -15.40 -9.41 64.03
N ALA L 147 -14.35 -9.89 64.71
CA ALA L 147 -13.74 -11.18 64.43
C ALA L 147 -14.72 -12.33 64.65
N VAL L 148 -15.32 -12.38 65.84
CA VAL L 148 -16.24 -13.45 66.23
C VAL L 148 -17.50 -13.52 65.34
N ASP L 149 -18.00 -12.36 64.93
CA ASP L 149 -19.12 -12.28 64.01
C ASP L 149 -18.76 -12.82 62.64
N ALA L 150 -17.59 -12.45 62.11
CA ALA L 150 -17.12 -12.91 60.79
C ALA L 150 -16.79 -14.41 60.76
N ARG L 151 -16.54 -14.99 61.94
CA ARG L 151 -16.26 -16.42 62.11
C ARG L 151 -17.41 -17.30 61.68
N THR L 152 -17.16 -18.17 60.70
CA THR L 152 -18.18 -19.03 60.08
C THR L 152 -18.34 -20.37 60.79
N ASP L 153 -17.33 -20.78 61.56
CA ASP L 153 -17.33 -22.10 62.19
C ASP L 153 -16.74 -22.00 63.59
N GLU L 154 -17.58 -22.24 64.59
CA GLU L 154 -17.21 -21.95 65.99
C GLU L 154 -15.95 -22.67 66.49
N THR L 155 -15.60 -23.80 65.89
CA THR L 155 -14.41 -24.55 66.31
C THR L 155 -13.09 -23.77 66.09
N PHE L 156 -13.12 -22.86 65.13
CA PHE L 156 -12.04 -21.91 64.88
C PHE L 156 -11.76 -21.04 66.10
N VAL L 157 -10.50 -20.99 66.54
CA VAL L 157 -10.21 -20.36 67.81
C VAL L 157 -9.69 -18.94 67.63
N ILE L 158 -10.37 -17.98 68.27
CA ILE L 158 -9.93 -16.58 68.27
C ILE L 158 -9.29 -16.24 69.61
N MET L 159 -8.01 -15.90 69.54
CA MET L 159 -7.18 -15.70 70.72
C MET L 159 -6.82 -14.24 70.87
N ALA L 160 -7.07 -13.64 72.02
CA ALA L 160 -6.73 -12.23 72.21
C ALA L 160 -5.43 -12.12 72.96
N ARG L 161 -4.51 -11.34 72.39
CA ARG L 161 -3.22 -11.10 73.02
C ARG L 161 -3.09 -9.65 73.52
N THR L 162 -2.53 -9.47 74.72
CA THR L 162 -2.40 -8.11 75.28
C THR L 162 -1.02 -7.78 75.86
N ASP L 163 -0.55 -6.57 75.54
CA ASP L 163 0.73 -6.08 76.03
C ASP L 163 0.53 -5.02 77.10
N ALA L 164 -0.67 -4.95 77.67
CA ALA L 164 -1.00 -3.93 78.68
C ALA L 164 -0.18 -4.05 79.97
N ALA L 165 0.04 -5.30 80.40
CA ALA L 165 0.82 -5.58 81.62
C ALA L 165 2.06 -4.65 81.77
N ALA L 166 2.87 -4.55 80.72
CA ALA L 166 4.12 -3.77 80.74
C ALA L 166 3.97 -2.29 81.13
N ALA L 167 2.92 -1.62 80.66
CA ALA L 167 2.77 -0.18 80.96
C ALA L 167 1.66 0.18 81.95
N GLU L 168 0.70 -0.72 82.18
CA GLU L 168 -0.46 -0.42 83.02
C GLU L 168 -0.55 -1.33 84.25
N GLY L 169 0.42 -2.22 84.41
CA GLY L 169 0.41 -3.14 85.54
C GLY L 169 -0.52 -4.30 85.32
N ILE L 170 -0.18 -5.42 85.95
CA ILE L 170 -0.89 -6.70 85.81
C ILE L 170 -2.42 -6.70 86.00
N ASP L 171 -2.92 -5.88 86.95
CA ASP L 171 -4.37 -5.86 87.25
C ASP L 171 -5.18 -5.24 86.11
N ALA L 172 -4.67 -4.14 85.56
CA ALA L 172 -5.26 -3.51 84.38
C ALA L 172 -5.43 -4.55 83.27
N ALA L 173 -4.34 -5.29 83.01
CA ALA L 173 -4.30 -6.37 82.01
C ALA L 173 -5.37 -7.45 82.25
N ILE L 174 -5.47 -7.89 83.51
CA ILE L 174 -6.49 -8.87 83.89
C ILE L 174 -7.92 -8.37 83.63
N GLU L 175 -8.16 -7.10 83.92
CA GLU L 175 -9.47 -6.51 83.69
C GLU L 175 -9.81 -6.46 82.19
N ARG L 176 -8.83 -6.03 81.38
CA ARG L 176 -8.95 -6.04 79.92
C ARG L 176 -9.32 -7.43 79.43
N ALA L 177 -8.54 -8.41 79.86
CA ALA L 177 -8.73 -9.80 79.46
C ALA L 177 -10.12 -10.35 79.71
N ILE L 178 -10.72 -10.00 80.85
CA ILE L 178 -12.06 -10.48 81.13
C ILE L 178 -13.11 -9.82 80.20
N ALA L 179 -12.90 -8.55 79.84
CA ALA L 179 -13.76 -7.90 78.82
C ALA L 179 -13.57 -8.49 77.43
N TYR L 180 -12.38 -9.05 77.18
CA TYR L 180 -12.05 -9.68 75.91
C TYR L 180 -12.77 -11.02 75.80
N VAL L 181 -12.73 -11.80 76.87
CA VAL L 181 -13.51 -13.04 76.96
C VAL L 181 -15.03 -12.74 76.81
N GLU L 182 -15.48 -11.63 77.41
CA GLU L 182 -16.87 -11.16 77.27
C GLU L 182 -17.19 -11.00 75.80
N ALA L 183 -16.28 -10.35 75.08
CA ALA L 183 -16.48 -10.04 73.67
C ALA L 183 -16.46 -11.28 72.76
N GLY L 184 -16.02 -12.41 73.31
CA GLY L 184 -16.09 -13.69 72.59
C GLY L 184 -14.77 -14.40 72.36
N ALA L 185 -13.66 -13.79 72.77
CA ALA L 185 -12.35 -14.43 72.64
C ALA L 185 -12.32 -15.76 73.38
N ASP L 186 -11.79 -16.79 72.73
CA ASP L 186 -11.77 -18.15 73.29
C ASP L 186 -10.63 -18.40 74.29
N MET L 187 -9.48 -17.73 74.09
CA MET L 187 -8.25 -17.96 74.86
C MET L 187 -7.47 -16.65 74.90
N ILE L 188 -6.57 -16.53 75.87
CA ILE L 188 -5.85 -15.28 76.11
C ILE L 188 -4.34 -15.46 76.18
N PHE L 189 -3.65 -14.53 75.52
CA PHE L 189 -2.18 -14.51 75.39
C PHE L 189 -1.68 -13.25 76.11
N PRO L 190 -1.31 -13.37 77.41
CA PRO L 190 -0.76 -12.23 78.13
C PRO L 190 0.75 -12.08 77.93
N GLU L 191 1.13 -11.01 77.25
CA GLU L 191 2.51 -10.68 76.98
C GLU L 191 3.35 -10.37 78.21
N ALA L 192 4.61 -10.84 78.19
CA ALA L 192 5.65 -10.51 79.17
C ALA L 192 5.21 -10.57 80.66
N MET L 193 5.13 -11.81 81.16
CA MET L 193 4.95 -12.04 82.60
C MET L 193 6.32 -12.32 83.17
N LYS L 194 6.59 -11.82 84.37
CA LYS L 194 7.90 -11.98 84.99
C LYS L 194 7.99 -13.21 85.90
N THR L 195 6.90 -13.56 86.60
CA THR L 195 6.94 -14.67 87.55
C THR L 195 5.89 -15.74 87.24
N LEU L 196 6.09 -16.95 87.77
CA LEU L 196 5.08 -18.02 87.69
C LEU L 196 3.76 -17.61 88.30
N ASP L 197 3.80 -16.72 89.29
CA ASP L 197 2.58 -16.31 90.00
C ASP L 197 1.70 -15.44 89.14
N ASP L 198 2.33 -14.58 88.33
CA ASP L 198 1.59 -13.75 87.40
C ASP L 198 0.67 -14.59 86.55
N TYR L 199 1.19 -15.70 86.02
CA TYR L 199 0.38 -16.64 85.22
C TYR L 199 -0.76 -17.27 86.02
N ARG L 200 -0.44 -17.71 87.23
CA ARG L 200 -1.42 -18.39 88.11
C ARG L 200 -2.64 -17.54 88.35
N ARG L 201 -2.42 -16.29 88.74
CA ARG L 201 -3.50 -15.38 89.08
C ARG L 201 -4.32 -15.06 87.85
N PHE L 202 -3.63 -14.90 86.72
CA PHE L 202 -4.27 -14.59 85.44
C PHE L 202 -5.24 -15.69 85.03
N LYS L 203 -4.76 -16.94 85.03
CA LYS L 203 -5.59 -18.08 84.69
C LYS L 203 -6.82 -18.19 85.60
N GLU L 204 -6.62 -17.91 86.89
CA GLU L 204 -7.71 -17.96 87.86
C GLU L 204 -8.76 -16.86 87.62
N ALA L 205 -8.27 -15.69 87.26
CA ALA L 205 -9.14 -14.56 86.96
C ALA L 205 -9.98 -14.75 85.69
N VAL L 206 -9.32 -15.10 84.57
CA VAL L 206 -10.01 -15.14 83.25
C VAL L 206 -10.70 -16.46 82.97
N LYS L 207 -10.30 -17.53 83.66
CA LYS L 207 -11.00 -18.82 83.58
C LYS L 207 -11.05 -19.49 82.18
N VAL L 208 -10.31 -18.98 81.21
CA VAL L 208 -10.17 -19.67 79.92
C VAL L 208 -8.71 -20.08 79.71
N PRO L 209 -8.46 -20.96 78.72
CA PRO L 209 -7.06 -21.32 78.43
C PRO L 209 -6.13 -20.12 78.23
N ILE L 210 -4.89 -20.30 78.65
CA ILE L 210 -3.87 -19.25 78.73
C ILE L 210 -2.59 -19.70 78.02
N LEU L 211 -1.92 -18.76 77.34
CA LEU L 211 -0.68 -19.06 76.61
C LEU L 211 0.53 -18.37 77.23
N ALA L 212 1.64 -19.10 77.31
CA ALA L 212 2.91 -18.56 77.80
C ALA L 212 3.88 -18.44 76.64
N ASN L 213 4.31 -17.23 76.34
CA ASN L 213 5.26 -17.05 75.24
C ASN L 213 6.68 -17.16 75.72
N LEU L 214 7.26 -18.33 75.53
CA LEU L 214 8.65 -18.57 75.98
C LEU L 214 9.62 -18.13 74.90
N THR L 215 10.00 -16.87 74.99
CA THR L 215 10.83 -16.27 73.96
C THR L 215 12.25 -16.06 74.48
N GLU L 216 13.21 -16.36 73.63
CA GLU L 216 14.62 -16.22 73.97
C GLU L 216 15.10 -14.77 73.79
N PHE L 217 16.06 -14.36 74.61
CA PHE L 217 16.67 -13.01 74.60
C PHE L 217 15.70 -11.90 75.04
N GLY L 218 14.57 -12.28 75.64
CA GLY L 218 13.58 -11.30 76.11
C GLY L 218 13.75 -11.01 77.59
N SER L 219 12.67 -10.56 78.24
CA SER L 219 12.66 -10.34 79.71
C SER L 219 12.26 -11.62 80.44
N THR L 220 11.18 -12.24 79.94
CA THR L 220 10.62 -13.47 80.47
C THR L 220 11.72 -14.54 80.58
N PRO L 221 11.85 -15.17 81.78
CA PRO L 221 12.67 -16.40 81.94
C PRO L 221 12.14 -17.56 81.09
N LEU L 222 13.03 -18.49 80.73
CA LEU L 222 12.63 -19.64 79.92
C LEU L 222 12.08 -20.78 80.80
N PHE L 223 10.82 -20.64 81.24
CA PHE L 223 10.20 -21.58 82.17
C PHE L 223 10.04 -22.99 81.61
N THR L 224 10.16 -24.01 82.48
CA THR L 224 10.04 -25.41 82.03
C THR L 224 8.58 -25.83 81.97
N LEU L 225 8.30 -26.92 81.24
CA LEU L 225 6.94 -27.45 81.16
C LEU L 225 6.34 -27.72 82.53
N ASP L 226 7.13 -28.23 83.48
CA ASP L 226 6.65 -28.49 84.85
C ASP L 226 6.28 -27.21 85.57
N GLU L 227 7.20 -26.25 85.56
CA GLU L 227 6.92 -24.96 86.16
C GLU L 227 5.59 -24.44 85.67
N LEU L 228 5.41 -24.49 84.35
CA LEU L 228 4.19 -24.02 83.69
C LEU L 228 2.95 -24.82 84.10
N LYS L 229 3.11 -26.15 84.17
CA LYS L 229 2.05 -27.07 84.59
C LYS L 229 1.53 -26.67 85.95
N GLY L 230 2.48 -26.44 86.86
CA GLY L 230 2.19 -26.02 88.24
C GLY L 230 1.56 -24.64 88.33
N ALA L 231 1.78 -23.81 87.31
CA ALA L 231 1.16 -22.48 87.26
C ALA L 231 -0.23 -22.49 86.58
N ASN L 232 -0.67 -23.65 86.11
CA ASN L 232 -1.98 -23.81 85.44
C ASN L 232 -2.08 -23.30 84.01
N VAL L 233 -0.92 -23.05 83.40
CA VAL L 233 -0.82 -22.59 82.01
C VAL L 233 -1.22 -23.72 81.05
N ASP L 234 -1.96 -23.39 79.98
CA ASP L 234 -2.46 -24.39 79.02
C ASP L 234 -1.60 -24.58 77.77
N ILE L 235 -0.86 -23.53 77.39
CA ILE L 235 -0.10 -23.54 76.16
C ILE L 235 1.28 -22.94 76.36
N ALA L 236 2.29 -23.75 76.07
CA ALA L 236 3.68 -23.31 76.04
C ALA L 236 4.05 -23.03 74.57
N LEU L 237 4.43 -21.77 74.30
CA LEU L 237 4.78 -21.34 72.94
C LEU L 237 6.27 -21.04 72.69
N TYR L 238 6.89 -21.84 71.83
CA TYR L 238 8.28 -21.66 71.43
C TYR L 238 8.25 -21.08 70.02
N CYS L 239 8.15 -19.76 69.93
CA CYS L 239 7.78 -19.15 68.66
C CYS L 239 8.92 -18.87 67.66
N CYS L 240 10.14 -18.74 68.15
CA CYS L 240 11.24 -18.28 67.30
C CYS L 240 12.50 -19.13 67.29
N GLY L 241 12.65 -19.98 68.30
CA GLY L 241 13.90 -20.71 68.51
C GLY L 241 14.38 -21.32 67.23
N ALA L 242 13.51 -22.10 66.62
CA ALA L 242 13.75 -22.75 65.33
C ALA L 242 14.49 -21.86 64.35
N TYR L 243 13.91 -20.72 63.98
CA TYR L 243 14.54 -19.91 62.96
C TYR L 243 15.84 -19.24 63.40
N ARG L 244 15.96 -18.95 64.68
CA ARG L 244 17.18 -18.38 65.19
C ARG L 244 18.30 -19.39 65.03
N ALA L 245 18.01 -20.63 65.42
CA ALA L 245 18.93 -21.74 65.23
C ALA L 245 19.32 -21.93 63.77
N MET L 246 18.33 -21.95 62.87
CA MET L 246 18.65 -22.17 61.48
C MET L 246 19.42 -21.00 60.85
N ASN L 247 19.11 -19.78 61.26
CA ASN L 247 19.82 -18.64 60.70
C ASN L 247 21.32 -18.61 61.05
N LYS L 248 21.65 -19.04 62.27
CA LYS L 248 23.04 -19.15 62.75
C LYS L 248 23.82 -20.11 61.86
N ALA L 249 23.20 -21.28 61.69
CA ALA L 249 23.73 -22.35 60.87
C ALA L 249 23.99 -21.87 59.46
N ALA L 250 23.08 -21.06 58.91
CA ALA L 250 23.22 -20.55 57.56
C ALA L 250 24.39 -19.56 57.47
N LEU L 251 24.45 -18.63 58.42
CA LEU L 251 25.52 -17.64 58.41
C LEU L 251 26.86 -18.35 58.49
N ASN L 252 26.94 -19.34 59.36
CA ASN L 252 28.18 -20.13 59.51
C ASN L 252 28.60 -20.77 58.18
N PHE L 253 27.65 -21.38 57.48
CA PHE L 253 27.94 -21.93 56.17
C PHE L 253 28.53 -20.89 55.25
N TYR L 254 27.86 -19.74 55.09
CA TYR L 254 28.33 -18.66 54.21
C TYR L 254 29.72 -18.18 54.57
N GLU L 255 29.97 -18.03 55.87
CA GLU L 255 31.25 -17.58 56.36
C GLU L 255 32.37 -18.55 56.02
N THR L 256 32.15 -19.84 56.30
CA THR L 256 33.20 -20.82 56.02
C THR L 256 33.48 -20.96 54.51
N VAL L 257 32.46 -20.77 53.69
CA VAL L 257 32.63 -20.88 52.23
C VAL L 257 33.46 -19.72 51.69
N ARG L 258 33.24 -18.52 52.22
CA ARG L 258 34.00 -17.35 51.78
C ARG L 258 35.45 -17.36 52.34
N ARG L 259 35.65 -17.94 53.53
CA ARG L 259 36.97 -18.03 54.18
C ARG L 259 37.81 -19.09 53.52
N ASP L 260 37.24 -20.28 53.42
CA ASP L 260 37.98 -21.50 53.09
C ASP L 260 38.08 -21.77 51.60
N GLY L 261 37.22 -21.16 50.79
CA GLY L 261 37.20 -21.47 49.36
C GLY L 261 36.56 -22.82 49.06
N THR L 262 35.88 -23.37 50.06
CA THR L 262 35.18 -24.65 49.97
C THR L 262 34.27 -24.78 51.19
N GLN L 263 33.24 -25.59 51.08
CA GLN L 263 32.34 -25.80 52.21
C GLN L 263 32.73 -27.03 53.03
N LYS L 264 33.83 -27.68 52.65
CA LYS L 264 34.23 -28.92 53.29
C LYS L 264 34.04 -28.89 54.83
N ALA L 265 34.55 -27.83 55.46
CA ALA L 265 34.53 -27.68 56.90
C ALA L 265 33.13 -27.68 57.50
N ALA L 266 32.14 -27.31 56.70
CA ALA L 266 30.79 -27.15 57.24
C ALA L 266 29.92 -28.37 57.05
N VAL L 267 30.42 -29.35 56.27
CA VAL L 267 29.58 -30.50 55.93
C VAL L 267 29.00 -31.23 57.16
N PRO L 268 29.81 -31.51 58.20
CA PRO L 268 29.23 -32.14 59.42
C PRO L 268 28.06 -31.37 60.10
N THR L 269 27.78 -30.15 59.65
CA THR L 269 26.66 -29.34 60.18
C THR L 269 25.40 -29.47 59.31
N MET L 270 25.56 -30.01 58.10
CA MET L 270 24.45 -30.15 57.14
C MET L 270 23.52 -31.32 57.46
N GLN L 271 22.28 -31.21 57.02
CA GLN L 271 21.34 -32.29 57.13
C GLN L 271 21.35 -33.09 55.83
N THR L 272 21.64 -34.37 55.96
CA THR L 272 21.86 -35.27 54.82
C THR L 272 20.84 -35.14 53.71
N ARG L 273 21.32 -35.35 52.50
CA ARG L 273 20.53 -35.37 51.28
C ARG L 273 19.61 -36.55 51.43
N ALA L 274 20.09 -37.55 52.14
CA ALA L 274 19.33 -38.76 52.36
C ALA L 274 18.21 -38.50 53.39
N GLN L 275 18.57 -37.91 54.53
CA GLN L 275 17.59 -37.65 55.58
C GLN L 275 16.46 -36.69 55.13
N LEU L 276 16.85 -35.72 54.30
CA LEU L 276 15.90 -34.80 53.75
C LEU L 276 14.81 -35.66 53.14
N TYR L 277 15.15 -36.31 52.02
CA TYR L 277 14.26 -37.22 51.23
C TYR L 277 13.32 -38.06 52.07
N ASP L 278 13.78 -38.37 53.28
CA ASP L 278 13.02 -39.12 54.23
C ASP L 278 11.89 -38.27 54.79
N TYR L 279 12.24 -37.16 55.43
CA TYR L 279 11.25 -36.29 56.11
C TYR L 279 10.08 -35.85 55.22
N LEU L 280 10.34 -35.52 53.97
CA LEU L 280 9.24 -35.20 53.09
C LEU L 280 8.60 -36.39 52.41
N GLY L 281 8.95 -37.58 52.87
CA GLY L 281 8.26 -38.82 52.50
C GLY L 281 8.37 -39.21 51.04
N TYR L 282 9.57 -39.03 50.44
CA TYR L 282 9.90 -39.47 49.05
C TYR L 282 9.38 -40.86 48.80
N TYR L 283 9.49 -41.67 49.86
CA TYR L 283 8.89 -42.99 50.02
C TYR L 283 7.49 -43.09 49.41
N ALA L 284 6.49 -42.54 50.11
CA ALA L 284 5.11 -42.81 49.74
C ALA L 284 4.68 -42.31 48.36
N TYR L 285 5.42 -41.35 47.80
CA TYR L 285 5.20 -40.87 46.41
C TYR L 285 5.49 -41.95 45.37
N GLU L 286 6.34 -42.90 45.75
CA GLU L 286 6.76 -44.02 44.92
C GLU L 286 5.63 -45.01 44.92
N GLU L 287 5.25 -45.43 46.11
CA GLU L 287 4.23 -46.47 46.29
C GLU L 287 2.81 -46.02 45.91
N LYS L 288 2.56 -44.72 46.02
CA LYS L 288 1.31 -44.14 45.54
C LYS L 288 1.14 -44.37 44.04
N LEU L 289 2.23 -44.15 43.28
CA LEU L 289 2.26 -44.36 41.82
C LEU L 289 1.99 -45.83 41.48
N ASP L 290 2.63 -46.73 42.25
CA ASP L 290 2.48 -48.19 42.12
C ASP L 290 1.04 -48.62 42.27
N GLN L 291 0.41 -48.11 43.33
CA GLN L 291 -0.98 -48.39 43.70
C GLN L 291 -2.08 -47.91 42.73
N LEU L 292 -1.81 -46.96 41.84
CA LEU L 292 -2.83 -46.54 40.88
C LEU L 292 -2.73 -47.31 39.56
N PHE L 293 -1.59 -48.01 39.39
CA PHE L 293 -1.20 -48.78 38.19
C PHE L 293 0.21 -49.43 38.35
N ILE M 8 4.05 41.13 25.49
CA ILE M 8 2.71 41.57 24.98
C ILE M 8 2.81 42.32 23.64
N SER M 9 2.14 41.79 22.62
CA SER M 9 2.35 42.14 21.21
C SER M 9 2.04 43.57 20.77
N ALA M 10 2.89 44.09 19.87
CA ALA M 10 2.70 45.40 19.27
C ALA M 10 1.30 45.57 18.67
N GLY M 11 0.82 44.58 17.94
CA GLY M 11 -0.55 44.63 17.48
C GLY M 11 -1.53 44.94 18.60
N ALA M 12 -1.42 44.20 19.70
CA ALA M 12 -2.30 44.41 20.87
C ALA M 12 -2.08 45.77 21.53
N LYS M 13 -0.83 46.24 21.60
CA LYS M 13 -0.52 47.59 22.10
C LYS M 13 -1.27 48.66 21.28
N PHE M 14 -1.34 48.45 19.95
CA PHE M 14 -1.97 49.41 19.08
C PHE M 14 -3.50 49.41 19.26
N ARG M 15 -4.10 48.23 19.25
CA ARG M 15 -5.56 48.08 19.50
C ARG M 15 -5.97 48.69 20.84
N ALA M 16 -5.17 48.42 21.87
CA ALA M 16 -5.40 48.99 23.22
C ALA M 16 -5.33 50.53 23.22
N ALA M 17 -4.36 51.09 22.47
CA ALA M 17 -4.20 52.54 22.35
C ALA M 17 -5.39 53.22 21.65
N VAL M 18 -5.98 52.52 20.69
CA VAL M 18 -7.17 53.02 20.00
C VAL M 18 -8.37 53.06 20.94
N ALA M 19 -8.53 52.00 21.74
CA ALA M 19 -9.64 51.92 22.69
C ALA M 19 -9.48 52.90 23.86
N ALA M 20 -8.24 53.29 24.16
CA ALA M 20 -7.95 54.11 25.35
C ALA M 20 -7.93 55.63 25.10
N GLU M 21 -7.83 56.06 23.83
CA GLU M 21 -7.71 57.48 23.46
C GLU M 21 -8.50 57.73 22.19
N GLN M 22 -9.54 58.55 22.28
CA GLN M 22 -10.51 58.67 21.20
C GLN M 22 -10.84 60.13 20.88
N PRO M 23 -10.48 60.59 19.68
CA PRO M 23 -9.56 59.98 18.72
C PRO M 23 -8.11 59.83 19.23
N LEU M 24 -7.43 58.79 18.77
CA LEU M 24 -6.02 58.56 19.10
C LEU M 24 -5.10 59.41 18.23
N GLN M 25 -4.26 60.21 18.87
CA GLN M 25 -3.21 60.96 18.15
C GLN M 25 -2.02 60.03 17.83
N VAL M 26 -1.67 59.90 16.56
CA VAL M 26 -0.45 59.15 16.19
C VAL M 26 0.43 59.96 15.24
N VAL M 27 1.69 60.17 15.62
CA VAL M 27 2.53 61.09 14.88
C VAL M 27 3.70 60.43 14.17
N GLY M 28 4.08 61.00 13.04
CA GLY M 28 5.15 60.43 12.23
C GLY M 28 6.48 60.75 12.82
N ALA M 29 7.39 59.79 12.75
CA ALA M 29 8.80 60.07 13.03
C ALA M 29 9.72 59.51 11.94
N ILE M 30 10.67 60.29 11.45
CA ILE M 30 11.54 59.78 10.40
C ILE M 30 12.81 59.14 10.88
N THR M 31 13.13 59.29 12.17
CA THR M 31 14.28 58.63 12.78
C THR M 31 13.95 57.96 14.13
N ALA M 32 14.83 57.05 14.55
CA ALA M 32 14.71 56.40 15.85
C ALA M 32 14.50 57.44 16.96
N TYR M 33 15.41 58.42 16.98
CA TYR M 33 15.38 59.46 17.99
C TYR M 33 14.05 60.22 18.03
N ALA M 34 13.61 60.69 16.86
CA ALA M 34 12.36 61.41 16.79
C ALA M 34 11.26 60.64 17.51
N ALA M 35 11.24 59.32 17.33
CA ALA M 35 10.21 58.48 17.90
C ALA M 35 10.33 58.47 19.43
N LYS M 36 11.59 58.43 19.92
CA LYS M 36 11.84 58.47 21.37
C LYS M 36 11.28 59.76 21.98
N MET M 37 11.52 60.88 21.30
CA MET M 37 10.94 62.17 21.71
C MET M 37 9.41 62.07 21.74
N ALA M 38 8.82 61.60 20.66
CA ALA M 38 7.38 61.49 20.62
C ALA M 38 6.82 60.71 21.82
N GLU M 39 7.59 59.70 22.27
CA GLU M 39 7.20 58.86 23.41
C GLU M 39 7.26 59.65 24.71
N ALA M 40 8.36 60.39 24.86
CA ALA M 40 8.57 61.21 26.03
C ALA M 40 7.48 62.28 26.18
N VAL M 41 7.04 62.85 25.06
CA VAL M 41 6.01 63.88 25.02
C VAL M 41 4.62 63.28 25.40
N GLY M 42 4.51 61.96 25.45
CA GLY M 42 3.27 61.33 25.91
C GLY M 42 2.33 60.71 24.87
N PHE M 43 2.73 60.68 23.60
CA PHE M 43 1.96 59.97 22.56
C PHE M 43 1.88 58.46 22.82
N LYS M 44 0.80 57.83 22.36
CA LYS M 44 0.63 56.40 22.55
C LYS M 44 1.01 55.54 21.33
N ALA M 45 1.28 56.19 20.17
CA ALA M 45 1.60 55.50 18.89
C ALA M 45 2.38 56.39 17.93
N VAL M 46 3.20 55.76 17.09
CA VAL M 46 3.99 56.49 16.12
C VAL M 46 3.82 55.92 14.70
N TYR M 47 4.23 56.69 13.71
CA TYR M 47 3.96 56.31 12.34
C TYR M 47 5.19 56.45 11.47
N LEU M 48 5.34 55.50 10.54
CA LEU M 48 6.42 55.56 9.56
C LEU M 48 5.80 55.82 8.19
N SER M 49 6.04 57.02 7.66
CA SER M 49 5.46 57.38 6.37
C SER M 49 6.38 56.90 5.27
N GLY M 50 5.75 56.36 4.21
CA GLY M 50 6.42 55.87 3.02
C GLY M 50 7.18 56.92 2.23
N GLY M 51 6.53 58.06 1.98
CA GLY M 51 7.16 59.19 1.31
C GLY M 51 8.25 59.76 2.19
N GLY M 52 8.05 59.61 3.51
CA GLY M 52 9.00 60.05 4.52
C GLY M 52 10.32 59.31 4.37
N VAL M 53 10.22 57.99 4.24
CA VAL M 53 11.39 57.14 4.10
C VAL M 53 12.12 57.52 2.83
N ALA M 54 11.35 57.77 1.79
CA ALA M 54 11.91 58.04 0.49
C ALA M 54 12.69 59.37 0.42
N ALA M 55 12.04 60.44 0.87
CA ALA M 55 12.58 61.79 0.76
C ALA M 55 13.80 61.95 1.66
N ASN M 56 13.60 61.59 2.94
CA ASN M 56 14.59 61.78 3.98
C ASN M 56 15.75 60.80 3.98
N SER M 57 15.41 59.50 4.07
CA SER M 57 16.41 58.43 4.20
C SER M 57 17.15 58.25 2.90
N LEU M 58 16.43 58.41 1.80
CA LEU M 58 16.95 58.01 0.49
C LEU M 58 17.36 59.17 -0.44
N GLY M 59 16.67 60.31 -0.26
CA GLY M 59 16.90 61.53 -1.04
C GLY M 59 16.30 61.46 -2.43
N ILE M 60 15.13 60.83 -2.49
CA ILE M 60 14.44 60.65 -3.75
C ILE M 60 12.93 60.84 -3.57
N PRO M 61 12.26 61.37 -4.61
CA PRO M 61 10.81 61.60 -4.53
C PRO M 61 9.97 60.32 -4.32
N ASP M 62 8.72 60.50 -3.86
CA ASP M 62 7.81 59.38 -3.60
C ASP M 62 7.19 58.85 -4.91
N LEU M 63 8.03 58.25 -5.74
CA LEU M 63 7.62 57.75 -7.04
C LEU M 63 7.57 56.21 -7.10
N GLY M 64 7.27 55.56 -5.97
CA GLY M 64 7.40 54.11 -5.84
C GLY M 64 8.79 53.55 -6.16
N ILE M 65 9.86 54.26 -5.83
CA ILE M 65 11.21 53.73 -6.02
C ILE M 65 11.65 53.00 -4.74
N SER M 66 11.21 53.55 -3.61
CA SER M 66 11.28 52.96 -2.28
C SER M 66 10.99 51.48 -2.31
N THR M 67 11.91 50.62 -1.85
CA THR M 67 11.63 49.17 -1.78
C THR M 67 11.28 48.70 -0.37
N MET M 68 10.75 47.48 -0.28
CA MET M 68 10.40 46.86 0.98
C MET M 68 11.51 46.92 2.03
N ASP M 69 12.75 46.73 1.58
CA ASP M 69 13.86 46.71 2.51
C ASP M 69 14.29 48.10 2.94
N ASP M 70 14.06 49.09 2.08
CA ASP M 70 14.33 50.46 2.50
C ASP M 70 13.50 50.73 3.78
N VAL M 71 12.19 50.48 3.68
CA VAL M 71 11.27 50.73 4.77
C VAL M 71 11.57 49.80 5.93
N LEU M 72 12.00 48.58 5.65
CA LEU M 72 12.38 47.64 6.72
C LEU M 72 13.49 48.12 7.65
N VAL M 73 14.57 48.67 7.10
CA VAL M 73 15.68 49.14 7.95
C VAL M 73 15.22 50.25 8.89
N ASP M 74 14.44 51.20 8.38
CA ASP M 74 13.89 52.27 9.21
C ASP M 74 12.93 51.71 10.26
N ALA M 75 12.04 50.84 9.84
CA ALA M 75 11.05 50.29 10.76
C ALA M 75 11.75 49.55 11.92
N ASN M 76 12.83 48.83 11.59
CA ASN M 76 13.59 48.09 12.61
C ASN M 76 14.25 49.06 13.59
N ARG M 77 14.90 50.11 13.07
CA ARG M 77 15.58 51.08 13.93
C ARG M 77 14.60 51.68 14.95
N ILE M 78 13.42 52.01 14.46
CA ILE M 78 12.41 52.66 15.25
C ILE M 78 11.84 51.74 16.33
N THR M 79 11.42 50.53 15.97
CA THR M 79 10.82 49.63 16.98
C THR M 79 11.83 49.16 18.05
N ASN M 80 13.11 49.16 17.71
CA ASN M 80 14.15 48.89 18.70
C ASN M 80 14.37 50.03 19.70
N ALA M 81 14.00 51.25 19.31
CA ALA M 81 14.30 52.45 20.07
C ALA M 81 13.15 52.94 20.96
N THR M 82 11.90 52.64 20.61
CA THR M 82 10.70 52.98 21.41
C THR M 82 9.91 51.73 21.68
N ASN M 83 9.10 51.71 22.73
CA ASN M 83 8.15 50.58 22.88
C ASN M 83 6.70 50.96 22.63
N LEU M 84 6.53 52.08 21.91
CA LEU M 84 5.23 52.49 21.40
C LEU M 84 4.89 51.69 20.14
N PRO M 85 3.61 51.33 19.95
CA PRO M 85 3.28 50.57 18.74
C PRO M 85 3.51 51.46 17.51
N LEU M 86 4.08 50.91 16.44
CA LEU M 86 4.39 51.68 15.22
C LEU M 86 3.50 51.27 14.05
N LEU M 87 2.95 52.25 13.33
CA LEU M 87 2.17 52.00 12.13
C LEU M 87 3.01 52.34 10.90
N VAL M 88 2.99 51.44 9.90
CA VAL M 88 3.86 51.58 8.71
C VAL M 88 3.09 51.63 7.39
N ASP M 89 3.45 52.60 6.56
CA ASP M 89 2.93 52.72 5.20
C ASP M 89 3.69 51.73 4.28
N ILE M 90 2.98 50.69 3.85
CA ILE M 90 3.62 49.72 2.95
C ILE M 90 3.16 49.76 1.46
N ASP M 91 2.64 50.91 1.04
CA ASP M 91 2.21 51.13 -0.33
C ASP M 91 1.26 50.01 -0.78
N THR M 92 1.63 49.38 -1.90
CA THR M 92 0.83 48.33 -2.52
C THR M 92 1.33 46.92 -2.13
N GLY M 93 2.36 46.87 -1.29
CA GLY M 93 2.86 45.61 -0.75
C GLY M 93 4.09 45.11 -1.49
N TRP M 94 4.51 45.87 -2.51
CA TRP M 94 5.68 45.54 -3.34
C TRP M 94 5.55 44.26 -4.14
N GLY M 95 4.41 44.05 -4.79
CA GLY M 95 4.25 42.94 -5.73
C GLY M 95 2.96 42.18 -5.63
N GLY M 96 2.94 41.00 -6.26
CA GLY M 96 1.78 40.08 -6.20
C GLY M 96 1.50 39.50 -4.81
N ALA M 97 0.65 38.47 -4.77
CA ALA M 97 0.22 37.89 -3.51
C ALA M 97 1.35 37.22 -2.71
N PHE M 98 2.36 36.69 -3.41
CA PHE M 98 3.51 36.09 -2.71
C PHE M 98 4.35 37.17 -2.06
N ASN M 99 4.40 38.36 -2.68
CA ASN M 99 5.23 39.45 -2.15
C ASN M 99 4.56 40.15 -0.98
N ILE M 100 3.26 40.36 -1.12
CA ILE M 100 2.43 40.89 -0.04
C ILE M 100 2.56 40.00 1.19
N ALA M 101 2.57 38.68 0.98
CA ALA M 101 2.74 37.73 2.07
C ALA M 101 4.10 37.88 2.77
N ARG M 102 5.18 37.93 1.98
CA ARG M 102 6.54 38.14 2.53
C ARG M 102 6.58 39.45 3.32
N THR M 103 5.95 40.50 2.77
CA THR M 103 5.89 41.82 3.39
C THR M 103 5.20 41.75 4.75
N ILE M 104 4.01 41.17 4.79
CA ILE M 104 3.31 41.01 6.04
C ILE M 104 4.20 40.30 7.06
N ARG M 105 4.77 39.17 6.69
CA ARG M 105 5.56 38.43 7.66
C ARG M 105 6.80 39.18 8.13
N SER M 106 7.46 39.89 7.20
CA SER M 106 8.64 40.71 7.53
C SER M 106 8.35 41.77 8.58
N PHE M 107 7.26 42.51 8.37
CA PHE M 107 6.90 43.59 9.28
C PHE M 107 6.33 43.10 10.61
N ILE M 108 5.70 41.94 10.63
CA ILE M 108 5.36 41.30 11.89
C ILE M 108 6.63 41.05 12.68
N LYS M 109 7.59 40.38 12.04
CA LYS M 109 8.89 40.05 12.65
C LYS M 109 9.68 41.30 13.07
N ALA M 110 9.46 42.40 12.37
CA ALA M 110 10.15 43.62 12.75
C ALA M 110 9.56 44.25 14.03
N GLY M 111 8.45 43.71 14.50
CA GLY M 111 7.81 44.25 15.71
C GLY M 111 6.88 45.44 15.50
N VAL M 112 6.49 45.69 14.25
CA VAL M 112 5.44 46.67 13.91
C VAL M 112 4.04 46.21 14.38
N GLY M 113 3.11 47.14 14.62
CA GLY M 113 1.87 46.82 15.33
C GLY M 113 0.66 46.94 14.46
N ALA M 114 0.81 47.73 13.40
CA ALA M 114 -0.22 47.97 12.39
C ALA M 114 0.48 48.31 11.09
N VAL M 115 -0.22 48.07 10.00
CA VAL M 115 0.38 48.29 8.73
C VAL M 115 -0.77 48.75 7.82
N HIS M 116 -0.48 49.66 6.89
CA HIS M 116 -1.52 50.07 5.94
C HIS M 116 -1.21 49.94 4.45
N LEU M 117 -2.19 49.37 3.75
CA LEU M 117 -2.16 49.02 2.33
C LEU M 117 -3.13 49.87 1.51
N GLU M 118 -2.89 49.97 0.19
CA GLU M 118 -3.76 50.75 -0.70
C GLU M 118 -4.20 50.15 -2.04
N ASP M 119 -5.30 50.69 -2.56
CA ASP M 119 -5.85 50.28 -3.84
C ASP M 119 -5.16 50.91 -5.06
N GLN M 120 -3.91 51.33 -4.93
CA GLN M 120 -3.27 51.96 -6.07
C GLN M 120 -2.65 50.95 -7.05
N VAL M 121 -2.42 51.38 -8.29
CA VAL M 121 -1.83 50.55 -9.36
C VAL M 121 -0.41 50.07 -9.04
N GLY M 122 -0.09 48.83 -9.44
CA GLY M 122 1.27 48.29 -9.26
C GLY M 122 2.29 48.91 -10.21
N GLN M 123 2.94 48.07 -11.01
CA GLN M 123 3.80 48.55 -12.10
C GLN M 123 2.96 48.92 -13.35
N LYS M 124 3.64 49.43 -14.37
CA LYS M 124 3.07 49.61 -15.71
C LYS M 124 4.25 49.93 -16.63
N ARG M 125 4.00 50.17 -17.93
CA ARG M 125 5.06 50.47 -18.90
C ARG M 125 6.36 51.05 -18.25
N CYS M 126 7.52 50.48 -18.57
CA CYS M 126 8.82 50.98 -18.07
C CYS M 126 8.92 52.52 -18.07
N GLY M 127 8.28 53.16 -19.05
CA GLY M 127 8.27 54.61 -19.18
C GLY M 127 6.98 55.33 -18.78
N HIS M 128 6.10 54.64 -18.03
CA HIS M 128 4.82 55.19 -17.57
C HIS M 128 5.02 56.43 -16.71
N ARG M 129 4.14 57.41 -16.89
CA ARG M 129 4.06 58.61 -16.05
C ARG M 129 3.35 58.29 -14.71
N PRO M 130 3.88 58.83 -13.59
CA PRO M 130 3.27 58.67 -12.24
C PRO M 130 1.88 59.35 -12.10
N GLY M 131 1.02 58.85 -11.22
CA GLY M 131 -0.29 59.48 -11.03
C GLY M 131 -1.25 58.63 -10.22
N LYS M 132 -2.08 59.28 -9.43
CA LYS M 132 -2.95 58.57 -8.48
C LYS M 132 -4.19 57.95 -9.18
N GLU M 133 -4.16 56.63 -9.33
CA GLU M 133 -5.14 55.86 -10.11
C GLU M 133 -5.42 54.52 -9.43
N CYS M 134 -6.70 54.22 -9.20
CA CYS M 134 -7.08 52.99 -8.48
C CYS M 134 -7.20 51.71 -9.34
N VAL M 135 -7.36 50.58 -8.65
CA VAL M 135 -7.65 49.28 -9.26
C VAL M 135 -9.07 48.87 -8.84
N PRO M 136 -9.70 47.91 -9.57
CA PRO M 136 -11.06 47.44 -9.16
C PRO M 136 -11.08 46.87 -7.75
N ALA M 137 -12.20 47.04 -7.06
CA ALA M 137 -12.41 46.53 -5.69
C ALA M 137 -11.93 45.09 -5.44
N GLY M 138 -12.26 44.19 -6.36
CA GLY M 138 -11.88 42.79 -6.25
C GLY M 138 -10.38 42.61 -6.36
N GLU M 139 -9.71 43.51 -7.07
CA GLU M 139 -8.26 43.50 -7.17
C GLU M 139 -7.66 43.88 -5.82
N MET M 140 -8.21 44.90 -5.18
CA MET M 140 -7.79 45.27 -3.82
C MET M 140 -8.33 44.30 -2.76
N VAL M 141 -9.42 43.60 -3.05
CA VAL M 141 -9.87 42.54 -2.12
C VAL M 141 -8.87 41.38 -2.14
N ASP M 142 -8.36 41.09 -3.32
CA ASP M 142 -7.34 40.07 -3.45
C ASP M 142 -6.11 40.37 -2.59
N ARG M 143 -5.64 41.62 -2.65
CA ARG M 143 -4.46 42.05 -1.89
C ARG M 143 -4.68 41.86 -0.41
N ILE M 144 -5.81 42.32 0.08
CA ILE M 144 -6.15 42.18 1.49
C ILE M 144 -6.20 40.71 1.88
N LYS M 145 -6.84 39.88 1.04
CA LYS M 145 -6.98 38.45 1.34
C LYS M 145 -5.63 37.78 1.51
N ALA M 146 -4.70 38.11 0.63
CA ALA M 146 -3.33 37.61 0.74
C ALA M 146 -2.70 38.02 2.06
N ALA M 147 -2.83 39.31 2.40
CA ALA M 147 -2.31 39.89 3.64
C ALA M 147 -2.88 39.21 4.88
N VAL M 148 -4.21 39.10 4.94
CA VAL M 148 -4.93 38.47 6.07
C VAL M 148 -4.49 37.01 6.29
N ASP M 149 -4.32 36.29 5.18
CA ASP M 149 -3.92 34.91 5.23
C ASP M 149 -2.48 34.74 5.73
N ALA M 150 -1.57 35.62 5.27
CA ALA M 150 -0.16 35.57 5.66
C ALA M 150 0.04 35.94 7.13
N ARG M 151 -0.94 36.66 7.69
CA ARG M 151 -0.88 37.16 9.05
C ARG M 151 -0.90 36.03 10.05
N THR M 152 0.13 35.97 10.87
CA THR M 152 0.33 34.84 11.78
C THR M 152 -0.23 35.10 13.21
N ASP M 153 -0.52 36.36 13.53
CA ASP M 153 -0.99 36.80 14.87
C ASP M 153 -2.12 37.82 14.68
N GLU M 154 -3.34 37.44 15.01
CA GLU M 154 -4.53 38.25 14.77
C GLU M 154 -4.51 39.68 15.34
N THR M 155 -3.75 39.89 16.41
CA THR M 155 -3.64 41.23 17.01
C THR M 155 -2.94 42.25 16.07
N PHE M 156 -2.12 41.75 15.13
CA PHE M 156 -1.53 42.61 14.12
C PHE M 156 -2.63 43.25 13.25
N VAL M 157 -2.59 44.59 13.13
CA VAL M 157 -3.66 45.36 12.47
C VAL M 157 -3.40 45.60 10.98
N ILE M 158 -4.30 45.09 10.15
CA ILE M 158 -4.21 45.32 8.71
C ILE M 158 -5.20 46.40 8.29
N MET M 159 -4.68 47.53 7.82
CA MET M 159 -5.51 48.68 7.53
C MET M 159 -5.54 48.96 6.03
N ALA M 160 -6.72 49.09 5.44
CA ALA M 160 -6.79 49.38 4.01
C ALA M 160 -7.02 50.85 3.77
N ARG M 161 -6.21 51.41 2.87
CA ARG M 161 -6.27 52.83 2.52
C ARG M 161 -6.81 52.99 1.10
N THR M 162 -7.72 53.95 0.91
CA THR M 162 -8.27 54.20 -0.43
C THR M 162 -8.24 55.67 -0.91
N ASP M 163 -7.84 55.81 -2.16
CA ASP M 163 -7.74 57.09 -2.85
C ASP M 163 -8.94 57.30 -3.80
N ALA M 164 -9.93 56.41 -3.75
CA ALA M 164 -11.03 56.39 -4.71
C ALA M 164 -11.93 57.64 -4.66
N ALA M 165 -12.21 58.13 -3.45
CA ALA M 165 -13.02 59.34 -3.23
C ALA M 165 -12.78 60.43 -4.28
N ALA M 166 -11.50 60.79 -4.46
CA ALA M 166 -11.03 61.84 -5.39
C ALA M 166 -11.53 61.73 -6.85
N ALA M 167 -11.54 60.52 -7.40
CA ALA M 167 -11.89 60.30 -8.80
C ALA M 167 -13.29 59.71 -9.03
N GLU M 168 -13.83 58.97 -8.06
CA GLU M 168 -15.10 58.28 -8.26
C GLU M 168 -16.17 58.73 -7.29
N GLY M 169 -15.86 59.74 -6.47
CA GLY M 169 -16.84 60.22 -5.52
C GLY M 169 -16.96 59.37 -4.27
N ILE M 170 -17.38 60.02 -3.19
CA ILE M 170 -17.48 59.46 -1.86
C ILE M 170 -18.22 58.12 -1.75
N ASP M 171 -19.30 57.96 -2.50
CA ASP M 171 -20.17 56.74 -2.39
C ASP M 171 -19.48 55.47 -2.90
N ALA M 172 -18.82 55.60 -4.05
CA ALA M 172 -17.99 54.53 -4.59
C ALA M 172 -16.94 54.08 -3.55
N ALA M 173 -16.28 55.06 -2.92
CA ALA M 173 -15.25 54.81 -1.89
C ALA M 173 -15.83 54.10 -0.66
N ILE M 174 -17.02 54.49 -0.23
CA ILE M 174 -17.73 53.80 0.84
C ILE M 174 -17.95 52.34 0.47
N GLU M 175 -18.35 52.14 -0.79
CA GLU M 175 -18.66 50.82 -1.36
C GLU M 175 -17.47 49.88 -1.30
N ARG M 176 -16.37 50.38 -1.85
CA ARG M 176 -15.09 49.69 -1.82
C ARG M 176 -14.70 49.30 -0.40
N ALA M 177 -14.69 50.29 0.48
CA ALA M 177 -14.38 50.10 1.90
C ALA M 177 -15.15 48.96 2.56
N ILE M 178 -16.46 48.83 2.28
CA ILE M 178 -17.21 47.76 2.93
C ILE M 178 -16.74 46.39 2.41
N ALA M 179 -16.36 46.33 1.13
CA ALA M 179 -15.84 45.08 0.56
C ALA M 179 -14.43 44.77 1.09
N TYR M 180 -13.71 45.81 1.51
CA TYR M 180 -12.38 45.66 2.10
C TYR M 180 -12.47 45.10 3.52
N VAL M 181 -13.44 45.58 4.29
CA VAL M 181 -13.75 45.02 5.61
C VAL M 181 -14.21 43.58 5.47
N GLU M 182 -14.99 43.33 4.42
CA GLU M 182 -15.38 41.98 3.99
C GLU M 182 -14.16 41.07 3.90
N ALA M 183 -13.18 41.55 3.13
CA ALA M 183 -11.92 40.84 2.86
C ALA M 183 -11.04 40.61 4.10
N GLY M 184 -11.36 41.30 5.20
CA GLY M 184 -10.66 41.07 6.47
C GLY M 184 -9.92 42.27 7.06
N ALA M 185 -9.91 43.40 6.34
CA ALA M 185 -9.26 44.61 6.82
C ALA M 185 -9.86 45.04 8.16
N ASP M 186 -8.99 45.41 9.08
CA ASP M 186 -9.37 45.73 10.46
C ASP M 186 -9.85 47.18 10.64
N MET M 187 -9.29 48.08 9.82
CA MET M 187 -9.49 49.53 9.93
C MET M 187 -9.34 50.14 8.56
N ILE M 188 -9.88 51.35 8.39
CA ILE M 188 -9.94 51.99 7.09
C ILE M 188 -9.35 53.40 7.11
N PHE M 189 -8.63 53.73 6.05
CA PHE M 189 -7.95 55.00 5.94
C PHE M 189 -8.42 55.62 4.64
N PRO M 190 -9.45 56.48 4.72
CA PRO M 190 -10.03 57.16 3.56
C PRO M 190 -9.28 58.43 3.24
N GLU M 191 -8.61 58.44 2.09
CA GLU M 191 -7.84 59.60 1.69
C GLU M 191 -8.69 60.80 1.26
N ALA M 192 -8.17 62.00 1.59
CA ALA M 192 -8.69 63.31 1.13
C ALA M 192 -10.21 63.48 1.26
N MET M 193 -10.62 63.65 2.52
CA MET M 193 -12.00 64.04 2.82
C MET M 193 -12.00 65.56 2.96
N LYS M 194 -13.03 66.23 2.44
CA LYS M 194 -13.05 67.68 2.49
C LYS M 194 -13.83 68.25 3.69
N THR M 195 -14.88 67.56 4.12
CA THR M 195 -15.70 68.04 5.26
C THR M 195 -15.74 67.03 6.43
N LEU M 196 -16.07 67.53 7.61
CA LEU M 196 -16.38 66.71 8.80
C LEU M 196 -17.46 65.67 8.52
N ASP M 197 -18.40 66.00 7.63
CA ASP M 197 -19.53 65.12 7.32
C ASP M 197 -19.10 63.89 6.54
N ASP M 198 -18.19 64.11 5.58
CA ASP M 198 -17.60 63.01 4.82
C ASP M 198 -17.14 61.89 5.78
N TYR M 199 -16.39 62.26 6.82
CA TYR M 199 -15.92 61.31 7.84
C TYR M 199 -17.07 60.64 8.60
N ARG M 200 -18.02 61.45 9.06
CA ARG M 200 -19.15 60.96 9.83
C ARG M 200 -19.95 59.85 9.14
N ARG M 201 -20.26 60.08 7.86
CA ARG M 201 -21.07 59.09 7.12
C ARG M 201 -20.23 57.84 6.83
N PHE M 202 -18.94 58.05 6.56
CA PHE M 202 -17.99 56.97 6.33
C PHE M 202 -17.92 56.00 7.50
N LYS M 203 -17.74 56.55 8.70
CA LYS M 203 -17.64 55.74 9.91
C LYS M 203 -18.95 54.97 10.15
N GLU M 204 -20.08 55.63 9.84
CA GLU M 204 -21.42 55.05 9.96
C GLU M 204 -21.63 53.84 9.06
N ALA M 205 -21.14 53.98 7.83
CA ALA M 205 -21.28 52.96 6.81
C ALA M 205 -20.37 51.74 7.08
N VAL M 206 -19.08 51.98 7.35
CA VAL M 206 -18.10 50.89 7.43
C VAL M 206 -17.99 50.23 8.79
N LYS M 207 -18.44 50.94 9.82
CA LYS M 207 -18.60 50.36 11.17
C LYS M 207 -17.29 49.90 11.86
N VAL M 208 -16.14 50.16 11.24
CA VAL M 208 -14.84 49.85 11.85
C VAL M 208 -14.12 51.15 12.17
N PRO M 209 -13.10 51.11 13.05
CA PRO M 209 -12.22 52.30 13.24
C PRO M 209 -11.73 52.97 11.94
N ILE M 210 -11.66 54.30 11.98
CA ILE M 210 -11.35 55.14 10.81
C ILE M 210 -10.22 56.07 11.13
N LEU M 211 -9.39 56.36 10.13
CA LEU M 211 -8.28 57.24 10.33
C LEU M 211 -8.40 58.50 9.47
N ALA M 212 -8.02 59.63 10.05
CA ALA M 212 -8.05 60.91 9.37
C ALA M 212 -6.63 61.44 9.17
N ASN M 213 -6.24 61.59 7.91
CA ASN M 213 -4.86 62.01 7.57
C ASN M 213 -4.69 63.52 7.61
N LEU M 214 -4.23 64.03 8.75
CA LEU M 214 -4.07 65.47 8.94
C LEU M 214 -2.79 65.96 8.29
N THR M 215 -2.86 66.27 7.00
CA THR M 215 -1.65 66.59 6.26
C THR M 215 -1.60 68.07 5.90
N GLU M 216 -0.44 68.69 6.13
CA GLU M 216 -0.27 70.11 5.84
C GLU M 216 0.08 70.38 4.37
N PHE M 217 -0.31 71.56 3.88
CA PHE M 217 -0.18 71.98 2.45
C PHE M 217 -0.97 71.10 1.45
N GLY M 218 -1.96 70.35 1.95
CA GLY M 218 -2.81 69.53 1.08
C GLY M 218 -4.13 70.22 0.80
N SER M 219 -5.14 69.43 0.48
CA SER M 219 -6.48 69.94 0.25
C SER M 219 -7.27 69.91 1.57
N THR M 220 -7.21 68.76 2.26
CA THR M 220 -7.85 68.58 3.56
C THR M 220 -7.46 69.73 4.53
N PRO M 221 -8.48 70.40 5.14
CA PRO M 221 -8.27 71.33 6.28
C PRO M 221 -7.63 70.62 7.50
N LEU M 222 -6.87 71.36 8.31
CA LEU M 222 -6.29 70.80 9.55
C LEU M 222 -7.27 70.75 10.71
N PHE M 223 -8.16 69.76 10.68
CA PHE M 223 -9.19 69.55 11.70
C PHE M 223 -8.63 69.38 13.15
N THR M 224 -9.32 69.90 14.14
CA THR M 224 -8.89 69.76 15.54
C THR M 224 -9.39 68.44 16.14
N LEU M 225 -8.76 68.02 17.24
CA LEU M 225 -9.14 66.79 17.93
C LEU M 225 -10.64 66.75 18.25
N ASP M 226 -11.18 67.90 18.64
CA ASP M 226 -12.61 68.00 19.01
C ASP M 226 -13.51 67.81 17.78
N GLU M 227 -13.18 68.56 16.72
CA GLU M 227 -13.91 68.48 15.47
C GLU M 227 -14.01 66.98 15.06
N LEU M 228 -12.86 66.29 15.09
CA LEU M 228 -12.75 64.85 14.77
C LEU M 228 -13.52 63.96 15.74
N LYS M 229 -13.40 64.24 17.03
CA LYS M 229 -14.16 63.52 18.06
C LYS M 229 -15.66 63.55 17.75
N GLY M 230 -16.16 64.74 17.42
CA GLY M 230 -17.56 64.94 17.06
C GLY M 230 -17.95 64.23 15.76
N ALA M 231 -16.95 64.02 14.89
CA ALA M 231 -17.15 63.32 13.60
C ALA M 231 -17.15 61.78 13.73
N ASN M 232 -16.83 61.33 14.94
CA ASN M 232 -16.68 59.91 15.28
C ASN M 232 -15.43 59.17 14.74
N VAL M 233 -14.42 59.96 14.36
CA VAL M 233 -13.16 59.43 13.87
C VAL M 233 -12.32 58.84 15.02
N ASP M 234 -11.65 57.71 14.74
CA ASP M 234 -10.90 56.97 15.78
C ASP M 234 -9.42 57.34 15.85
N ILE M 235 -8.85 57.84 14.75
CA ILE M 235 -7.41 58.05 14.71
C ILE M 235 -7.05 59.33 13.96
N ALA M 236 -6.34 60.21 14.64
CA ALA M 236 -5.84 61.42 14.05
C ALA M 236 -4.36 61.22 13.71
N LEU M 237 -4.03 61.36 12.43
CA LEU M 237 -2.65 61.09 11.99
C LEU M 237 -1.88 62.29 11.45
N TYR M 238 -0.80 62.61 12.14
CA TYR M 238 0.06 63.74 11.86
C TYR M 238 1.30 63.15 11.24
N CYS M 239 1.25 62.89 9.94
CA CYS M 239 2.26 62.03 9.29
C CYS M 239 3.61 62.67 8.98
N CYS M 240 3.63 64.00 8.79
CA CYS M 240 4.78 64.65 8.16
C CYS M 240 5.31 65.88 8.84
N GLY M 241 4.47 66.50 9.66
CA GLY M 241 4.81 67.77 10.30
C GLY M 241 6.23 67.74 10.82
N ALA M 242 6.46 66.80 11.75
CA ALA M 242 7.75 66.52 12.33
C ALA M 242 8.90 66.79 11.34
N TYR M 243 8.92 66.08 10.22
CA TYR M 243 10.10 66.16 9.36
C TYR M 243 10.20 67.42 8.53
N ARG M 244 9.04 68.01 8.24
CA ARG M 244 8.99 69.31 7.60
C ARG M 244 9.66 70.34 8.49
N ALA M 245 9.25 70.33 9.76
CA ALA M 245 9.79 71.21 10.80
C ALA M 245 11.29 71.05 10.91
N MET M 246 11.74 69.80 11.04
CA MET M 246 13.15 69.54 11.17
C MET M 246 13.96 69.95 9.94
N ASN M 247 13.39 69.72 8.76
CA ASN M 247 14.11 70.03 7.55
C ASN M 247 14.37 71.53 7.36
N LYS M 248 13.38 72.35 7.73
CA LYS M 248 13.57 73.83 7.66
C LYS M 248 14.71 74.23 8.59
N ALA M 249 14.61 73.76 9.84
CA ALA M 249 15.62 74.00 10.86
C ALA M 249 17.03 73.65 10.34
N ALA M 250 17.13 72.59 9.56
CA ALA M 250 18.42 72.16 9.07
C ALA M 250 18.91 73.09 7.96
N LEU M 251 18.02 73.39 7.00
CA LEU M 251 18.33 74.33 5.92
C LEU M 251 18.85 75.66 6.52
N ASN M 252 18.12 76.13 7.53
CA ASN M 252 18.46 77.35 8.22
C ASN M 252 19.87 77.34 8.72
N PHE M 253 20.21 76.26 9.44
CA PHE M 253 21.56 76.06 9.93
C PHE M 253 22.58 76.18 8.76
N TYR M 254 22.37 75.39 7.72
CA TYR M 254 23.29 75.34 6.58
C TYR M 254 23.50 76.73 5.97
N GLU M 255 22.39 77.47 5.84
CA GLU M 255 22.39 78.81 5.24
C GLU M 255 23.23 79.78 6.09
N THR M 256 22.93 79.79 7.40
CA THR M 256 23.55 80.69 8.37
C THR M 256 25.06 80.41 8.51
N VAL M 257 25.47 79.16 8.30
CA VAL M 257 26.89 78.79 8.30
C VAL M 257 27.63 79.30 7.04
N ARG M 258 26.94 79.23 5.92
CA ARG M 258 27.53 79.60 4.63
C ARG M 258 27.65 81.12 4.51
N ARG M 259 26.66 81.80 5.09
CA ARG M 259 26.58 83.28 5.09
C ARG M 259 27.62 83.88 6.02
N ASP M 260 27.54 83.48 7.30
CA ASP M 260 28.22 84.16 8.41
C ASP M 260 29.66 83.66 8.64
N GLY M 261 30.05 82.51 8.07
CA GLY M 261 31.36 81.90 8.41
C GLY M 261 31.45 81.31 9.82
N THR M 262 30.28 81.17 10.45
CA THR M 262 30.12 80.61 11.80
C THR M 262 28.66 80.25 11.98
N GLN M 263 28.40 79.32 12.90
CA GLN M 263 27.03 78.97 13.22
C GLN M 263 26.49 79.74 14.41
N LYS M 264 27.28 80.66 14.95
CA LYS M 264 26.93 81.36 16.20
C LYS M 264 25.45 81.74 16.21
N ALA M 265 25.03 82.34 15.10
CA ALA M 265 23.67 82.87 14.92
C ALA M 265 22.58 81.82 15.20
N ALA M 266 22.94 80.56 14.93
CA ALA M 266 21.95 79.49 14.88
C ALA M 266 21.75 78.72 16.19
N VAL M 267 22.64 78.93 17.17
CA VAL M 267 22.54 78.15 18.41
C VAL M 267 21.16 78.26 19.12
N PRO M 268 20.48 79.43 19.10
CA PRO M 268 19.21 79.41 19.84
C PRO M 268 18.10 78.53 19.25
N THR M 269 18.28 78.07 18.01
CA THR M 269 17.36 77.08 17.35
C THR M 269 17.62 75.63 17.81
N MET M 270 18.91 75.24 17.87
CA MET M 270 19.39 73.91 18.32
C MET M 270 18.73 73.28 19.55
N GLN M 271 19.24 72.09 19.90
CA GLN M 271 18.81 71.34 21.08
C GLN M 271 19.98 71.18 22.05
N THR M 272 19.63 71.13 23.34
CA THR M 272 20.64 71.19 24.42
C THR M 272 21.28 69.80 24.61
N ARG M 273 22.58 69.78 24.90
CA ARG M 273 23.18 68.51 25.28
C ARG M 273 22.49 67.94 26.52
N ALA M 274 22.18 68.81 27.48
CA ALA M 274 21.38 68.47 28.67
C ALA M 274 20.03 67.83 28.31
N GLN M 275 19.66 67.87 27.03
CA GLN M 275 18.39 67.28 26.57
C GLN M 275 18.60 66.15 25.57
N LEU M 276 19.74 66.16 24.91
CA LEU M 276 20.12 65.03 24.07
C LEU M 276 20.29 63.91 25.08
N TYR M 277 21.31 64.11 25.91
CA TYR M 277 21.78 63.16 26.91
C TYR M 277 20.61 62.75 27.75
N ASP M 278 19.68 63.67 27.92
CA ASP M 278 18.46 63.29 28.54
C ASP M 278 17.71 62.35 27.63
N TYR M 279 16.92 62.88 26.71
CA TYR M 279 16.03 62.08 25.86
C TYR M 279 16.51 60.69 25.42
N LEU M 280 17.83 60.52 25.32
CA LEU M 280 18.46 59.22 25.05
C LEU M 280 18.34 58.17 26.19
N GLY M 281 18.50 58.63 27.42
CA GLY M 281 18.65 57.77 28.60
C GLY M 281 20.12 57.52 28.92
N TYR M 282 20.99 58.45 28.54
CA TYR M 282 22.45 58.35 28.77
C TYR M 282 22.83 58.24 30.27
N TYR M 283 21.80 58.25 31.11
CA TYR M 283 21.94 57.93 32.54
C TYR M 283 21.53 56.46 32.80
N ALA M 284 20.36 56.03 32.27
CA ALA M 284 19.85 54.64 32.39
C ALA M 284 20.82 53.55 31.90
N TYR M 285 21.93 53.98 31.29
CA TYR M 285 23.03 53.10 30.87
C TYR M 285 24.14 53.08 31.91
N GLU M 286 24.16 54.09 32.77
CA GLU M 286 25.10 54.15 33.90
C GLU M 286 24.54 53.39 35.09
N GLU M 287 23.22 53.45 35.25
CA GLU M 287 22.43 52.56 36.15
C GLU M 287 22.42 51.10 35.66
N LYS M 288 23.34 50.77 34.76
CA LYS M 288 23.47 49.42 34.25
C LYS M 288 24.83 48.91 34.70
N LEU M 289 25.92 49.54 34.23
CA LEU M 289 27.30 49.22 34.65
C LEU M 289 27.55 49.50 36.17
N ASP M 290 26.75 48.84 36.99
CA ASP M 290 26.42 49.34 38.29
C ASP M 290 25.65 48.22 38.92
N GLN M 291 24.37 48.16 38.58
CA GLN M 291 23.45 47.14 39.10
C GLN M 291 23.86 45.73 38.68
N LEU M 292 24.95 45.65 37.92
CA LEU M 292 25.44 44.38 37.45
C LEU M 292 26.91 44.15 37.79
N PHE M 293 27.69 45.24 37.87
CA PHE M 293 29.14 45.13 38.03
C PHE M 293 29.79 45.95 39.19
N ASN M 294 28.96 46.36 40.17
CA ASN M 294 29.37 47.07 41.41
C ASN M 294 30.75 47.71 41.44
N LEU N 7 34.98 60.60 -14.59
CA LEU N 7 35.74 59.51 -13.92
C LEU N 7 36.59 60.07 -12.76
N ILE N 8 35.92 60.55 -11.69
CA ILE N 8 36.60 61.29 -10.61
C ILE N 8 36.43 60.67 -9.21
N SER N 9 37.53 60.15 -8.67
CA SER N 9 37.43 59.34 -7.46
C SER N 9 37.17 60.14 -6.19
N ALA N 10 36.09 59.79 -5.50
CA ALA N 10 35.57 60.48 -4.30
C ALA N 10 36.63 61.10 -3.38
N GLY N 11 37.74 60.38 -3.22
CA GLY N 11 38.91 60.88 -2.52
C GLY N 11 39.47 62.13 -3.19
N ALA N 12 39.65 62.05 -4.51
CA ALA N 12 40.16 63.17 -5.31
C ALA N 12 39.25 64.38 -5.17
N LYS N 13 37.93 64.18 -5.24
CA LYS N 13 36.98 65.28 -5.03
C LYS N 13 37.22 65.98 -3.69
N PHE N 14 37.56 65.21 -2.66
CA PHE N 14 37.77 65.78 -1.34
C PHE N 14 39.06 66.59 -1.27
N ARG N 15 40.16 65.99 -1.73
CA ARG N 15 41.44 66.69 -1.81
C ARG N 15 41.37 67.99 -2.64
N ALA N 16 40.65 67.92 -3.78
CA ALA N 16 40.34 69.06 -4.65
C ALA N 16 39.66 70.19 -3.89
N ALA N 17 38.61 69.84 -3.12
CA ALA N 17 37.83 70.81 -2.36
C ALA N 17 38.63 71.48 -1.22
N VAL N 18 39.61 70.77 -0.66
CA VAL N 18 40.52 71.33 0.36
C VAL N 18 41.46 72.39 -0.26
N ALA N 19 41.98 72.06 -1.45
CA ALA N 19 42.84 72.94 -2.24
C ALA N 19 42.08 74.19 -2.72
N ALA N 20 40.76 74.06 -2.93
CA ALA N 20 39.97 75.12 -3.55
C ALA N 20 39.34 76.12 -2.58
N GLU N 21 39.22 75.74 -1.32
CA GLU N 21 38.50 76.55 -0.33
C GLU N 21 39.26 76.46 1.00
N GLN N 22 39.82 77.59 1.45
CA GLN N 22 40.71 77.61 2.62
C GLN N 22 40.31 78.72 3.60
N PRO N 23 39.77 78.35 4.78
CA PRO N 23 39.49 76.97 5.21
C PRO N 23 38.24 76.41 4.50
N LEU N 24 38.20 75.08 4.33
CA LEU N 24 37.04 74.39 3.75
C LEU N 24 35.96 74.13 4.80
N GLN N 25 34.77 74.71 4.59
CA GLN N 25 33.58 74.43 5.44
C GLN N 25 33.02 73.04 5.06
N VAL N 26 32.87 72.16 6.04
CA VAL N 26 32.29 70.82 5.83
C VAL N 26 31.21 70.56 6.88
N VAL N 27 29.96 70.37 6.45
CA VAL N 27 28.84 70.24 7.42
C VAL N 27 28.32 68.81 7.60
N GLY N 28 27.84 68.56 8.82
CA GLY N 28 27.31 67.24 9.14
C GLY N 28 25.92 67.10 8.60
N ALA N 29 25.62 65.89 8.13
CA ALA N 29 24.30 65.49 7.63
C ALA N 29 23.89 64.18 8.29
N ILE N 30 22.73 64.12 8.92
CA ILE N 30 22.30 62.85 9.49
C ILE N 30 21.39 62.05 8.58
N THR N 31 20.90 62.64 7.49
CA THR N 31 20.08 61.90 6.51
C THR N 31 20.54 62.22 5.08
N ALA N 32 20.08 61.41 4.11
CA ALA N 32 20.44 61.68 2.73
C ALA N 32 19.92 63.04 2.29
N TYR N 33 18.69 63.36 2.67
CA TYR N 33 18.08 64.60 2.23
C TYR N 33 18.85 65.77 2.79
N ALA N 34 19.22 65.69 4.07
CA ALA N 34 20.03 66.74 4.69
C ALA N 34 21.22 67.06 3.80
N ALA N 35 21.89 66.01 3.33
CA ALA N 35 23.08 66.21 2.52
C ALA N 35 22.71 66.91 1.22
N LYS N 36 21.55 66.59 0.66
CA LYS N 36 21.17 67.20 -0.59
C LYS N 36 20.94 68.70 -0.42
N MET N 37 20.35 69.08 0.71
CA MET N 37 20.16 70.50 1.04
C MET N 37 21.53 71.15 1.14
N ALA N 38 22.42 70.53 1.90
CA ALA N 38 23.76 71.04 2.08
C ALA N 38 24.39 71.30 0.71
N GLU N 39 24.15 70.41 -0.24
CA GLU N 39 24.72 70.57 -1.59
C GLU N 39 24.13 71.82 -2.28
N ALA N 40 22.81 71.92 -2.17
CA ALA N 40 22.04 73.02 -2.75
C ALA N 40 22.54 74.38 -2.23
N VAL N 41 22.84 74.44 -0.93
CA VAL N 41 23.31 75.68 -0.28
C VAL N 41 24.74 76.05 -0.69
N GLY N 42 25.44 75.13 -1.34
CA GLY N 42 26.72 75.50 -1.93
C GLY N 42 27.97 74.92 -1.28
N PHE N 43 27.82 74.10 -0.23
CA PHE N 43 28.96 73.44 0.43
C PHE N 43 29.68 72.48 -0.52
N LYS N 44 30.98 72.27 -0.31
CA LYS N 44 31.79 71.41 -1.18
C LYS N 44 31.99 69.99 -0.61
N ALA N 45 31.65 69.80 0.67
CA ALA N 45 31.87 68.51 1.36
C ALA N 45 30.95 68.31 2.56
N VAL N 46 30.66 67.05 2.85
CA VAL N 46 29.72 66.75 3.91
C VAL N 46 30.29 65.73 4.89
N TYR N 47 29.64 65.61 6.05
CA TYR N 47 30.19 64.81 7.14
C TYR N 47 29.18 63.85 7.77
N LEU N 48 29.67 62.64 8.02
CA LEU N 48 28.90 61.64 8.75
C LEU N 48 29.43 61.48 10.17
N SER N 49 28.68 61.99 11.13
CA SER N 49 29.08 61.93 12.52
C SER N 49 28.77 60.57 13.17
N GLY N 50 29.76 59.96 13.82
CA GLY N 50 29.58 58.70 14.54
C GLY N 50 28.50 58.75 15.62
N GLY N 51 28.59 59.76 16.49
CA GLY N 51 27.59 59.93 17.55
C GLY N 51 26.26 60.30 16.97
N GLY N 52 26.31 60.87 15.76
CA GLY N 52 25.13 61.32 15.03
C GLY N 52 24.36 60.12 14.55
N VAL N 53 25.09 59.15 14.02
CA VAL N 53 24.51 57.87 13.62
C VAL N 53 23.82 57.21 14.83
N ALA N 54 24.54 57.15 15.95
CA ALA N 54 24.07 56.47 17.14
C ALA N 54 22.80 57.06 17.76
N ALA N 55 22.79 58.38 17.97
CA ALA N 55 21.64 58.99 18.65
C ALA N 55 20.43 59.05 17.73
N ASN N 56 20.63 59.44 16.47
CA ASN N 56 19.49 59.67 15.59
C ASN N 56 18.94 58.45 14.92
N SER N 57 19.84 57.73 14.24
CA SER N 57 19.47 56.55 13.48
C SER N 57 19.09 55.41 14.40
N LEU N 58 19.78 55.29 15.52
CA LEU N 58 19.65 54.12 16.41
C LEU N 58 18.89 54.39 17.70
N GLY N 59 18.91 55.63 18.18
CA GLY N 59 18.25 56.01 19.44
C GLY N 59 19.01 55.59 20.70
N ILE N 60 20.34 55.64 20.62
CA ILE N 60 21.18 55.16 21.70
C ILE N 60 22.43 56.06 21.81
N PRO N 61 22.90 56.29 23.04
CA PRO N 61 24.10 57.06 23.38
C PRO N 61 25.34 56.70 22.61
N ASP N 62 26.27 57.63 22.54
CA ASP N 62 27.55 57.43 21.87
C ASP N 62 28.49 56.65 22.79
N LEU N 63 28.19 55.38 23.02
CA LEU N 63 28.92 54.58 23.98
C LEU N 63 29.70 53.45 23.33
N GLY N 64 30.10 53.64 22.07
CA GLY N 64 30.71 52.58 21.25
C GLY N 64 29.81 51.37 21.00
N ILE N 65 28.50 51.58 20.91
CA ILE N 65 27.58 50.48 20.64
C ILE N 65 27.35 50.35 19.13
N SER N 66 27.23 51.49 18.48
CA SER N 66 27.23 51.63 17.03
C SER N 66 28.28 50.70 16.35
N THR N 67 27.84 49.90 15.36
CA THR N 67 28.74 48.98 14.64
C THR N 67 29.07 49.44 13.23
N MET N 68 30.12 48.87 12.65
CA MET N 68 30.54 49.24 11.30
C MET N 68 29.40 49.23 10.27
N ASP N 69 28.47 48.29 10.40
CA ASP N 69 27.35 48.25 9.45
C ASP N 69 26.32 49.33 9.71
N ASP N 70 26.12 49.73 10.97
CA ASP N 70 25.20 50.81 11.25
C ASP N 70 25.64 52.06 10.47
N VAL N 71 26.94 52.35 10.56
CA VAL N 71 27.53 53.49 9.89
C VAL N 71 27.50 53.27 8.37
N LEU N 72 27.71 52.03 7.93
CA LEU N 72 27.65 51.72 6.49
C LEU N 72 26.30 52.01 5.83
N VAL N 73 25.20 51.65 6.48
CA VAL N 73 23.90 51.85 5.82
C VAL N 73 23.68 53.33 5.59
N ASP N 74 24.02 54.16 6.58
CA ASP N 74 23.91 55.62 6.45
C ASP N 74 24.87 56.18 5.40
N ALA N 75 26.12 55.74 5.45
CA ALA N 75 27.10 56.25 4.51
C ALA N 75 26.65 55.96 3.11
N ASN N 76 26.04 54.79 2.90
CA ASN N 76 25.55 54.41 1.58
C ASN N 76 24.39 55.26 1.07
N ARG N 77 23.44 55.52 1.96
CA ARG N 77 22.29 56.30 1.58
C ARG N 77 22.72 57.69 1.17
N ILE N 78 23.69 58.25 1.91
CA ILE N 78 24.19 59.60 1.64
C ILE N 78 24.97 59.68 0.31
N THR N 79 25.94 58.80 0.10
CA THR N 79 26.78 58.89 -1.13
C THR N 79 25.97 58.62 -2.41
N ASN N 80 24.84 57.94 -2.25
CA ASN N 80 23.98 57.72 -3.39
C ASN N 80 23.14 58.96 -3.67
N ALA N 81 22.88 59.80 -2.67
CA ALA N 81 21.97 60.93 -2.86
C ALA N 81 22.63 62.28 -3.20
N THR N 82 23.90 62.45 -2.88
CA THR N 82 24.68 63.63 -3.27
C THR N 82 25.95 63.19 -3.95
N ASN N 83 26.55 64.09 -4.72
CA ASN N 83 27.87 63.79 -5.33
C ASN N 83 29.01 64.63 -4.74
N LEU N 84 28.73 65.30 -3.62
CA LEU N 84 29.77 65.93 -2.79
C LEU N 84 30.55 64.85 -2.03
N PRO N 85 31.88 65.00 -1.94
CA PRO N 85 32.62 63.95 -1.21
C PRO N 85 32.26 63.97 0.27
N LEU N 86 32.25 62.77 0.88
CA LEU N 86 31.74 62.57 2.25
C LEU N 86 32.85 62.12 3.18
N LEU N 87 32.92 62.75 4.35
CA LEU N 87 33.83 62.32 5.40
C LEU N 87 33.08 61.55 6.48
N VAL N 88 33.68 60.45 6.90
CA VAL N 88 33.06 59.55 7.86
C VAL N 88 33.87 59.28 9.16
N ASP N 89 33.17 59.42 10.28
CA ASP N 89 33.64 59.04 11.63
C ASP N 89 33.70 57.52 11.75
N ILE N 90 34.89 56.94 11.78
CA ILE N 90 34.93 55.48 11.96
C ILE N 90 35.54 54.99 13.27
N ASP N 91 35.51 55.85 14.28
CA ASP N 91 36.00 55.55 15.64
C ASP N 91 37.34 54.86 15.61
N THR N 92 37.45 53.67 16.23
CA THR N 92 38.75 52.97 16.29
C THR N 92 38.86 51.90 15.20
N GLY N 93 37.85 51.83 14.34
CA GLY N 93 37.94 50.93 13.18
C GLY N 93 37.22 49.62 13.42
N TRP N 94 36.63 49.49 14.61
CA TRP N 94 35.84 48.31 15.00
C TRP N 94 36.64 47.02 15.10
N GLY N 95 37.83 47.08 15.67
CA GLY N 95 38.62 45.87 15.90
C GLY N 95 40.10 45.93 15.57
N GLY N 96 40.73 44.76 15.51
CA GLY N 96 42.16 44.65 15.22
C GLY N 96 42.52 45.02 13.79
N ALA N 97 43.74 44.65 13.40
CA ALA N 97 44.28 45.03 12.08
C ALA N 97 43.44 44.48 10.94
N PHE N 98 42.87 43.30 11.14
CA PHE N 98 42.05 42.66 10.12
C PHE N 98 40.69 43.35 9.97
N ASN N 99 40.18 43.92 11.06
CA ASN N 99 38.89 44.61 10.93
C ASN N 99 39.04 46.01 10.39
N ILE N 100 40.09 46.71 10.85
CA ILE N 100 40.48 48.00 10.30
C ILE N 100 40.57 47.86 8.76
N ALA N 101 41.23 46.80 8.29
CA ALA N 101 41.33 46.53 6.87
C ALA N 101 39.96 46.43 6.19
N ARG N 102 39.10 45.56 6.71
CA ARG N 102 37.74 45.39 6.17
C ARG N 102 37.01 46.73 6.17
N THR N 103 37.17 47.50 7.25
CA THR N 103 36.52 48.81 7.36
C THR N 103 36.93 49.75 6.23
N ILE N 104 38.23 49.86 6.03
CA ILE N 104 38.76 50.71 4.97
C ILE N 104 38.17 50.28 3.64
N ARG N 105 38.24 48.98 3.34
CA ARG N 105 37.75 48.51 2.05
C ARG N 105 36.26 48.76 1.87
N SER N 106 35.50 48.55 2.94
CA SER N 106 34.04 48.72 2.88
C SER N 106 33.66 50.15 2.56
N PHE N 107 34.33 51.10 3.21
CA PHE N 107 34.02 52.50 3.06
C PHE N 107 34.57 53.11 1.74
N ILE N 108 35.63 52.52 1.21
CA ILE N 108 36.07 52.85 -0.14
C ILE N 108 34.93 52.48 -1.07
N LYS N 109 34.53 51.22 -1.00
CA LYS N 109 33.51 50.66 -1.87
C LYS N 109 32.18 51.44 -1.78
N ALA N 110 31.89 51.99 -0.61
CA ALA N 110 30.67 52.74 -0.42
C ALA N 110 30.75 54.14 -1.04
N GLY N 111 31.91 54.47 -1.59
CA GLY N 111 32.10 55.75 -2.31
C GLY N 111 32.37 56.95 -1.44
N VAL N 112 32.94 56.70 -0.27
CA VAL N 112 33.36 57.78 0.63
C VAL N 112 34.71 58.22 0.09
N GLY N 113 35.13 59.43 0.44
CA GLY N 113 36.45 59.93 0.03
C GLY N 113 37.45 60.08 1.16
N ALA N 114 36.92 60.39 2.34
CA ALA N 114 37.74 60.63 3.51
C ALA N 114 37.10 60.07 4.75
N VAL N 115 37.97 59.52 5.59
CA VAL N 115 37.55 58.81 6.80
C VAL N 115 38.55 59.02 7.99
N HIS N 116 38.01 59.28 9.20
CA HIS N 116 38.86 59.55 10.37
C HIS N 116 38.94 58.49 11.49
N LEU N 117 40.07 57.81 11.48
CA LEU N 117 40.47 56.85 12.49
C LEU N 117 41.02 57.52 13.72
N GLU N 118 40.73 56.98 14.91
CA GLU N 118 41.23 57.61 16.13
C GLU N 118 42.02 56.74 17.14
N ASP N 119 42.57 57.40 18.16
CA ASP N 119 43.52 56.76 19.10
C ASP N 119 42.94 56.45 20.48
N GLN N 120 41.61 56.32 20.52
CA GLN N 120 40.95 55.86 21.72
C GLN N 120 41.34 54.41 21.98
N VAL N 121 41.11 53.96 23.21
CA VAL N 121 41.32 52.55 23.54
C VAL N 121 40.28 51.71 22.80
N GLY N 122 40.70 50.53 22.32
CA GLY N 122 39.77 49.50 21.86
C GLY N 122 38.94 49.07 23.04
N GLN N 123 38.60 47.79 23.14
CA GLN N 123 37.86 47.38 24.33
C GLN N 123 38.79 47.23 25.52
N LYS N 124 38.19 47.22 26.71
CA LYS N 124 38.75 46.46 27.83
C LYS N 124 37.61 45.63 28.46
N ARG N 125 37.89 45.04 29.62
CA ARG N 125 36.88 44.33 30.39
C ARG N 125 35.45 44.75 30.05
N CYS N 126 34.60 43.79 29.74
CA CYS N 126 33.25 44.11 29.29
C CYS N 126 32.46 44.98 30.28
N GLY N 127 32.73 44.82 31.57
CA GLY N 127 32.08 45.61 32.59
C GLY N 127 32.74 46.97 32.85
N HIS N 128 33.85 47.25 32.16
CA HIS N 128 34.62 48.53 32.24
C HIS N 128 33.80 49.84 32.13
N ARG N 129 34.27 50.87 32.84
CA ARG N 129 33.71 52.21 32.81
C ARG N 129 33.81 52.78 31.39
N PRO N 130 32.66 53.19 30.77
CA PRO N 130 32.74 54.03 29.55
C PRO N 130 33.92 55.00 29.66
N GLY N 131 34.81 54.96 28.68
CA GLY N 131 36.15 55.53 28.86
C GLY N 131 36.47 56.89 28.28
N LYS N 132 37.45 56.86 27.37
CA LYS N 132 38.21 58.03 26.90
C LYS N 132 39.56 57.87 27.54
N GLU N 133 40.60 58.05 26.75
CA GLU N 133 41.97 57.72 27.12
C GLU N 133 42.62 57.24 25.84
N CYS N 134 43.85 57.66 25.59
CA CYS N 134 44.48 57.30 24.34
C CYS N 134 45.19 56.01 24.53
N VAL N 135 45.56 55.40 23.41
CA VAL N 135 46.42 54.23 23.42
C VAL N 135 47.82 54.81 23.28
N PRO N 136 48.88 53.98 23.48
CA PRO N 136 50.27 54.37 23.11
C PRO N 136 50.43 54.69 21.61
N ALA N 137 51.37 55.56 21.27
CA ALA N 137 51.54 56.01 19.87
C ALA N 137 51.95 54.89 18.91
N GLY N 138 52.55 53.84 19.47
CA GLY N 138 52.91 52.67 18.67
C GLY N 138 51.65 51.98 18.20
N GLU N 139 50.67 51.90 19.10
CA GLU N 139 49.40 51.22 18.85
C GLU N 139 48.51 51.89 17.77
N MET N 140 48.36 53.21 17.85
CA MET N 140 47.68 53.97 16.77
C MET N 140 48.55 54.05 15.53
N VAL N 141 49.87 54.04 15.69
CA VAL N 141 50.72 53.93 14.51
C VAL N 141 50.38 52.63 13.81
N ASP N 142 50.21 51.56 14.60
CA ASP N 142 49.86 50.29 14.03
C ASP N 142 48.50 50.34 13.34
N ARG N 143 47.52 51.01 13.95
CA ARG N 143 46.19 51.06 13.34
C ARG N 143 46.28 51.78 12.01
N ILE N 144 47.01 52.90 12.00
CA ILE N 144 47.20 53.69 10.78
C ILE N 144 47.89 52.84 9.70
N LYS N 145 48.95 52.16 10.10
CA LYS N 145 49.66 51.25 9.23
C LYS N 145 48.72 50.26 8.52
N ALA N 146 47.84 49.62 9.30
CA ALA N 146 46.88 48.68 8.74
C ALA N 146 45.92 49.35 7.76
N ALA N 147 45.42 50.53 8.13
CA ALA N 147 44.55 51.33 7.26
C ALA N 147 45.20 51.69 5.90
N VAL N 148 46.41 52.24 5.93
CA VAL N 148 47.12 52.66 4.69
C VAL N 148 47.39 51.49 3.76
N ASP N 149 47.76 50.37 4.35
CA ASP N 149 48.05 49.18 3.60
C ASP N 149 46.79 48.62 2.93
N ALA N 150 45.69 48.61 3.66
CA ALA N 150 44.43 48.10 3.12
C ALA N 150 43.85 49.01 2.03
N ARG N 151 44.24 50.30 2.05
CA ARG N 151 43.78 51.30 1.07
C ARG N 151 44.24 50.96 -0.36
N THR N 152 43.28 50.83 -1.28
CA THR N 152 43.59 50.42 -2.66
C THR N 152 43.72 51.58 -3.65
N ASP N 153 43.30 52.78 -3.25
CA ASP N 153 43.37 53.96 -4.10
C ASP N 153 43.84 55.15 -3.28
N GLU N 154 45.07 55.61 -3.58
CA GLU N 154 45.75 56.63 -2.78
C GLU N 154 44.98 57.95 -2.55
N THR N 155 44.11 58.31 -3.50
CA THR N 155 43.28 59.51 -3.40
C THR N 155 42.39 59.48 -2.13
N PHE N 156 42.04 58.29 -1.67
CA PHE N 156 41.25 58.10 -0.47
C PHE N 156 41.98 58.67 0.76
N VAL N 157 41.31 59.56 1.49
CA VAL N 157 41.95 60.29 2.59
C VAL N 157 41.82 59.55 3.93
N ILE N 158 42.96 59.21 4.51
CA ILE N 158 42.97 58.64 5.85
C ILE N 158 43.40 59.70 6.88
N MET N 159 42.47 60.09 7.77
CA MET N 159 42.72 61.18 8.73
C MET N 159 42.83 60.65 10.16
N ALA N 160 43.89 61.03 10.87
CA ALA N 160 44.12 60.61 12.24
C ALA N 160 43.61 61.66 13.22
N ARG N 161 42.72 61.25 14.12
CA ARG N 161 42.15 62.14 15.15
C ARG N 161 42.75 61.80 16.51
N THR N 162 43.12 62.81 17.29
CA THR N 162 43.63 62.53 18.63
C THR N 162 43.03 63.40 19.74
N ASP N 163 42.80 62.75 20.87
CA ASP N 163 42.22 63.40 22.03
C ASP N 163 43.28 63.52 23.13
N ALA N 164 44.56 63.40 22.75
CA ALA N 164 45.69 63.41 23.70
C ALA N 164 45.81 64.74 24.44
N ALA N 165 45.66 65.83 23.69
CA ALA N 165 45.78 67.20 24.21
C ALA N 165 45.19 67.35 25.62
N ALA N 166 43.93 66.94 25.79
CA ALA N 166 43.20 67.16 27.05
C ALA N 166 43.88 66.56 28.31
N ALA N 167 44.49 65.38 28.20
CA ALA N 167 45.07 64.76 29.39
C ALA N 167 46.60 64.73 29.41
N GLU N 168 47.26 64.91 28.26
CA GLU N 168 48.74 64.85 28.18
C GLU N 168 49.39 66.17 27.82
N GLY N 169 48.59 67.19 27.61
CA GLY N 169 49.12 68.47 27.17
C GLY N 169 49.44 68.53 25.67
N ILE N 170 49.29 69.73 25.12
CA ILE N 170 49.37 69.96 23.68
C ILE N 170 50.68 69.47 23.00
N ASP N 171 51.81 69.44 23.71
CA ASP N 171 53.09 69.05 23.11
C ASP N 171 53.18 67.56 22.86
N ALA N 172 52.63 66.79 23.82
CA ALA N 172 52.51 65.35 23.70
C ALA N 172 51.72 65.03 22.43
N ALA N 173 50.57 65.70 22.28
CA ALA N 173 49.65 65.54 21.14
C ALA N 173 50.36 65.83 19.79
N ILE N 174 51.16 66.90 19.77
CA ILE N 174 51.96 67.31 18.61
C ILE N 174 52.92 66.16 18.21
N GLU N 175 53.58 65.63 19.23
CA GLU N 175 54.55 64.57 19.06
C GLU N 175 53.91 63.32 18.43
N ARG N 176 52.79 62.89 19.01
CA ARG N 176 51.98 61.78 18.47
C ARG N 176 51.64 62.05 17.01
N ALA N 177 51.04 63.21 16.74
CA ALA N 177 50.62 63.59 15.38
C ALA N 177 51.72 63.44 14.34
N ILE N 178 52.95 63.78 14.69
CA ILE N 178 54.07 63.67 13.75
C ILE N 178 54.30 62.19 13.43
N ALA N 179 54.12 61.36 14.46
CA ALA N 179 54.25 59.90 14.38
C ALA N 179 53.17 59.32 13.49
N TYR N 180 52.00 59.94 13.53
CA TYR N 180 50.86 59.47 12.78
C TYR N 180 51.03 59.81 11.29
N VAL N 181 51.53 61.02 11.00
CA VAL N 181 51.88 61.39 9.63
C VAL N 181 53.01 60.48 9.07
N GLU N 182 53.98 60.17 9.93
CA GLU N 182 54.98 59.14 9.65
C GLU N 182 54.31 57.86 9.16
N ALA N 183 53.29 57.42 9.90
CA ALA N 183 52.63 56.14 9.65
C ALA N 183 51.80 56.14 8.36
N GLY N 184 51.59 57.32 7.79
CA GLY N 184 50.93 57.43 6.50
C GLY N 184 49.66 58.25 6.49
N ALA N 185 49.24 58.74 7.68
CA ALA N 185 48.05 59.59 7.83
C ALA N 185 48.16 60.84 6.95
N ASP N 186 47.09 61.15 6.21
CA ASP N 186 47.05 62.26 5.24
C ASP N 186 46.76 63.63 5.89
N MET N 187 45.96 63.64 6.94
CA MET N 187 45.56 64.88 7.60
C MET N 187 45.33 64.59 9.08
N ILE N 188 45.26 65.63 9.91
CA ILE N 188 45.13 65.45 11.35
C ILE N 188 43.96 66.20 11.94
N PHE N 189 43.32 65.56 12.91
CA PHE N 189 42.14 66.08 13.57
C PHE N 189 42.50 66.21 15.07
N PRO N 190 42.97 67.39 15.52
CA PRO N 190 43.29 67.56 16.94
C PRO N 190 42.07 67.96 17.77
N GLU N 191 41.62 67.07 18.65
CA GLU N 191 40.45 67.36 19.46
C GLU N 191 40.70 68.41 20.51
N ALA N 192 39.64 69.22 20.77
CA ALA N 192 39.60 70.16 21.90
C ALA N 192 40.82 71.08 22.04
N MET N 193 40.89 72.05 21.13
CA MET N 193 41.85 73.14 21.21
C MET N 193 41.14 74.33 21.85
N LYS N 194 41.83 75.04 22.75
CA LYS N 194 41.20 76.15 23.48
C LYS N 194 41.44 77.55 22.84
N THR N 195 42.61 77.76 22.24
CA THR N 195 42.89 79.05 21.54
C THR N 195 43.33 78.86 20.10
N LEU N 196 43.25 79.97 19.35
CA LEU N 196 43.69 80.01 17.96
C LEU N 196 45.19 79.73 17.81
N ASP N 197 45.95 79.97 18.88
CA ASP N 197 47.39 79.70 18.91
C ASP N 197 47.71 78.21 18.90
N ASP N 198 46.95 77.46 19.71
CA ASP N 198 46.94 76.00 19.70
C ASP N 198 47.03 75.48 18.24
N TYR N 199 46.05 75.88 17.42
CA TYR N 199 45.94 75.40 16.03
C TYR N 199 47.15 75.83 15.21
N ARG N 200 47.55 77.10 15.37
CA ARG N 200 48.68 77.69 14.63
C ARG N 200 49.97 76.87 14.76
N ARG N 201 50.30 76.55 16.01
CA ARG N 201 51.51 75.83 16.37
C ARG N 201 51.43 74.39 15.81
N PHE N 202 50.25 73.81 15.96
CA PHE N 202 49.94 72.46 15.49
C PHE N 202 50.22 72.30 13.99
N LYS N 203 49.62 73.20 13.19
CA LYS N 203 49.79 73.18 11.73
C LYS N 203 51.26 73.32 11.35
N GLU N 204 51.94 74.19 12.10
CA GLU N 204 53.35 74.50 11.92
C GLU N 204 54.22 73.26 12.14
N ALA N 205 53.89 72.51 13.18
CA ALA N 205 54.62 71.31 13.57
C ALA N 205 54.38 70.13 12.61
N VAL N 206 53.10 69.88 12.30
CA VAL N 206 52.66 68.68 11.57
C VAL N 206 52.82 68.79 10.04
N LYS N 207 52.71 70.02 9.52
CA LYS N 207 52.95 70.31 8.10
C LYS N 207 51.92 69.69 7.12
N VAL N 208 50.87 69.07 7.63
CA VAL N 208 49.82 68.52 6.76
C VAL N 208 48.49 69.20 7.08
N PRO N 209 47.47 69.01 6.24
CA PRO N 209 46.20 69.70 6.48
C PRO N 209 45.61 69.40 7.85
N ILE N 210 44.91 70.37 8.43
CA ILE N 210 44.42 70.28 9.82
C ILE N 210 42.94 70.60 9.89
N LEU N 211 42.25 69.97 10.82
CA LEU N 211 40.82 70.14 10.94
C LEU N 211 40.45 70.76 12.27
N ALA N 212 39.48 71.67 12.24
CA ALA N 212 38.99 72.30 13.47
C ALA N 212 37.56 71.87 13.76
N ASN N 213 37.36 71.23 14.89
CA ASN N 213 36.04 70.76 15.24
C ASN N 213 35.16 71.84 15.90
N LEU N 214 34.38 72.57 15.12
CA LEU N 214 33.48 73.58 15.68
C LEU N 214 32.22 73.00 16.31
N THR N 215 32.32 72.59 17.57
CA THR N 215 31.19 71.97 18.24
C THR N 215 30.52 72.91 19.18
N GLU N 216 29.19 72.95 19.12
CA GLU N 216 28.40 73.73 20.07
C GLU N 216 28.19 72.98 21.39
N PHE N 217 28.03 73.76 22.46
CA PHE N 217 27.88 73.27 23.86
C PHE N 217 29.13 72.55 24.42
N GLY N 218 30.28 72.69 23.74
CA GLY N 218 31.54 72.07 24.16
C GLY N 218 32.39 73.05 24.97
N SER N 219 33.70 72.79 25.00
CA SER N 219 34.57 73.78 25.61
C SER N 219 35.22 74.69 24.59
N THR N 220 35.54 74.16 23.41
CA THR N 220 36.01 74.97 22.29
C THR N 220 34.99 76.13 21.98
N PRO N 221 35.49 77.41 21.95
CA PRO N 221 34.70 78.51 21.38
C PRO N 221 34.34 78.30 19.89
N LEU N 222 33.26 78.92 19.44
CA LEU N 222 32.82 78.79 18.03
C LEU N 222 33.55 79.80 17.14
N PHE N 223 34.79 79.46 16.78
CA PHE N 223 35.64 80.32 15.96
C PHE N 223 35.06 80.62 14.54
N THR N 224 35.30 81.85 14.07
CA THR N 224 34.85 82.27 12.74
C THR N 224 35.81 81.79 11.64
N LEU N 225 35.30 81.75 10.40
CA LEU N 225 36.09 81.36 9.25
C LEU N 225 37.40 82.15 9.15
N ASP N 226 37.28 83.45 9.43
CA ASP N 226 38.41 84.40 9.47
C ASP N 226 39.45 83.98 10.48
N GLU N 227 39.00 83.91 11.72
CA GLU N 227 39.83 83.52 12.84
C GLU N 227 40.65 82.31 12.43
N LEU N 228 39.95 81.31 11.87
CA LEU N 228 40.57 80.04 11.48
C LEU N 228 41.55 80.20 10.29
N LYS N 229 41.13 80.99 9.32
CA LYS N 229 41.96 81.40 8.17
C LYS N 229 43.32 81.89 8.65
N GLY N 230 43.25 82.86 9.58
CA GLY N 230 44.42 83.47 10.20
C GLY N 230 45.27 82.51 11.02
N ALA N 231 44.63 81.43 11.49
CA ALA N 231 45.31 80.38 12.26
C ALA N 231 46.00 79.32 11.37
N ASN N 232 45.74 79.38 10.08
CA ASN N 232 46.26 78.39 9.10
C ASN N 232 45.60 77.00 9.08
N VAL N 233 44.39 76.94 9.66
CA VAL N 233 43.47 75.78 9.65
C VAL N 233 42.96 75.49 8.22
N ASP N 234 42.97 74.21 7.79
CA ASP N 234 42.48 73.88 6.43
C ASP N 234 41.02 73.46 6.38
N ILE N 235 40.48 72.97 7.49
CA ILE N 235 39.10 72.44 7.49
C ILE N 235 38.26 72.88 8.67
N ALA N 236 37.15 73.55 8.39
CA ALA N 236 36.19 73.88 9.46
C ALA N 236 35.02 72.88 9.49
N LEU N 237 34.89 72.13 10.58
CA LEU N 237 33.85 71.11 10.64
C LEU N 237 32.67 71.44 11.58
N TYR N 238 31.50 71.53 10.98
CA TYR N 238 30.27 71.85 11.72
C TYR N 238 29.51 70.51 11.75
N CYS N 239 29.83 69.68 12.74
CA CYS N 239 29.43 68.28 12.69
C CYS N 239 28.03 67.96 13.20
N CYS N 240 27.44 68.84 14.01
CA CYS N 240 26.22 68.42 14.67
C CYS N 240 25.12 69.43 14.69
N GLY N 241 25.47 70.68 14.37
CA GLY N 241 24.49 71.76 14.44
C GLY N 241 23.18 71.36 13.79
N ALA N 242 23.30 70.94 12.52
CA ALA N 242 22.17 70.46 11.69
C ALA N 242 21.18 69.67 12.52
N TYR N 243 21.62 68.55 13.07
CA TYR N 243 20.65 67.66 13.69
C TYR N 243 20.12 68.14 15.04
N ARG N 244 20.91 68.98 15.72
CA ARG N 244 20.44 69.65 16.92
C ARG N 244 19.25 70.55 16.61
N ALA N 245 19.43 71.39 15.59
CA ALA N 245 18.36 72.28 15.09
C ALA N 245 17.13 71.47 14.72
N MET N 246 17.35 70.42 13.90
CA MET N 246 16.28 69.53 13.46
C MET N 246 15.48 68.95 14.62
N ASN N 247 16.21 68.38 15.58
CA ASN N 247 15.58 67.72 16.74
C ASN N 247 14.75 68.65 17.64
N LYS N 248 15.18 69.90 17.80
CA LYS N 248 14.34 70.83 18.54
C LYS N 248 13.03 71.12 17.79
N ALA N 249 13.18 71.35 16.48
CA ALA N 249 12.04 71.59 15.60
C ALA N 249 11.01 70.46 15.76
N ALA N 250 11.52 69.23 15.81
CA ALA N 250 10.68 68.03 15.89
C ALA N 250 9.94 67.93 17.23
N LEU N 251 10.69 68.13 18.30
CA LEU N 251 10.15 68.15 19.65
C LEU N 251 9.02 69.17 19.74
N ASN N 252 9.32 70.37 19.21
CA ASN N 252 8.34 71.43 19.19
C ASN N 252 7.03 70.99 18.54
N PHE N 253 7.16 70.39 17.36
CA PHE N 253 6.03 69.84 16.65
C PHE N 253 5.21 68.90 17.54
N TYR N 254 5.88 67.93 18.19
CA TYR N 254 5.17 66.90 18.96
C TYR N 254 4.46 67.54 20.12
N GLU N 255 5.13 68.51 20.74
CA GLU N 255 4.56 69.20 21.91
C GLU N 255 3.30 69.98 21.57
N THR N 256 3.40 70.83 20.53
CA THR N 256 2.27 71.64 20.09
C THR N 256 1.07 70.75 19.68
N VAL N 257 1.33 69.57 19.10
CA VAL N 257 0.24 68.65 18.69
C VAL N 257 -0.47 68.03 19.93
N ARG N 258 0.33 67.69 20.94
CA ARG N 258 -0.16 67.08 22.17
C ARG N 258 -0.97 68.11 22.97
N ARG N 259 -0.49 69.37 22.93
CA ARG N 259 -1.10 70.47 23.70
C ARG N 259 -2.40 70.97 23.08
N ASP N 260 -2.32 71.33 21.79
CA ASP N 260 -3.41 72.00 21.08
C ASP N 260 -4.48 71.08 20.44
N GLY N 261 -4.18 69.79 20.26
CA GLY N 261 -5.13 68.88 19.55
C GLY N 261 -5.15 69.12 18.03
N THR N 262 -4.14 69.85 17.56
CA THR N 262 -3.89 70.06 16.13
C THR N 262 -2.51 70.70 15.96
N GLN N 263 -1.98 70.62 14.75
CA GLN N 263 -0.64 71.13 14.47
C GLN N 263 -0.67 72.53 13.88
N LYS N 264 -1.88 73.07 13.80
CA LYS N 264 -2.13 74.43 13.27
C LYS N 264 -0.98 75.40 13.57
N ALA N 265 -0.69 75.54 14.87
CA ALA N 265 0.32 76.46 15.43
C ALA N 265 1.73 76.27 14.87
N ALA N 266 2.03 75.05 14.43
CA ALA N 266 3.39 74.66 14.01
C ALA N 266 3.72 74.93 12.54
N VAL N 267 2.73 75.23 11.71
CA VAL N 267 2.95 75.30 10.27
C VAL N 267 4.10 76.20 9.78
N PRO N 268 4.27 77.43 10.34
CA PRO N 268 5.30 78.26 9.67
C PRO N 268 6.70 77.83 10.05
N THR N 269 6.76 76.85 10.97
CA THR N 269 8.01 76.16 11.39
C THR N 269 8.41 75.12 10.32
N MET N 270 7.40 74.63 9.58
CA MET N 270 7.50 73.51 8.61
C MET N 270 7.95 73.93 7.23
N GLN N 271 8.94 73.24 6.66
CA GLN N 271 9.30 73.45 5.26
C GLN N 271 8.24 72.85 4.34
N THR N 272 7.87 73.60 3.29
CA THR N 272 6.72 73.31 2.39
C THR N 272 6.98 72.22 1.36
N ARG N 273 5.90 71.59 0.88
CA ARG N 273 5.93 70.61 -0.23
C ARG N 273 6.56 71.31 -1.40
N ALA N 274 6.05 72.51 -1.67
CA ALA N 274 6.68 73.46 -2.58
C ALA N 274 8.18 73.30 -2.56
N GLN N 275 8.80 73.67 -1.44
CA GLN N 275 10.26 73.63 -1.23
C GLN N 275 10.89 72.23 -1.29
N LEU N 276 10.11 71.21 -0.94
CA LEU N 276 10.66 69.88 -0.76
C LEU N 276 11.16 69.31 -2.08
N TYR N 277 10.30 69.39 -3.10
CA TYR N 277 10.64 68.88 -4.43
C TYR N 277 11.89 69.58 -4.99
N ASP N 278 11.98 70.90 -4.80
CA ASP N 278 13.08 71.72 -5.34
C ASP N 278 14.44 71.17 -4.98
N TYR N 279 14.60 70.83 -3.71
CA TYR N 279 15.87 70.31 -3.25
C TYR N 279 16.06 68.83 -3.63
N LEU N 280 14.95 68.15 -3.91
CA LEU N 280 15.02 66.77 -4.42
C LEU N 280 15.45 66.65 -5.88
N GLY N 281 15.12 67.65 -6.70
CA GLY N 281 15.36 67.59 -8.16
C GLY N 281 14.21 66.90 -8.89
N TYR N 282 13.04 66.95 -8.28
CA TYR N 282 11.85 66.24 -8.74
C TYR N 282 11.62 66.33 -10.27
N TYR N 283 11.98 67.48 -10.82
CA TYR N 283 11.62 67.82 -12.19
C TYR N 283 12.58 67.17 -13.17
N ALA N 284 13.76 66.80 -12.69
CA ALA N 284 14.72 66.05 -13.50
C ALA N 284 14.24 64.62 -13.72
N TYR N 285 13.26 64.19 -12.93
CA TYR N 285 12.66 62.87 -13.07
C TYR N 285 11.62 62.89 -14.16
N GLU N 286 10.74 63.90 -14.07
CA GLU N 286 9.77 64.28 -15.12
C GLU N 286 10.46 64.43 -16.46
N GLU N 287 11.57 65.18 -16.43
CA GLU N 287 12.39 65.40 -17.59
C GLU N 287 12.94 64.14 -18.23
N LYS N 288 13.50 63.23 -17.42
CA LYS N 288 14.16 62.01 -17.93
C LYS N 288 13.18 61.04 -18.60
N LEU N 289 11.98 60.91 -18.02
CA LEU N 289 10.87 60.15 -18.62
C LEU N 289 10.48 60.67 -20.00
N ASP N 290 10.74 61.96 -20.27
CA ASP N 290 10.62 62.52 -21.63
C ASP N 290 11.84 62.10 -22.47
N GLN N 291 13.01 62.60 -22.10
CA GLN N 291 14.31 62.25 -22.72
C GLN N 291 14.43 60.87 -23.42
N LEU N 292 13.95 59.80 -22.77
CA LEU N 292 14.06 58.44 -23.32
C LEU N 292 12.79 57.97 -24.05
N PHE N 293 11.66 58.65 -23.82
CA PHE N 293 10.37 58.27 -24.38
C PHE N 293 9.64 59.45 -25.00
N LEU O 7 -21.62 -27.57 58.56
CA LEU O 7 -21.40 -28.44 57.37
C LEU O 7 -22.23 -27.87 56.19
N ILE O 8 -21.58 -27.70 55.02
CA ILE O 8 -22.23 -27.29 53.74
C ILE O 8 -21.34 -27.37 52.46
N SER O 9 -20.54 -28.43 52.33
CA SER O 9 -19.61 -28.68 51.19
C SER O 9 -19.92 -27.95 49.88
N ALA O 10 -18.93 -27.28 49.29
CA ALA O 10 -19.14 -26.61 47.99
C ALA O 10 -19.55 -27.62 46.92
N GLY O 11 -19.12 -28.87 47.12
CA GLY O 11 -19.53 -30.02 46.30
C GLY O 11 -20.99 -30.41 46.49
N ALA O 12 -21.42 -30.52 47.76
CA ALA O 12 -22.82 -30.84 48.15
C ALA O 12 -23.81 -29.85 47.56
N LYS O 13 -23.47 -28.55 47.66
CA LYS O 13 -24.28 -27.49 47.10
C LYS O 13 -24.49 -27.70 45.58
N PHE O 14 -23.47 -28.22 44.91
CA PHE O 14 -23.54 -28.41 43.47
C PHE O 14 -24.44 -29.59 43.11
N ARG O 15 -24.19 -30.72 43.81
CA ARG O 15 -24.99 -31.94 43.67
C ARG O 15 -26.48 -31.65 43.91
N ALA O 16 -26.75 -30.91 45.00
CA ALA O 16 -28.12 -30.51 45.34
C ALA O 16 -28.77 -29.67 44.22
N ALA O 17 -27.99 -28.79 43.62
CA ALA O 17 -28.50 -27.88 42.63
C ALA O 17 -28.87 -28.64 41.36
N VAL O 18 -28.16 -29.75 41.10
CA VAL O 18 -28.44 -30.56 39.90
C VAL O 18 -29.73 -31.34 40.08
N ALA O 19 -29.90 -31.86 41.28
CA ALA O 19 -31.10 -32.57 41.69
C ALA O 19 -32.33 -31.65 41.70
N ALA O 20 -32.13 -30.36 41.99
CA ALA O 20 -33.25 -29.46 42.22
C ALA O 20 -33.72 -28.69 40.97
N GLU O 21 -32.93 -28.73 39.91
CA GLU O 21 -33.27 -27.96 38.69
C GLU O 21 -32.79 -28.79 37.49
N GLN O 22 -33.74 -29.16 36.62
CA GLN O 22 -33.50 -30.17 35.60
C GLN O 22 -34.06 -29.73 34.24
N PRO O 23 -33.16 -29.46 33.26
CA PRO O 23 -31.71 -29.32 33.45
C PRO O 23 -31.33 -28.04 34.23
N LEU O 24 -30.16 -28.08 34.87
CA LEU O 24 -29.65 -26.97 35.66
C LEU O 24 -28.84 -25.96 34.78
N GLN O 25 -29.33 -24.72 34.72
CA GLN O 25 -28.61 -23.63 34.03
C GLN O 25 -27.45 -23.20 34.94
N VAL O 26 -26.26 -23.09 34.32
CA VAL O 26 -25.03 -22.68 35.00
C VAL O 26 -24.28 -21.74 34.07
N VAL O 27 -24.04 -20.52 34.53
CA VAL O 27 -23.51 -19.47 33.66
C VAL O 27 -22.08 -19.08 34.00
N GLY O 28 -21.30 -18.71 32.96
CA GLY O 28 -19.91 -18.34 33.13
C GLY O 28 -19.86 -16.94 33.69
N ALA O 29 -18.90 -16.71 34.59
CA ALA O 29 -18.54 -15.38 35.12
C ALA O 29 -17.03 -15.17 35.01
N ILE O 30 -16.60 -14.03 34.47
CA ILE O 30 -15.16 -13.79 34.36
C ILE O 30 -14.59 -12.97 35.53
N THR O 31 -15.46 -12.36 36.32
CA THR O 31 -15.03 -11.59 37.50
C THR O 31 -15.90 -11.95 38.72
N ALA O 32 -15.45 -11.55 39.91
CA ALA O 32 -16.24 -11.84 41.10
C ALA O 32 -17.59 -11.13 41.05
N TYR O 33 -17.61 -9.88 40.55
CA TYR O 33 -18.86 -9.10 40.44
C TYR O 33 -19.85 -9.79 39.55
N ALA O 34 -19.38 -10.18 38.37
CA ALA O 34 -20.21 -10.88 37.42
C ALA O 34 -20.90 -12.02 38.13
N ALA O 35 -20.15 -12.79 38.93
CA ALA O 35 -20.74 -13.90 39.69
C ALA O 35 -21.86 -13.44 40.67
N LYS O 36 -21.62 -12.34 41.38
CA LYS O 36 -22.61 -11.77 42.31
C LYS O 36 -23.93 -11.40 41.59
N MET O 37 -23.82 -10.80 40.40
CA MET O 37 -24.99 -10.50 39.55
C MET O 37 -25.71 -11.82 39.20
N ALA O 38 -24.96 -12.79 38.66
CA ALA O 38 -25.53 -14.09 38.35
C ALA O 38 -26.38 -14.60 39.53
N GLU O 39 -25.87 -14.42 40.74
CA GLU O 39 -26.55 -14.93 41.93
C GLU O 39 -27.87 -14.18 42.16
N ALA O 40 -27.79 -12.86 41.99
CA ALA O 40 -28.92 -11.97 42.20
C ALA O 40 -30.03 -12.29 41.20
N VAL O 41 -29.63 -12.67 39.99
CA VAL O 41 -30.56 -12.99 38.91
C VAL O 41 -31.27 -14.31 39.16
N GLY O 42 -30.76 -15.10 40.11
CA GLY O 42 -31.45 -16.31 40.55
C GLY O 42 -30.86 -17.66 40.15
N PHE O 43 -29.73 -17.67 39.41
CA PHE O 43 -29.06 -18.94 39.04
C PHE O 43 -28.52 -19.67 40.25
N LYS O 44 -28.35 -20.98 40.10
CA LYS O 44 -28.00 -21.86 41.25
C LYS O 44 -26.51 -22.31 41.25
N ALA O 45 -25.84 -22.06 40.11
CA ALA O 45 -24.40 -22.33 39.94
C ALA O 45 -23.71 -21.43 38.89
N VAL O 46 -22.40 -21.34 39.04
CA VAL O 46 -21.60 -20.48 38.19
C VAL O 46 -20.39 -21.26 37.65
N TYR O 47 -19.80 -20.74 36.57
CA TYR O 47 -18.71 -21.43 35.89
C TYR O 47 -17.50 -20.54 35.67
N LEU O 48 -16.30 -21.09 35.88
CA LEU O 48 -15.07 -20.37 35.49
C LEU O 48 -14.46 -21.05 34.28
N SER O 49 -14.50 -20.31 33.17
CA SER O 49 -14.04 -20.81 31.87
C SER O 49 -12.53 -20.67 31.77
N GLY O 50 -11.85 -21.73 31.32
CA GLY O 50 -10.38 -21.71 31.19
C GLY O 50 -9.89 -20.72 30.14
N GLY O 51 -10.49 -20.77 28.94
CA GLY O 51 -10.19 -19.79 27.91
C GLY O 51 -10.61 -18.39 28.35
N GLY O 52 -11.60 -18.35 29.25
CA GLY O 52 -12.11 -17.10 29.82
C GLY O 52 -11.05 -16.41 30.65
N VAL O 53 -10.38 -17.20 31.49
CA VAL O 53 -9.29 -16.69 32.30
C VAL O 53 -8.18 -16.18 31.38
N ALA O 54 -7.85 -16.95 30.34
CA ALA O 54 -6.70 -16.63 29.49
C ALA O 54 -6.90 -15.36 28.71
N ALA O 55 -8.05 -15.23 28.05
CA ALA O 55 -8.30 -14.09 27.18
C ALA O 55 -8.48 -12.81 27.98
N ASN O 56 -9.30 -12.91 29.02
CA ASN O 56 -9.72 -11.75 29.77
C ASN O 56 -8.75 -11.29 30.86
N SER O 57 -8.42 -12.20 31.78
CA SER O 57 -7.57 -11.85 32.90
C SER O 57 -6.12 -11.66 32.45
N LEU O 58 -5.68 -12.46 31.46
CA LEU O 58 -4.25 -12.47 31.05
C LEU O 58 -3.93 -11.77 29.71
N GLY O 59 -4.92 -11.71 28.82
CA GLY O 59 -4.77 -11.04 27.52
C GLY O 59 -4.03 -11.89 26.49
N ILE O 60 -4.23 -13.21 26.60
CA ILE O 60 -3.54 -14.16 25.72
C ILE O 60 -4.49 -15.25 25.27
N PRO O 61 -4.28 -15.77 24.04
CA PRO O 61 -5.08 -16.87 23.47
C PRO O 61 -5.14 -18.11 24.36
N ASP O 62 -6.17 -18.92 24.13
CA ASP O 62 -6.32 -20.22 24.81
C ASP O 62 -5.39 -21.27 24.18
N LEU O 63 -4.08 -21.12 24.37
CA LEU O 63 -3.12 -22.07 23.82
C LEU O 63 -2.36 -22.86 24.89
N GLY O 64 -3.06 -23.21 25.98
CA GLY O 64 -2.44 -23.84 27.16
C GLY O 64 -1.30 -23.07 27.83
N ILE O 65 -1.36 -21.74 27.80
CA ILE O 65 -0.33 -20.91 28.42
C ILE O 65 -0.71 -20.69 29.88
N SER O 66 -2.00 -20.39 30.10
CA SER O 66 -2.66 -20.33 31.41
C SER O 66 -2.14 -21.43 32.36
N THR O 67 -1.73 -21.02 33.56
CA THR O 67 -1.20 -21.96 34.57
C THR O 67 -2.21 -22.20 35.68
N MET O 68 -2.00 -23.27 36.45
CA MET O 68 -2.85 -23.59 37.59
C MET O 68 -3.06 -22.42 38.54
N ASP O 69 -2.03 -21.61 38.76
CA ASP O 69 -2.17 -20.45 39.63
C ASP O 69 -2.95 -19.30 39.01
N ASP O 70 -2.85 -19.10 37.69
CA ASP O 70 -3.68 -18.10 37.04
C ASP O 70 -5.16 -18.38 37.37
N VAL O 71 -5.59 -19.61 37.12
CA VAL O 71 -6.96 -19.99 37.36
C VAL O 71 -7.29 -19.99 38.87
N LEU O 72 -6.32 -20.32 39.72
CA LEU O 72 -6.56 -20.27 41.19
C LEU O 72 -6.91 -18.87 41.72
N VAL O 73 -6.22 -17.84 41.24
CA VAL O 73 -6.51 -16.52 41.81
C VAL O 73 -7.92 -16.10 41.45
N ASP O 74 -8.36 -16.37 40.22
CA ASP O 74 -9.72 -16.01 39.80
C ASP O 74 -10.73 -16.89 40.52
N ALA O 75 -10.44 -18.20 40.64
CA ALA O 75 -11.31 -19.11 41.38
C ALA O 75 -11.50 -18.63 42.81
N ASN O 76 -10.42 -18.17 43.46
CA ASN O 76 -10.50 -17.69 44.84
C ASN O 76 -11.31 -16.41 44.98
N ARG O 77 -11.09 -15.46 44.08
CA ARG O 77 -11.82 -14.21 44.11
C ARG O 77 -13.32 -14.44 43.98
N ILE O 78 -13.70 -15.38 43.10
CA ILE O 78 -15.11 -15.73 42.87
C ILE O 78 -15.76 -16.44 44.06
N THR O 79 -15.15 -17.50 44.57
CA THR O 79 -15.78 -18.24 45.69
C THR O 79 -15.91 -17.39 46.95
N ASN O 80 -15.04 -16.39 47.09
CA ASN O 80 -15.12 -15.45 48.21
C ASN O 80 -16.30 -14.49 48.08
N ALA O 81 -16.71 -14.21 46.84
CA ALA O 81 -17.68 -13.16 46.55
C ALA O 81 -19.14 -13.64 46.42
N THR O 82 -19.34 -14.91 46.07
CA THR O 82 -20.69 -15.51 46.08
C THR O 82 -20.71 -16.83 46.87
N ASN O 83 -21.90 -17.30 47.20
CA ASN O 83 -22.02 -18.60 47.88
C ASN O 83 -22.67 -19.68 47.01
N LEU O 84 -22.83 -19.36 45.72
CA LEU O 84 -23.20 -20.35 44.68
C LEU O 84 -22.06 -21.33 44.46
N PRO O 85 -22.37 -22.64 44.25
CA PRO O 85 -21.20 -23.48 44.00
C PRO O 85 -20.65 -23.19 42.58
N LEU O 86 -19.32 -23.33 42.44
CA LEU O 86 -18.60 -22.91 41.22
C LEU O 86 -17.96 -24.11 40.52
N LEU O 87 -18.08 -24.13 39.20
CA LEU O 87 -17.49 -25.16 38.38
C LEU O 87 -16.28 -24.57 37.66
N VAL O 88 -15.17 -25.31 37.67
CA VAL O 88 -13.93 -24.79 37.09
C VAL O 88 -13.30 -25.69 35.99
N ASP O 89 -13.00 -25.07 34.83
CA ASP O 89 -12.22 -25.67 33.73
C ASP O 89 -10.77 -25.86 34.17
N ILE O 90 -10.33 -27.10 34.39
CA ILE O 90 -8.94 -27.33 34.79
C ILE O 90 -8.06 -28.02 33.74
N ASP O 91 -8.48 -27.89 32.48
CA ASP O 91 -7.81 -28.48 31.32
C ASP O 91 -7.36 -29.89 31.59
N THR O 92 -6.05 -30.12 31.47
CA THR O 92 -5.49 -31.47 31.57
C THR O 92 -4.93 -31.73 32.97
N GLY O 93 -5.07 -30.72 33.84
CA GLY O 93 -4.62 -30.82 35.24
C GLY O 93 -3.22 -30.29 35.47
N TRP O 94 -2.63 -29.71 34.42
CA TRP O 94 -1.28 -29.08 34.44
C TRP O 94 -0.14 -30.05 34.86
N GLY O 95 -0.06 -31.21 34.21
CA GLY O 95 1.02 -32.18 34.49
C GLY O 95 0.64 -33.63 34.76
N GLY O 96 1.63 -34.39 35.24
CA GLY O 96 1.41 -35.80 35.56
C GLY O 96 0.51 -36.04 36.76
N ALA O 97 0.60 -37.25 37.29
CA ALA O 97 -0.26 -37.71 38.38
C ALA O 97 -0.12 -36.89 39.65
N PHE O 98 1.11 -36.50 39.95
CA PHE O 98 1.41 -35.69 41.13
C PHE O 98 0.83 -34.29 41.01
N ASN O 99 0.81 -33.78 39.78
CA ASN O 99 0.34 -32.45 39.51
C ASN O 99 -1.20 -32.35 39.59
N ILE O 100 -1.85 -33.32 38.95
CA ILE O 100 -3.29 -33.52 39.03
C ILE O 100 -3.70 -33.59 40.52
N ALA O 101 -2.94 -34.34 41.32
CA ALA O 101 -3.18 -34.40 42.75
C ALA O 101 -3.19 -33.00 43.38
N ARG O 102 -2.08 -32.29 43.24
CA ARG O 102 -1.91 -30.93 43.74
C ARG O 102 -3.09 -30.09 43.29
N THR O 103 -3.41 -30.17 42.00
CA THR O 103 -4.52 -29.42 41.45
C THR O 103 -5.84 -29.70 42.18
N ILE O 104 -6.17 -30.97 42.33
CA ILE O 104 -7.40 -31.37 43.01
C ILE O 104 -7.47 -30.78 44.42
N ARG O 105 -6.39 -30.90 45.17
CA ARG O 105 -6.39 -30.43 46.53
C ARG O 105 -6.50 -28.92 46.59
N SER O 106 -5.82 -28.22 45.66
CA SER O 106 -5.82 -26.76 45.65
C SER O 106 -7.24 -26.22 45.46
N PHE O 107 -7.94 -26.79 44.48
CA PHE O 107 -9.28 -26.31 44.15
C PHE O 107 -10.34 -26.73 45.17
N ILE O 108 -10.12 -27.83 45.88
CA ILE O 108 -10.98 -28.13 47.01
C ILE O 108 -10.81 -27.04 48.04
N LYS O 109 -9.56 -26.77 48.44
CA LYS O 109 -9.26 -25.74 49.43
C LYS O 109 -9.76 -24.36 49.00
N ALA O 110 -9.77 -24.09 47.71
CA ALA O 110 -10.26 -22.82 47.23
C ALA O 110 -11.78 -22.68 47.37
N GLY O 111 -12.46 -23.76 47.79
CA GLY O 111 -13.93 -23.74 48.04
C GLY O 111 -14.78 -23.99 46.80
N VAL O 112 -14.18 -24.68 45.84
CA VAL O 112 -14.87 -25.01 44.59
C VAL O 112 -15.72 -26.29 44.78
N GLY O 113 -16.93 -26.32 44.21
CA GLY O 113 -17.76 -27.54 44.21
C GLY O 113 -17.50 -28.55 43.10
N ALA O 114 -17.24 -28.05 41.88
CA ALA O 114 -17.05 -28.92 40.71
C ALA O 114 -15.96 -28.47 39.72
N VAL O 115 -15.40 -29.47 39.02
CA VAL O 115 -14.21 -29.34 38.18
C VAL O 115 -14.20 -30.31 36.96
N HIS O 116 -13.85 -29.82 35.77
CA HIS O 116 -13.70 -30.72 34.61
C HIS O 116 -12.28 -30.87 33.94
N LEU O 117 -11.78 -32.12 33.93
CA LEU O 117 -10.57 -32.56 33.20
C LEU O 117 -10.87 -32.85 31.72
N GLU O 118 -9.96 -32.45 30.83
CA GLU O 118 -10.10 -32.79 29.41
C GLU O 118 -9.28 -34.03 29.09
N ASP O 119 -9.47 -34.59 27.91
CA ASP O 119 -8.64 -35.72 27.49
C ASP O 119 -7.82 -35.35 26.23
N GLN O 120 -7.46 -34.08 26.12
CA GLN O 120 -6.51 -33.63 25.10
C GLN O 120 -5.09 -34.07 25.53
N VAL O 121 -4.18 -34.09 24.55
CA VAL O 121 -2.74 -34.32 24.78
C VAL O 121 -2.15 -33.19 25.63
N GLY O 122 -1.24 -33.53 26.55
CA GLY O 122 -0.59 -32.52 27.40
C GLY O 122 0.14 -31.44 26.59
N GLN O 123 1.42 -31.25 26.90
CA GLN O 123 2.30 -30.50 26.03
C GLN O 123 3.09 -31.57 25.29
N LYS O 124 3.37 -31.30 24.03
CA LYS O 124 4.32 -32.12 23.30
C LYS O 124 5.56 -31.28 23.05
N ARG O 125 6.66 -31.99 22.79
CA ARG O 125 7.89 -31.44 22.21
C ARG O 125 7.80 -29.94 21.86
N CYS O 126 8.08 -29.10 22.85
CA CYS O 126 8.28 -27.65 22.67
C CYS O 126 7.59 -26.96 21.47
N GLY O 127 8.05 -27.21 20.24
CA GLY O 127 7.57 -26.49 19.04
C GLY O 127 6.20 -26.88 18.49
N HIS O 128 5.49 -27.71 19.25
CA HIS O 128 4.18 -28.27 18.89
C HIS O 128 3.12 -27.21 18.58
N ARG O 129 2.22 -27.52 17.64
CA ARG O 129 1.05 -26.66 17.39
C ARG O 129 -0.14 -27.27 18.11
N PRO O 130 -0.68 -26.59 19.16
CA PRO O 130 -1.86 -27.13 19.89
C PRO O 130 -3.15 -27.18 19.02
N GLY O 131 -3.78 -28.36 19.02
CA GLY O 131 -5.05 -28.61 18.33
C GLY O 131 -5.90 -29.61 19.10
N LYS O 132 -7.03 -30.04 18.54
CA LYS O 132 -7.98 -30.83 19.33
C LYS O 132 -7.65 -32.31 19.55
N GLU O 133 -6.43 -32.73 19.23
CA GLU O 133 -5.99 -34.12 19.43
C GLU O 133 -6.35 -34.72 20.84
N CYS O 134 -6.60 -36.03 20.87
CA CYS O 134 -6.95 -36.75 22.10
C CYS O 134 -5.79 -37.56 22.63
N VAL O 135 -6.02 -38.27 23.75
CA VAL O 135 -5.07 -39.22 24.29
C VAL O 135 -5.65 -40.62 24.19
N PRO O 136 -4.78 -41.64 24.11
CA PRO O 136 -5.29 -42.99 24.29
C PRO O 136 -6.25 -43.08 25.49
N ALA O 137 -7.55 -43.17 25.20
CA ALA O 137 -8.62 -43.43 26.21
C ALA O 137 -8.18 -43.84 27.61
N GLY O 138 -7.47 -44.97 27.71
CA GLY O 138 -6.94 -45.48 28.98
C GLY O 138 -5.93 -44.59 29.69
N GLU O 139 -5.36 -43.62 28.93
CA GLU O 139 -4.51 -42.52 29.46
C GLU O 139 -5.31 -41.60 30.38
N MET O 140 -6.36 -41.00 29.82
CA MET O 140 -7.37 -40.27 30.58
C MET O 140 -7.93 -41.06 31.77
N VAL O 141 -7.98 -42.40 31.69
CA VAL O 141 -8.43 -43.23 32.84
C VAL O 141 -7.47 -43.07 34.02
N ASP O 142 -6.17 -43.02 33.70
CA ASP O 142 -5.15 -42.78 34.70
C ASP O 142 -5.30 -41.38 35.31
N ARG O 143 -5.53 -40.39 34.47
CA ARG O 143 -5.71 -39.03 34.95
C ARG O 143 -6.85 -38.97 35.97
N ILE O 144 -7.97 -39.55 35.61
CA ILE O 144 -9.13 -39.58 36.48
C ILE O 144 -8.79 -40.30 37.78
N LYS O 145 -8.10 -41.44 37.68
CA LYS O 145 -7.78 -42.24 38.88
C LYS O 145 -6.97 -41.40 39.87
N ALA O 146 -6.05 -40.62 39.32
CA ALA O 146 -5.18 -39.74 40.12
C ALA O 146 -6.01 -38.68 40.86
N ALA O 147 -6.95 -38.07 40.12
CA ALA O 147 -7.92 -37.10 40.64
C ALA O 147 -8.79 -37.66 41.77
N VAL O 148 -9.50 -38.74 41.49
CA VAL O 148 -10.37 -39.39 42.47
C VAL O 148 -9.63 -39.74 43.78
N ASP O 149 -8.40 -40.24 43.63
CA ASP O 149 -7.56 -40.60 44.77
C ASP O 149 -7.26 -39.38 45.63
N ALA O 150 -6.89 -38.28 44.97
CA ALA O 150 -6.42 -37.08 45.65
C ALA O 150 -7.55 -36.38 46.36
N ARG O 151 -8.76 -36.65 45.89
CA ARG O 151 -10.00 -36.09 46.44
C ARG O 151 -10.18 -36.50 47.91
N THR O 152 -10.31 -35.51 48.78
CA THR O 152 -10.44 -35.75 50.23
C THR O 152 -11.87 -35.77 50.75
N ASP O 153 -12.82 -35.25 49.96
CA ASP O 153 -14.25 -35.22 50.34
C ASP O 153 -15.14 -35.55 49.13
N GLU O 154 -15.84 -36.70 49.21
CA GLU O 154 -16.52 -37.24 48.02
C GLU O 154 -17.59 -36.37 47.42
N THR O 155 -18.13 -35.40 48.17
CA THR O 155 -19.16 -34.48 47.64
C THR O 155 -18.60 -33.62 46.49
N PHE O 156 -17.27 -33.45 46.47
CA PHE O 156 -16.57 -32.72 45.41
C PHE O 156 -16.75 -33.45 44.08
N VAL O 157 -17.18 -32.73 43.07
CA VAL O 157 -17.57 -33.31 41.80
C VAL O 157 -16.43 -33.33 40.77
N ILE O 158 -16.03 -34.54 40.37
CA ILE O 158 -15.02 -34.72 39.32
C ILE O 158 -15.66 -35.06 37.97
N MET O 159 -15.59 -34.13 37.02
CA MET O 159 -16.28 -34.29 35.76
C MET O 159 -15.30 -34.54 34.63
N ALA O 160 -15.54 -35.58 33.84
CA ALA O 160 -14.69 -35.89 32.68
C ALA O 160 -15.23 -35.28 31.39
N ARG O 161 -14.41 -34.52 30.67
CA ARG O 161 -14.82 -33.92 29.40
C ARG O 161 -14.08 -34.59 28.27
N THR O 162 -14.79 -34.90 27.18
CA THR O 162 -14.14 -35.50 26.00
C THR O 162 -14.47 -34.86 24.66
N ASP O 163 -13.42 -34.73 23.85
CA ASP O 163 -13.53 -34.12 22.53
C ASP O 163 -13.42 -35.20 21.43
N ALA O 164 -13.54 -36.47 21.84
CA ALA O 164 -13.32 -37.62 20.95
C ALA O 164 -14.33 -37.67 19.80
N ALA O 165 -15.59 -37.37 20.12
CA ALA O 165 -16.72 -37.28 19.16
C ALA O 165 -16.31 -36.77 17.76
N ALA O 166 -15.68 -35.58 17.74
CA ALA O 166 -15.27 -34.87 16.53
C ALA O 166 -14.39 -35.69 15.56
N ALA O 167 -13.44 -36.46 16.10
CA ALA O 167 -12.46 -37.16 15.26
C ALA O 167 -12.66 -38.66 15.20
N GLU O 168 -13.35 -39.22 16.18
CA GLU O 168 -13.45 -40.68 16.33
C GLU O 168 -14.89 -41.19 16.18
N GLY O 169 -15.84 -40.28 15.97
CA GLY O 169 -17.25 -40.67 15.90
C GLY O 169 -17.88 -40.89 17.27
N ILE O 170 -19.17 -40.62 17.33
CA ILE O 170 -19.95 -40.63 18.59
C ILE O 170 -19.84 -41.92 19.43
N ASP O 171 -19.71 -43.07 18.78
CA ASP O 171 -19.69 -44.38 19.48
C ASP O 171 -18.39 -44.58 20.30
N ALA O 172 -17.26 -44.19 19.67
CA ALA O 172 -15.95 -44.21 20.32
C ALA O 172 -16.01 -43.38 21.61
N ALA O 173 -16.56 -42.17 21.48
CA ALA O 173 -16.75 -41.24 22.60
C ALA O 173 -17.59 -41.85 23.74
N ILE O 174 -18.70 -42.50 23.38
CA ILE O 174 -19.56 -43.17 24.36
C ILE O 174 -18.76 -44.23 25.13
N GLU O 175 -17.92 -44.95 24.39
CA GLU O 175 -17.19 -46.04 25.02
C GLU O 175 -16.13 -45.55 25.98
N ARG O 176 -15.40 -44.50 25.58
CA ARG O 176 -14.45 -43.82 26.46
C ARG O 176 -15.16 -43.38 27.74
N ALA O 177 -16.27 -42.66 27.56
CA ALA O 177 -17.10 -42.14 28.66
C ALA O 177 -17.49 -43.20 29.70
N ILE O 178 -17.82 -44.40 29.24
CA ILE O 178 -18.13 -45.51 30.14
C ILE O 178 -16.90 -45.91 30.97
N ALA O 179 -15.72 -45.86 30.33
CA ALA O 179 -14.45 -46.18 31.03
C ALA O 179 -14.08 -45.08 32.03
N TYR O 180 -14.49 -43.85 31.70
CA TYR O 180 -14.25 -42.69 32.58
C TYR O 180 -15.08 -42.78 33.86
N VAL O 181 -16.37 -43.10 33.73
CA VAL O 181 -17.23 -43.37 34.89
C VAL O 181 -16.66 -44.56 35.71
N GLU O 182 -16.16 -45.57 35.00
CA GLU O 182 -15.50 -46.69 35.65
C GLU O 182 -14.39 -46.19 36.55
N ALA O 183 -13.59 -45.27 36.00
CA ALA O 183 -12.43 -44.69 36.67
C ALA O 183 -12.78 -43.81 37.89
N GLY O 184 -14.04 -43.42 37.99
CA GLY O 184 -14.55 -42.67 39.15
C GLY O 184 -15.21 -41.32 38.85
N ALA O 185 -15.15 -40.89 37.58
CA ALA O 185 -15.77 -39.64 37.18
C ALA O 185 -17.26 -39.62 37.59
N ASP O 186 -17.70 -38.49 38.10
CA ASP O 186 -19.08 -38.36 38.59
C ASP O 186 -20.08 -37.91 37.52
N MET O 187 -19.62 -37.13 36.55
CA MET O 187 -20.49 -36.58 35.50
C MET O 187 -19.66 -36.45 34.22
N ILE O 188 -20.32 -36.34 33.07
CA ILE O 188 -19.61 -36.32 31.79
C ILE O 188 -19.97 -35.09 30.96
N PHE O 189 -18.96 -34.54 30.30
CA PHE O 189 -19.09 -33.34 29.47
C PHE O 189 -18.67 -33.75 28.06
N PRO O 190 -19.65 -34.14 27.22
CA PRO O 190 -19.36 -34.49 25.82
C PRO O 190 -19.33 -33.28 24.90
N GLU O 191 -18.15 -32.95 24.40
CA GLU O 191 -18.00 -31.79 23.53
C GLU O 191 -18.58 -31.99 22.13
N ALA O 192 -19.09 -30.87 21.60
CA ALA O 192 -19.54 -30.75 20.20
C ALA O 192 -20.48 -31.90 19.75
N MET O 193 -21.73 -31.84 20.24
CA MET O 193 -22.80 -32.70 19.77
C MET O 193 -23.61 -31.87 18.76
N LYS O 194 -24.04 -32.50 17.67
CA LYS O 194 -24.76 -31.81 16.59
C LYS O 194 -26.29 -31.83 16.76
N THR O 195 -26.85 -32.94 17.24
CA THR O 195 -28.30 -33.05 17.38
C THR O 195 -28.73 -33.42 18.79
N LEU O 196 -30.01 -33.16 19.09
CA LEU O 196 -30.63 -33.54 20.35
C LEU O 196 -30.53 -35.04 20.63
N ASP O 197 -30.42 -35.84 19.57
CA ASP O 197 -30.38 -37.29 19.72
C ASP O 197 -29.01 -37.79 20.22
N ASP O 198 -27.95 -37.14 19.74
CA ASP O 198 -26.60 -37.41 20.21
C ASP O 198 -26.60 -37.41 21.75
N TYR O 199 -27.14 -36.35 22.35
CA TYR O 199 -27.21 -36.25 23.82
C TYR O 199 -28.07 -37.35 24.45
N ARG O 200 -29.23 -37.62 23.84
CA ARG O 200 -30.19 -38.63 24.32
C ARG O 200 -29.54 -40.02 24.50
N ARG O 201 -28.83 -40.46 23.46
CA ARG O 201 -28.22 -41.78 23.44
C ARG O 201 -27.06 -41.81 24.41
N PHE O 202 -26.35 -40.68 24.49
CA PHE O 202 -25.22 -40.54 25.39
C PHE O 202 -25.63 -40.73 26.87
N LYS O 203 -26.67 -39.99 27.26
CA LYS O 203 -27.30 -40.06 28.58
C LYS O 203 -27.63 -41.50 28.96
N GLU O 204 -28.27 -42.17 28.00
CA GLU O 204 -28.74 -43.55 28.18
C GLU O 204 -27.60 -44.54 28.36
N ALA O 205 -26.51 -44.33 27.61
CA ALA O 205 -25.36 -45.21 27.64
C ALA O 205 -24.58 -45.06 28.94
N VAL O 206 -24.29 -43.80 29.33
CA VAL O 206 -23.38 -43.50 30.46
C VAL O 206 -24.06 -43.50 31.83
N LYS O 207 -25.38 -43.28 31.83
CA LYS O 207 -26.27 -43.34 33.04
C LYS O 207 -25.88 -42.38 34.19
N VAL O 208 -24.96 -41.45 33.94
CA VAL O 208 -24.56 -40.43 34.92
C VAL O 208 -25.00 -39.04 34.39
N PRO O 209 -25.01 -38.01 35.26
CA PRO O 209 -25.40 -36.68 34.76
C PRO O 209 -24.53 -36.21 33.59
N ILE O 210 -25.14 -35.45 32.69
CA ILE O 210 -24.54 -35.04 31.42
C ILE O 210 -24.63 -33.52 31.24
N LEU O 211 -23.60 -32.92 30.65
CA LEU O 211 -23.55 -31.46 30.46
C LEU O 211 -23.59 -31.12 29.00
N ALA O 212 -24.33 -30.06 28.70
CA ALA O 212 -24.47 -29.57 27.34
C ALA O 212 -23.80 -28.21 27.25
N ASN O 213 -22.76 -28.11 26.44
CA ASN O 213 -22.08 -26.82 26.32
C ASN O 213 -22.70 -25.90 25.24
N LEU O 214 -23.57 -25.00 25.69
CA LEU O 214 -24.24 -24.07 24.76
C LEU O 214 -23.33 -22.89 24.43
N THR O 215 -22.48 -23.08 23.42
CA THR O 215 -21.52 -22.02 23.03
C THR O 215 -21.95 -21.30 21.77
N GLU O 216 -21.83 -19.99 21.81
CA GLU O 216 -22.10 -19.12 20.65
C GLU O 216 -20.96 -19.13 19.64
N PHE O 217 -21.31 -18.97 18.36
CA PHE O 217 -20.33 -18.94 17.25
C PHE O 217 -19.62 -20.27 17.00
N GLY O 218 -20.14 -21.36 17.57
CA GLY O 218 -19.55 -22.69 17.41
C GLY O 218 -20.26 -23.47 16.33
N SER O 219 -20.18 -24.80 16.43
CA SER O 219 -20.90 -25.72 15.55
C SER O 219 -22.27 -26.06 16.15
N THR O 220 -22.25 -26.42 17.44
CA THR O 220 -23.45 -26.72 18.23
C THR O 220 -24.52 -25.62 18.05
N PRO O 221 -25.78 -26.02 17.75
CA PRO O 221 -26.89 -25.04 17.76
C PRO O 221 -27.21 -24.64 19.20
N LEU O 222 -27.80 -23.45 19.38
CA LEU O 222 -28.11 -22.94 20.73
C LEU O 222 -29.44 -23.53 21.23
N PHE O 223 -29.40 -24.78 21.69
CA PHE O 223 -30.60 -25.50 22.20
C PHE O 223 -31.35 -24.78 23.36
N THR O 224 -32.70 -24.85 23.34
CA THR O 224 -33.52 -24.29 24.46
C THR O 224 -33.54 -25.23 25.67
N LEU O 225 -33.87 -24.68 26.85
CA LEU O 225 -34.04 -25.49 28.08
C LEU O 225 -34.97 -26.71 27.88
N ASP O 226 -36.07 -26.49 27.16
CA ASP O 226 -37.02 -27.59 26.92
C ASP O 226 -36.47 -28.66 26.01
N GLU O 227 -35.87 -28.24 24.89
CA GLU O 227 -35.24 -29.17 23.97
C GLU O 227 -34.30 -30.10 24.74
N LEU O 228 -33.49 -29.47 25.59
CA LEU O 228 -32.54 -30.19 26.43
C LEU O 228 -33.24 -31.07 27.43
N LYS O 229 -34.30 -30.56 28.06
CA LYS O 229 -35.07 -31.34 29.04
C LYS O 229 -35.60 -32.63 28.39
N GLY O 230 -36.17 -32.48 27.18
CA GLY O 230 -36.63 -33.62 26.39
C GLY O 230 -35.52 -34.58 25.98
N ALA O 231 -34.30 -34.06 25.89
CA ALA O 231 -33.12 -34.87 25.55
C ALA O 231 -32.56 -35.63 26.74
N ASN O 232 -33.06 -35.36 27.94
CA ASN O 232 -32.54 -35.97 29.18
C ASN O 232 -31.19 -35.42 29.72
N VAL O 233 -30.77 -34.25 29.20
CA VAL O 233 -29.58 -33.53 29.69
C VAL O 233 -29.78 -32.94 31.09
N ASP O 234 -28.76 -33.05 31.93
CA ASP O 234 -28.81 -32.60 33.33
C ASP O 234 -28.35 -31.14 33.55
N ILE O 235 -27.44 -30.65 32.69
CA ILE O 235 -26.79 -29.35 32.88
C ILE O 235 -26.67 -28.59 31.57
N ALA O 236 -27.22 -27.39 31.56
CA ALA O 236 -27.03 -26.46 30.45
C ALA O 236 -25.96 -25.42 30.80
N LEU O 237 -24.90 -25.39 30.00
CA LEU O 237 -23.74 -24.53 30.27
C LEU O 237 -23.62 -23.33 29.33
N TYR O 238 -23.81 -22.13 29.87
CA TYR O 238 -23.60 -20.91 29.08
C TYR O 238 -22.26 -20.31 29.52
N CYS O 239 -21.20 -20.81 28.92
CA CYS O 239 -19.86 -20.52 29.45
C CYS O 239 -19.22 -19.16 29.05
N CYS O 240 -19.66 -18.52 27.98
CA CYS O 240 -18.95 -17.35 27.49
C CYS O 240 -19.77 -16.13 27.19
N GLY O 241 -21.07 -16.33 27.02
CA GLY O 241 -21.93 -15.24 26.61
C GLY O 241 -21.63 -13.97 27.37
N ALA O 242 -21.75 -14.06 28.68
CA ALA O 242 -21.48 -12.94 29.57
C ALA O 242 -20.27 -12.13 29.11
N TYR O 243 -19.09 -12.74 29.06
CA TYR O 243 -17.90 -11.92 28.77
C TYR O 243 -17.83 -11.35 27.33
N ARG O 244 -18.37 -12.10 26.37
CA ARG O 244 -18.54 -11.63 24.99
C ARG O 244 -19.35 -10.32 24.97
N ALA O 245 -20.50 -10.36 25.65
CA ALA O 245 -21.35 -9.18 25.78
C ALA O 245 -20.59 -8.02 26.42
N MET O 246 -19.93 -8.30 27.55
CA MET O 246 -19.27 -7.18 28.24
C MET O 246 -18.12 -6.64 27.42
N ASN O 247 -17.40 -7.51 26.72
CA ASN O 247 -16.28 -7.02 25.88
C ASN O 247 -16.73 -6.06 24.77
N LYS O 248 -17.86 -6.38 24.15
CA LYS O 248 -18.47 -5.53 23.12
C LYS O 248 -18.76 -4.11 23.68
N ALA O 249 -19.46 -4.10 24.81
CA ALA O 249 -19.86 -2.87 25.44
C ALA O 249 -18.65 -2.04 25.77
N ALA O 250 -17.53 -2.70 26.14
CA ALA O 250 -16.28 -2.02 26.51
C ALA O 250 -15.62 -1.36 25.29
N LEU O 251 -15.51 -2.15 24.22
CA LEU O 251 -14.97 -1.68 22.96
C LEU O 251 -15.73 -0.45 22.51
N ASN O 252 -17.05 -0.57 22.60
CA ASN O 252 -17.93 0.50 22.18
C ASN O 252 -17.63 1.81 22.96
N PHE O 253 -17.50 1.71 24.28
CA PHE O 253 -17.16 2.85 25.14
C PHE O 253 -15.88 3.50 24.62
N TYR O 254 -14.86 2.66 24.43
CA TYR O 254 -13.53 3.12 24.04
C TYR O 254 -13.58 3.87 22.71
N GLU O 255 -14.32 3.31 21.76
CA GLU O 255 -14.47 3.95 20.45
C GLU O 255 -15.16 5.31 20.53
N THR O 256 -16.30 5.36 21.21
CA THR O 256 -17.08 6.61 21.31
C THR O 256 -16.27 7.70 22.02
N VAL O 257 -15.43 7.31 22.99
CA VAL O 257 -14.59 8.29 23.72
C VAL O 257 -13.52 8.83 22.79
N ARG O 258 -12.95 7.94 21.95
CA ARG O 258 -11.88 8.34 21.02
C ARG O 258 -12.46 9.21 19.91
N ARG O 259 -13.66 8.85 19.47
CA ARG O 259 -14.34 9.55 18.38
C ARG O 259 -14.90 10.94 18.79
N ASP O 260 -15.75 10.95 19.82
CA ASP O 260 -16.52 12.13 20.30
C ASP O 260 -15.72 13.14 21.15
N GLY O 261 -14.61 12.71 21.77
CA GLY O 261 -13.89 13.56 22.75
C GLY O 261 -14.63 13.67 24.08
N THR O 262 -15.62 12.79 24.28
CA THR O 262 -16.44 12.74 25.49
C THR O 262 -17.19 11.41 25.47
N GLN O 263 -17.52 10.93 26.66
CA GLN O 263 -18.24 9.67 26.81
C GLN O 263 -19.77 9.85 26.73
N LYS O 264 -20.23 11.11 26.58
CA LYS O 264 -21.66 11.46 26.73
C LYS O 264 -22.57 10.45 26.03
N ALA O 265 -22.27 10.17 24.76
CA ALA O 265 -23.06 9.26 23.91
C ALA O 265 -23.21 7.83 24.47
N ALA O 266 -22.28 7.42 25.33
CA ALA O 266 -22.23 6.05 25.82
C ALA O 266 -22.94 5.85 27.18
N VAL O 267 -23.29 6.95 27.87
CA VAL O 267 -23.90 6.84 29.25
C VAL O 267 -25.12 5.91 29.41
N PRO O 268 -25.90 5.69 28.33
CA PRO O 268 -26.94 4.62 28.34
C PRO O 268 -26.47 3.16 28.14
N THR O 269 -25.22 2.92 27.75
CA THR O 269 -24.73 1.54 27.89
C THR O 269 -24.50 1.32 29.38
N MET O 270 -23.98 2.35 30.05
CA MET O 270 -23.49 2.24 31.42
C MET O 270 -24.53 1.88 32.47
N GLN O 271 -24.09 1.05 33.41
CA GLN O 271 -24.82 0.74 34.60
C GLN O 271 -24.61 1.87 35.59
N THR O 272 -25.68 2.22 36.29
CA THR O 272 -25.65 3.31 37.25
C THR O 272 -25.19 2.81 38.61
N ARG O 273 -24.61 3.74 39.37
CA ARG O 273 -24.16 3.50 40.74
C ARG O 273 -25.24 2.91 41.68
N ALA O 274 -26.50 3.15 41.38
CA ALA O 274 -27.59 2.73 42.25
C ALA O 274 -27.75 1.21 42.23
N GLN O 275 -27.67 0.65 41.04
CA GLN O 275 -27.72 -0.79 40.81
C GLN O 275 -26.49 -1.40 41.43
N LEU O 276 -25.35 -0.87 41.00
CA LEU O 276 -24.02 -1.23 41.51
C LEU O 276 -23.92 -1.29 43.05
N TYR O 277 -24.52 -0.32 43.75
CA TYR O 277 -24.58 -0.37 45.23
C TYR O 277 -25.57 -1.42 45.73
N ASP O 278 -26.59 -1.73 44.93
CA ASP O 278 -27.50 -2.79 45.34
C ASP O 278 -26.82 -4.14 45.27
N TYR O 279 -26.25 -4.50 44.11
CA TYR O 279 -25.65 -5.81 43.93
C TYR O 279 -24.49 -6.03 44.85
N LEU O 280 -23.64 -5.01 44.98
CA LEU O 280 -22.47 -5.04 45.84
C LEU O 280 -22.81 -5.34 47.30
N GLY O 281 -23.97 -4.88 47.76
CA GLY O 281 -24.43 -5.18 49.11
C GLY O 281 -24.12 -4.05 50.08
N TYR O 282 -23.93 -2.86 49.53
CA TYR O 282 -23.52 -1.67 50.28
C TYR O 282 -24.09 -1.56 51.69
N TYR O 283 -25.42 -1.64 51.79
CA TYR O 283 -26.17 -1.55 53.05
C TYR O 283 -25.59 -2.45 54.14
N ALA O 284 -25.42 -3.74 53.84
CA ALA O 284 -25.12 -4.73 54.88
C ALA O 284 -23.87 -4.32 55.66
N TYR O 285 -23.00 -3.54 55.02
CA TYR O 285 -21.81 -3.02 55.68
C TYR O 285 -22.18 -1.97 56.74
N GLU O 286 -22.88 -0.92 56.32
CA GLU O 286 -23.38 0.10 57.25
C GLU O 286 -24.19 -0.61 58.35
N GLU O 287 -24.94 -1.62 57.96
CA GLU O 287 -25.85 -2.31 58.87
C GLU O 287 -25.19 -3.37 59.76
N LYS O 288 -24.06 -3.88 59.28
CA LYS O 288 -23.19 -4.74 60.06
C LYS O 288 -22.68 -3.96 61.28
N LEU O 289 -22.16 -2.77 61.02
CA LEU O 289 -21.57 -1.89 62.04
C LEU O 289 -22.54 -1.60 63.16
N ASP O 290 -23.80 -1.45 62.77
CA ASP O 290 -24.89 -1.11 63.68
C ASP O 290 -25.34 -2.25 64.57
N GLN O 291 -25.35 -3.46 64.00
CA GLN O 291 -25.68 -4.65 64.76
C GLN O 291 -24.55 -5.01 65.73
N LEU O 292 -23.30 -4.91 65.26
CA LEU O 292 -22.10 -5.10 66.08
C LEU O 292 -21.78 -3.99 67.13
N PHE O 293 -21.84 -2.71 66.76
CA PHE O 293 -21.50 -1.62 67.70
C PHE O 293 -22.59 -0.54 68.00
N ASN O 294 -23.81 -0.81 67.54
CA ASN O 294 -25.04 -0.03 67.86
C ASN O 294 -25.00 1.44 67.51
N ILE P 8 13.13 1.79 27.23
CA ILE P 8 12.20 2.94 27.51
C ILE P 8 11.23 2.62 28.65
N SER P 9 11.36 3.33 29.77
CA SER P 9 10.50 3.05 30.94
C SER P 9 9.04 3.53 30.79
N ALA P 10 8.13 2.82 31.46
CA ALA P 10 6.73 3.22 31.49
C ALA P 10 6.57 4.63 32.07
N GLY P 11 7.47 5.01 32.98
CA GLY P 11 7.47 6.39 33.47
C GLY P 11 7.69 7.34 32.31
N ALA P 12 8.78 7.11 31.56
CA ALA P 12 9.14 7.93 30.41
C ALA P 12 8.02 7.88 29.38
N LYS P 13 7.47 6.69 29.13
CA LYS P 13 6.38 6.53 28.17
C LYS P 13 5.19 7.40 28.54
N PHE P 14 4.92 7.50 29.83
CA PHE P 14 3.78 8.29 30.30
C PHE P 14 4.06 9.78 30.13
N ARG P 15 5.24 10.24 30.57
CA ARG P 15 5.65 11.64 30.43
C ARG P 15 5.65 12.07 28.94
N ALA P 16 6.13 11.18 28.07
CA ALA P 16 6.12 11.38 26.62
C ALA P 16 4.71 11.59 26.08
N ALA P 17 3.78 10.75 26.56
CA ALA P 17 2.39 10.77 26.09
C ALA P 17 1.63 12.02 26.53
N VAL P 18 2.02 12.60 27.66
CA VAL P 18 1.43 13.85 28.12
C VAL P 18 1.91 15.01 27.25
N ALA P 19 3.20 14.98 26.91
CA ALA P 19 3.82 15.96 26.03
C ALA P 19 3.24 15.91 24.61
N ALA P 20 2.85 14.71 24.18
CA ALA P 20 2.44 14.44 22.78
C ALA P 20 0.96 14.66 22.47
N GLU P 21 0.14 14.75 23.50
CA GLU P 21 -1.31 14.78 23.31
C GLU P 21 -1.90 15.66 24.43
N GLN P 22 -2.49 16.79 24.04
CA GLN P 22 -2.90 17.83 25.01
C GLN P 22 -4.33 18.31 24.78
N PRO P 23 -5.25 18.02 25.73
CA PRO P 23 -4.97 17.13 26.87
C PRO P 23 -4.91 15.65 26.43
N LEU P 24 -4.23 14.82 27.23
CA LEU P 24 -4.12 13.40 26.97
C LEU P 24 -5.32 12.63 27.52
N GLN P 25 -5.99 11.90 26.64
CA GLN P 25 -7.07 10.99 27.05
C GLN P 25 -6.45 9.72 27.65
N VAL P 26 -6.84 9.36 28.88
CA VAL P 26 -6.44 8.08 29.49
C VAL P 26 -7.66 7.36 30.05
N VAL P 27 -7.85 6.13 29.62
CA VAL P 27 -9.06 5.37 29.93
C VAL P 27 -8.84 4.21 30.91
N GLY P 28 -9.85 3.95 31.75
CA GLY P 28 -9.77 2.90 32.76
C GLY P 28 -9.97 1.56 32.08
N ALA P 29 -9.25 0.54 32.55
CA ALA P 29 -9.44 -0.85 32.13
C ALA P 29 -9.53 -1.74 33.39
N ILE P 30 -10.52 -2.61 33.49
CA ILE P 30 -10.57 -3.46 34.69
C ILE P 30 -9.99 -4.85 34.45
N THR P 31 -9.66 -5.18 33.20
CA THR P 31 -8.98 -6.45 32.88
C THR P 31 -7.87 -6.22 31.87
N ALA P 32 -7.01 -7.22 31.75
CA ALA P 32 -5.92 -7.19 30.79
C ALA P 32 -6.47 -6.96 29.37
N TYR P 33 -7.47 -7.76 29.00
CA TYR P 33 -8.06 -7.66 27.67
C TYR P 33 -8.62 -6.29 27.36
N ALA P 34 -9.36 -5.71 28.31
CA ALA P 34 -9.88 -4.35 28.16
C ALA P 34 -8.75 -3.42 27.74
N ALA P 35 -7.62 -3.54 28.43
CA ALA P 35 -6.49 -2.67 28.16
C ALA P 35 -5.98 -2.86 26.72
N LYS P 36 -5.95 -4.12 26.24
CA LYS P 36 -5.52 -4.41 24.88
C LYS P 36 -6.43 -3.74 23.82
N MET P 37 -7.74 -3.80 24.07
CA MET P 37 -8.73 -3.08 23.26
C MET P 37 -8.41 -1.59 23.22
N ALA P 38 -8.36 -0.97 24.40
CA ALA P 38 -8.02 0.46 24.49
C ALA P 38 -6.75 0.78 23.68
N GLU P 39 -5.79 -0.15 23.67
CA GLU P 39 -4.57 0.06 22.90
C GLU P 39 -4.86 0.08 21.39
N ALA P 40 -5.68 -0.89 20.97
CA ALA P 40 -6.03 -1.06 19.56
C ALA P 40 -6.81 0.14 19.06
N VAL P 41 -7.66 0.70 19.93
CA VAL P 41 -8.49 1.87 19.61
C VAL P 41 -7.63 3.16 19.48
N GLY P 42 -6.37 3.12 19.91
CA GLY P 42 -5.41 4.20 19.67
C GLY P 42 -5.03 5.10 20.85
N PHE P 43 -5.53 4.79 22.04
CA PHE P 43 -5.22 5.58 23.25
C PHE P 43 -3.77 5.40 23.60
N LYS P 44 -3.20 6.41 24.26
CA LYS P 44 -1.76 6.40 24.58
C LYS P 44 -1.41 5.99 26.05
N ALA P 45 -2.45 5.87 26.89
CA ALA P 45 -2.28 5.43 28.29
C ALA P 45 -3.56 4.86 28.91
N VAL P 46 -3.37 4.04 29.92
CA VAL P 46 -4.51 3.37 30.52
C VAL P 46 -4.52 3.59 32.04
N TYR P 47 -5.64 3.28 32.69
CA TYR P 47 -5.81 3.56 34.14
C TYR P 47 -6.32 2.35 34.92
N LEU P 48 -5.76 2.12 36.10
CA LEU P 48 -6.31 1.09 36.97
C LEU P 48 -6.99 1.76 38.16
N SER P 49 -8.32 1.70 38.17
CA SER P 49 -9.15 2.31 39.21
C SER P 49 -9.17 1.51 40.50
N GLY P 50 -8.96 2.18 41.63
CA GLY P 50 -8.97 1.51 42.94
C GLY P 50 -10.32 0.90 43.31
N GLY P 51 -11.37 1.71 43.19
CA GLY P 51 -12.77 1.27 43.38
C GLY P 51 -13.14 0.19 42.36
N GLY P 52 -12.54 0.31 41.17
CA GLY P 52 -12.66 -0.68 40.08
C GLY P 52 -12.14 -2.06 40.45
N VAL P 53 -10.93 -2.09 41.00
CA VAL P 53 -10.35 -3.32 41.51
C VAL P 53 -11.30 -3.93 42.56
N ALA P 54 -11.80 -3.10 43.47
CA ALA P 54 -12.58 -3.59 44.59
C ALA P 54 -13.92 -4.19 44.15
N ALA P 55 -14.67 -3.42 43.37
CA ALA P 55 -16.00 -3.84 42.97
C ALA P 55 -15.94 -5.05 42.04
N ASN P 56 -15.16 -4.92 40.96
CA ASN P 56 -15.07 -5.93 39.89
C ASN P 56 -14.31 -7.19 40.27
N SER P 57 -13.04 -7.04 40.66
CA SER P 57 -12.18 -8.17 40.90
C SER P 57 -12.52 -8.90 42.20
N LEU P 58 -12.99 -8.13 43.19
CA LEU P 58 -13.16 -8.65 44.53
C LEU P 58 -14.62 -8.79 45.00
N GLY P 59 -15.50 -7.97 44.43
CA GLY P 59 -16.94 -8.08 44.71
C GLY P 59 -17.33 -7.38 45.99
N ILE P 60 -16.61 -6.31 46.30
CA ILE P 60 -16.79 -5.60 47.56
C ILE P 60 -16.74 -4.07 47.29
N PRO P 61 -17.49 -3.27 48.09
CA PRO P 61 -17.46 -1.82 47.92
C PRO P 61 -16.10 -1.16 48.20
N ASP P 62 -15.97 0.07 47.75
CA ASP P 62 -14.73 0.79 47.89
C ASP P 62 -14.66 1.41 49.30
N LEU P 63 -14.52 0.56 50.30
CA LEU P 63 -14.45 0.98 51.69
C LEU P 63 -13.06 0.79 52.32
N GLY P 64 -12.01 0.93 51.50
CA GLY P 64 -10.64 0.70 51.96
C GLY P 64 -10.37 -0.73 52.43
N ILE P 65 -11.05 -1.70 51.81
CA ILE P 65 -10.81 -3.12 52.15
C ILE P 65 -9.76 -3.71 51.24
N SER P 66 -9.82 -3.32 49.97
CA SER P 66 -8.79 -3.60 48.97
C SER P 66 -7.38 -3.40 49.57
N THR P 67 -6.51 -4.40 49.42
CA THR P 67 -5.11 -4.36 49.88
C THR P 67 -4.13 -4.10 48.73
N MET P 68 -2.89 -3.74 49.08
CA MET P 68 -1.83 -3.47 48.08
C MET P 68 -1.64 -4.62 47.09
N ASP P 69 -1.77 -5.84 47.59
CA ASP P 69 -1.59 -6.99 46.74
C ASP P 69 -2.74 -7.23 45.81
N ASP P 70 -3.97 -6.98 46.25
CA ASP P 70 -5.12 -7.05 45.34
C ASP P 70 -4.87 -6.21 44.07
N VAL P 71 -4.46 -4.95 44.27
CA VAL P 71 -4.18 -4.04 43.18
C VAL P 71 -2.95 -4.50 42.38
N LEU P 72 -1.94 -5.05 43.07
CA LEU P 72 -0.75 -5.59 42.40
C LEU P 72 -1.03 -6.68 41.39
N VAL P 73 -1.88 -7.64 41.72
CA VAL P 73 -2.13 -8.74 40.77
C VAL P 73 -2.83 -8.23 39.49
N ASP P 74 -3.76 -7.29 39.62
CA ASP P 74 -4.39 -6.73 38.43
C ASP P 74 -3.42 -5.82 37.67
N ALA P 75 -2.61 -5.05 38.42
CA ALA P 75 -1.59 -4.18 37.84
C ALA P 75 -0.60 -4.98 36.98
N ASN P 76 -0.22 -6.14 37.50
CA ASN P 76 0.68 -7.03 36.79
C ASN P 76 0.11 -7.61 35.53
N ARG P 77 -1.12 -8.10 35.63
CA ARG P 77 -1.76 -8.73 34.49
C ARG P 77 -1.84 -7.75 33.37
N ILE P 78 -2.18 -6.50 33.70
CA ILE P 78 -2.34 -5.43 32.72
C ILE P 78 -1.03 -5.01 32.04
N THR P 79 0.03 -4.70 32.78
CA THR P 79 1.28 -4.26 32.13
C THR P 79 1.96 -5.36 31.32
N ASN P 80 1.67 -6.63 31.66
CA ASN P 80 2.13 -7.76 30.85
C ASN P 80 1.43 -7.81 29.50
N ALA P 81 0.17 -7.37 29.47
CA ALA P 81 -0.68 -7.57 28.30
C ALA P 81 -0.69 -6.40 27.27
N THR P 82 -0.37 -5.18 27.70
CA THR P 82 -0.22 -4.00 26.82
C THR P 82 1.13 -3.36 27.06
N ASN P 83 1.60 -2.59 26.08
CA ASN P 83 2.80 -1.78 26.29
C ASN P 83 2.54 -0.28 26.45
N LEU P 84 1.28 0.09 26.66
CA LEU P 84 0.94 1.47 27.05
C LEU P 84 1.28 1.73 28.51
N PRO P 85 1.75 2.94 28.85
CA PRO P 85 1.98 3.25 30.26
C PRO P 85 0.69 3.23 31.07
N LEU P 86 0.75 2.66 32.27
CA LEU P 86 -0.46 2.51 33.10
C LEU P 86 -0.34 3.39 34.33
N LEU P 87 -1.43 4.07 34.67
CA LEU P 87 -1.53 4.85 35.91
C LEU P 87 -2.36 4.07 36.93
N VAL P 88 -1.94 4.08 38.18
CA VAL P 88 -2.61 3.27 39.19
C VAL P 88 -3.05 4.07 40.41
N ASP P 89 -4.31 3.87 40.82
CA ASP P 89 -4.84 4.43 42.09
C ASP P 89 -4.29 3.64 43.24
N ILE P 90 -3.45 4.26 44.07
CA ILE P 90 -2.87 3.57 45.23
C ILE P 90 -3.38 4.09 46.60
N ASP P 91 -4.58 4.69 46.58
CA ASP P 91 -5.20 5.27 47.77
C ASP P 91 -4.18 6.02 48.64
N THR P 92 -4.06 5.63 49.92
CA THR P 92 -3.23 6.35 50.88
C THR P 92 -1.88 5.69 51.01
N GLY P 93 -1.63 4.67 50.20
CA GLY P 93 -0.34 3.97 50.19
C GLY P 93 -0.29 2.73 51.09
N TRP P 94 -1.41 2.43 51.75
CA TRP P 94 -1.59 1.28 52.65
C TRP P 94 -0.67 1.27 53.84
N GLY P 95 -0.55 2.40 54.52
CA GLY P 95 0.16 2.48 55.80
C GLY P 95 1.09 3.67 56.00
N GLY P 96 1.97 3.57 57.00
CA GLY P 96 3.00 4.58 57.25
C GLY P 96 4.09 4.69 56.19
N ALA P 97 5.17 5.39 56.52
CA ALA P 97 6.21 5.72 55.54
C ALA P 97 6.96 4.49 55.04
N PHE P 98 6.99 3.44 55.86
CA PHE P 98 7.65 2.21 55.45
C PHE P 98 6.81 1.46 54.44
N ASN P 99 5.49 1.58 54.57
CA ASN P 99 4.56 0.91 53.68
C ASN P 99 4.44 1.60 52.34
N ILE P 100 4.36 2.94 52.39
CA ILE P 100 4.37 3.76 51.19
C ILE P 100 5.62 3.47 50.36
N ALA P 101 6.76 3.36 51.05
CA ALA P 101 8.00 2.96 50.42
C ALA P 101 7.85 1.62 49.69
N ARG P 102 7.38 0.61 50.39
CA ARG P 102 7.24 -0.71 49.80
C ARG P 102 6.28 -0.64 48.62
N THR P 103 5.22 0.14 48.77
CA THR P 103 4.27 0.32 47.68
C THR P 103 4.93 0.91 46.43
N ILE P 104 5.66 2.00 46.60
CA ILE P 104 6.33 2.62 45.45
C ILE P 104 7.22 1.60 44.75
N ARG P 105 8.11 0.95 45.49
CA ARG P 105 9.01 -0.01 44.88
C ARG P 105 8.29 -1.16 44.18
N SER P 106 7.24 -1.69 44.79
CA SER P 106 6.43 -2.77 44.22
C SER P 106 5.84 -2.40 42.87
N PHE P 107 5.28 -1.21 42.79
CA PHE P 107 4.60 -0.76 41.60
C PHE P 107 5.56 -0.32 40.49
N ILE P 108 6.74 0.15 40.88
CA ILE P 108 7.81 0.36 39.93
C ILE P 108 8.19 -0.97 39.26
N LYS P 109 8.48 -1.97 40.10
CA LYS P 109 8.87 -3.29 39.65
C LYS P 109 7.80 -3.92 38.76
N ALA P 110 6.54 -3.63 39.07
CA ALA P 110 5.38 -4.07 38.30
C ALA P 110 5.35 -3.52 36.88
N GLY P 111 6.15 -2.49 36.63
CA GLY P 111 6.25 -1.92 35.28
C GLY P 111 5.23 -0.83 35.01
N VAL P 112 4.75 -0.23 36.09
CA VAL P 112 3.86 0.92 36.02
C VAL P 112 4.57 2.23 35.55
N GLY P 113 3.83 3.08 34.84
CA GLY P 113 4.32 4.42 34.46
C GLY P 113 4.19 5.49 35.53
N ALA P 114 3.02 5.56 36.18
CA ALA P 114 2.64 6.65 37.12
C ALA P 114 1.72 6.16 38.23
N VAL P 115 1.56 6.96 39.27
CA VAL P 115 0.75 6.50 40.39
C VAL P 115 0.10 7.72 41.12
N HIS P 116 -0.99 7.48 41.86
CA HIS P 116 -1.63 8.58 42.62
C HIS P 116 -2.08 8.31 44.08
N LEU P 117 -1.57 9.14 44.99
CA LEU P 117 -1.91 9.08 46.42
C LEU P 117 -2.84 10.19 46.80
N GLU P 118 -3.81 9.85 47.63
CA GLU P 118 -4.75 10.83 48.14
C GLU P 118 -4.54 11.16 49.64
N ASP P 119 -4.92 12.39 49.99
CA ASP P 119 -4.72 12.96 51.31
C ASP P 119 -5.84 12.62 52.24
N GLN P 120 -6.43 11.45 52.02
CA GLN P 120 -7.46 10.94 52.88
C GLN P 120 -6.83 10.33 54.11
N VAL P 121 -7.53 10.44 55.23
CA VAL P 121 -7.21 9.61 56.38
C VAL P 121 -7.30 8.16 55.93
N GLY P 122 -6.29 7.36 56.26
CA GLY P 122 -6.35 5.90 56.15
C GLY P 122 -7.04 5.37 57.40
N GLN P 123 -6.51 4.30 57.98
CA GLN P 123 -7.18 3.66 59.11
C GLN P 123 -7.73 4.66 60.13
N LYS P 124 -8.99 4.43 60.50
CA LYS P 124 -9.64 5.10 61.63
C LYS P 124 -10.01 4.07 62.70
N ARG P 125 -11.00 4.37 63.53
CA ARG P 125 -11.42 3.47 64.60
C ARG P 125 -11.99 2.17 64.02
N CYS P 126 -11.94 1.09 64.80
CA CYS P 126 -12.54 -0.16 64.37
C CYS P 126 -13.98 0.06 63.93
N GLY P 127 -14.78 0.68 64.81
CA GLY P 127 -16.22 0.90 64.59
C GLY P 127 -16.64 1.91 63.53
N HIS P 128 -15.69 2.71 63.05
CA HIS P 128 -15.97 3.83 62.14
C HIS P 128 -16.87 3.55 60.93
N ARG P 129 -17.77 4.49 60.68
CA ARG P 129 -18.52 4.50 59.45
C ARG P 129 -17.58 5.00 58.34
N PRO P 130 -17.88 4.66 57.07
CA PRO P 130 -17.12 5.23 55.93
C PRO P 130 -17.36 6.72 55.73
N GLY P 131 -16.46 7.39 55.01
CA GLY P 131 -16.60 8.81 54.71
C GLY P 131 -15.28 9.46 54.36
N LYS P 132 -15.30 10.36 53.39
CA LYS P 132 -14.17 11.23 53.07
C LYS P 132 -13.90 12.16 54.23
N GLU P 133 -12.69 12.72 54.27
CA GLU P 133 -12.19 13.55 55.37
C GLU P 133 -10.68 13.66 55.17
N CYS P 134 -10.20 14.85 54.85
CA CYS P 134 -8.78 15.04 54.52
C CYS P 134 -7.86 14.96 55.72
N VAL P 135 -6.60 14.59 55.49
CA VAL P 135 -5.60 14.68 56.54
C VAL P 135 -5.19 16.15 56.62
N PRO P 136 -4.60 16.57 57.77
CA PRO P 136 -4.06 17.93 57.79
C PRO P 136 -2.98 17.97 56.71
N ALA P 137 -2.88 19.03 55.92
CA ALA P 137 -1.90 19.03 54.85
C ALA P 137 -0.56 18.53 55.38
N GLY P 138 -0.15 19.00 56.57
CA GLY P 138 1.08 18.56 57.25
C GLY P 138 1.41 17.09 56.95
N GLU P 139 0.62 16.20 57.54
CA GLU P 139 0.58 14.75 57.31
C GLU P 139 0.73 14.23 55.87
N MET P 140 0.25 14.98 54.89
CA MET P 140 0.33 14.54 53.48
C MET P 140 1.66 14.86 52.82
N VAL P 141 2.28 15.97 53.18
CA VAL P 141 3.62 16.33 52.71
C VAL P 141 4.59 15.17 53.04
N ASP P 142 4.44 14.67 54.26
CA ASP P 142 5.19 13.50 54.75
C ASP P 142 5.03 12.28 53.84
N ARG P 143 3.81 11.91 53.48
CA ARG P 143 3.54 10.78 52.60
C ARG P 143 4.25 10.93 51.25
N ILE P 144 4.12 12.11 50.64
CA ILE P 144 4.77 12.40 49.38
C ILE P 144 6.28 12.26 49.51
N LYS P 145 6.82 12.82 50.59
CA LYS P 145 8.27 12.76 50.89
C LYS P 145 8.77 11.30 50.91
N ALA P 146 8.03 10.44 51.62
CA ALA P 146 8.37 9.04 51.68
C ALA P 146 8.38 8.45 50.27
N ALA P 147 7.35 8.75 49.49
CA ALA P 147 7.21 8.21 48.16
C ALA P 147 8.36 8.61 47.25
N VAL P 148 8.68 9.89 47.23
CA VAL P 148 9.68 10.43 46.32
C VAL P 148 11.07 9.88 46.66
N ASP P 149 11.28 9.67 47.94
CA ASP P 149 12.53 9.12 48.45
C ASP P 149 12.69 7.67 48.01
N ALA P 150 11.61 6.88 48.15
CA ALA P 150 11.62 5.46 47.77
C ALA P 150 11.78 5.24 46.27
N ARG P 151 11.41 6.25 45.49
CA ARG P 151 11.46 6.18 44.02
C ARG P 151 12.90 6.01 43.56
N THR P 152 13.15 4.97 42.79
CA THR P 152 14.52 4.70 42.35
C THR P 152 14.82 5.15 40.90
N ASP P 153 13.78 5.55 40.18
CA ASP P 153 13.91 6.04 38.80
C ASP P 153 13.03 7.25 38.63
N GLU P 154 13.63 8.43 38.45
CA GLU P 154 12.88 9.70 38.42
C GLU P 154 11.81 9.82 37.33
N THR P 155 11.94 9.04 36.23
CA THR P 155 10.92 9.01 35.16
C THR P 155 9.55 8.53 35.66
N PHE P 156 9.56 7.71 36.71
CA PHE P 156 8.36 7.26 37.36
C PHE P 156 7.57 8.45 37.94
N VAL P 157 6.29 8.57 37.61
CA VAL P 157 5.50 9.76 37.95
C VAL P 157 4.70 9.59 39.24
N ILE P 158 4.98 10.45 40.22
CA ILE P 158 4.19 10.47 41.46
C ILE P 158 3.19 11.64 41.45
N MET P 159 1.90 11.29 41.48
CA MET P 159 0.81 12.26 41.35
C MET P 159 0.03 12.39 42.63
N ALA P 160 -0.13 13.62 43.13
CA ALA P 160 -0.89 13.84 44.36
C ALA P 160 -2.33 14.20 44.06
N ARG P 161 -3.26 13.54 44.76
CA ARG P 161 -4.68 13.75 44.57
C ARG P 161 -5.29 14.33 45.83
N THR P 162 -6.13 15.36 45.68
CA THR P 162 -6.72 16.01 46.86
C THR P 162 -8.22 16.17 46.73
N ASP P 163 -8.91 15.86 47.82
CA ASP P 163 -10.35 16.04 47.89
C ASP P 163 -10.72 17.21 48.84
N ALA P 164 -9.74 18.08 49.09
CA ALA P 164 -9.94 19.20 50.02
C ALA P 164 -10.99 20.20 49.53
N ALA P 165 -10.98 20.46 48.21
CA ALA P 165 -11.91 21.42 47.58
C ALA P 165 -13.35 21.34 48.15
N ALA P 166 -13.89 20.13 48.22
CA ALA P 166 -15.27 19.94 48.66
C ALA P 166 -15.59 20.48 50.05
N ALA P 167 -14.66 20.39 50.98
CA ALA P 167 -14.97 20.79 52.37
C ALA P 167 -14.28 22.07 52.83
N GLU P 168 -13.21 22.45 52.14
CA GLU P 168 -12.36 23.55 52.62
C GLU P 168 -12.31 24.70 51.61
N GLY P 169 -13.04 24.53 50.51
CA GLY P 169 -13.03 25.50 49.43
C GLY P 169 -11.79 25.46 48.55
N ILE P 170 -11.98 25.89 47.30
CA ILE P 170 -10.96 25.82 46.24
C ILE P 170 -9.57 26.41 46.56
N ASP P 171 -9.53 27.50 47.33
CA ASP P 171 -8.24 28.16 47.68
C ASP P 171 -7.37 27.35 48.64
N ALA P 172 -8.00 26.78 49.67
CA ALA P 172 -7.28 25.90 50.58
C ALA P 172 -6.65 24.71 49.79
N ALA P 173 -7.42 24.13 48.87
CA ALA P 173 -6.96 23.08 47.94
C ALA P 173 -5.75 23.48 47.13
N ILE P 174 -5.80 24.68 46.53
CA ILE P 174 -4.70 25.21 45.75
C ILE P 174 -3.44 25.36 46.62
N GLU P 175 -3.62 25.87 47.83
CA GLU P 175 -2.54 26.03 48.83
C GLU P 175 -1.84 24.69 49.16
N ARG P 176 -2.64 23.67 49.49
CA ARG P 176 -2.16 22.29 49.71
C ARG P 176 -1.36 21.80 48.52
N ALA P 177 -1.96 21.89 47.34
CA ALA P 177 -1.35 21.49 46.07
C ALA P 177 0.05 22.09 45.81
N ILE P 178 0.25 23.37 46.10
CA ILE P 178 1.59 23.98 45.99
C ILE P 178 2.60 23.35 46.98
N ALA P 179 2.13 22.97 48.18
CA ALA P 179 2.98 22.32 49.18
C ALA P 179 3.30 20.88 48.76
N TYR P 180 2.38 20.29 47.99
CA TYR P 180 2.56 18.94 47.49
C TYR P 180 3.63 18.89 46.38
N VAL P 181 3.59 19.86 45.45
CA VAL P 181 4.67 20.02 44.44
C VAL P 181 6.01 20.29 45.15
N GLU P 182 5.95 21.10 46.22
CA GLU P 182 7.10 21.36 47.09
C GLU P 182 7.74 20.07 47.51
N ALA P 183 6.90 19.17 48.03
CA ALA P 183 7.35 17.89 48.57
C ALA P 183 7.84 16.91 47.50
N GLY P 184 7.61 17.22 46.22
CA GLY P 184 8.16 16.42 45.12
C GLY P 184 7.18 15.84 44.11
N ALA P 185 5.88 15.99 44.38
CA ALA P 185 4.84 15.46 43.48
C ALA P 185 4.96 16.07 42.09
N ASP P 186 4.80 15.23 41.07
CA ASP P 186 5.09 15.62 39.70
C ASP P 186 3.88 16.21 39.00
N MET P 187 2.69 15.81 39.43
CA MET P 187 1.44 16.21 38.80
C MET P 187 0.36 16.19 39.86
N ILE P 188 -0.73 16.93 39.62
CA ILE P 188 -1.79 17.07 40.64
C ILE P 188 -3.15 16.68 40.09
N PHE P 189 -3.91 15.99 40.95
CA PHE P 189 -5.23 15.47 40.65
C PHE P 189 -6.20 16.14 41.62
N PRO P 190 -6.83 17.25 41.19
CA PRO P 190 -7.82 17.93 42.04
C PRO P 190 -9.24 17.37 41.86
N GLU P 191 -9.73 16.72 42.91
CA GLU P 191 -11.06 16.10 42.93
C GLU P 191 -12.21 17.10 42.90
N ALA P 192 -13.28 16.72 42.19
CA ALA P 192 -14.57 17.44 42.17
C ALA P 192 -14.47 18.98 41.95
N MET P 193 -14.20 19.33 40.68
CA MET P 193 -14.23 20.71 40.21
C MET P 193 -15.57 20.92 39.54
N LYS P 194 -16.21 22.06 39.82
CA LYS P 194 -17.57 22.31 39.30
C LYS P 194 -17.56 23.03 37.94
N THR P 195 -16.64 23.98 37.74
CA THR P 195 -16.59 24.75 36.49
C THR P 195 -15.24 24.65 35.80
N LEU P 196 -15.21 24.96 34.50
CA LEU P 196 -13.96 25.08 33.73
C LEU P 196 -12.96 26.09 34.30
N ASP P 197 -13.48 27.08 35.02
CA ASP P 197 -12.66 28.10 35.69
C ASP P 197 -11.83 27.55 36.82
N ASP P 198 -12.48 26.70 37.62
CA ASP P 198 -11.81 26.07 38.75
C ASP P 198 -10.49 25.46 38.25
N TYR P 199 -10.55 24.69 37.17
CA TYR P 199 -9.35 24.05 36.58
C TYR P 199 -8.33 25.09 36.09
N ARG P 200 -8.82 26.11 35.38
CA ARG P 200 -8.00 27.18 34.85
C ARG P 200 -7.08 27.81 35.90
N ARG P 201 -7.68 28.19 37.02
CA ARG P 201 -6.98 28.90 38.09
C ARG P 201 -6.01 27.96 38.77
N PHE P 202 -6.46 26.72 38.97
CA PHE P 202 -5.64 25.66 39.55
C PHE P 202 -4.34 25.42 38.77
N LYS P 203 -4.44 25.19 37.47
CA LYS P 203 -3.26 24.99 36.63
C LYS P 203 -2.29 26.17 36.69
N GLU P 204 -2.88 27.37 36.71
CA GLU P 204 -2.17 28.63 36.80
C GLU P 204 -1.35 28.78 38.10
N ALA P 205 -1.95 28.36 39.22
CA ALA P 205 -1.32 28.43 40.55
C ALA P 205 -0.23 27.37 40.78
N VAL P 206 -0.51 26.10 40.43
CA VAL P 206 0.45 25.01 40.71
C VAL P 206 1.49 24.71 39.63
N LYS P 207 1.24 25.19 38.41
CA LYS P 207 2.29 25.25 37.37
C LYS P 207 2.79 23.87 36.90
N VAL P 208 2.16 22.80 37.40
CA VAL P 208 2.50 21.44 36.98
C VAL P 208 1.32 20.83 36.21
N PRO P 209 1.54 19.72 35.50
CA PRO P 209 0.42 19.06 34.83
C PRO P 209 -0.74 18.73 35.77
N ILE P 210 -1.96 18.82 35.22
CA ILE P 210 -3.21 18.70 35.97
C ILE P 210 -4.11 17.65 35.33
N LEU P 211 -4.84 16.89 36.16
CA LEU P 211 -5.76 15.85 35.68
C LEU P 211 -7.20 16.18 36.02
N ALA P 212 -8.07 15.92 35.05
CA ALA P 212 -9.50 16.16 35.18
C ALA P 212 -10.24 14.82 35.22
N ASN P 213 -10.91 14.55 36.33
CA ASN P 213 -11.56 13.28 36.46
C ASN P 213 -12.98 13.29 35.90
N LEU P 214 -13.13 12.81 34.67
CA LEU P 214 -14.43 12.86 34.02
C LEU P 214 -15.22 11.61 34.44
N THR P 215 -15.95 11.74 35.55
CA THR P 215 -16.68 10.61 36.10
C THR P 215 -18.17 10.75 35.86
N GLU P 216 -18.80 9.66 35.45
CA GLU P 216 -20.26 9.63 35.23
C GLU P 216 -21.03 9.46 36.53
N PHE P 217 -22.23 10.06 36.60
CA PHE P 217 -23.13 9.94 37.76
C PHE P 217 -22.63 10.69 39.00
N GLY P 218 -21.63 11.56 38.82
CA GLY P 218 -21.06 12.32 39.92
C GLY P 218 -21.64 13.74 39.92
N SER P 219 -20.87 14.68 40.49
CA SER P 219 -21.22 16.11 40.52
C SER P 219 -20.68 16.81 39.28
N THR P 220 -19.38 16.58 39.01
CA THR P 220 -18.65 17.06 37.82
C THR P 220 -19.48 16.83 36.54
N PRO P 221 -19.75 17.92 35.77
CA PRO P 221 -20.23 17.77 34.38
C PRO P 221 -19.21 17.03 33.49
N LEU P 222 -19.70 16.35 32.46
CA LEU P 222 -18.86 15.56 31.57
C LEU P 222 -18.25 16.47 30.48
N PHE P 223 -17.23 17.25 30.85
CA PHE P 223 -16.58 18.21 29.94
C PHE P 223 -15.95 17.55 28.69
N THR P 224 -15.97 18.24 27.55
CA THR P 224 -15.35 17.71 26.33
C THR P 224 -13.86 18.06 26.21
N LEU P 225 -13.17 17.31 25.34
CA LEU P 225 -11.75 17.53 25.00
C LEU P 225 -11.41 19.00 24.81
N ASP P 226 -12.24 19.64 24.00
CA ASP P 226 -12.04 21.04 23.71
C ASP P 226 -12.19 21.96 24.93
N GLU P 227 -13.32 21.78 25.65
CA GLU P 227 -13.60 22.52 26.90
C GLU P 227 -12.38 22.49 27.81
N LEU P 228 -11.85 21.27 28.02
CA LEU P 228 -10.65 21.05 28.84
C LEU P 228 -9.37 21.67 28.25
N LYS P 229 -9.19 21.55 26.92
CA LYS P 229 -8.05 22.14 26.22
C LYS P 229 -7.98 23.66 26.51
N GLY P 230 -9.14 24.30 26.38
CA GLY P 230 -9.30 25.72 26.64
C GLY P 230 -9.08 26.09 28.10
N ALA P 231 -9.33 25.14 29.01
CA ALA P 231 -9.04 25.34 30.46
C ALA P 231 -7.59 25.06 30.87
N ASN P 232 -6.78 24.61 29.90
CA ASN P 232 -5.36 24.27 30.09
C ASN P 232 -5.06 23.01 30.92
N VAL P 233 -6.07 22.14 31.01
CA VAL P 233 -5.98 20.79 31.60
C VAL P 233 -5.05 19.87 30.73
N ASP P 234 -4.18 19.08 31.38
CA ASP P 234 -3.23 18.20 30.66
C ASP P 234 -3.74 16.79 30.44
N ILE P 235 -4.62 16.32 31.32
CA ILE P 235 -5.01 14.92 31.35
C ILE P 235 -6.50 14.77 31.58
N ALA P 236 -7.18 14.14 30.62
CA ALA P 236 -8.58 13.81 30.82
C ALA P 236 -8.67 12.34 31.17
N LEU P 237 -9.26 12.05 32.34
CA LEU P 237 -9.35 10.66 32.79
C LEU P 237 -10.78 10.08 32.78
N TYR P 238 -10.95 9.04 31.98
CA TYR P 238 -12.20 8.32 31.90
C TYR P 238 -12.04 7.05 32.65
N CYS P 239 -12.26 7.12 33.96
CA CYS P 239 -11.82 6.04 34.82
C CYS P 239 -12.75 4.84 34.97
N CYS P 240 -14.04 5.01 34.72
CA CYS P 240 -14.99 3.93 35.03
C CYS P 240 -15.98 3.55 33.93
N GLY P 241 -16.09 4.40 32.90
CA GLY P 241 -17.09 4.23 31.86
C GLY P 241 -17.09 2.79 31.37
N ALA P 242 -15.92 2.38 30.86
CA ALA P 242 -15.70 1.01 30.40
C ALA P 242 -16.42 -0.05 31.25
N TYR P 243 -16.10 -0.13 32.55
CA TYR P 243 -16.63 -1.25 33.28
C TYR P 243 -18.10 -1.14 33.64
N ARG P 244 -18.61 0.10 33.73
CA ARG P 244 -20.05 0.29 33.92
C ARG P 244 -20.79 -0.23 32.69
N ALA P 245 -20.29 0.11 31.50
CA ALA P 245 -20.84 -0.37 30.24
C ALA P 245 -20.80 -1.90 30.16
N MET P 246 -19.65 -2.48 30.49
CA MET P 246 -19.55 -3.93 30.44
C MET P 246 -20.46 -4.59 31.44
N ASN P 247 -20.53 -4.05 32.65
CA ASN P 247 -21.43 -4.61 33.69
C ASN P 247 -22.90 -4.74 33.28
N LYS P 248 -23.42 -3.69 32.62
CA LYS P 248 -24.81 -3.67 32.14
C LYS P 248 -25.00 -4.80 31.16
N ALA P 249 -24.14 -4.81 30.14
CA ALA P 249 -24.16 -5.86 29.12
C ALA P 249 -24.22 -7.28 29.78
N ALA P 250 -23.48 -7.47 30.86
CA ALA P 250 -23.42 -8.78 31.45
C ALA P 250 -24.75 -9.09 32.17
N LEU P 251 -25.25 -8.11 32.95
CA LEU P 251 -26.52 -8.27 33.68
C LEU P 251 -27.64 -8.62 32.69
N ASN P 252 -27.67 -7.88 31.57
CA ASN P 252 -28.65 -8.16 30.54
C ASN P 252 -28.54 -9.60 29.99
N PHE P 253 -27.33 -10.06 29.71
CA PHE P 253 -27.14 -11.44 29.26
C PHE P 253 -27.75 -12.40 30.28
N TYR P 254 -27.39 -12.23 31.55
CA TYR P 254 -27.87 -13.12 32.61
C TYR P 254 -29.37 -13.13 32.69
N GLU P 255 -29.97 -11.95 32.58
CA GLU P 255 -31.40 -11.87 32.66
C GLU P 255 -32.16 -12.50 31.50
N THR P 256 -31.72 -12.21 30.26
CA THR P 256 -32.34 -12.85 29.09
C THR P 256 -32.17 -14.38 29.13
N VAL P 257 -31.09 -14.88 29.73
CA VAL P 257 -30.86 -16.32 29.85
C VAL P 257 -31.85 -16.95 30.81
N ARG P 258 -32.10 -16.25 31.92
CA ARG P 258 -32.96 -16.79 32.97
C ARG P 258 -34.45 -16.67 32.53
N ARG P 259 -34.70 -15.66 31.69
CA ARG P 259 -36.04 -15.32 31.19
C ARG P 259 -36.47 -16.31 30.09
N ASP P 260 -35.65 -16.36 29.04
CA ASP P 260 -36.01 -17.04 27.80
C ASP P 260 -35.67 -18.52 27.77
N GLY P 261 -34.84 -18.98 28.71
CA GLY P 261 -34.32 -20.38 28.67
C GLY P 261 -33.30 -20.62 27.56
N THR P 262 -32.84 -19.53 26.95
CA THR P 262 -31.75 -19.54 25.99
C THR P 262 -31.21 -18.11 25.81
N GLN P 263 -29.98 -18.00 25.31
CA GLN P 263 -29.32 -16.70 25.10
C GLN P 263 -29.54 -16.12 23.71
N LYS P 264 -30.34 -16.83 22.89
CA LYS P 264 -30.52 -16.44 21.49
C LYS P 264 -30.69 -14.92 21.33
N ALA P 265 -31.61 -14.36 22.12
CA ALA P 265 -31.95 -12.92 22.07
C ALA P 265 -30.76 -11.97 22.31
N ALA P 266 -29.73 -12.46 23.04
CA ALA P 266 -28.61 -11.61 23.42
C ALA P 266 -27.41 -11.63 22.45
N VAL P 267 -27.36 -12.64 21.55
CA VAL P 267 -26.19 -12.80 20.64
C VAL P 267 -25.91 -11.59 19.72
N PRO P 268 -26.93 -10.75 19.41
CA PRO P 268 -26.56 -9.51 18.68
C PRO P 268 -25.68 -8.53 19.50
N THR P 269 -25.72 -8.68 20.84
CA THR P 269 -24.94 -7.84 21.80
C THR P 269 -23.55 -8.41 22.18
N MET P 270 -23.17 -9.53 21.55
CA MET P 270 -21.89 -10.18 21.75
C MET P 270 -20.86 -9.81 20.67
N GLN P 271 -19.66 -9.47 21.11
CA GLN P 271 -18.50 -9.34 20.25
C GLN P 271 -18.03 -10.76 19.91
N THR P 272 -17.58 -10.96 18.66
CA THR P 272 -17.48 -12.31 18.05
C THR P 272 -16.25 -13.16 18.42
N ARG P 273 -16.33 -14.47 18.14
CA ARG P 273 -15.17 -15.38 18.18
C ARG P 273 -14.04 -14.79 17.35
N ALA P 274 -14.39 -14.29 16.16
CA ALA P 274 -13.39 -13.78 15.25
C ALA P 274 -12.77 -12.48 15.75
N GLN P 275 -13.54 -11.67 16.46
CA GLN P 275 -13.03 -10.40 16.94
C GLN P 275 -12.08 -10.51 18.14
N LEU P 276 -12.25 -11.54 18.96
CA LEU P 276 -11.22 -11.88 19.94
C LEU P 276 -9.87 -12.09 19.22
N TYR P 277 -9.89 -12.95 18.20
CA TYR P 277 -8.71 -13.38 17.45
C TYR P 277 -7.96 -12.25 16.77
N ASP P 278 -8.71 -11.23 16.38
CA ASP P 278 -8.09 -9.98 16.01
C ASP P 278 -7.26 -9.45 17.21
N TYR P 279 -7.92 -9.19 18.34
CA TYR P 279 -7.28 -8.49 19.49
C TYR P 279 -6.29 -9.29 20.33
N LEU P 280 -6.47 -10.60 20.42
CA LEU P 280 -5.56 -11.44 21.21
C LEU P 280 -4.28 -11.77 20.43
N GLY P 281 -4.22 -11.33 19.18
CA GLY P 281 -3.02 -11.48 18.34
C GLY P 281 -2.79 -12.89 17.84
N TYR P 282 -3.84 -13.72 17.91
CA TYR P 282 -3.81 -15.14 17.56
C TYR P 282 -2.85 -15.55 16.42
N TYR P 283 -2.73 -14.72 15.39
CA TYR P 283 -1.94 -15.08 14.22
C TYR P 283 -0.51 -14.54 14.18
N ALA P 284 -0.07 -13.91 15.28
CA ALA P 284 1.35 -13.62 15.52
C ALA P 284 1.94 -14.75 16.36
N TYR P 285 1.07 -15.41 17.14
CA TYR P 285 1.43 -16.64 17.85
C TYR P 285 1.67 -17.73 16.84
N GLU P 286 0.59 -18.07 16.13
CA GLU P 286 0.60 -19.06 15.08
C GLU P 286 1.81 -18.88 14.16
N GLU P 287 2.03 -17.65 13.68
CA GLU P 287 3.18 -17.34 12.83
C GLU P 287 4.50 -17.41 13.57
N LYS P 288 4.59 -16.83 14.78
CA LYS P 288 5.89 -16.81 15.48
C LYS P 288 6.40 -18.23 15.75
N LEU P 289 5.48 -19.17 15.92
CA LEU P 289 5.88 -20.56 16.03
C LEU P 289 6.53 -21.01 14.74
N ASP P 290 6.04 -20.52 13.61
CA ASP P 290 6.60 -20.98 12.32
C ASP P 290 7.92 -20.32 11.87
N GLN P 291 7.96 -19.00 11.79
CA GLN P 291 9.22 -18.31 11.47
C GLN P 291 10.28 -18.46 12.59
N LEU P 292 10.05 -19.42 13.51
CA LEU P 292 11.05 -19.90 14.47
C LEU P 292 11.51 -21.33 14.13
N PHE P 293 10.56 -22.24 13.88
CA PHE P 293 10.86 -23.64 13.52
C PHE P 293 10.10 -24.12 12.25
#